data_6I35
#
_entry.id   6I35
#
_cell.length_a   85.660
_cell.length_b   123.440
_cell.length_c   197.670
_cell.angle_alpha   90.00
_cell.angle_beta   97.93
_cell.angle_gamma   90.00
#
_symmetry.space_group_name_H-M   'P 1 21 1'
#
loop_
_entity.id
_entity.type
_entity.pdbx_description
1 polymer 'Glycine dehydrogenase (decarboxylating), mitochondrial'
2 non-polymer N-GLYCINE-[3-HYDROXY-2-METHYL-5-PHOSPHONOOXYMETHYL-PYRIDIN-4-YL-METHANE]
3 non-polymer 1,2-ETHANEDIOL
4 non-polymer GLYCEROL
5 non-polymer 'BICARBONATE ION'
6 non-polymer DI(HYDROXYETHYL)ETHER
7 water water
#
_entity_poly.entity_id   1
_entity_poly.type   'polypeptide(L)'
_entity_poly.pdbx_seq_one_letter_code
;MAAAGASRLLERLLPRHDDFARRHIGPGDKDQREMLQTLGLASIDELIEKTVPANIRLKRPLKMEDPVCENEILATLHAI
SSKNQIWRSYIGMGYYNCSVPQTILRNLLENSGWITQYTPYQPEVSQGRLESLLNYQTMVCDITGLDMANASLLDEGTAA
AEALQLCYRHNKRRKFLVDPRCHPQTIAVVQTRAKYTGVLTELKLPCEMDFSGKDVSGVLFQYPDTEGKVEDFTELVERA
HQSGSLACCATDLLALCILRPPGEFGVDIALGSSQRFGVPLGYGGPHAAFFAVRESLVRMMPGRMVGVTRDATGKEVYRL
ALQTREQHIRRDKATSNICTAQALLANMAAMFAIYHGSHGLEHIARRVHNATLILSEGLKRAGHQLQHDLFFDTLKIQCG
CSVKEVLGRAAQRQINFRLFEDGTLGISLDETVNEKDLDDLLWIFGCESSAELVAESMGEECRGIPGSVFKRTSPFLTHQ
VFNSYHSETNIVRYMKKLENKDISLVHSMIPLGSCTMKLNSSSELAPITWKEFANIHPFVPLDQAQGYQQLFRELEKDLC
ELTGYDQVCFQPNSGAQGEYAGLATIRAYLNQKGEGHRTVCLIPKSAHGTNPASAHMAGMKIQPVEVDKYGNIDAVHLKA
MVDKHKENLAAIMITYPSTNGVFEENISDVCDLIHQHGGQVYLDGANMNAQVGICRPGDFGSDVSHLNLHKTFCIPHGGG
GPGMGPIGVKKHLAPFLPNHPVISLKRNEDACPVGTVSAAPWGSSSILPISWAYIKMMGGKGLKQATETAILNANYMAKR
LETHYRILFRGARGYVGHEFILDTRPFKKSANIEAVDVAKRLQDYGFHAPTMSWPVAGTLMVEPTESEDKAELDRFCDAM
ISIRQEIADIEEGRIDPRVNPLKMSPHSLTCVTSSHWDRPYSREVAAFPLPFVKPENKFWPTIARIDDIYGDQHLVCTCP
PMEVYESPFSEQKRASSGHHHHHH
;
_entity_poly.pdbx_strand_id   A,B,C,D
#
loop_
_chem_comp.id
_chem_comp.type
_chem_comp.name
_chem_comp.formula
BCT non-polymer 'BICARBONATE ION' 'C H O3 -1'
EDO non-polymer 1,2-ETHANEDIOL 'C2 H6 O2'
GOL non-polymer GLYCEROL 'C3 H8 O3'
PEG non-polymer DI(HYDROXYETHYL)ETHER 'C4 H10 O3'
PLG non-polymer N-GLYCINE-[3-HYDROXY-2-METHYL-5-PHOSPHONOOXYMETHYL-PYRIDIN-4-YL-METHANE] 'C10 H15 N2 O7 P'
#
# COMPACT_ATOMS: atom_id res chain seq x y z
N ALA A 6 -14.16 30.52 64.34
CA ALA A 6 -13.32 31.01 65.49
C ALA A 6 -11.90 31.44 65.05
N SER A 7 -11.57 31.27 63.76
CA SER A 7 -10.23 31.57 63.26
C SER A 7 -9.97 33.08 63.34
N ARG A 8 -8.71 33.46 63.55
CA ARG A 8 -8.31 34.87 63.41
C ARG A 8 -8.54 35.31 61.97
N LEU A 9 -8.77 36.61 61.78
CA LEU A 9 -8.95 37.15 60.45
C LEU A 9 -7.68 36.93 59.61
N LEU A 10 -6.51 37.02 60.26
CA LEU A 10 -5.25 36.85 59.58
C LEU A 10 -5.20 35.45 58.94
N GLU A 11 -5.73 34.43 59.62
CA GLU A 11 -5.70 33.06 59.09
C GLU A 11 -6.62 32.93 57.88
N ARG A 12 -7.69 33.75 57.81
CA ARG A 12 -8.56 33.71 56.67
C ARG A 12 -7.85 34.36 55.47
N LEU A 13 -7.19 35.51 55.67
CA LEU A 13 -6.52 36.22 54.59
C LEU A 13 -5.21 35.49 54.22
N LEU A 14 -4.59 34.85 55.22
CA LEU A 14 -3.27 34.30 55.12
C LEU A 14 -3.29 32.89 55.71
N PRO A 15 -3.93 31.92 55.01
CA PRO A 15 -4.01 30.56 55.49
C PRO A 15 -2.63 29.89 55.46
N ARG A 16 -2.54 28.69 56.01
CA ARG A 16 -1.33 27.87 55.97
C ARG A 16 -0.87 27.76 54.51
N HIS A 17 0.45 27.79 54.31
CA HIS A 17 1.02 27.69 52.96
C HIS A 17 0.67 26.35 52.30
N ASP A 18 0.76 25.29 53.08
CA ASP A 18 0.48 23.97 52.62
C ASP A 18 0.05 23.09 53.80
N ASP A 19 -0.60 21.95 53.47
CA ASP A 19 -0.94 20.92 54.46
C ASP A 19 -0.38 19.61 53.96
N PHE A 20 0.67 19.11 54.62
CA PHE A 20 1.39 17.95 54.16
C PHE A 20 0.45 16.73 54.04
N ALA A 21 -0.57 16.68 54.90
CA ALA A 21 -1.52 15.56 54.89
C ALA A 21 -2.12 15.44 53.51
N ARG A 22 -2.31 16.57 52.79
CA ARG A 22 -2.93 16.57 51.45
C ARG A 22 -1.97 15.99 50.40
N ARG A 23 -0.66 15.96 50.69
CA ARG A 23 0.34 15.33 49.84
C ARG A 23 0.55 13.86 50.23
N HIS A 24 0.45 13.59 51.54
CA HIS A 24 0.74 12.27 52.08
C HIS A 24 -0.42 11.31 51.80
N ILE A 25 -1.66 11.79 52.03
CA ILE A 25 -2.88 11.02 51.91
C ILE A 25 -3.36 11.06 50.47
N GLY A 26 -3.46 9.89 49.84
CA GLY A 26 -3.76 9.82 48.41
C GLY A 26 -5.15 10.34 48.07
N PRO A 27 -6.23 9.75 48.64
CA PRO A 27 -7.59 10.14 48.29
C PRO A 27 -7.91 11.55 48.80
N GLY A 28 -8.37 12.45 47.92
CA GLY A 28 -8.95 13.74 48.33
C GLY A 28 -10.44 13.60 48.58
N ASP A 29 -11.16 14.74 48.67
CA ASP A 29 -12.56 14.77 49.04
C ASP A 29 -13.41 13.95 48.08
N LYS A 30 -13.16 14.09 46.77
CA LYS A 30 -14.01 13.41 45.79
C LYS A 30 -13.82 11.89 45.94
N ASP A 31 -12.56 11.45 46.03
CA ASP A 31 -12.24 10.02 46.18
C ASP A 31 -12.96 9.44 47.43
N GLN A 32 -12.90 10.18 48.54
CA GLN A 32 -13.41 9.69 49.85
C GLN A 32 -14.93 9.57 49.82
N ARG A 33 -15.64 10.59 49.33
CA ARG A 33 -17.09 10.53 49.19
C ARG A 33 -17.48 9.29 48.38
N GLU A 34 -16.74 9.03 47.30
CA GLU A 34 -17.10 7.96 46.36
C GLU A 34 -16.89 6.59 47.03
N MET A 35 -15.79 6.46 47.78
CA MET A 35 -15.50 5.25 48.49
C MET A 35 -16.53 5.05 49.61
N LEU A 36 -16.94 6.14 50.27
CA LEU A 36 -17.96 6.04 51.31
C LEU A 36 -19.31 5.60 50.70
N GLN A 37 -19.65 6.14 49.53
CA GLN A 37 -20.85 5.75 48.80
C GLN A 37 -20.79 4.26 48.49
N THR A 38 -19.63 3.76 48.04
CA THR A 38 -19.49 2.33 47.76
C THR A 38 -19.77 1.51 49.03
N LEU A 39 -19.34 2.04 50.17
CA LEU A 39 -19.54 1.33 51.45
C LEU A 39 -20.94 1.56 52.02
N GLY A 40 -21.73 2.44 51.40
CA GLY A 40 -23.08 2.73 51.87
C GLY A 40 -23.06 3.49 53.18
N LEU A 41 -22.00 4.30 53.41
CA LEU A 41 -21.81 5.05 54.64
C LEU A 41 -21.88 6.55 54.34
N ALA A 42 -22.34 7.32 55.33
CA ALA A 42 -22.57 8.76 55.22
C ALA A 42 -21.26 9.56 55.43
N SER A 43 -20.31 9.03 56.18
CA SER A 43 -19.15 9.81 56.62
C SER A 43 -18.06 8.88 57.16
N ILE A 44 -16.87 9.46 57.31
CA ILE A 44 -15.71 8.84 57.91
C ILE A 44 -16.02 8.44 59.36
N ASP A 45 -16.71 9.30 60.10
CA ASP A 45 -17.05 9.02 61.52
C ASP A 45 -17.89 7.73 61.62
N GLU A 46 -18.85 7.58 60.70
CA GLU A 46 -19.69 6.42 60.70
C GLU A 46 -18.82 5.17 60.51
N LEU A 47 -17.86 5.22 59.57
CA LEU A 47 -16.92 4.10 59.30
C LEU A 47 -16.16 3.75 60.58
N ILE A 48 -15.58 4.78 61.22
CA ILE A 48 -14.77 4.55 62.41
C ILE A 48 -15.66 3.94 63.50
N GLU A 49 -16.85 4.52 63.67
CA GLU A 49 -17.78 4.11 64.69
C GLU A 49 -18.11 2.62 64.49
N LYS A 50 -18.27 2.21 63.24
CA LYS A 50 -18.65 0.86 62.88
C LYS A 50 -17.44 -0.09 62.93
N THR A 51 -16.21 0.45 63.09
CA THR A 51 -14.98 -0.36 62.98
C THR A 51 -14.27 -0.49 64.34
N VAL A 52 -13.91 0.64 64.95
CA VAL A 52 -13.09 0.63 66.14
C VAL A 52 -14.02 0.60 67.35
N PRO A 53 -13.89 -0.39 68.25
CA PRO A 53 -14.79 -0.48 69.41
C PRO A 53 -14.86 0.86 70.15
N ALA A 54 -16.09 1.27 70.50
CA ALA A 54 -16.40 2.57 71.08
C ALA A 54 -15.61 2.78 72.37
N ASN A 55 -15.44 1.71 73.14
CA ASN A 55 -15.01 1.80 74.53
C ASN A 55 -13.49 1.99 74.61
N ILE A 56 -12.74 1.72 73.52
CA ILE A 56 -11.29 1.91 73.55
C ILE A 56 -10.90 3.24 72.90
N ARG A 57 -11.86 3.92 72.27
CA ARG A 57 -11.56 5.12 71.48
C ARG A 57 -11.16 6.28 72.39
N LEU A 58 -10.34 7.17 71.85
CA LEU A 58 -9.92 8.39 72.55
C LEU A 58 -11.14 9.17 73.08
N LYS A 59 -11.02 9.64 74.33
CA LYS A 59 -11.97 10.55 74.96
C LYS A 59 -11.81 11.98 74.40
N ARG A 60 -10.56 12.42 74.21
CA ARG A 60 -10.26 13.74 73.71
C ARG A 60 -9.36 13.59 72.49
N PRO A 61 -9.30 14.57 71.57
CA PRO A 61 -8.32 14.54 70.46
C PRO A 61 -6.86 14.54 70.95
N LEU A 62 -5.96 13.93 70.19
CA LEU A 62 -4.52 14.01 70.45
C LEU A 62 -4.12 15.45 70.78
N LYS A 63 -3.27 15.65 71.78
CA LYS A 63 -2.66 16.94 72.08
C LYS A 63 -1.26 17.01 71.43
N MET A 64 -1.22 17.63 70.26
CA MET A 64 0.00 17.80 69.49
C MET A 64 0.21 19.29 69.21
N GLU A 65 1.43 19.64 68.85
CA GLU A 65 1.77 20.94 68.29
C GLU A 65 0.99 21.14 67.00
N ASP A 66 0.74 22.43 66.71
CA ASP A 66 0.23 22.86 65.42
C ASP A 66 1.10 22.27 64.32
N PRO A 67 0.47 21.82 63.23
CA PRO A 67 1.22 21.17 62.15
C PRO A 67 2.21 22.19 61.56
N VAL A 68 3.39 21.70 61.14
CA VAL A 68 4.39 22.50 60.48
C VAL A 68 4.21 22.34 58.97
N CYS A 69 4.02 23.48 58.29
CA CYS A 69 4.02 23.46 56.81
C CYS A 69 5.27 22.76 56.27
N GLU A 70 5.08 21.99 55.21
CA GLU A 70 6.18 21.32 54.56
C GLU A 70 7.24 22.35 54.12
N ASN A 71 6.83 23.54 53.71
CA ASN A 71 7.81 24.49 53.19
C ASN A 71 8.63 25.08 54.35
N GLU A 72 8.31 24.72 55.62
CA GLU A 72 9.13 25.17 56.76
C GLU A 72 9.76 24.00 57.53
N ILE A 73 9.49 22.75 57.15
CA ILE A 73 9.89 21.62 58.01
C ILE A 73 11.42 21.54 58.08
N LEU A 74 12.11 21.80 56.95
CA LEU A 74 13.58 21.61 56.93
C LEU A 74 14.27 22.74 57.75
N ALA A 75 13.78 23.98 57.64
CA ALA A 75 14.27 25.07 58.49
C ALA A 75 13.97 24.78 59.98
N THR A 76 12.80 24.22 60.27
CA THR A 76 12.44 23.88 61.65
C THR A 76 13.46 22.87 62.19
N LEU A 77 13.71 21.82 61.43
CA LEU A 77 14.61 20.75 61.82
C LEU A 77 16.06 21.25 61.87
N HIS A 78 16.39 22.20 61.00
CA HIS A 78 17.72 22.77 60.98
C HIS A 78 18.03 23.46 62.31
N ALA A 79 17.03 24.14 62.88
CA ALA A 79 17.23 24.82 64.16
C ALA A 79 17.60 23.79 65.26
N ILE A 80 17.24 22.53 65.06
CA ILE A 80 17.64 21.46 65.98
C ILE A 80 19.02 20.90 65.60
N SER A 81 19.18 20.50 64.34
CA SER A 81 20.37 19.77 63.90
C SER A 81 21.63 20.64 64.05
N SER A 82 21.48 21.96 63.88
CA SER A 82 22.64 22.84 63.94
C SER A 82 23.12 22.98 65.39
N LYS A 83 22.37 22.46 66.36
CA LYS A 83 22.87 22.47 67.72
C LYS A 83 23.92 21.36 67.93
N ASN A 84 23.94 20.33 67.08
CA ASN A 84 24.99 19.30 67.12
C ASN A 84 26.32 19.94 66.71
N GLN A 85 27.43 19.39 67.21
CA GLN A 85 28.78 19.78 66.79
C GLN A 85 29.47 18.60 66.07
N ILE A 86 30.02 18.88 64.88
CA ILE A 86 30.74 17.91 64.08
C ILE A 86 32.25 18.04 64.34
N TRP A 87 32.74 17.24 65.29
CA TRP A 87 34.15 17.15 65.59
C TRP A 87 34.78 16.08 64.70
N ARG A 88 36.11 16.01 64.69
CA ARG A 88 36.81 14.84 64.15
C ARG A 88 36.94 13.82 65.28
N SER A 89 36.18 12.75 65.17
CA SER A 89 36.11 11.74 66.22
C SER A 89 37.04 10.58 65.83
N TYR A 90 38.06 10.33 66.65
CA TYR A 90 38.94 9.18 66.47
C TYR A 90 38.72 8.21 67.63
N ILE A 91 37.46 8.12 68.08
CA ILE A 91 37.06 7.29 69.23
C ILE A 91 37.19 5.79 68.90
N GLY A 92 36.83 5.44 67.66
CA GLY A 92 36.81 4.05 67.26
C GLY A 92 35.61 3.33 67.87
N MET A 93 35.89 2.20 68.55
CA MET A 93 34.88 1.43 69.29
C MET A 93 33.79 0.93 68.34
N GLY A 94 34.19 0.53 67.11
CA GLY A 94 33.31 -0.13 66.17
C GLY A 94 32.67 0.81 65.16
N TYR A 95 33.03 2.10 65.21
CA TYR A 95 32.49 3.13 64.31
C TYR A 95 33.67 3.98 63.85
N TYR A 96 33.84 4.10 62.52
CA TYR A 96 35.00 4.75 61.93
C TYR A 96 34.52 5.60 60.77
N ASN A 97 34.87 6.87 60.79
CA ASN A 97 34.49 7.74 59.69
C ASN A 97 35.03 7.11 58.40
N CYS A 98 34.30 7.34 57.30
CA CYS A 98 34.69 6.89 56.01
C CYS A 98 34.27 7.94 54.97
N SER A 99 34.73 7.74 53.75
CA SER A 99 34.42 8.64 52.67
C SER A 99 33.33 7.98 51.84
N VAL A 100 32.10 8.37 52.15
CA VAL A 100 30.93 7.79 51.52
C VAL A 100 30.95 8.27 50.07
N PRO A 101 31.03 7.39 49.06
CA PRO A 101 31.08 7.89 47.69
C PRO A 101 29.79 8.67 47.39
N GLN A 102 29.93 9.89 46.92
CA GLN A 102 28.76 10.74 46.68
C GLN A 102 27.83 10.09 45.63
N THR A 103 28.40 9.32 44.73
CA THR A 103 27.62 8.70 43.67
C THR A 103 26.69 7.62 44.24
N ILE A 104 27.14 6.87 45.24
CA ILE A 104 26.31 5.86 45.90
C ILE A 104 25.24 6.59 46.76
N LEU A 105 25.66 7.64 47.47
CA LEU A 105 24.76 8.39 48.29
C LEU A 105 23.61 8.91 47.40
N ARG A 106 23.93 9.53 46.25
CA ARG A 106 22.90 10.17 45.42
C ARG A 106 22.06 9.14 44.67
N ASN A 107 22.71 8.12 44.10
CA ASN A 107 22.05 7.25 43.14
C ASN A 107 21.43 6.00 43.80
N LEU A 108 21.73 5.78 45.07
CA LEU A 108 21.16 4.66 45.81
C LEU A 108 20.43 5.15 47.09
N LEU A 109 21.13 5.80 48.04
CA LEU A 109 20.51 6.17 49.32
C LEU A 109 19.41 7.22 49.14
N GLU A 110 19.60 8.14 48.19
CA GLU A 110 18.67 9.21 47.89
C GLU A 110 17.86 8.92 46.61
N ASN A 111 17.64 7.63 46.33
CA ASN A 111 16.91 7.21 45.17
C ASN A 111 15.72 6.36 45.64
N SER A 112 14.52 6.92 45.43
CA SER A 112 13.27 6.27 45.82
C SER A 112 13.07 4.91 45.10
N GLY A 113 13.72 4.70 43.94
CA GLY A 113 13.71 3.42 43.18
C GLY A 113 14.51 2.32 43.86
N TRP A 114 15.33 2.70 44.85
CA TRP A 114 16.11 1.79 45.69
C TRP A 114 15.51 1.61 47.09
N ILE A 115 14.90 2.65 47.68
CA ILE A 115 14.64 2.62 49.09
C ILE A 115 13.16 2.37 49.44
N THR A 116 12.23 2.38 48.48
CA THR A 116 10.81 2.31 48.85
C THR A 116 10.28 0.87 48.91
N GLN A 117 10.89 -0.03 48.13
CA GLN A 117 10.54 -1.42 48.11
C GLN A 117 10.93 -2.03 49.47
N TYR A 118 10.41 -3.21 49.74
CA TYR A 118 10.71 -3.94 50.98
C TYR A 118 11.38 -5.27 50.62
N THR A 119 11.37 -6.19 51.57
CA THR A 119 11.96 -7.50 51.48
C THR A 119 11.56 -8.16 50.17
N PRO A 120 12.52 -8.82 49.48
CA PRO A 120 12.26 -9.36 48.14
C PRO A 120 11.54 -10.72 48.16
N TYR A 121 10.26 -10.68 48.56
CA TYR A 121 9.41 -11.86 48.64
C TYR A 121 8.92 -12.27 47.24
N GLN A 122 8.87 -11.33 46.29
CA GLN A 122 8.43 -11.58 44.93
C GLN A 122 9.66 -11.46 44.02
N PRO A 123 10.45 -12.56 43.92
CA PRO A 123 11.76 -12.50 43.31
C PRO A 123 11.76 -11.99 41.85
N GLU A 124 10.72 -12.31 41.09
CA GLU A 124 10.69 -12.03 39.65
C GLU A 124 10.66 -10.52 39.40
N VAL A 125 10.26 -9.72 40.39
CA VAL A 125 10.23 -8.24 40.29
C VAL A 125 11.17 -7.67 41.36
N SER A 126 12.20 -8.44 41.73
CA SER A 126 13.09 -8.06 42.80
C SER A 126 14.52 -8.52 42.56
N GLN A 127 14.90 -8.86 41.32
CA GLN A 127 16.21 -9.46 41.03
C GLN A 127 17.37 -8.48 41.26
N GLY A 128 17.10 -7.17 41.24
CA GLY A 128 18.14 -6.15 41.45
C GLY A 128 18.71 -6.16 42.86
N ARG A 129 17.87 -5.94 43.87
CA ARG A 129 18.35 -5.93 45.24
C ARG A 129 18.80 -7.33 45.63
N LEU A 130 18.23 -8.38 45.04
CA LEU A 130 18.66 -9.75 45.35
C LEU A 130 20.11 -9.94 44.89
N GLU A 131 20.41 -9.46 43.67
CA GLU A 131 21.78 -9.52 43.18
C GLU A 131 22.71 -8.73 44.12
N SER A 132 22.30 -7.52 44.52
CA SER A 132 23.14 -6.65 45.31
C SER A 132 23.45 -7.30 46.67
N LEU A 133 22.45 -7.99 47.25
CA LEU A 133 22.61 -8.61 48.54
C LEU A 133 23.50 -9.84 48.41
N LEU A 134 23.40 -10.55 47.28
CA LEU A 134 24.37 -11.60 46.95
C LEU A 134 25.78 -11.04 46.86
N ASN A 135 25.94 -9.90 46.20
CA ASN A 135 27.24 -9.18 46.19
C ASN A 135 27.76 -8.95 47.62
N TYR A 136 26.89 -8.43 48.50
CA TYR A 136 27.24 -8.19 49.91
C TYR A 136 27.75 -9.47 50.54
N GLN A 137 27.00 -10.54 50.35
CA GLN A 137 27.38 -11.85 50.95
C GLN A 137 28.75 -12.30 50.42
N THR A 138 28.95 -12.16 49.11
CA THR A 138 30.19 -12.61 48.47
C THR A 138 31.37 -11.83 49.07
N MET A 139 31.15 -10.52 49.18
CA MET A 139 32.14 -9.62 49.73
C MET A 139 32.50 -10.05 51.15
N VAL A 140 31.48 -10.25 51.99
CA VAL A 140 31.72 -10.68 53.37
C VAL A 140 32.51 -12.01 53.41
N CYS A 141 32.06 -13.00 52.63
CA CYS A 141 32.72 -14.32 52.60
C CYS A 141 34.17 -14.22 52.12
N ASP A 142 34.40 -13.46 51.06
CA ASP A 142 35.75 -13.31 50.51
C ASP A 142 36.68 -12.72 51.58
N ILE A 143 36.24 -11.63 52.24
CA ILE A 143 37.09 -10.88 53.09
C ILE A 143 37.28 -11.62 54.41
N THR A 144 36.21 -12.25 54.95
CA THR A 144 36.32 -12.91 56.24
C THR A 144 36.97 -14.28 56.08
N GLY A 145 36.79 -14.86 54.89
CA GLY A 145 37.31 -16.19 54.59
C GLY A 145 36.38 -17.30 55.08
N LEU A 146 35.12 -16.99 55.35
CA LEU A 146 34.14 -18.00 55.81
C LEU A 146 33.25 -18.37 54.62
N ASP A 147 32.37 -19.37 54.79
CA ASP A 147 31.77 -20.08 53.63
C ASP A 147 30.46 -19.41 53.22
N MET A 148 29.65 -19.02 54.18
CA MET A 148 28.39 -18.39 53.86
C MET A 148 28.08 -17.22 54.79
N ALA A 149 27.48 -16.18 54.26
CA ALA A 149 27.12 -15.02 55.00
C ALA A 149 25.66 -14.69 54.70
N ASN A 150 24.99 -14.06 55.65
CA ASN A 150 23.63 -13.65 55.45
C ASN A 150 23.51 -12.27 54.82
N ALA A 151 22.30 -11.84 54.55
CA ALA A 151 22.07 -10.59 53.92
C ALA A 151 21.79 -9.43 54.87
N SER A 152 22.52 -9.42 55.99
CA SER A 152 22.60 -8.48 57.14
C SER A 152 21.87 -8.81 58.41
N LEU A 153 22.56 -8.44 59.47
CA LEU A 153 22.10 -8.39 60.84
C LEU A 153 22.01 -6.86 61.21
N LEU A 154 21.50 -6.59 62.40
CA LEU A 154 21.25 -5.23 62.86
C LEU A 154 22.42 -4.34 63.21
N ASP A 155 23.43 -4.90 63.87
CA ASP A 155 24.61 -4.17 64.30
C ASP A 155 25.59 -5.19 64.88
N GLU A 156 26.76 -4.71 65.31
CA GLU A 156 27.82 -5.61 65.68
C GLU A 156 27.45 -6.43 66.91
N GLY A 157 26.91 -5.75 67.93
CA GLY A 157 26.59 -6.34 69.21
C GLY A 157 25.53 -7.42 69.08
N THR A 158 24.45 -7.12 68.33
CA THR A 158 23.40 -8.09 68.14
C THR A 158 23.94 -9.25 67.29
N ALA A 159 24.83 -8.98 66.34
CA ALA A 159 25.42 -10.04 65.53
C ALA A 159 26.21 -10.99 66.45
N ALA A 160 26.94 -10.41 67.40
CA ALA A 160 27.74 -11.20 68.33
C ALA A 160 26.82 -12.08 69.21
N ALA A 161 25.67 -11.52 69.60
CA ALA A 161 24.66 -12.24 70.37
C ALA A 161 24.04 -13.37 69.54
N GLU A 162 23.78 -13.11 68.25
CA GLU A 162 23.30 -14.15 67.36
C GLU A 162 24.34 -15.27 67.29
N ALA A 163 25.63 -14.93 67.33
CA ALA A 163 26.69 -15.94 67.36
C ALA A 163 26.60 -16.81 68.62
N LEU A 164 26.46 -16.17 69.78
CA LEU A 164 26.29 -16.87 71.06
C LEU A 164 25.12 -17.87 70.94
N GLN A 165 23.99 -17.37 70.45
CA GLN A 165 22.80 -18.22 70.37
C GLN A 165 22.99 -19.35 69.34
N LEU A 166 23.69 -19.06 68.24
CA LEU A 166 23.98 -20.10 67.27
C LEU A 166 24.78 -21.22 67.95
N CYS A 167 25.75 -20.85 68.79
CA CYS A 167 26.57 -21.83 69.49
C CYS A 167 25.69 -22.71 70.38
N TYR A 168 24.76 -22.08 71.12
CA TYR A 168 23.84 -22.83 71.95
C TYR A 168 23.04 -23.80 71.08
N ARG A 169 22.45 -23.30 69.98
CA ARG A 169 21.61 -24.12 69.13
C ARG A 169 22.41 -25.33 68.62
N HIS A 170 23.72 -25.12 68.38
CA HIS A 170 24.62 -26.11 67.78
C HIS A 170 24.93 -27.24 68.76
N ASN A 171 25.33 -26.91 70.00
CA ASN A 171 25.88 -27.94 70.91
C ASN A 171 25.19 -27.93 72.29
N LYS A 172 24.24 -27.02 72.50
CA LYS A 172 23.35 -26.97 73.67
C LYS A 172 24.13 -26.80 74.99
N ARG A 173 25.41 -26.40 74.95
CA ARG A 173 26.15 -26.11 76.18
C ARG A 173 25.70 -24.75 76.71
N ARG A 174 25.83 -24.53 78.01
CA ARG A 174 25.21 -23.41 78.67
C ARG A 174 26.26 -22.41 79.18
N LYS A 175 27.50 -22.52 78.66
CA LYS A 175 28.57 -21.59 79.01
C LYS A 175 29.18 -20.97 77.74
N PHE A 176 29.40 -19.66 77.76
CA PHE A 176 30.00 -18.94 76.65
C PHE A 176 31.07 -17.98 77.17
N LEU A 177 32.26 -18.06 76.58
CA LEU A 177 33.44 -17.29 76.99
C LEU A 177 33.59 -16.05 76.08
N VAL A 178 33.78 -14.88 76.72
CA VAL A 178 33.91 -13.64 76.03
C VAL A 178 35.24 -13.01 76.42
N ASP A 179 36.10 -12.72 75.43
CA ASP A 179 37.30 -11.93 75.61
C ASP A 179 36.90 -10.54 76.09
N PRO A 180 37.45 -10.04 77.21
CA PRO A 180 37.13 -8.70 77.69
C PRO A 180 37.70 -7.57 76.81
N ARG A 181 38.44 -7.94 75.76
CA ARG A 181 38.98 -7.01 74.83
C ARG A 181 38.06 -6.87 73.61
N CYS A 182 36.84 -7.44 73.68
CA CYS A 182 35.80 -7.03 72.74
C CYS A 182 35.36 -5.61 73.11
N HIS A 183 34.79 -4.88 72.14
CA HIS A 183 34.16 -3.60 72.44
C HIS A 183 33.17 -3.72 73.60
N PRO A 184 33.07 -2.70 74.46
CA PRO A 184 32.22 -2.75 75.65
C PRO A 184 30.73 -2.95 75.28
N GLN A 185 30.26 -2.30 74.23
CA GLN A 185 28.85 -2.40 73.87
C GLN A 185 28.57 -3.80 73.31
N THR A 186 29.56 -4.42 72.68
CA THR A 186 29.40 -5.79 72.19
C THR A 186 29.19 -6.73 73.39
N ILE A 187 30.04 -6.57 74.40
CA ILE A 187 29.98 -7.37 75.61
C ILE A 187 28.60 -7.17 76.25
N ALA A 188 28.13 -5.93 76.31
CA ALA A 188 26.86 -5.66 77.03
C ALA A 188 25.69 -6.37 76.32
N VAL A 189 25.65 -6.30 74.99
CA VAL A 189 24.56 -6.92 74.27
C VAL A 189 24.65 -8.44 74.37
N VAL A 190 25.86 -8.99 74.31
CA VAL A 190 26.04 -10.43 74.44
C VAL A 190 25.59 -10.88 75.84
N GLN A 191 26.04 -10.17 76.88
CA GLN A 191 25.69 -10.53 78.27
C GLN A 191 24.17 -10.48 78.48
N THR A 192 23.51 -9.49 77.86
CA THR A 192 22.05 -9.34 78.02
C THR A 192 21.34 -10.55 77.37
N ARG A 193 21.73 -10.90 76.14
CA ARG A 193 21.11 -12.01 75.42
C ARG A 193 21.24 -13.29 76.25
N ALA A 194 22.44 -13.49 76.81
CA ALA A 194 22.81 -14.66 77.61
C ALA A 194 21.97 -14.73 78.91
N LYS A 195 21.90 -13.60 79.60
CA LYS A 195 21.19 -13.51 80.85
C LYS A 195 19.79 -14.14 80.67
N TYR A 196 19.04 -13.69 79.65
CA TYR A 196 17.62 -14.02 79.60
C TYR A 196 17.40 -15.35 78.85
N THR A 197 18.43 -15.85 78.15
CA THR A 197 18.36 -17.20 77.55
C THR A 197 18.90 -18.26 78.52
N GLY A 198 19.42 -17.84 79.69
CA GLY A 198 19.93 -18.74 80.73
C GLY A 198 21.26 -19.38 80.37
N VAL A 199 22.10 -18.68 79.60
CA VAL A 199 23.50 -19.08 79.34
C VAL A 199 24.41 -18.24 80.25
N LEU A 200 25.44 -18.86 80.83
CA LEU A 200 26.41 -18.12 81.61
C LEU A 200 27.52 -17.60 80.67
N THR A 201 27.87 -16.34 80.82
CA THR A 201 29.03 -15.77 80.13
C THR A 201 30.14 -15.58 81.17
N GLU A 202 31.38 -15.79 80.76
CA GLU A 202 32.54 -15.46 81.57
C GLU A 202 33.47 -14.58 80.73
N LEU A 203 33.87 -13.44 81.29
CA LEU A 203 34.85 -12.51 80.73
C LEU A 203 36.26 -12.99 81.09
N LYS A 204 36.94 -13.60 80.11
CA LYS A 204 38.27 -14.20 80.32
C LYS A 204 39.16 -13.86 79.13
N LEU A 205 40.38 -13.38 79.42
CA LEU A 205 41.47 -13.32 78.43
C LEU A 205 41.73 -14.73 77.90
N PRO A 206 42.22 -14.93 76.67
CA PRO A 206 42.46 -16.27 76.14
C PRO A 206 43.22 -17.21 77.09
N CYS A 207 44.27 -16.70 77.73
CA CYS A 207 45.12 -17.46 78.63
C CYS A 207 44.36 -17.88 79.90
N GLU A 208 43.27 -17.18 80.23
CA GLU A 208 42.41 -17.49 81.37
C GLU A 208 41.24 -18.41 80.97
N MET A 209 40.98 -18.58 79.68
CA MET A 209 39.87 -19.40 79.20
C MET A 209 40.17 -20.88 79.40
N ASP A 210 39.25 -21.60 80.06
CA ASP A 210 39.40 -23.04 80.25
C ASP A 210 38.30 -23.78 79.50
N PHE A 211 38.68 -24.55 78.46
CA PHE A 211 37.71 -25.28 77.68
C PHE A 211 37.63 -26.75 78.12
N SER A 212 38.50 -27.17 79.04
CA SER A 212 38.75 -28.62 79.32
C SER A 212 37.49 -29.32 79.85
N GLY A 213 36.56 -28.57 80.45
CA GLY A 213 35.30 -29.09 80.96
C GLY A 213 34.36 -29.57 79.86
N LYS A 214 34.64 -29.17 78.61
CA LYS A 214 33.81 -29.58 77.48
C LYS A 214 32.38 -29.10 77.73
N ASP A 215 32.28 -27.93 78.37
CA ASP A 215 31.04 -27.29 78.78
C ASP A 215 30.93 -25.89 78.14
N VAL A 216 31.84 -25.56 77.21
CA VAL A 216 31.78 -24.27 76.58
C VAL A 216 31.13 -24.41 75.20
N SER A 217 30.06 -23.66 75.01
CA SER A 217 29.31 -23.57 73.77
C SER A 217 30.18 -22.94 72.70
N GLY A 218 30.85 -21.85 73.08
CA GLY A 218 31.62 -21.07 72.14
C GLY A 218 32.43 -20.00 72.83
N VAL A 219 33.28 -19.33 72.03
CA VAL A 219 34.07 -18.22 72.52
C VAL A 219 33.95 -17.09 71.50
N LEU A 220 33.93 -15.85 72.00
CA LEU A 220 33.96 -14.64 71.21
C LEU A 220 35.22 -13.82 71.55
N PHE A 221 35.99 -13.46 70.54
CA PHE A 221 37.14 -12.60 70.67
C PHE A 221 37.10 -11.64 69.49
N GLN A 222 37.98 -10.64 69.51
CA GLN A 222 37.96 -9.60 68.51
C GLN A 222 39.38 -9.38 67.94
N TYR A 223 39.42 -9.06 66.65
CA TYR A 223 40.59 -9.09 65.82
C TYR A 223 40.39 -8.07 64.71
N PRO A 224 41.04 -6.91 64.80
CA PRO A 224 41.81 -6.46 65.94
C PRO A 224 40.88 -6.16 67.13
N ASP A 225 41.44 -6.19 68.35
CA ASP A 225 40.62 -6.06 69.57
C ASP A 225 40.34 -4.57 69.82
N THR A 226 39.57 -4.28 70.87
CA THR A 226 39.07 -2.96 71.15
C THR A 226 40.20 -1.97 71.46
N GLU A 227 41.35 -2.49 71.88
CA GLU A 227 42.56 -1.69 72.18
C GLU A 227 43.42 -1.45 70.94
N GLY A 228 43.09 -2.14 69.84
CA GLY A 228 43.78 -1.96 68.57
C GLY A 228 44.69 -3.15 68.21
N LYS A 229 44.94 -4.03 69.18
CA LYS A 229 45.95 -5.05 69.02
C LYS A 229 45.52 -6.12 68.00
N VAL A 230 46.49 -6.48 67.15
CA VAL A 230 46.45 -7.64 66.27
C VAL A 230 47.13 -8.82 66.97
N GLU A 231 46.37 -9.90 67.16
CA GLU A 231 46.83 -11.06 67.91
C GLU A 231 46.60 -12.34 67.09
N ASP A 232 47.46 -13.34 67.30
CA ASP A 232 47.32 -14.65 66.69
C ASP A 232 46.41 -15.49 67.58
N PHE A 233 45.24 -15.86 67.06
CA PHE A 233 44.25 -16.62 67.82
C PHE A 233 44.25 -18.13 67.47
N THR A 234 45.21 -18.56 66.63
CA THR A 234 45.27 -19.94 66.11
C THR A 234 45.13 -20.95 67.26
N GLU A 235 45.96 -20.77 68.29
CA GLU A 235 46.04 -21.71 69.41
C GLU A 235 44.71 -21.70 70.19
N LEU A 236 44.12 -20.51 70.40
CA LEU A 236 42.85 -20.38 71.10
C LEU A 236 41.75 -21.17 70.36
N VAL A 237 41.71 -20.98 69.04
CA VAL A 237 40.69 -21.59 68.22
C VAL A 237 40.86 -23.11 68.26
N GLU A 238 42.13 -23.55 68.22
CA GLU A 238 42.44 -24.98 68.21
C GLU A 238 41.99 -25.60 69.55
N ARG A 239 42.21 -24.88 70.66
CA ARG A 239 41.84 -25.37 72.00
C ARG A 239 40.31 -25.49 72.09
N ALA A 240 39.62 -24.46 71.62
CA ALA A 240 38.18 -24.44 71.53
C ALA A 240 37.70 -25.71 70.79
N HIS A 241 38.20 -25.89 69.57
CA HIS A 241 37.77 -26.98 68.72
C HIS A 241 38.02 -28.33 69.40
N GLN A 242 39.18 -28.46 70.06
CA GLN A 242 39.59 -29.74 70.64
C GLN A 242 38.59 -30.19 71.71
N SER A 243 37.85 -29.26 72.32
CA SER A 243 36.92 -29.55 73.40
C SER A 243 35.45 -29.43 72.93
N GLY A 244 35.23 -29.31 71.63
CA GLY A 244 33.89 -29.29 71.04
C GLY A 244 33.24 -27.91 71.02
N SER A 245 34.00 -26.85 71.28
CA SER A 245 33.48 -25.48 71.29
C SER A 245 33.66 -24.84 69.92
N LEU A 246 32.79 -23.89 69.59
CA LEU A 246 32.97 -23.04 68.39
C LEU A 246 33.76 -21.79 68.74
N ALA A 247 34.35 -21.17 67.72
CA ALA A 247 35.12 -19.96 67.83
C ALA A 247 34.46 -18.86 67.00
N CYS A 248 34.15 -17.74 67.64
CA CYS A 248 33.48 -16.62 67.02
C CYS A 248 34.42 -15.41 67.11
N CYS A 249 34.61 -14.72 65.97
CA CYS A 249 35.54 -13.61 65.87
C CYS A 249 34.81 -12.37 65.37
N ALA A 250 34.75 -11.33 66.23
CA ALA A 250 34.30 -9.99 65.84
C ALA A 250 35.49 -9.31 65.15
N THR A 251 35.27 -8.72 63.98
CA THR A 251 36.37 -8.21 63.18
C THR A 251 35.93 -7.00 62.36
N ASP A 252 36.78 -6.60 61.41
CA ASP A 252 36.67 -5.33 60.70
C ASP A 252 37.04 -5.58 59.23
N LEU A 253 36.10 -5.30 58.32
CA LEU A 253 36.28 -5.57 56.91
C LEU A 253 37.46 -4.78 56.35
N LEU A 254 37.68 -3.54 56.84
CA LEU A 254 38.80 -2.76 56.28
C LEU A 254 40.13 -3.32 56.76
N ALA A 255 40.25 -3.59 58.07
CA ALA A 255 41.45 -4.24 58.58
C ALA A 255 41.75 -5.52 57.77
N LEU A 256 40.73 -6.31 57.44
CA LEU A 256 40.92 -7.62 56.78
C LEU A 256 41.32 -7.46 55.31
N CYS A 257 41.35 -6.25 54.79
CA CYS A 257 41.88 -6.02 53.47
C CYS A 257 43.40 -6.20 53.47
N ILE A 258 44.06 -6.07 54.63
CA ILE A 258 45.52 -6.27 54.70
C ILE A 258 45.92 -7.30 55.76
N LEU A 259 44.96 -7.74 56.59
CA LEU A 259 45.20 -8.76 57.65
C LEU A 259 44.72 -10.14 57.19
N ARG A 260 45.52 -11.16 57.50
CA ARG A 260 45.05 -12.51 57.31
C ARG A 260 43.75 -12.67 58.09
N PRO A 261 42.69 -13.08 57.41
CA PRO A 261 41.38 -13.18 58.01
C PRO A 261 41.05 -14.40 58.89
N PRO A 262 39.98 -14.32 59.68
CA PRO A 262 39.50 -15.38 60.59
C PRO A 262 39.30 -16.74 59.95
N GLY A 263 38.85 -16.76 58.71
CA GLY A 263 38.67 -17.97 57.95
C GLY A 263 39.95 -18.77 57.84
N GLU A 264 41.09 -18.13 57.70
CA GLU A 264 42.38 -18.76 57.63
C GLU A 264 42.97 -19.14 58.95
N PHE A 265 42.30 -18.85 60.06
CA PHE A 265 42.77 -19.32 61.34
C PHE A 265 41.75 -20.16 62.12
N GLY A 266 40.82 -20.76 61.41
CA GLY A 266 39.85 -21.67 61.99
C GLY A 266 38.53 -21.25 62.56
N VAL A 267 38.25 -19.97 62.52
CA VAL A 267 37.03 -19.41 63.04
C VAL A 267 35.80 -19.98 62.39
N ASP A 268 34.81 -20.32 63.20
CA ASP A 268 33.55 -20.84 62.77
C ASP A 268 32.54 -19.77 62.39
N ILE A 269 32.57 -18.64 63.08
CA ILE A 269 31.69 -17.52 62.82
C ILE A 269 32.53 -16.24 62.82
N ALA A 270 32.37 -15.41 61.78
CA ALA A 270 32.95 -14.10 61.75
C ALA A 270 31.84 -13.07 61.59
N LEU A 271 31.98 -11.95 62.29
CA LEU A 271 30.92 -10.96 62.38
C LEU A 271 31.52 -9.59 62.67
N GLY A 272 30.73 -8.56 62.43
CA GLY A 272 31.14 -7.18 62.64
C GLY A 272 30.18 -6.24 61.98
N SER A 273 30.63 -5.00 61.81
CA SER A 273 29.87 -3.98 61.15
C SER A 273 30.48 -3.74 59.77
N SER A 274 29.64 -3.54 58.76
CA SER A 274 30.11 -3.14 57.44
C SER A 274 30.14 -1.61 57.31
N GLN A 275 29.96 -0.89 58.42
CA GLN A 275 29.69 0.55 58.41
C GLN A 275 30.75 1.32 57.65
N ARG A 276 32.02 1.04 57.92
CA ARG A 276 33.10 1.83 57.33
C ARG A 276 33.31 1.51 55.85
N PHE A 277 32.58 0.53 55.29
CA PHE A 277 32.48 0.38 53.85
C PHE A 277 31.41 1.33 53.29
N GLY A 278 31.63 2.62 53.46
CA GLY A 278 30.89 3.64 52.72
C GLY A 278 29.53 3.94 53.30
N VAL A 279 29.36 3.82 54.63
CA VAL A 279 28.13 4.21 55.27
C VAL A 279 28.43 5.22 56.38
N PRO A 280 27.59 6.27 56.55
CA PRO A 280 27.80 7.28 57.56
C PRO A 280 27.76 6.74 58.99
N LEU A 281 28.46 7.45 59.88
CA LEU A 281 28.45 7.15 61.31
C LEU A 281 26.99 7.09 61.83
N GLY A 282 26.16 8.04 61.41
CA GLY A 282 24.72 8.05 61.69
C GLY A 282 24.38 8.19 63.17
N TYR A 283 25.33 8.62 64.00
CA TYR A 283 25.10 8.71 65.46
C TYR A 283 24.53 7.36 65.96
N GLY A 284 25.06 6.28 65.38
CA GLY A 284 24.82 4.90 65.86
C GLY A 284 24.31 3.98 64.76
N GLY A 285 23.67 4.55 63.73
CA GLY A 285 23.22 3.74 62.60
C GLY A 285 22.33 4.56 61.68
N PRO A 286 21.77 3.91 60.64
CA PRO A 286 21.86 2.45 60.49
C PRO A 286 23.11 1.94 59.75
N HIS A 287 23.57 0.74 60.16
CA HIS A 287 24.66 0.00 59.53
C HIS A 287 24.27 -1.47 59.41
N ALA A 288 24.67 -2.11 58.33
CA ALA A 288 24.44 -3.51 58.14
C ALA A 288 25.54 -4.22 58.81
N ALA A 289 25.24 -5.07 59.76
CA ALA A 289 26.24 -5.90 60.36
C ALA A 289 26.47 -7.13 59.43
N PHE A 290 27.60 -7.76 59.57
CA PHE A 290 27.89 -8.92 58.78
C PHE A 290 28.03 -10.14 59.67
N PHE A 291 27.66 -11.27 59.13
CA PHE A 291 27.68 -12.50 59.87
C PHE A 291 27.94 -13.63 58.88
N ALA A 292 29.05 -14.30 59.05
CA ALA A 292 29.48 -15.39 58.17
C ALA A 292 29.90 -16.60 58.95
N VAL A 293 29.58 -17.76 58.41
CA VAL A 293 29.86 -18.99 59.07
C VAL A 293 30.36 -20.13 58.16
N ARG A 294 30.97 -21.12 58.77
CA ARG A 294 31.32 -22.37 58.11
C ARG A 294 30.04 -23.00 57.55
N GLU A 295 30.17 -23.65 56.40
CA GLU A 295 29.04 -24.19 55.68
C GLU A 295 28.26 -25.17 56.59
N SER A 296 28.96 -25.90 57.44
CA SER A 296 28.31 -26.88 58.31
C SER A 296 27.35 -26.20 59.31
N LEU A 297 27.37 -24.86 59.44
CA LEU A 297 26.51 -24.21 60.42
C LEU A 297 25.31 -23.50 59.75
N VAL A 298 25.23 -23.60 58.42
CA VAL A 298 24.35 -22.73 57.64
C VAL A 298 22.87 -22.92 58.02
N ARG A 299 22.50 -24.15 58.37
CA ARG A 299 21.10 -24.46 58.71
C ARG A 299 20.65 -23.65 59.93
N MET A 300 21.61 -23.15 60.73
CA MET A 300 21.28 -22.39 61.94
C MET A 300 21.48 -20.89 61.74
N MET A 301 21.72 -20.48 60.51
CA MET A 301 21.96 -19.09 60.18
C MET A 301 20.76 -18.24 60.60
N PRO A 302 20.97 -17.09 61.25
CA PRO A 302 19.91 -16.12 61.47
C PRO A 302 19.72 -15.19 60.25
N GLY A 303 18.48 -14.79 60.00
CA GLY A 303 18.16 -13.74 59.07
C GLY A 303 18.07 -14.24 57.63
N ARG A 304 18.01 -13.28 56.72
CA ARG A 304 17.91 -13.60 55.30
C ARG A 304 19.25 -14.03 54.73
N MET A 305 19.17 -14.75 53.63
CA MET A 305 20.32 -15.21 52.84
C MET A 305 19.87 -15.41 51.40
N VAL A 306 20.53 -14.71 50.47
CA VAL A 306 20.23 -14.86 49.09
C VAL A 306 20.93 -16.10 48.57
N GLY A 307 20.21 -16.84 47.73
CA GLY A 307 20.72 -18.01 47.06
C GLY A 307 20.43 -17.97 45.57
N VAL A 308 21.25 -18.71 44.82
CA VAL A 308 21.10 -18.85 43.39
C VAL A 308 20.18 -20.05 43.13
N THR A 309 19.28 -19.88 42.16
CA THR A 309 18.39 -20.95 41.72
C THR A 309 18.18 -20.84 40.21
N ARG A 310 17.11 -21.42 39.75
CA ARG A 310 16.72 -21.35 38.38
C ARG A 310 15.30 -20.87 38.28
N ASP A 311 14.97 -20.22 37.20
CA ASP A 311 13.59 -19.88 36.97
C ASP A 311 12.91 -20.99 36.13
N ALA A 312 11.70 -20.78 35.67
CA ALA A 312 11.00 -21.77 34.90
C ALA A 312 11.72 -22.27 33.63
N THR A 313 12.49 -21.42 32.97
CA THR A 313 13.22 -21.73 31.78
C THR A 313 14.63 -22.22 32.01
N GLY A 314 15.06 -22.38 33.23
CA GLY A 314 16.41 -22.87 33.53
C GLY A 314 17.46 -21.77 33.60
N LYS A 315 17.04 -20.50 33.53
CA LYS A 315 17.92 -19.37 33.69
C LYS A 315 18.37 -19.28 35.16
N GLU A 316 19.63 -18.89 35.36
CA GLU A 316 20.21 -18.68 36.66
C GLU A 316 19.71 -17.36 37.25
N VAL A 317 19.10 -17.43 38.44
CA VAL A 317 18.42 -16.28 39.04
C VAL A 317 18.62 -16.36 40.56
N TYR A 318 18.03 -15.39 41.28
CA TYR A 318 18.29 -15.21 42.70
C TYR A 318 16.97 -15.24 43.46
N ARG A 319 17.03 -15.76 44.69
CA ARG A 319 15.88 -15.75 45.62
C ARG A 319 16.42 -15.85 47.04
N LEU A 320 15.59 -15.43 48.00
CA LEU A 320 15.87 -15.70 49.41
C LEU A 320 15.82 -17.22 49.63
N ALA A 321 16.83 -17.74 50.34
CA ALA A 321 16.98 -19.20 50.44
C ALA A 321 16.75 -19.65 51.89
N LEU A 322 16.41 -20.93 52.04
CA LEU A 322 16.25 -21.60 53.32
C LEU A 322 15.39 -20.75 54.25
N GLN A 323 14.22 -20.32 53.76
CA GLN A 323 13.40 -19.36 54.45
C GLN A 323 12.71 -19.98 55.66
N THR A 324 12.70 -21.33 55.76
CA THR A 324 11.99 -21.96 56.86
C THR A 324 12.75 -21.74 58.17
N ARG A 325 13.99 -21.25 58.10
CA ARG A 325 14.75 -20.83 59.27
C ARG A 325 14.06 -19.67 60.00
N GLU A 326 13.28 -18.85 59.29
CA GLU A 326 12.96 -17.49 59.71
C GLU A 326 11.66 -17.48 60.54
N GLN A 327 11.43 -16.36 61.22
CA GLN A 327 10.36 -16.17 62.19
C GLN A 327 8.97 -16.45 61.57
N HIS A 328 8.76 -16.08 60.33
CA HIS A 328 7.43 -16.11 59.73
C HIS A 328 7.00 -17.54 59.41
N ILE A 329 7.96 -18.48 59.33
CA ILE A 329 7.63 -19.90 59.15
C ILE A 329 7.69 -20.63 60.50
N ARG A 330 8.81 -20.54 61.23
CA ARG A 330 9.04 -21.40 62.39
C ARG A 330 8.67 -20.73 63.72
N ARG A 331 8.32 -19.44 63.68
CA ARG A 331 7.88 -18.71 64.85
C ARG A 331 8.90 -18.91 65.97
N ASP A 332 8.51 -19.51 67.10
CA ASP A 332 9.38 -19.59 68.26
C ASP A 332 10.53 -20.57 68.01
N LYS A 333 10.43 -21.40 66.95
CA LYS A 333 11.48 -22.37 66.60
C LYS A 333 12.43 -21.80 65.53
N ALA A 334 12.26 -20.53 65.16
CA ALA A 334 13.10 -19.89 64.12
C ALA A 334 14.52 -19.76 64.66
N THR A 335 15.48 -19.51 63.77
CA THR A 335 16.88 -19.31 64.16
C THR A 335 17.10 -17.94 64.82
N SER A 336 16.11 -17.06 64.72
CA SER A 336 16.16 -15.73 65.35
C SER A 336 14.77 -15.09 65.25
N ASN A 337 14.56 -13.98 65.98
CA ASN A 337 13.34 -13.20 65.83
C ASN A 337 13.48 -12.23 64.64
N ILE A 338 14.67 -12.07 64.08
CA ILE A 338 14.90 -10.90 63.18
C ILE A 338 14.00 -11.01 61.95
N CYS A 339 13.44 -9.87 61.54
CA CYS A 339 12.58 -9.73 60.40
C CYS A 339 13.17 -8.59 59.55
N THR A 340 12.75 -7.34 59.83
CA THR A 340 13.41 -6.21 59.24
C THR A 340 14.88 -6.23 59.66
N ALA A 341 15.82 -6.06 58.70
CA ALA A 341 17.24 -6.09 59.01
C ALA A 341 17.84 -4.73 58.56
N GLN A 342 18.92 -4.76 57.74
CA GLN A 342 19.60 -3.55 57.34
C GLN A 342 19.90 -3.59 55.85
N ALA A 343 18.94 -4.09 55.05
CA ALA A 343 19.19 -4.43 53.64
C ALA A 343 19.80 -3.25 52.87
N LEU A 344 19.23 -2.05 53.00
CA LEU A 344 19.65 -0.93 52.15
C LEU A 344 21.12 -0.62 52.43
N LEU A 345 21.52 -0.74 53.70
CA LEU A 345 22.89 -0.38 54.10
C LEU A 345 23.88 -1.50 53.74
N ALA A 346 23.42 -2.74 53.70
CA ALA A 346 24.22 -3.86 53.18
C ALA A 346 24.52 -3.61 51.69
N ASN A 347 23.52 -3.08 50.98
CA ASN A 347 23.66 -2.80 49.57
C ASN A 347 24.59 -1.58 49.36
N MET A 348 24.59 -0.60 50.26
CA MET A 348 25.50 0.51 50.20
C MET A 348 26.95 0.05 50.38
N ALA A 349 27.17 -0.88 51.31
CA ALA A 349 28.49 -1.43 51.56
C ALA A 349 28.95 -2.31 50.39
N ALA A 350 28.01 -3.05 49.77
CA ALA A 350 28.38 -3.85 48.60
C ALA A 350 28.83 -2.94 47.46
N MET A 351 28.09 -1.87 47.20
CA MET A 351 28.42 -0.90 46.13
C MET A 351 29.75 -0.23 46.40
N PHE A 352 30.08 0.00 47.68
CA PHE A 352 31.38 0.51 48.08
C PHE A 352 32.49 -0.44 47.63
N ALA A 353 32.34 -1.74 47.95
CA ALA A 353 33.34 -2.75 47.61
C ALA A 353 33.47 -2.88 46.09
N ILE A 354 32.35 -2.77 45.38
CA ILE A 354 32.30 -2.87 43.95
C ILE A 354 33.03 -1.67 43.34
N TYR A 355 32.79 -0.48 43.87
CA TYR A 355 33.32 0.74 43.33
C TYR A 355 34.85 0.77 43.49
N HIS A 356 35.35 0.25 44.63
CA HIS A 356 36.76 0.31 44.98
C HIS A 356 37.53 -0.92 44.48
N GLY A 357 36.88 -2.07 44.44
CA GLY A 357 37.55 -3.32 44.18
C GLY A 357 38.51 -3.63 45.31
N SER A 358 39.14 -4.81 45.23
CA SER A 358 40.13 -5.24 46.21
C SER A 358 41.33 -4.28 46.15
N HIS A 359 41.66 -3.78 44.96
CA HIS A 359 42.80 -2.88 44.81
C HIS A 359 42.52 -1.55 45.53
N GLY A 360 41.34 -0.98 45.33
CA GLY A 360 40.96 0.29 46.00
C GLY A 360 40.82 0.11 47.50
N LEU A 361 40.28 -1.04 47.95
CA LEU A 361 40.13 -1.28 49.37
C LEU A 361 41.50 -1.47 50.01
N GLU A 362 42.40 -2.21 49.33
CA GLU A 362 43.78 -2.37 49.81
C GLU A 362 44.45 -1.00 49.97
N HIS A 363 44.27 -0.14 48.97
CA HIS A 363 44.83 1.22 48.97
C HIS A 363 44.32 2.01 50.19
N ILE A 364 43.01 1.97 50.44
CA ILE A 364 42.44 2.67 51.59
C ILE A 364 43.02 2.09 52.88
N ALA A 365 43.05 0.75 52.97
CA ALA A 365 43.47 0.09 54.20
C ALA A 365 44.95 0.39 54.48
N ARG A 366 45.80 0.34 53.43
CA ARG A 366 47.23 0.57 53.58
C ARG A 366 47.49 2.02 54.01
N ARG A 367 46.67 2.93 53.48
CA ARG A 367 46.79 4.34 53.78
C ARG A 367 46.45 4.61 55.25
N VAL A 368 45.32 4.09 55.69
CA VAL A 368 44.90 4.21 57.07
C VAL A 368 45.97 3.65 58.02
N HIS A 369 46.51 2.47 57.69
CA HIS A 369 47.51 1.79 58.54
C HIS A 369 48.78 2.64 58.59
N ASN A 370 49.17 3.19 57.45
CA ASN A 370 50.40 3.96 57.37
C ASN A 370 50.24 5.28 58.14
N ALA A 371 49.05 5.89 58.06
CA ALA A 371 48.76 7.10 58.82
C ALA A 371 48.89 6.78 60.32
N THR A 372 48.43 5.59 60.72
CA THR A 372 48.46 5.15 62.09
C THR A 372 49.92 4.87 62.51
N LEU A 373 50.70 4.25 61.63
CA LEU A 373 52.12 4.01 61.87
C LEU A 373 52.87 5.34 62.05
N ILE A 374 52.56 6.32 61.20
CA ILE A 374 53.19 7.64 61.25
C ILE A 374 52.91 8.29 62.61
N LEU A 375 51.65 8.33 63.01
CA LEU A 375 51.24 8.93 64.28
C LEU A 375 51.93 8.22 65.41
N SER A 376 51.95 6.93 65.30
CA SER A 376 52.59 6.10 66.27
C SER A 376 54.05 6.47 66.49
N GLU A 377 54.79 6.71 65.43
CA GLU A 377 56.21 7.06 65.54
C GLU A 377 56.35 8.45 66.11
N GLY A 378 55.51 9.36 65.68
CA GLY A 378 55.55 10.71 66.23
C GLY A 378 55.31 10.70 67.73
N LEU A 379 54.31 9.94 68.19
CA LEU A 379 54.00 9.96 69.61
C LEU A 379 55.16 9.38 70.43
N LYS A 380 55.80 8.33 69.91
CA LYS A 380 56.94 7.71 70.62
C LYS A 380 58.08 8.72 70.75
N ARG A 381 58.36 9.46 69.67
CA ARG A 381 59.43 10.45 69.66
C ARG A 381 59.11 11.54 70.71
N ALA A 382 57.83 11.79 70.96
CA ALA A 382 57.42 12.84 71.90
C ALA A 382 57.36 12.31 73.34
N GLY A 383 57.74 11.06 73.56
CA GLY A 383 57.89 10.49 74.90
C GLY A 383 56.63 9.77 75.41
N HIS A 384 55.65 9.52 74.53
CA HIS A 384 54.44 8.76 74.92
C HIS A 384 54.69 7.26 74.66
N GLN A 385 54.01 6.39 75.42
CA GLN A 385 54.16 4.94 75.25
C GLN A 385 52.96 4.40 74.47
N LEU A 386 53.21 3.58 73.45
CA LEU A 386 52.21 2.75 72.81
C LEU A 386 52.14 1.42 73.56
N GLN A 387 50.94 0.94 73.87
CA GLN A 387 50.77 -0.27 74.63
C GLN A 387 50.93 -1.46 73.67
N HIS A 388 50.53 -1.28 72.40
CA HIS A 388 50.55 -2.37 71.42
C HIS A 388 51.34 -1.95 70.17
N ASP A 389 52.35 -2.75 69.84
CA ASP A 389 53.20 -2.48 68.69
C ASP A 389 52.56 -2.86 67.36
N LEU A 390 51.74 -3.90 67.36
CA LEU A 390 51.12 -4.31 66.12
C LEU A 390 49.60 -4.07 66.17
N PHE A 391 49.14 -3.27 65.20
CA PHE A 391 47.79 -2.72 65.15
C PHE A 391 47.42 -2.43 63.69
N PHE A 392 46.12 -2.21 63.43
CA PHE A 392 45.66 -1.74 62.14
C PHE A 392 45.58 -0.20 62.17
N ASP A 393 44.53 0.32 62.82
CA ASP A 393 44.21 1.73 62.75
C ASP A 393 44.08 2.34 64.15
N THR A 394 44.41 1.57 65.18
CA THR A 394 44.03 1.93 66.52
C THR A 394 45.24 1.79 67.45
N LEU A 395 45.54 2.86 68.19
CA LEU A 395 46.61 2.90 69.16
C LEU A 395 46.00 3.01 70.57
N LYS A 396 46.76 2.53 71.55
CA LYS A 396 46.48 2.71 72.93
C LYS A 396 47.71 3.36 73.55
N ILE A 397 47.52 4.59 74.06
CA ILE A 397 48.61 5.46 74.39
C ILE A 397 48.59 5.80 75.88
N GLN A 398 49.72 5.54 76.54
CA GLN A 398 50.01 6.09 77.85
C GLN A 398 50.74 7.41 77.64
N CYS A 399 50.11 8.52 78.01
CA CYS A 399 50.70 9.82 77.79
C CYS A 399 51.93 9.99 78.69
N GLY A 400 53.01 10.53 78.11
CA GLY A 400 54.22 10.93 78.82
C GLY A 400 54.00 12.19 79.66
N CYS A 401 53.02 13.02 79.27
CA CYS A 401 52.62 14.19 80.06
C CYS A 401 51.24 13.93 80.66
N SER A 402 50.68 14.96 81.32
CA SER A 402 49.32 14.96 81.78
C SER A 402 48.36 14.65 80.62
N VAL A 403 47.44 13.70 80.85
CA VAL A 403 46.37 13.41 79.92
C VAL A 403 45.48 14.65 79.75
N LYS A 404 45.27 15.38 80.85
CA LYS A 404 44.44 16.59 80.87
C LYS A 404 44.97 17.61 79.84
N GLU A 405 46.29 17.76 79.78
CA GLU A 405 46.90 18.74 78.92
C GLU A 405 46.76 18.31 77.46
N VAL A 406 46.83 17.01 77.20
CA VAL A 406 46.65 16.45 75.85
C VAL A 406 45.20 16.68 75.40
N LEU A 407 44.24 16.34 76.25
CA LEU A 407 42.82 16.47 75.92
C LEU A 407 42.45 17.95 75.77
N GLY A 408 43.13 18.83 76.51
CA GLY A 408 42.94 20.26 76.37
C GLY A 408 43.29 20.76 74.97
N ARG A 409 44.42 20.30 74.45
CA ARG A 409 44.82 20.61 73.08
C ARG A 409 43.87 19.92 72.09
N ALA A 410 43.45 18.70 72.39
CA ALA A 410 42.54 18.00 71.50
C ALA A 410 41.25 18.81 71.34
N ALA A 411 40.72 19.28 72.48
CA ALA A 411 39.48 20.10 72.51
C ALA A 411 39.62 21.36 71.65
N GLN A 412 40.81 21.99 71.71
CA GLN A 412 41.13 23.17 70.93
C GLN A 412 41.08 22.91 69.42
N ARG A 413 41.33 21.67 68.97
CA ARG A 413 41.27 21.33 67.53
C ARG A 413 40.00 20.52 67.23
N GLN A 414 39.10 20.44 68.22
CA GLN A 414 37.80 19.79 68.09
C GLN A 414 37.99 18.35 67.59
N ILE A 415 38.79 17.60 68.35
CA ILE A 415 39.13 16.22 68.09
C ILE A 415 38.78 15.42 69.35
N ASN A 416 38.10 14.28 69.17
CA ASN A 416 37.72 13.37 70.24
C ASN A 416 38.61 12.12 70.17
N PHE A 417 39.08 11.67 71.34
CA PHE A 417 39.74 10.39 71.51
C PHE A 417 38.85 9.52 72.38
N ARG A 418 39.17 8.23 72.44
CA ARG A 418 38.59 7.38 73.42
C ARG A 418 39.36 7.53 74.72
N LEU A 419 38.65 7.71 75.84
CA LEU A 419 39.30 7.78 77.13
C LEU A 419 39.02 6.46 77.86
N PHE A 420 40.07 5.65 78.03
CA PHE A 420 39.98 4.40 78.73
C PHE A 420 39.86 4.68 80.23
N GLU A 421 39.27 3.71 80.92
CA GLU A 421 39.11 3.66 82.35
C GLU A 421 40.44 3.94 83.04
N ASP A 422 41.51 3.32 82.53
CA ASP A 422 42.82 3.29 83.20
C ASP A 422 43.61 4.58 82.94
N GLY A 423 43.00 5.56 82.27
CA GLY A 423 43.62 6.88 82.09
C GLY A 423 44.44 6.97 80.79
N THR A 424 44.46 5.90 80.00
CA THR A 424 45.11 5.90 78.71
C THR A 424 44.10 6.36 77.64
N LEU A 425 44.64 6.67 76.45
CA LEU A 425 43.86 7.15 75.32
C LEU A 425 43.86 6.13 74.19
N GLY A 426 42.70 5.97 73.55
CA GLY A 426 42.55 5.24 72.30
C GLY A 426 42.41 6.21 71.15
N ILE A 427 43.16 5.98 70.07
CA ILE A 427 43.02 6.75 68.86
C ILE A 427 42.84 5.77 67.71
N SER A 428 41.73 5.92 66.98
CA SER A 428 41.43 5.12 65.83
C SER A 428 41.34 6.03 64.62
N LEU A 429 42.31 5.89 63.72
CA LEU A 429 42.31 6.63 62.50
C LEU A 429 41.44 5.91 61.48
N ASP A 430 41.20 6.57 60.34
CA ASP A 430 40.22 6.07 59.39
C ASP A 430 40.50 6.62 57.99
N GLU A 431 39.64 6.25 57.03
CA GLU A 431 39.77 6.61 55.65
C GLU A 431 39.95 8.13 55.51
N THR A 432 39.30 8.92 56.38
CA THR A 432 39.21 10.37 56.19
C THR A 432 40.48 11.08 56.65
N VAL A 433 41.39 10.38 57.34
CA VAL A 433 42.54 11.03 57.97
C VAL A 433 43.54 11.43 56.88
N ASN A 434 43.92 12.72 56.88
CA ASN A 434 44.88 13.28 55.92
C ASN A 434 46.07 13.87 56.68
N GLU A 435 47.03 14.38 55.92
CA GLU A 435 48.25 14.96 56.44
C GLU A 435 47.90 16.02 57.49
N LYS A 436 47.00 16.91 57.12
CA LYS A 436 46.59 18.01 57.97
C LYS A 436 46.09 17.47 59.34
N ASP A 437 45.32 16.38 59.32
CA ASP A 437 44.79 15.80 60.57
C ASP A 437 45.95 15.21 61.38
N LEU A 438 46.87 14.53 60.71
CA LEU A 438 48.02 13.93 61.38
C LEU A 438 48.84 15.03 62.06
N ASP A 439 49.00 16.17 61.37
CA ASP A 439 49.79 17.31 61.92
C ASP A 439 49.11 17.85 63.18
N ASP A 440 47.77 17.95 63.16
CA ASP A 440 46.99 18.37 64.32
C ASP A 440 47.21 17.39 65.47
N LEU A 441 47.22 16.09 65.15
CA LEU A 441 47.30 15.05 66.17
C LEU A 441 48.69 15.07 66.79
N LEU A 442 49.71 15.23 65.96
CA LEU A 442 51.10 15.32 66.45
C LEU A 442 51.26 16.53 67.37
N TRP A 443 50.67 17.67 66.97
CA TRP A 443 50.65 18.87 67.80
C TRP A 443 49.94 18.62 69.13
N ILE A 444 48.78 17.93 69.08
CA ILE A 444 48.07 17.61 70.31
C ILE A 444 49.03 16.88 71.26
N PHE A 445 49.85 15.96 70.74
CA PHE A 445 50.74 15.19 71.61
C PHE A 445 52.11 15.87 71.81
N GLY A 446 52.23 17.14 71.37
CA GLY A 446 53.45 17.93 71.55
C GLY A 446 54.65 17.39 70.79
N CYS A 447 54.42 16.70 69.67
CA CYS A 447 55.46 16.25 68.76
C CYS A 447 55.80 17.45 67.84
N GLU A 448 57.02 17.91 67.94
CA GLU A 448 57.48 19.06 67.16
C GLU A 448 57.53 18.70 65.67
N SER A 449 57.55 17.41 65.35
CA SER A 449 57.80 16.97 64.02
C SER A 449 56.48 16.83 63.28
N SER A 450 56.40 17.37 62.07
CA SER A 450 55.26 17.25 61.20
C SER A 450 55.16 15.79 60.74
N ALA A 451 54.02 15.48 60.14
CA ALA A 451 53.77 14.18 59.57
C ALA A 451 54.83 13.89 58.51
N GLU A 452 55.09 14.89 57.66
CA GLU A 452 56.10 14.75 56.60
C GLU A 452 57.44 14.34 57.20
N LEU A 453 57.83 15.03 58.27
CA LEU A 453 59.12 14.81 58.90
C LEU A 453 59.15 13.41 59.53
N VAL A 454 58.06 13.03 60.21
CA VAL A 454 58.05 11.76 60.87
C VAL A 454 58.25 10.66 59.80
N ALA A 455 57.58 10.83 58.66
CA ALA A 455 57.58 9.82 57.61
C ALA A 455 59.01 9.61 57.09
N GLU A 456 59.76 10.70 57.01
CA GLU A 456 61.15 10.71 56.60
C GLU A 456 62.01 9.74 57.40
N SER A 457 61.82 9.65 58.72
CA SER A 457 62.68 8.78 59.57
C SER A 457 62.27 7.31 59.48
N MET A 458 61.10 7.04 58.92
CA MET A 458 60.57 5.70 58.82
C MET A 458 61.14 5.07 57.54
N ARG A 463 57.00 -2.06 57.57
CA ARG A 463 56.76 -2.22 58.99
C ARG A 463 55.26 -2.41 59.23
N GLY A 464 54.84 -2.52 60.49
CA GLY A 464 53.47 -2.94 60.83
C GLY A 464 53.05 -4.25 60.16
N ILE A 465 51.79 -4.29 59.71
CA ILE A 465 51.13 -5.49 59.28
C ILE A 465 51.82 -6.07 58.04
N PRO A 466 52.12 -5.26 56.98
CA PRO A 466 52.84 -5.76 55.81
C PRO A 466 54.18 -6.43 56.14
N GLY A 467 54.86 -5.96 57.19
CA GLY A 467 56.14 -6.51 57.61
C GLY A 467 56.01 -7.66 58.59
N SER A 468 54.78 -8.12 58.87
CA SER A 468 54.52 -9.07 59.95
C SER A 468 54.04 -10.42 59.37
N VAL A 469 53.94 -11.41 60.26
CA VAL A 469 53.41 -12.73 59.90
C VAL A 469 51.89 -12.66 59.64
N PHE A 470 51.26 -11.52 59.97
CA PHE A 470 49.83 -11.34 59.83
C PHE A 470 49.45 -10.77 58.46
N LYS A 471 50.45 -10.51 57.60
CA LYS A 471 50.21 -9.94 56.27
C LYS A 471 49.18 -10.79 55.54
N ARG A 472 48.13 -10.21 54.96
CA ARG A 472 47.19 -11.00 54.16
C ARG A 472 47.90 -11.44 52.88
N THR A 473 47.80 -12.73 52.55
CA THR A 473 48.35 -13.31 51.34
C THR A 473 47.26 -13.91 50.44
N SER A 474 46.00 -13.92 50.88
CA SER A 474 44.92 -14.52 50.12
C SER A 474 44.15 -13.45 49.35
N PRO A 475 43.62 -13.79 48.15
CA PRO A 475 42.89 -12.84 47.32
C PRO A 475 41.45 -12.69 47.84
N PHE A 476 40.77 -11.63 47.36
CA PHE A 476 39.40 -11.34 47.69
C PHE A 476 38.78 -10.50 46.57
N LEU A 477 37.48 -10.63 46.36
CA LEU A 477 36.73 -9.86 45.37
C LEU A 477 37.33 -10.09 43.98
N THR A 478 37.57 -11.36 43.63
CA THR A 478 38.09 -11.71 42.32
C THR A 478 36.95 -11.86 41.31
N HIS A 479 35.72 -11.94 41.77
CA HIS A 479 34.59 -12.00 40.86
C HIS A 479 34.51 -10.71 40.02
N GLN A 480 34.07 -10.88 38.77
CA GLN A 480 33.99 -9.81 37.78
C GLN A 480 33.22 -8.61 38.33
N VAL A 481 32.22 -8.84 39.20
CA VAL A 481 31.35 -7.78 39.67
C VAL A 481 32.17 -6.72 40.42
N PHE A 482 33.25 -7.15 41.08
CA PHE A 482 34.09 -6.25 41.85
C PHE A 482 35.25 -5.69 41.02
N ASN A 483 35.22 -5.93 39.71
CA ASN A 483 36.33 -5.56 38.85
C ASN A 483 35.84 -4.86 37.61
N SER A 484 34.57 -4.44 37.56
CA SER A 484 33.93 -4.02 36.31
C SER A 484 33.42 -2.57 36.40
N TYR A 485 33.18 -2.05 37.60
CA TYR A 485 32.39 -0.82 37.74
C TYR A 485 33.18 0.24 38.53
N HIS A 486 34.36 0.62 38.02
CA HIS A 486 35.29 1.52 38.77
C HIS A 486 35.22 2.96 38.23
N SER A 487 34.71 3.15 37.01
CA SER A 487 34.39 4.50 36.56
C SER A 487 33.06 4.93 37.20
N GLU A 488 32.90 6.23 37.42
CA GLU A 488 31.66 6.70 37.97
C GLU A 488 30.53 6.43 36.96
N THR A 489 30.82 6.57 35.68
CA THR A 489 29.79 6.28 34.67
C THR A 489 29.29 4.82 34.83
N ASN A 490 30.22 3.89 35.07
CA ASN A 490 29.89 2.48 35.10
C ASN A 490 29.08 2.16 36.37
N ILE A 491 29.45 2.72 37.54
CA ILE A 491 28.77 2.35 38.78
C ILE A 491 27.33 2.91 38.72
N VAL A 492 27.15 4.11 38.15
CA VAL A 492 25.85 4.69 37.99
C VAL A 492 25.00 3.77 37.11
N ARG A 493 25.59 3.24 36.04
CA ARG A 493 24.83 2.39 35.14
C ARG A 493 24.44 1.05 35.83
N TYR A 494 25.35 0.50 36.63
CA TYR A 494 25.09 -0.77 37.32
C TYR A 494 23.97 -0.57 38.36
N MET A 495 24.05 0.50 39.16
CA MET A 495 23.05 0.82 40.16
C MET A 495 21.66 1.02 39.51
N LYS A 496 21.62 1.69 38.37
CA LYS A 496 20.38 1.91 37.65
C LYS A 496 19.84 0.58 37.09
N LYS A 497 20.74 -0.27 36.60
CA LYS A 497 20.33 -1.55 36.06
C LYS A 497 19.59 -2.39 37.12
N LEU A 498 20.18 -2.49 38.32
CA LEU A 498 19.57 -3.24 39.43
C LEU A 498 18.26 -2.57 39.87
N GLU A 499 18.28 -1.26 40.00
CA GLU A 499 17.10 -0.52 40.40
C GLU A 499 15.92 -0.85 39.47
N ASN A 500 16.18 -0.87 38.16
CA ASN A 500 15.11 -0.99 37.16
C ASN A 500 14.56 -2.42 37.09
N LYS A 501 15.25 -3.38 37.68
CA LYS A 501 14.76 -4.73 37.82
C LYS A 501 13.71 -4.83 38.93
N ASP A 502 13.59 -3.79 39.78
CA ASP A 502 12.86 -3.93 41.04
C ASP A 502 11.62 -3.03 41.03
N ILE A 503 10.44 -3.65 41.19
CA ILE A 503 9.23 -2.85 41.32
C ILE A 503 9.25 -2.18 42.71
N SER A 504 8.85 -0.92 42.77
CA SER A 504 8.92 -0.15 44.02
C SER A 504 7.77 0.87 44.03
N LEU A 505 7.72 1.76 45.02
CA LEU A 505 6.62 2.67 45.13
C LEU A 505 6.72 3.78 44.08
N VAL A 506 7.81 3.84 43.31
CA VAL A 506 7.86 4.76 42.14
C VAL A 506 7.01 4.21 40.99
N HIS A 507 6.55 2.94 41.07
CA HIS A 507 5.79 2.36 40.01
C HIS A 507 4.29 2.27 40.34
N SER A 508 3.95 1.60 41.43
CA SER A 508 2.59 1.24 41.71
C SER A 508 2.46 0.88 43.18
N MET A 509 1.22 0.81 43.66
CA MET A 509 0.94 0.40 45.02
C MET A 509 1.53 -0.97 45.28
N ILE A 510 2.14 -1.14 46.47
CA ILE A 510 2.63 -2.39 46.91
C ILE A 510 1.87 -2.74 48.17
N PRO A 511 0.72 -3.44 48.03
CA PRO A 511 -0.24 -3.58 49.12
C PRO A 511 0.09 -4.71 50.09
N LEU A 512 1.31 -4.67 50.65
CA LEU A 512 1.75 -5.74 51.52
C LEU A 512 1.10 -5.61 52.88
N GLY A 513 0.19 -6.55 53.18
CA GLY A 513 -0.29 -6.75 54.53
C GLY A 513 0.87 -6.88 55.50
N SER A 514 0.70 -6.23 56.65
CA SER A 514 1.67 -6.25 57.73
C SER A 514 2.92 -5.43 57.37
N CYS A 515 2.88 -4.54 56.35
CA CYS A 515 4.11 -3.78 56.00
C CYS A 515 3.91 -2.24 55.96
N THR A 516 2.69 -1.78 55.77
CA THR A 516 2.36 -0.34 55.73
C THR A 516 3.29 0.41 54.76
N MET A 517 3.15 0.07 53.47
CA MET A 517 3.93 0.60 52.40
C MET A 517 3.38 1.98 52.01
N LYS A 518 3.43 2.93 52.96
CA LYS A 518 2.96 4.30 52.74
C LYS A 518 4.09 5.19 52.16
N LEU A 519 3.75 6.46 51.93
CA LEU A 519 4.67 7.44 51.35
C LEU A 519 5.88 7.69 52.27
N ASN A 520 7.06 7.60 51.65
CA ASN A 520 8.32 8.02 52.20
C ASN A 520 8.68 9.34 51.50
N SER A 521 8.33 10.46 52.14
CA SER A 521 8.34 11.73 51.50
C SER A 521 9.76 12.28 51.42
N SER A 522 9.99 13.04 50.37
CA SER A 522 11.29 13.67 50.09
C SER A 522 11.73 14.56 51.26
N SER A 523 10.80 15.36 51.82
CA SER A 523 11.11 16.28 52.91
C SER A 523 11.48 15.48 54.19
N GLU A 524 10.81 14.34 54.41
CA GLU A 524 11.15 13.50 55.55
C GLU A 524 12.57 12.94 55.39
N LEU A 525 12.91 12.57 54.15
CA LEU A 525 14.12 11.85 53.87
C LEU A 525 15.35 12.76 53.79
N ALA A 526 15.16 14.01 53.34
CA ALA A 526 16.27 14.94 53.14
C ALA A 526 17.26 14.93 54.31
N PRO A 527 16.82 15.07 55.58
CA PRO A 527 17.78 15.31 56.64
C PRO A 527 18.69 14.13 56.99
N ILE A 528 18.36 12.92 56.54
CA ILE A 528 19.12 11.78 57.00
C ILE A 528 20.53 11.80 56.40
N THR A 529 20.72 12.55 55.30
CA THR A 529 22.07 12.73 54.77
C THR A 529 22.63 14.11 55.12
N TRP A 530 22.01 14.85 56.04
CA TRP A 530 22.65 16.07 56.56
C TRP A 530 23.84 15.66 57.42
N LYS A 531 24.94 16.40 57.28
CA LYS A 531 26.15 16.07 57.99
C LYS A 531 25.93 16.16 59.51
N GLU A 532 25.10 17.10 59.97
CA GLU A 532 24.88 17.29 61.40
C GLU A 532 24.14 16.08 61.99
N PHE A 533 23.48 15.27 61.17
CA PHE A 533 22.89 13.99 61.61
C PHE A 533 23.78 12.79 61.24
N ALA A 534 24.37 12.81 60.05
CA ALA A 534 24.99 11.62 59.48
C ALA A 534 26.43 11.39 60.00
N ASN A 535 27.11 12.47 60.38
CA ASN A 535 28.56 12.46 60.52
C ASN A 535 28.94 12.72 61.98
N ILE A 536 28.15 12.20 62.93
CA ILE A 536 28.48 12.27 64.33
C ILE A 536 28.72 10.85 64.84
N HIS A 537 29.84 10.63 65.50
CA HIS A 537 30.13 9.34 66.14
C HIS A 537 29.12 9.06 67.26
N PRO A 538 28.57 7.84 67.40
CA PRO A 538 27.54 7.60 68.43
C PRO A 538 28.00 7.89 69.86
N PHE A 539 29.32 7.87 70.10
CA PHE A 539 29.85 7.91 71.48
C PHE A 539 30.54 9.24 71.80
N VAL A 540 30.28 10.30 71.03
CA VAL A 540 30.81 11.62 71.37
C VAL A 540 30.31 12.03 72.76
N PRO A 541 31.02 12.96 73.45
CA PRO A 541 30.44 13.67 74.59
C PRO A 541 29.09 14.29 74.17
N LEU A 542 28.14 14.28 75.09
CA LEU A 542 26.78 14.64 74.80
C LEU A 542 26.65 16.14 74.46
N ASP A 543 27.62 16.96 74.87
CA ASP A 543 27.58 18.39 74.53
C ASP A 543 27.83 18.61 73.02
N GLN A 544 28.22 17.54 72.30
CA GLN A 544 28.37 17.61 70.82
C GLN A 544 27.11 17.08 70.11
N ALA A 545 26.11 16.58 70.86
CA ALA A 545 24.92 16.00 70.24
C ALA A 545 23.64 16.52 70.91
N GLN A 546 23.61 17.82 71.23
CA GLN A 546 22.45 18.41 71.92
C GLN A 546 21.28 18.53 70.93
N GLY A 547 21.59 18.66 69.64
CA GLY A 547 20.56 18.58 68.63
C GLY A 547 19.83 17.24 68.64
N TYR A 548 20.58 16.14 68.65
CA TYR A 548 19.99 14.83 68.78
C TYR A 548 19.16 14.75 70.06
N GLN A 549 19.65 15.30 71.17
CA GLN A 549 18.93 15.18 72.44
C GLN A 549 17.55 15.83 72.29
N GLN A 550 17.49 16.98 71.63
CA GLN A 550 16.22 17.68 71.44
C GLN A 550 15.32 16.84 70.54
N LEU A 551 15.89 16.31 69.45
CA LEU A 551 15.14 15.44 68.58
C LEU A 551 14.50 14.28 69.38
N PHE A 552 15.30 13.57 70.17
CA PHE A 552 14.82 12.45 70.93
C PHE A 552 13.68 12.89 71.86
N ARG A 553 13.88 13.98 72.62
CA ARG A 553 12.86 14.46 73.55
C ARG A 553 11.58 14.73 72.77
N GLU A 554 11.66 15.40 71.62
CA GLU A 554 10.46 15.81 70.91
C GLU A 554 9.71 14.61 70.34
N LEU A 555 10.48 13.67 69.74
CA LEU A 555 9.86 12.49 69.16
C LEU A 555 9.28 11.61 70.30
N GLU A 556 10.00 11.50 71.41
CA GLU A 556 9.51 10.75 72.55
C GLU A 556 8.15 11.29 72.99
N LYS A 557 8.07 12.62 73.16
CA LYS A 557 6.90 13.23 73.69
C LYS A 557 5.70 12.97 72.75
N ASP A 558 5.94 13.10 71.46
CA ASP A 558 4.91 12.87 70.45
C ASP A 558 4.49 11.39 70.46
N LEU A 559 5.45 10.49 70.52
CA LEU A 559 5.11 9.05 70.48
C LEU A 559 4.32 8.67 71.74
N CYS A 560 4.67 9.29 72.87
CA CYS A 560 3.99 9.02 74.14
C CYS A 560 2.51 9.40 74.02
N GLU A 561 2.25 10.57 73.43
CA GLU A 561 0.90 11.07 73.19
C GLU A 561 0.11 10.17 72.21
N LEU A 562 0.77 9.64 71.19
CA LEU A 562 0.08 8.78 70.17
C LEU A 562 -0.28 7.41 70.77
N THR A 563 0.43 7.00 71.81
CA THR A 563 0.37 5.64 72.30
C THR A 563 -0.24 5.54 73.70
N GLY A 564 -0.23 6.63 74.47
CA GLY A 564 -0.71 6.60 75.84
C GLY A 564 0.32 6.02 76.79
N TYR A 565 1.61 6.10 76.45
CA TYR A 565 2.67 5.62 77.33
C TYR A 565 3.42 6.79 77.94
N ASP A 566 4.27 6.50 78.92
CA ASP A 566 4.85 7.54 79.79
C ASP A 566 6.29 7.87 79.38
N GLN A 567 6.95 6.90 78.73
CA GLN A 567 8.34 7.01 78.39
C GLN A 567 8.59 6.18 77.12
N VAL A 568 9.52 6.64 76.28
CA VAL A 568 9.93 5.90 75.08
C VAL A 568 11.43 5.63 75.14
N CYS A 569 11.83 4.44 74.69
CA CYS A 569 13.20 4.04 74.60
C CYS A 569 13.51 3.75 73.12
N PHE A 570 14.52 4.41 72.57
CA PHE A 570 14.78 4.40 71.14
C PHE A 570 15.81 3.32 70.75
N GLN A 571 16.41 2.68 71.76
CA GLN A 571 17.49 1.78 71.52
C GLN A 571 17.09 0.65 70.56
N PRO A 572 15.89 0.04 70.63
CA PRO A 572 15.62 -1.14 69.77
C PRO A 572 15.56 -0.74 68.30
N ASN A 573 16.36 -1.42 67.45
CA ASN A 573 16.60 -0.99 66.07
C ASN A 573 15.88 -1.89 65.05
N SER A 574 14.80 -2.55 65.52
CA SER A 574 13.80 -3.19 64.70
C SER A 574 12.58 -3.48 65.58
N GLY A 575 11.45 -3.79 64.95
CA GLY A 575 10.24 -4.19 65.66
C GLY A 575 10.48 -5.38 66.59
N ALA A 576 11.17 -6.39 66.06
CA ALA A 576 11.46 -7.61 66.78
C ALA A 576 12.34 -7.27 67.97
N GLN A 577 13.29 -6.36 67.74
CA GLN A 577 14.15 -5.90 68.86
C GLN A 577 13.29 -5.19 69.91
N GLY A 578 12.28 -4.46 69.45
CA GLY A 578 11.37 -3.76 70.39
C GLY A 578 10.62 -4.78 71.25
N GLU A 579 10.14 -5.85 70.61
CA GLU A 579 9.41 -6.94 71.31
C GLU A 579 10.34 -7.59 72.33
N TYR A 580 11.56 -7.90 71.89
CA TYR A 580 12.55 -8.52 72.77
C TYR A 580 12.85 -7.59 73.95
N ALA A 581 13.12 -6.31 73.68
CA ALA A 581 13.41 -5.34 74.76
C ALA A 581 12.22 -5.25 75.70
N GLY A 582 11.02 -5.19 75.13
CA GLY A 582 9.79 -5.07 75.90
C GLY A 582 9.60 -6.21 76.88
N LEU A 583 9.71 -7.44 76.36
CA LEU A 583 9.58 -8.66 77.15
C LEU A 583 10.67 -8.70 78.24
N ALA A 584 11.90 -8.35 77.88
CA ALA A 584 13.01 -8.36 78.82
C ALA A 584 12.73 -7.37 79.98
N THR A 585 12.26 -6.16 79.63
CA THR A 585 11.86 -5.16 80.62
C THR A 585 10.75 -5.71 81.55
N ILE A 586 9.78 -6.42 80.98
CA ILE A 586 8.73 -7.05 81.75
C ILE A 586 9.34 -8.03 82.76
N ARG A 587 10.28 -8.85 82.30
CA ARG A 587 10.88 -9.85 83.16
C ARG A 587 11.70 -9.16 84.26
N ALA A 588 12.38 -8.05 83.92
CA ALA A 588 13.20 -7.35 84.91
C ALA A 588 12.30 -6.74 85.98
N TYR A 589 11.18 -6.14 85.54
CA TYR A 589 10.14 -5.66 86.45
C TYR A 589 9.67 -6.77 87.38
N LEU A 590 9.39 -7.95 86.81
CA LEU A 590 8.85 -9.07 87.60
C LEU A 590 9.91 -9.57 88.59
N ASN A 591 11.17 -9.65 88.13
CA ASN A 591 12.26 -10.09 88.97
C ASN A 591 12.41 -9.13 90.16
N GLN A 592 12.34 -7.83 89.88
CA GLN A 592 12.60 -6.81 90.89
C GLN A 592 11.54 -6.90 92.00
N LYS A 593 10.31 -7.26 91.64
CA LYS A 593 9.22 -7.24 92.60
C LYS A 593 9.01 -8.64 93.21
N GLY A 594 9.98 -9.54 93.06
CA GLY A 594 9.98 -10.84 93.75
C GLY A 594 9.16 -11.90 92.99
N GLU A 595 8.86 -11.64 91.72
CA GLU A 595 7.93 -12.51 90.97
C GLU A 595 8.68 -13.18 89.80
N GLY A 596 9.99 -13.44 89.97
CA GLY A 596 10.88 -13.91 88.91
C GLY A 596 10.51 -15.30 88.39
N HIS A 597 9.75 -16.05 89.18
CA HIS A 597 9.30 -17.39 88.82
C HIS A 597 8.31 -17.34 87.64
N ARG A 598 7.64 -16.19 87.42
CA ARG A 598 6.71 -16.03 86.28
C ARG A 598 7.50 -15.88 84.97
N THR A 599 7.44 -16.89 84.11
CA THR A 599 8.10 -16.82 82.83
C THR A 599 7.17 -17.18 81.65
N VAL A 600 5.91 -17.47 81.93
CA VAL A 600 5.00 -17.94 80.88
C VAL A 600 4.46 -16.74 80.10
N CYS A 601 4.55 -16.83 78.78
CA CYS A 601 4.06 -15.82 77.89
C CYS A 601 2.96 -16.41 77.01
N LEU A 602 1.74 -15.86 77.10
CA LEU A 602 0.61 -16.27 76.25
C LEU A 602 0.74 -15.51 74.92
N ILE A 603 0.65 -16.26 73.81
CA ILE A 603 0.72 -15.70 72.49
C ILE A 603 -0.37 -16.28 71.60
N PRO A 604 -1.40 -15.48 71.26
CA PRO A 604 -2.34 -15.87 70.22
C PRO A 604 -1.59 -16.27 68.94
N LYS A 605 -2.10 -17.31 68.27
CA LYS A 605 -1.52 -17.81 67.03
C LYS A 605 -1.67 -16.76 65.92
N SER A 606 -2.53 -15.75 66.13
CA SER A 606 -2.67 -14.66 65.18
C SER A 606 -1.44 -13.74 65.24
N ALA A 607 -0.81 -13.61 66.42
CA ALA A 607 0.29 -12.65 66.62
C ALA A 607 1.41 -12.87 65.59
N HIS A 608 2.04 -11.76 65.14
CA HIS A 608 3.16 -11.82 64.19
C HIS A 608 4.23 -12.82 64.70
N GLY A 609 4.89 -13.50 63.76
CA GLY A 609 5.86 -14.56 64.04
C GLY A 609 7.03 -14.08 64.87
N THR A 610 7.37 -12.79 64.76
CA THR A 610 8.40 -12.19 65.59
C THR A 610 8.07 -12.34 67.09
N ASN A 611 6.79 -12.26 67.43
CA ASN A 611 6.34 -12.28 68.84
C ASN A 611 6.86 -13.54 69.53
N PRO A 612 6.46 -14.77 69.11
CA PRO A 612 6.97 -16.01 69.72
C PRO A 612 8.50 -16.16 69.65
N ALA A 613 9.11 -15.78 68.52
CA ALA A 613 10.58 -15.82 68.40
C ALA A 613 11.24 -14.90 69.46
N SER A 614 10.65 -13.71 69.66
CA SER A 614 11.15 -12.75 70.64
C SER A 614 10.99 -13.28 72.05
N ALA A 615 9.82 -13.87 72.35
CA ALA A 615 9.58 -14.47 73.66
C ALA A 615 10.59 -15.58 73.93
N HIS A 616 10.88 -16.42 72.92
CA HIS A 616 11.89 -17.47 73.06
C HIS A 616 13.25 -16.83 73.34
N MET A 617 13.59 -15.79 72.58
CA MET A 617 14.87 -15.11 72.77
C MET A 617 14.97 -14.45 74.16
N ALA A 618 13.82 -14.08 74.75
CA ALA A 618 13.79 -13.44 76.07
C ALA A 618 13.64 -14.48 77.18
N GLY A 619 13.72 -15.77 76.82
CA GLY A 619 13.78 -16.89 77.77
C GLY A 619 12.43 -17.26 78.37
N MET A 620 11.36 -16.91 77.66
CA MET A 620 10.03 -17.16 78.18
C MET A 620 9.52 -18.51 77.69
N LYS A 621 8.60 -19.06 78.49
CA LYS A 621 7.89 -20.28 78.12
C LYS A 621 6.63 -19.84 77.37
N ILE A 622 6.52 -20.31 76.13
CA ILE A 622 5.46 -19.87 75.28
C ILE A 622 4.24 -20.79 75.45
N GLN A 623 3.10 -20.18 75.77
CA GLN A 623 1.82 -20.84 75.65
C GLN A 623 1.03 -20.22 74.50
N PRO A 624 0.93 -20.91 73.34
CA PRO A 624 0.04 -20.46 72.28
C PRO A 624 -1.41 -20.41 72.79
N VAL A 625 -2.15 -19.50 72.23
CA VAL A 625 -3.52 -19.35 72.53
C VAL A 625 -4.22 -19.45 71.22
N GLU A 626 -5.26 -20.25 71.16
CA GLU A 626 -5.97 -20.44 69.94
C GLU A 626 -6.79 -19.26 69.53
N VAL A 627 -7.08 -19.20 68.26
CA VAL A 627 -7.92 -18.18 67.72
C VAL A 627 -9.14 -18.86 67.20
N ASP A 628 -10.26 -18.19 67.34
CA ASP A 628 -11.51 -18.73 66.94
C ASP A 628 -11.80 -18.60 65.50
N LYS A 629 -12.94 -19.09 65.10
CA LYS A 629 -13.36 -19.10 63.75
C LYS A 629 -13.66 -17.75 63.12
N TYR A 630 -13.90 -16.74 63.93
CA TYR A 630 -14.11 -15.40 63.46
C TYR A 630 -12.81 -14.61 63.35
N GLY A 631 -11.72 -15.18 63.85
CA GLY A 631 -10.39 -14.64 63.75
C GLY A 631 -9.88 -13.97 64.96
N ASN A 632 -10.65 -14.11 66.02
CA ASN A 632 -10.43 -13.43 67.27
C ASN A 632 -9.69 -14.37 68.21
N ILE A 633 -9.04 -13.81 69.23
CA ILE A 633 -8.53 -14.65 70.31
C ILE A 633 -9.69 -15.49 70.85
N ASP A 634 -9.51 -16.81 70.86
CA ASP A 634 -10.51 -17.72 71.41
C ASP A 634 -10.65 -17.50 72.91
N ALA A 635 -11.83 -17.00 73.33
CA ALA A 635 -12.04 -16.57 74.71
C ALA A 635 -12.01 -17.78 75.66
N VAL A 636 -12.61 -18.88 75.23
CA VAL A 636 -12.65 -20.10 76.05
C VAL A 636 -11.21 -20.58 76.29
N HIS A 637 -10.41 -20.68 75.21
CA HIS A 637 -9.04 -21.16 75.34
C HIS A 637 -8.19 -20.18 76.15
N LEU A 638 -8.39 -18.87 75.91
CA LEU A 638 -7.62 -17.88 76.62
C LEU A 638 -7.85 -18.03 78.14
N LYS A 639 -9.13 -18.12 78.53
CA LYS A 639 -9.47 -18.24 79.95
C LYS A 639 -8.86 -19.51 80.56
N ALA A 640 -8.88 -20.60 79.79
CA ALA A 640 -8.28 -21.88 80.20
C ALA A 640 -6.75 -21.74 80.35
N MET A 641 -6.09 -21.01 79.46
CA MET A 641 -4.64 -20.98 79.52
C MET A 641 -4.21 -20.03 80.68
N VAL A 642 -5.05 -19.01 80.93
CA VAL A 642 -4.80 -18.09 82.05
C VAL A 642 -4.93 -18.87 83.35
N ASP A 643 -5.99 -19.69 83.43
CA ASP A 643 -6.24 -20.49 84.59
C ASP A 643 -5.07 -21.47 84.82
N LYS A 644 -4.67 -22.14 83.75
CA LYS A 644 -3.58 -23.11 83.79
C LYS A 644 -2.28 -22.45 84.28
N HIS A 645 -1.95 -21.25 83.78
CA HIS A 645 -0.63 -20.70 83.98
C HIS A 645 -0.63 -19.57 85.01
N LYS A 646 -1.76 -19.34 85.70
CA LYS A 646 -1.94 -18.08 86.47
C LYS A 646 -0.84 -17.89 87.54
N GLU A 647 -0.30 -18.97 88.11
CA GLU A 647 0.78 -18.84 89.08
C GLU A 647 2.06 -18.37 88.41
N ASN A 648 2.24 -18.70 87.13
CA ASN A 648 3.54 -18.52 86.46
C ASN A 648 3.46 -17.49 85.31
N LEU A 649 2.36 -16.74 85.25
CA LEU A 649 2.02 -15.92 84.11
C LEU A 649 2.82 -14.61 84.16
N ALA A 650 3.66 -14.39 83.13
CA ALA A 650 4.46 -13.19 83.01
C ALA A 650 3.78 -12.17 82.10
N ALA A 651 3.23 -12.61 80.97
CA ALA A 651 2.77 -11.66 79.98
C ALA A 651 1.84 -12.34 78.97
N ILE A 652 1.07 -11.48 78.29
CA ILE A 652 0.50 -11.81 76.99
C ILE A 652 1.13 -10.89 75.93
N MET A 653 1.21 -11.37 74.69
CA MET A 653 1.54 -10.56 73.52
C MET A 653 0.34 -10.56 72.56
N ILE A 654 -0.30 -9.40 72.41
CA ILE A 654 -1.44 -9.20 71.52
C ILE A 654 -0.98 -8.25 70.40
N THR A 655 -1.29 -8.61 69.15
CA THR A 655 -1.20 -7.68 68.05
C THR A 655 -2.60 -7.07 67.90
N TYR A 656 -2.70 -5.74 67.87
CA TYR A 656 -3.99 -5.11 67.84
C TYR A 656 -3.99 -3.88 66.92
N PRO A 657 -4.89 -3.83 65.93
CA PRO A 657 -5.67 -4.99 65.49
C PRO A 657 -4.75 -6.15 65.09
N SER A 658 -5.28 -7.37 65.09
CA SER A 658 -4.41 -8.56 64.87
C SER A 658 -4.09 -8.70 63.39
N THR A 659 -3.21 -9.67 63.11
CA THR A 659 -2.71 -9.98 61.82
C THR A 659 -3.82 -10.52 60.90
N ASN A 660 -4.95 -10.93 61.51
CA ASN A 660 -6.11 -11.44 60.81
C ASN A 660 -6.87 -10.25 60.20
N GLY A 661 -6.44 -9.00 60.48
CA GLY A 661 -7.01 -7.78 59.94
C GLY A 661 -8.16 -7.16 60.74
N VAL A 662 -8.42 -7.66 61.92
CA VAL A 662 -9.58 -7.24 62.70
C VAL A 662 -9.35 -6.71 64.09
N PHE A 663 -10.24 -5.83 64.51
CA PHE A 663 -10.20 -5.29 65.86
C PHE A 663 -11.02 -6.24 66.78
N GLU A 664 -10.43 -6.72 67.85
CA GLU A 664 -11.15 -7.57 68.79
C GLU A 664 -12.06 -6.67 69.62
N GLU A 665 -13.34 -7.01 69.70
CA GLU A 665 -14.31 -6.22 70.45
C GLU A 665 -14.03 -5.96 71.92
N ASN A 666 -13.34 -6.86 72.59
CA ASN A 666 -13.16 -6.71 74.01
C ASN A 666 -11.75 -6.89 74.47
N ILE A 667 -10.87 -6.05 73.94
CA ILE A 667 -9.45 -6.13 74.17
C ILE A 667 -9.15 -5.66 75.59
N SER A 668 -9.93 -4.69 76.13
CA SER A 668 -9.75 -4.26 77.52
C SER A 668 -9.93 -5.44 78.47
N ASP A 669 -10.92 -6.29 78.15
CA ASP A 669 -11.25 -7.43 78.99
C ASP A 669 -10.07 -8.42 78.99
N VAL A 670 -9.41 -8.60 77.84
CA VAL A 670 -8.25 -9.49 77.75
C VAL A 670 -7.14 -8.95 78.66
N CYS A 671 -6.92 -7.63 78.58
CA CYS A 671 -5.88 -6.97 79.35
C CYS A 671 -6.19 -7.10 80.84
N ASP A 672 -7.45 -6.88 81.24
CA ASP A 672 -7.88 -6.98 82.64
C ASP A 672 -7.63 -8.40 83.17
N LEU A 673 -7.92 -9.41 82.36
CA LEU A 673 -7.79 -10.82 82.77
C LEU A 673 -6.33 -11.16 83.08
N ILE A 674 -5.42 -10.69 82.22
CA ILE A 674 -4.00 -10.94 82.39
C ILE A 674 -3.48 -10.21 83.64
N HIS A 675 -3.87 -8.93 83.76
CA HIS A 675 -3.48 -8.14 84.90
C HIS A 675 -3.96 -8.78 86.20
N GLN A 676 -5.22 -9.24 86.23
CA GLN A 676 -5.81 -9.85 87.43
C GLN A 676 -5.01 -11.08 87.89
N HIS A 677 -4.24 -11.70 86.98
CA HIS A 677 -3.53 -12.95 87.27
C HIS A 677 -2.01 -12.73 87.31
N GLY A 678 -1.62 -11.44 87.47
CA GLY A 678 -0.28 -11.05 87.89
C GLY A 678 0.67 -10.82 86.72
N GLY A 679 0.13 -10.84 85.49
CA GLY A 679 0.92 -10.72 84.27
C GLY A 679 0.88 -9.30 83.71
N GLN A 680 1.80 -9.01 82.80
CA GLN A 680 1.89 -7.75 82.06
C GLN A 680 1.40 -7.93 80.63
N VAL A 681 0.97 -6.82 80.02
CA VAL A 681 0.43 -6.84 78.70
C VAL A 681 1.42 -6.15 77.75
N TYR A 682 1.98 -6.97 76.85
CA TYR A 682 2.74 -6.51 75.68
C TYR A 682 1.81 -6.40 74.47
N LEU A 683 1.71 -5.22 73.89
CA LEU A 683 0.90 -5.01 72.72
C LEU A 683 1.77 -4.58 71.51
N ASP A 684 1.80 -5.43 70.50
CA ASP A 684 2.56 -5.24 69.28
C ASP A 684 2.01 -4.04 68.58
N GLY A 685 2.75 -2.98 68.55
CA GLY A 685 2.29 -1.75 67.93
C GLY A 685 2.43 -1.56 66.44
N ALA A 686 2.95 -2.57 65.75
CA ALA A 686 3.18 -2.50 64.33
C ALA A 686 1.97 -2.23 63.50
N ASN A 687 0.80 -2.52 64.03
CA ASN A 687 -0.45 -2.23 63.34
C ASN A 687 -1.06 -0.90 63.84
N MET A 688 -0.23 0.01 64.32
CA MET A 688 -0.74 1.30 64.82
C MET A 688 -1.27 2.17 63.67
N ASN A 689 -1.08 1.76 62.39
CA ASN A 689 -1.61 2.59 61.30
C ASN A 689 -3.14 2.58 61.28
N ALA A 690 -3.75 1.64 62.02
CA ALA A 690 -5.21 1.57 62.22
C ALA A 690 -5.66 2.32 63.50
N GLN A 691 -4.73 2.85 64.29
CA GLN A 691 -5.03 3.38 65.63
C GLN A 691 -4.75 4.89 65.74
N VAL A 692 -3.66 5.35 65.11
CA VAL A 692 -3.13 6.70 65.45
C VAL A 692 -4.25 7.75 65.36
N GLY A 693 -4.48 8.46 66.46
CA GLY A 693 -5.44 9.58 66.47
C GLY A 693 -6.87 9.10 66.75
N ILE A 694 -7.06 7.79 66.98
CA ILE A 694 -8.40 7.24 67.16
C ILE A 694 -8.45 6.53 68.51
N CYS A 695 -7.46 5.67 68.78
CA CYS A 695 -7.32 4.95 70.06
C CYS A 695 -5.83 4.79 70.35
N ARG A 696 -5.53 4.44 71.60
CA ARG A 696 -4.16 4.37 72.08
C ARG A 696 -3.98 3.12 72.95
N PRO A 697 -3.00 2.25 72.65
CA PRO A 697 -2.84 1.00 73.38
C PRO A 697 -2.74 1.20 74.89
N GLY A 698 -2.06 2.26 75.29
CA GLY A 698 -1.90 2.54 76.73
C GLY A 698 -3.19 2.91 77.44
N ASP A 699 -4.22 3.32 76.71
CA ASP A 699 -5.50 3.66 77.31
C ASP A 699 -6.34 2.41 77.62
N PHE A 700 -6.12 1.30 76.91
CA PHE A 700 -7.04 0.22 77.02
C PHE A 700 -6.39 -0.99 77.70
N GLY A 701 -5.23 -0.76 78.35
CA GLY A 701 -4.72 -1.73 79.35
C GLY A 701 -3.40 -2.37 78.93
N SER A 702 -2.74 -1.85 77.88
CA SER A 702 -1.42 -2.30 77.54
C SER A 702 -0.35 -1.64 78.44
N ASP A 703 0.70 -2.40 78.78
CA ASP A 703 1.81 -1.92 79.62
C ASP A 703 3.01 -1.42 78.79
N VAL A 704 3.18 -1.96 77.57
CA VAL A 704 4.34 -1.71 76.76
C VAL A 704 4.01 -2.11 75.31
N SER A 705 4.50 -1.32 74.38
CA SER A 705 4.28 -1.53 72.98
C SER A 705 5.47 -1.03 72.21
N HIS A 706 5.90 -1.80 71.23
CA HIS A 706 6.90 -1.31 70.31
C HIS A 706 6.18 -0.71 69.12
N LEU A 707 6.86 0.17 68.44
CA LEU A 707 6.32 0.73 67.22
C LEU A 707 7.25 0.40 66.04
N ASN A 708 6.70 0.20 64.88
CA ASN A 708 7.51 0.09 63.69
C ASN A 708 7.53 1.46 63.00
N LEU A 709 8.58 2.20 63.24
CA LEU A 709 8.73 3.54 62.62
C LEU A 709 8.80 3.41 61.11
N HIS A 710 9.31 2.28 60.65
CA HIS A 710 9.41 1.87 59.24
C HIS A 710 8.12 1.39 58.60
N LYS A 711 7.06 1.36 59.37
CA LYS A 711 5.79 1.05 58.88
C LYS A 711 4.86 2.25 59.04
N THR A 712 4.51 2.54 60.29
CA THR A 712 3.51 3.54 60.58
C THR A 712 4.05 4.98 60.35
N PHE A 713 5.36 5.20 60.51
CA PHE A 713 5.92 6.57 60.64
C PHE A 713 7.01 6.86 59.59
N CYS A 714 6.89 6.18 58.44
CA CYS A 714 7.43 6.59 57.14
C CYS A 714 8.91 6.28 56.93
N ILE A 715 9.61 5.67 57.88
CA ILE A 715 10.98 5.27 57.58
C ILE A 715 10.90 4.28 56.40
N PRO A 716 11.75 4.44 55.37
CA PRO A 716 11.61 3.70 54.12
C PRO A 716 11.94 2.22 54.29
N HIS A 717 11.31 1.40 53.48
CA HIS A 717 11.41 -0.08 53.69
C HIS A 717 12.80 -0.61 53.26
N GLY A 718 13.46 0.09 52.34
CA GLY A 718 14.91 -0.08 52.14
C GLY A 718 15.29 -1.43 51.53
N GLY A 719 14.31 -2.14 50.95
CA GLY A 719 14.54 -3.49 50.41
C GLY A 719 14.72 -4.51 51.50
N GLY A 720 14.33 -4.15 52.73
CA GLY A 720 14.37 -5.13 53.86
C GLY A 720 15.11 -4.58 55.07
N GLY A 721 14.97 -3.29 55.31
CA GLY A 721 15.67 -2.54 56.36
C GLY A 721 16.29 -1.26 55.79
N PRO A 722 16.51 -0.20 56.60
CA PRO A 722 16.50 -0.28 58.06
C PRO A 722 15.14 -0.05 58.72
N GLY A 723 15.04 -0.44 59.97
CA GLY A 723 13.91 -0.10 60.78
C GLY A 723 14.33 0.50 62.10
N MET A 724 13.32 1.01 62.81
CA MET A 724 13.44 1.37 64.23
C MET A 724 12.19 0.90 65.00
N GLY A 725 12.44 0.32 66.17
CA GLY A 725 11.39 -0.36 66.95
C GLY A 725 11.36 0.19 68.36
N PRO A 726 11.15 1.52 68.56
CA PRO A 726 11.14 2.11 69.88
C PRO A 726 10.00 1.49 70.69
N ILE A 727 10.23 1.34 71.99
CA ILE A 727 9.18 0.88 72.90
C ILE A 727 8.72 2.05 73.79
N GLY A 728 7.40 2.19 73.87
CA GLY A 728 6.72 3.02 74.83
C GLY A 728 6.27 2.16 76.00
N VAL A 729 6.46 2.66 77.23
CA VAL A 729 6.08 1.89 78.42
C VAL A 729 5.28 2.76 79.38
N LYS A 730 4.46 2.11 80.20
CA LYS A 730 3.90 2.73 81.38
C LYS A 730 5.03 2.95 82.39
N LYS A 731 4.86 3.95 83.28
CA LYS A 731 5.95 4.41 84.11
C LYS A 731 6.42 3.31 85.08
N HIS A 732 5.57 2.37 85.44
CA HIS A 732 5.99 1.25 86.31
C HIS A 732 7.07 0.40 85.62
N LEU A 733 7.12 0.37 84.28
CA LEU A 733 8.16 -0.37 83.58
C LEU A 733 9.42 0.48 83.32
N ALA A 734 9.31 1.82 83.45
CA ALA A 734 10.36 2.79 82.98
C ALA A 734 11.71 2.52 83.62
N PRO A 735 11.80 2.28 84.95
CA PRO A 735 13.09 2.07 85.59
C PRO A 735 13.90 0.89 85.02
N PHE A 736 13.25 0.00 84.28
CA PHE A 736 13.88 -1.24 83.84
C PHE A 736 14.25 -1.18 82.35
N LEU A 737 14.07 -0.03 81.73
CA LEU A 737 14.37 0.17 80.30
C LEU A 737 15.86 -0.05 80.04
N PRO A 738 16.23 -0.46 78.80
CA PRO A 738 17.62 -0.64 78.43
C PRO A 738 18.49 0.59 78.73
N ASN A 739 19.74 0.37 79.18
CA ASN A 739 20.71 1.45 79.11
C ASN A 739 21.87 0.99 78.22
N HIS A 740 23.04 1.61 78.40
CA HIS A 740 24.16 1.45 77.49
C HIS A 740 25.43 1.68 78.28
N PRO A 741 26.47 0.85 78.11
CA PRO A 741 27.68 0.97 78.92
C PRO A 741 28.59 2.15 78.53
N VAL A 742 28.37 2.79 77.39
CA VAL A 742 29.24 3.94 76.97
C VAL A 742 28.53 5.28 77.23
N ILE A 743 27.27 5.40 76.83
CA ILE A 743 26.46 6.61 77.03
C ILE A 743 25.24 6.27 77.91
N SER A 744 25.18 6.87 79.10
CA SER A 744 24.13 6.56 80.11
C SER A 744 22.76 7.11 79.71
N LEU A 745 21.76 6.21 79.75
CA LEU A 745 20.34 6.41 79.42
C LEU A 745 19.45 6.45 80.68
N LYS A 746 20.02 6.39 81.90
CA LYS A 746 19.20 6.38 83.16
C LYS A 746 18.59 7.78 83.43
N ARG A 747 17.29 7.78 83.73
CA ARG A 747 16.48 8.98 84.00
C ARG A 747 16.38 9.20 85.52
N ASN A 748 16.32 8.09 86.29
CA ASN A 748 16.01 8.08 87.73
C ASN A 748 17.19 7.49 88.52
N GLU A 749 17.14 7.71 89.84
CA GLU A 749 17.98 7.02 90.82
C GLU A 749 17.40 5.64 91.09
N ASP A 750 16.13 5.46 90.72
CA ASP A 750 15.37 4.21 90.82
C ASP A 750 15.82 3.19 89.75
N ALA A 751 16.78 3.52 88.89
CA ALA A 751 17.01 2.78 87.63
C ALA A 751 17.50 1.36 87.92
N CYS A 752 16.97 0.42 87.16
CA CYS A 752 17.28 -0.99 87.31
C CYS A 752 17.27 -1.62 85.92
N PRO A 753 18.18 -1.21 85.03
CA PRO A 753 18.06 -1.52 83.61
C PRO A 753 18.10 -3.03 83.34
N VAL A 754 17.24 -3.48 82.43
CA VAL A 754 17.23 -4.83 81.91
C VAL A 754 18.63 -5.22 81.40
N GLY A 755 19.33 -4.26 80.76
CA GLY A 755 20.59 -4.53 80.09
C GLY A 755 20.73 -3.63 78.86
N THR A 756 21.46 -4.12 77.84
CA THR A 756 21.63 -3.39 76.60
C THR A 756 21.22 -4.29 75.43
N VAL A 757 20.31 -3.81 74.57
CA VAL A 757 19.79 -4.65 73.46
C VAL A 757 20.42 -4.20 72.12
N SER A 758 20.89 -2.97 72.01
CA SER A 758 21.54 -2.52 70.75
C SER A 758 22.96 -2.00 70.99
N ALA A 759 23.79 -2.04 69.93
CA ALA A 759 25.19 -1.60 70.01
C ALA A 759 25.30 -0.10 70.33
N ALA A 760 24.35 0.70 69.85
CA ALA A 760 24.34 2.15 70.04
C ALA A 760 23.20 2.54 70.95
N PRO A 761 23.36 3.55 71.83
CA PRO A 761 22.37 3.86 72.87
C PRO A 761 20.96 4.20 72.38
N TRP A 762 20.83 4.94 71.26
CA TRP A 762 19.54 5.24 70.63
C TRP A 762 19.42 4.55 69.26
N GLY A 763 20.11 3.43 69.09
CA GLY A 763 20.02 2.68 67.86
C GLY A 763 20.40 3.52 66.65
N SER A 764 19.62 3.40 65.57
CA SER A 764 19.92 4.08 64.32
C SER A 764 19.38 5.52 64.37
N SER A 765 20.10 6.38 65.09
CA SER A 765 19.60 7.73 65.42
C SER A 765 19.32 8.56 64.16
N SER A 766 20.15 8.39 63.14
CA SER A 766 20.14 9.31 61.97
C SER A 766 18.87 9.15 61.14
N ILE A 767 18.04 8.10 61.37
CA ILE A 767 16.81 7.96 60.56
C ILE A 767 15.58 8.38 61.38
N LEU A 768 15.76 8.67 62.67
CA LEU A 768 14.66 9.17 63.50
C LEU A 768 14.11 10.47 62.95
N PRO A 769 14.89 11.37 62.31
CA PRO A 769 14.31 12.61 61.80
C PRO A 769 13.13 12.41 60.83
N ILE A 770 13.11 11.28 60.13
CA ILE A 770 12.05 10.94 59.18
C ILE A 770 10.71 10.93 59.91
N SER A 771 10.62 10.20 61.03
CA SER A 771 9.37 10.03 61.77
C SER A 771 9.03 11.34 62.49
N TRP A 772 10.04 12.02 63.00
CA TRP A 772 9.84 13.31 63.67
C TRP A 772 9.17 14.25 62.65
N ALA A 773 9.69 14.25 61.39
CA ALA A 773 9.21 15.16 60.32
C ALA A 773 7.77 14.83 59.93
N TYR A 774 7.48 13.53 59.74
CA TYR A 774 6.13 13.08 59.44
C TYR A 774 5.18 13.58 60.53
N ILE A 775 5.54 13.32 61.77
CA ILE A 775 4.64 13.68 62.90
C ILE A 775 4.45 15.21 62.96
N LYS A 776 5.53 15.95 62.83
CA LYS A 776 5.45 17.41 62.96
C LYS A 776 4.71 18.05 61.79
N MET A 777 4.75 17.43 60.60
CA MET A 777 4.03 18.01 59.46
C MET A 777 2.55 17.61 59.49
N MET A 778 2.23 16.43 60.02
CA MET A 778 0.87 15.93 59.95
C MET A 778 0.04 16.58 61.07
N GLY A 779 0.66 16.72 62.24
CA GLY A 779 -0.02 17.20 63.43
C GLY A 779 -1.11 16.25 63.89
N GLY A 780 -1.93 16.70 64.84
CA GLY A 780 -2.99 15.90 65.39
C GLY A 780 -4.07 15.55 64.39
N LYS A 781 -4.48 16.54 63.59
CA LYS A 781 -5.54 16.40 62.63
C LYS A 781 -5.07 15.49 61.48
N GLY A 782 -3.85 15.73 60.99
CA GLY A 782 -3.34 14.97 59.89
C GLY A 782 -3.16 13.49 60.22
N LEU A 783 -2.57 13.20 61.38
CA LEU A 783 -2.27 11.83 61.76
C LEU A 783 -3.59 11.04 61.84
N LYS A 784 -4.62 11.67 62.43
CA LYS A 784 -5.94 11.07 62.51
C LYS A 784 -6.47 10.77 61.11
N GLN A 785 -6.39 11.74 60.19
CA GLN A 785 -6.91 11.61 58.84
C GLN A 785 -6.21 10.44 58.13
N ALA A 786 -4.92 10.24 58.45
CA ALA A 786 -4.12 9.22 57.82
C ALA A 786 -4.68 7.85 58.19
N THR A 787 -4.88 7.64 59.49
CA THR A 787 -5.47 6.41 60.01
C THR A 787 -6.86 6.18 59.44
N GLU A 788 -7.69 7.24 59.47
CA GLU A 788 -9.05 7.16 58.96
C GLU A 788 -9.02 6.68 57.52
N THR A 789 -8.11 7.23 56.73
CA THR A 789 -8.07 6.94 55.32
C THR A 789 -7.44 5.56 55.07
N ALA A 790 -6.48 5.13 55.91
CA ALA A 790 -5.96 3.77 55.83
C ALA A 790 -7.12 2.77 55.99
N ILE A 791 -8.03 3.07 56.93
CA ILE A 791 -9.14 2.18 57.25
C ILE A 791 -10.16 2.24 56.11
N LEU A 792 -10.40 3.44 55.58
CA LEU A 792 -11.34 3.63 54.50
C LEU A 792 -10.86 2.84 53.29
N ASN A 793 -9.58 3.03 52.95
CA ASN A 793 -8.97 2.42 51.74
C ASN A 793 -9.06 0.89 51.82
N ALA A 794 -8.74 0.34 52.99
CA ALA A 794 -8.78 -1.12 53.15
C ALA A 794 -10.23 -1.62 53.01
N ASN A 795 -11.18 -0.92 53.63
CA ASN A 795 -12.56 -1.38 53.63
C ASN A 795 -13.16 -1.20 52.24
N TYR A 796 -12.77 -0.13 51.52
CA TYR A 796 -13.27 0.09 50.17
C TYR A 796 -12.85 -1.09 49.30
N MET A 797 -11.58 -1.50 49.40
CA MET A 797 -11.05 -2.59 48.60
C MET A 797 -11.77 -3.89 48.96
N ALA A 798 -11.90 -4.15 50.26
CA ALA A 798 -12.62 -5.34 50.73
C ALA A 798 -14.03 -5.39 50.13
N LYS A 799 -14.73 -4.26 50.17
CA LYS A 799 -16.09 -4.16 49.67
C LYS A 799 -16.11 -4.54 48.18
N ARG A 800 -15.16 -3.99 47.41
CA ARG A 800 -15.16 -4.17 45.98
C ARG A 800 -14.89 -5.65 45.63
N LEU A 801 -14.16 -6.35 46.50
CA LEU A 801 -13.62 -7.68 46.17
C LEU A 801 -14.51 -8.81 46.75
N GLU A 802 -15.44 -8.48 47.63
CA GLU A 802 -16.01 -9.45 48.56
C GLU A 802 -16.91 -10.49 47.86
N THR A 803 -17.41 -10.18 46.66
CA THR A 803 -18.25 -11.07 45.92
C THR A 803 -17.40 -11.90 44.94
N HIS A 804 -16.11 -11.62 44.87
CA HIS A 804 -15.20 -12.33 43.97
C HIS A 804 -14.26 -13.24 44.77
N TYR A 805 -13.88 -12.78 45.96
CA TYR A 805 -13.02 -13.49 46.88
C TYR A 805 -13.65 -13.42 48.27
N ARG A 806 -13.48 -14.46 49.08
CA ARG A 806 -13.96 -14.41 50.43
C ARG A 806 -13.01 -13.53 51.25
N ILE A 807 -13.59 -12.54 51.94
CA ILE A 807 -12.87 -11.83 52.99
C ILE A 807 -12.83 -12.73 54.22
N LEU A 808 -11.63 -13.16 54.65
CA LEU A 808 -11.57 -14.32 55.54
C LEU A 808 -12.08 -13.92 56.92
N PHE A 809 -11.66 -12.74 57.41
CA PHE A 809 -12.10 -12.30 58.73
C PHE A 809 -12.59 -10.86 58.68
N ARG A 810 -13.60 -10.55 59.52
CA ARG A 810 -14.15 -9.20 59.67
C ARG A 810 -14.45 -8.91 61.14
N GLY A 811 -14.52 -7.63 61.51
CA GLY A 811 -14.91 -7.19 62.83
C GLY A 811 -16.37 -7.49 63.12
N ALA A 812 -16.79 -7.16 64.34
CA ALA A 812 -18.10 -7.54 64.85
C ALA A 812 -19.23 -6.88 64.04
N ARG A 813 -18.94 -5.81 63.29
CA ARG A 813 -20.00 -5.15 62.52
C ARG A 813 -19.65 -5.24 61.03
N GLY A 814 -18.70 -6.13 60.71
CA GLY A 814 -18.42 -6.51 59.34
C GLY A 814 -17.32 -5.68 58.68
N TYR A 815 -16.60 -4.88 59.48
CA TYR A 815 -15.54 -4.00 58.93
C TYR A 815 -14.16 -4.56 59.31
N VAL A 816 -13.18 -4.32 58.44
CA VAL A 816 -11.79 -4.60 58.74
C VAL A 816 -11.10 -3.30 59.18
N GLY A 817 -9.84 -3.44 59.62
CA GLY A 817 -8.97 -2.36 60.03
C GLY A 817 -8.32 -1.70 58.82
N HIS A 818 -6.98 -1.67 58.82
CA HIS A 818 -6.19 -1.13 57.73
C HIS A 818 -5.79 -2.22 56.72
N GLU A 819 -6.09 -3.48 57.03
CA GLU A 819 -5.68 -4.61 56.18
C GLU A 819 -6.72 -5.75 56.30
N PHE A 820 -6.73 -6.66 55.32
CA PHE A 820 -7.67 -7.78 55.31
C PHE A 820 -7.09 -8.95 54.52
N ILE A 821 -7.70 -10.13 54.68
CA ILE A 821 -7.25 -11.36 54.03
C ILE A 821 -8.27 -11.80 52.99
N LEU A 822 -7.76 -12.18 51.82
CA LEU A 822 -8.50 -12.77 50.74
C LEU A 822 -8.24 -14.28 50.78
N ASP A 823 -9.30 -15.07 50.93
CA ASP A 823 -9.15 -16.48 51.03
C ASP A 823 -9.21 -17.08 49.64
N THR A 824 -8.03 -17.37 49.09
CA THR A 824 -7.84 -17.94 47.77
C THR A 824 -7.86 -19.49 47.82
N ARG A 825 -7.99 -20.06 49.02
CA ARG A 825 -7.84 -21.53 49.20
C ARG A 825 -8.83 -22.33 48.36
N PRO A 826 -10.12 -21.96 48.25
CA PRO A 826 -11.07 -22.80 47.52
C PRO A 826 -10.69 -23.05 46.05
N PHE A 827 -9.84 -22.18 45.49
CA PHE A 827 -9.51 -22.25 44.07
C PHE A 827 -8.55 -23.41 43.79
N LYS A 828 -7.94 -23.95 44.85
CA LYS A 828 -7.11 -25.12 44.73
C LYS A 828 -7.98 -26.29 44.24
N LYS A 829 -9.10 -26.51 44.91
CA LYS A 829 -9.99 -27.62 44.53
C LYS A 829 -10.68 -27.29 43.20
N SER A 830 -11.14 -26.04 43.02
CA SER A 830 -11.99 -25.72 41.86
C SER A 830 -11.17 -25.62 40.56
N ALA A 831 -9.90 -25.20 40.65
CA ALA A 831 -9.17 -24.77 39.43
C ALA A 831 -7.67 -25.13 39.47
N ASN A 832 -7.23 -25.83 40.51
CA ASN A 832 -5.82 -26.11 40.76
C ASN A 832 -5.03 -24.81 40.76
N ILE A 833 -5.62 -23.74 41.32
CA ILE A 833 -4.98 -22.45 41.45
C ILE A 833 -4.62 -22.24 42.93
N GLU A 834 -3.38 -21.79 43.15
CA GLU A 834 -2.85 -21.52 44.48
C GLU A 834 -2.56 -20.03 44.60
N ALA A 835 -2.37 -19.59 45.84
CA ALA A 835 -2.10 -18.19 46.15
C ALA A 835 -0.93 -17.67 45.30
N VAL A 836 0.13 -18.48 45.17
CA VAL A 836 1.35 -18.16 44.40
C VAL A 836 0.97 -17.81 42.95
N ASP A 837 0.01 -18.53 42.36
CA ASP A 837 -0.35 -18.28 40.97
C ASP A 837 -0.93 -16.88 40.83
N VAL A 838 -1.79 -16.51 41.80
CA VAL A 838 -2.40 -15.18 41.82
C VAL A 838 -1.30 -14.14 42.01
N ALA A 839 -0.34 -14.40 42.90
CA ALA A 839 0.71 -13.48 43.24
C ALA A 839 1.57 -13.17 42.01
N LYS A 840 1.93 -14.21 41.25
CA LYS A 840 2.75 -14.07 40.08
C LYS A 840 1.98 -13.41 38.95
N ARG A 841 0.70 -13.75 38.82
CA ARG A 841 -0.12 -13.20 37.76
C ARG A 841 -0.33 -11.70 38.00
N LEU A 842 -0.42 -11.28 39.26
CA LEU A 842 -0.51 -9.83 39.59
C LEU A 842 0.64 -9.04 38.94
N GLN A 843 1.83 -9.66 38.84
CA GLN A 843 2.99 -9.01 38.27
C GLN A 843 2.71 -8.60 36.82
N ASP A 844 1.96 -9.42 36.08
CA ASP A 844 1.65 -9.17 34.69
C ASP A 844 0.71 -7.96 34.60
N TYR A 845 -0.06 -7.72 35.67
CA TYR A 845 -0.97 -6.59 35.78
C TYR A 845 -0.27 -5.36 36.35
N GLY A 846 1.04 -5.43 36.61
CA GLY A 846 1.85 -4.29 37.05
C GLY A 846 1.85 -4.10 38.57
N PHE A 847 1.57 -5.16 39.34
CA PHE A 847 1.53 -5.08 40.79
C PHE A 847 2.41 -6.14 41.42
N HIS A 848 3.23 -5.71 42.37
CA HIS A 848 3.79 -6.55 43.41
C HIS A 848 2.61 -7.21 44.16
N ALA A 849 2.73 -8.49 44.46
CA ALA A 849 1.67 -9.18 45.18
C ALA A 849 1.46 -8.57 46.57
N PRO A 850 0.27 -8.75 47.18
CA PRO A 850 0.13 -8.51 48.61
C PRO A 850 0.93 -9.56 49.38
N THR A 851 0.84 -9.55 50.71
CA THR A 851 1.52 -10.51 51.54
C THR A 851 0.97 -11.91 51.22
N MET A 852 1.88 -12.82 50.84
CA MET A 852 1.57 -14.10 50.13
C MET A 852 1.72 -15.22 51.16
N SER A 853 0.58 -15.85 51.53
CA SER A 853 0.54 -17.14 52.25
C SER A 853 0.89 -16.96 53.73
N TRP A 854 0.62 -15.76 54.23
CA TRP A 854 0.83 -15.39 55.61
C TRP A 854 -0.23 -14.34 55.96
N PRO A 855 -0.76 -14.32 57.19
CA PRO A 855 -0.47 -15.31 58.22
C PRO A 855 -1.20 -16.66 58.07
N VAL A 856 -2.04 -16.80 57.04
CA VAL A 856 -2.78 -18.02 56.74
C VAL A 856 -2.27 -18.56 55.40
N ALA A 857 -1.78 -19.80 55.42
CA ALA A 857 -1.32 -20.50 54.23
C ALA A 857 -2.42 -20.45 53.15
N GLY A 858 -2.03 -20.08 51.94
CA GLY A 858 -2.89 -20.18 50.77
C GLY A 858 -3.77 -18.95 50.60
N THR A 859 -3.50 -17.88 51.37
CA THR A 859 -4.28 -16.67 51.30
C THR A 859 -3.37 -15.50 50.93
N LEU A 860 -3.98 -14.34 50.72
CA LEU A 860 -3.29 -13.10 50.44
C LEU A 860 -3.75 -12.02 51.45
N MET A 861 -2.81 -11.23 51.98
CA MET A 861 -3.17 -10.19 52.94
C MET A 861 -2.81 -8.82 52.37
N VAL A 862 -3.82 -7.95 52.33
CA VAL A 862 -3.86 -6.80 51.51
C VAL A 862 -3.92 -5.58 52.42
N GLU A 863 -2.95 -4.68 52.27
CA GLU A 863 -2.90 -3.41 53.04
C GLU A 863 -2.50 -2.27 52.11
N PRO A 864 -3.46 -1.43 51.67
CA PRO A 864 -3.15 -0.35 50.74
C PRO A 864 -2.43 0.87 51.33
N THR A 865 -2.74 1.23 52.58
CA THR A 865 -2.29 2.47 53.26
C THR A 865 -3.09 3.66 52.76
N GLU A 866 -3.05 4.76 53.51
CA GLU A 866 -3.71 6.00 53.19
C GLU A 866 -3.06 6.75 52.00
N SER A 867 -1.85 6.35 51.58
CA SER A 867 -1.05 7.14 50.65
C SER A 867 -1.45 6.92 49.20
N GLU A 868 -2.23 5.87 48.92
CA GLU A 868 -2.63 5.51 47.58
C GLU A 868 -4.04 6.05 47.32
N ASP A 869 -4.30 6.53 46.10
CA ASP A 869 -5.60 7.14 45.85
C ASP A 869 -6.59 6.13 45.25
N LYS A 870 -7.82 6.59 45.00
CA LYS A 870 -8.90 5.70 44.63
C LYS A 870 -8.59 5.02 43.28
N ALA A 871 -8.05 5.80 42.34
CA ALA A 871 -7.74 5.31 41.02
C ALA A 871 -6.79 4.10 41.14
N GLU A 872 -5.82 4.19 42.05
CA GLU A 872 -4.83 3.16 42.21
C GLU A 872 -5.46 1.94 42.89
N LEU A 873 -6.30 2.16 43.91
CA LEU A 873 -7.01 1.05 44.55
C LEU A 873 -7.85 0.29 43.52
N ASP A 874 -8.51 1.05 42.63
CA ASP A 874 -9.42 0.51 41.66
C ASP A 874 -8.65 -0.30 40.60
N ARG A 875 -7.46 0.18 40.21
CA ARG A 875 -6.63 -0.57 39.31
C ARG A 875 -6.31 -1.94 39.94
N PHE A 876 -5.96 -1.95 41.24
CA PHE A 876 -5.62 -3.18 41.88
C PHE A 876 -6.85 -4.11 42.00
N CYS A 877 -8.00 -3.55 42.38
CA CYS A 877 -9.22 -4.38 42.51
C CYS A 877 -9.67 -4.91 41.14
N ASP A 878 -9.55 -4.06 40.11
CA ASP A 878 -9.90 -4.46 38.77
C ASP A 878 -9.00 -5.63 38.32
N ALA A 879 -7.71 -5.57 38.65
CA ALA A 879 -6.78 -6.66 38.35
C ALA A 879 -7.23 -7.95 39.07
N MET A 880 -7.61 -7.84 40.34
CA MET A 880 -8.02 -9.03 41.08
C MET A 880 -9.32 -9.60 40.49
N ILE A 881 -10.24 -8.73 40.07
CA ILE A 881 -11.53 -9.16 39.49
C ILE A 881 -11.29 -9.82 38.12
N SER A 882 -10.37 -9.25 37.32
CA SER A 882 -9.99 -9.83 36.06
C SER A 882 -9.37 -11.24 36.28
N ILE A 883 -8.53 -11.36 37.30
CA ILE A 883 -7.87 -12.62 37.64
C ILE A 883 -8.92 -13.63 38.09
N ARG A 884 -9.95 -13.16 38.81
CA ARG A 884 -11.02 -14.03 39.29
C ARG A 884 -11.73 -14.68 38.11
N GLN A 885 -11.91 -13.89 37.05
CA GLN A 885 -12.53 -14.32 35.85
C GLN A 885 -11.60 -15.33 35.13
N GLU A 886 -10.28 -15.19 35.29
CA GLU A 886 -9.33 -16.14 34.70
C GLU A 886 -9.47 -17.49 35.42
N ILE A 887 -9.66 -17.43 36.74
CA ILE A 887 -9.89 -18.61 37.55
C ILE A 887 -11.20 -19.27 37.11
N ALA A 888 -12.24 -18.45 36.91
CA ALA A 888 -13.54 -18.95 36.44
C ALA A 888 -13.41 -19.61 35.06
N ASP A 889 -12.47 -19.15 34.22
CA ASP A 889 -12.28 -19.77 32.91
C ASP A 889 -11.72 -21.18 33.10
N ILE A 890 -10.83 -21.33 34.08
CA ILE A 890 -10.27 -22.63 34.35
C ILE A 890 -11.38 -23.52 34.95
N GLU A 891 -12.10 -23.00 35.96
CA GLU A 891 -13.18 -23.71 36.68
C GLU A 891 -14.15 -24.32 35.65
N GLU A 892 -14.49 -23.55 34.61
CA GLU A 892 -15.58 -23.86 33.70
C GLU A 892 -15.05 -24.49 32.40
N GLY A 893 -13.77 -24.86 32.37
CA GLY A 893 -13.18 -25.65 31.29
C GLY A 893 -13.08 -24.86 29.98
N ARG A 894 -12.95 -23.54 30.06
CA ARG A 894 -12.85 -22.69 28.86
C ARG A 894 -11.38 -22.54 28.43
N ILE A 895 -10.43 -22.90 29.30
CA ILE A 895 -9.01 -22.83 28.96
C ILE A 895 -8.29 -24.03 29.60
N ASP A 896 -7.18 -24.45 28.98
CA ASP A 896 -6.33 -25.52 29.48
C ASP A 896 -6.03 -25.28 30.95
N PRO A 897 -6.23 -26.27 31.84
CA PRO A 897 -5.99 -26.09 33.27
C PRO A 897 -4.51 -26.15 33.68
N ARG A 898 -3.63 -26.59 32.77
CA ARG A 898 -2.19 -26.70 33.03
C ARG A 898 -1.46 -25.49 32.43
N VAL A 899 -1.88 -25.07 31.23
CA VAL A 899 -1.21 -24.01 30.48
C VAL A 899 -2.20 -22.85 30.33
N ASN A 900 -2.13 -21.89 31.24
CA ASN A 900 -3.00 -20.71 31.21
C ASN A 900 -2.23 -19.55 31.85
N PRO A 901 -2.69 -18.29 31.71
CA PRO A 901 -1.93 -17.14 32.19
C PRO A 901 -1.50 -17.29 33.65
N LEU A 902 -2.42 -17.76 34.49
CA LEU A 902 -2.17 -17.93 35.90
C LEU A 902 -1.02 -18.90 36.18
N LYS A 903 -1.02 -20.08 35.55
CA LYS A 903 0.01 -21.06 35.84
C LYS A 903 1.35 -20.67 35.20
N MET A 904 1.31 -19.95 34.06
CA MET A 904 2.50 -19.60 33.31
C MET A 904 3.10 -18.26 33.82
N SER A 905 2.42 -17.58 34.73
CA SER A 905 2.89 -16.27 35.23
C SER A 905 4.14 -16.50 36.08
N PRO A 906 5.05 -15.50 36.16
CA PRO A 906 4.90 -14.24 35.42
C PRO A 906 5.40 -14.36 33.97
N HIS A 907 4.97 -13.41 33.14
CA HIS A 907 5.36 -13.36 31.73
C HIS A 907 6.49 -12.34 31.54
N SER A 908 7.71 -12.87 31.36
CA SER A 908 8.92 -12.10 31.15
C SER A 908 8.91 -11.51 29.74
N LEU A 909 9.77 -10.49 29.53
CA LEU A 909 9.98 -9.88 28.24
C LEU A 909 10.41 -10.94 27.23
N THR A 910 11.29 -11.85 27.68
CA THR A 910 11.82 -12.86 26.78
C THR A 910 10.68 -13.73 26.29
N CYS A 911 9.81 -14.12 27.20
CA CYS A 911 8.68 -14.97 26.91
C CYS A 911 7.78 -14.30 25.87
N VAL A 912 7.44 -13.02 26.09
CA VAL A 912 6.39 -12.37 25.32
C VAL A 912 6.92 -11.84 23.97
N THR A 913 8.23 -11.68 23.82
CA THR A 913 8.83 -11.17 22.58
C THR A 913 9.39 -12.30 21.71
N SER A 914 9.37 -13.54 22.20
CA SER A 914 9.95 -14.68 21.47
C SER A 914 9.22 -14.92 20.14
N SER A 915 9.95 -15.44 19.15
CA SER A 915 9.36 -15.85 17.87
C SER A 915 8.41 -17.02 18.10
N HIS A 916 8.80 -17.92 19.01
CA HIS A 916 8.06 -19.12 19.42
C HIS A 916 6.97 -18.68 20.42
N TRP A 917 5.70 -18.90 20.08
CA TRP A 917 4.58 -18.67 21.01
C TRP A 917 3.55 -19.80 20.90
N ASP A 918 3.52 -20.70 21.90
CA ASP A 918 2.63 -21.84 21.87
C ASP A 918 1.76 -21.88 23.13
N ARG A 919 1.16 -20.73 23.46
CA ARG A 919 0.22 -20.63 24.56
C ARG A 919 -1.19 -20.53 23.97
N PRO A 920 -2.22 -21.07 24.65
CA PRO A 920 -3.59 -20.95 24.17
C PRO A 920 -4.27 -19.65 24.59
N TYR A 921 -3.47 -18.62 24.88
CA TYR A 921 -3.96 -17.26 25.12
C TYR A 921 -3.00 -16.31 24.42
N SER A 922 -3.43 -15.05 24.19
CA SER A 922 -2.62 -14.11 23.37
C SER A 922 -1.46 -13.52 24.18
N ARG A 923 -0.49 -12.94 23.46
CA ARG A 923 0.59 -12.17 24.06
C ARG A 923 0.03 -10.96 24.83
N GLU A 924 -1.10 -10.42 24.36
CA GLU A 924 -1.72 -9.24 24.96
C GLU A 924 -2.38 -9.64 26.28
N VAL A 925 -3.03 -10.80 26.33
CA VAL A 925 -3.57 -11.31 27.58
C VAL A 925 -2.42 -11.58 28.56
N ALA A 926 -1.30 -12.10 28.05
CA ALA A 926 -0.12 -12.40 28.88
C ALA A 926 0.41 -11.14 29.59
N ALA A 927 0.62 -10.06 28.83
CA ALA A 927 1.49 -8.96 29.27
C ALA A 927 0.71 -7.66 29.49
N PHE A 928 -0.43 -7.50 28.81
CA PHE A 928 -1.21 -6.26 28.89
C PHE A 928 -2.67 -6.62 29.15
N PRO A 929 -2.99 -7.32 30.25
CA PRO A 929 -4.30 -7.91 30.43
C PRO A 929 -5.45 -6.89 30.57
N LEU A 930 -5.14 -5.69 31.06
CA LEU A 930 -6.18 -4.67 31.16
C LEU A 930 -5.65 -3.38 30.56
N PRO A 931 -6.53 -2.47 30.10
CA PRO A 931 -6.11 -1.27 29.37
C PRO A 931 -5.15 -0.34 30.12
N PHE A 932 -5.18 -0.37 31.45
CA PHE A 932 -4.27 0.48 32.22
C PHE A 932 -2.84 -0.08 32.17
N VAL A 933 -2.66 -1.33 31.74
CA VAL A 933 -1.33 -1.88 31.62
C VAL A 933 -0.81 -1.55 30.22
N LYS A 934 -0.10 -0.42 30.08
CA LYS A 934 0.24 0.14 28.78
C LYS A 934 1.72 -0.06 28.46
N PRO A 935 2.08 -0.24 27.17
CA PRO A 935 3.48 -0.40 26.78
C PRO A 935 4.43 0.68 27.32
N GLU A 936 3.89 1.86 27.49
CA GLU A 936 4.60 3.03 27.98
C GLU A 936 4.72 3.10 29.47
N ASN A 937 4.09 2.17 30.16
CA ASN A 937 4.25 2.10 31.60
C ASN A 937 4.48 0.66 32.07
N LYS A 938 4.79 -0.23 31.14
CA LYS A 938 4.96 -1.63 31.45
C LYS A 938 6.16 -1.95 32.25
N PHE A 939 5.96 -2.47 33.43
CA PHE A 939 7.01 -2.98 34.23
C PHE A 939 7.11 -4.48 33.96
N TRP A 940 8.30 -4.92 33.52
CA TRP A 940 8.55 -6.30 33.16
C TRP A 940 9.12 -7.07 34.35
N PRO A 941 8.48 -8.19 34.74
CA PRO A 941 9.17 -9.18 35.56
C PRO A 941 10.40 -9.59 34.74
N THR A 942 11.57 -9.71 35.39
CA THR A 942 12.81 -9.81 34.60
C THR A 942 13.14 -11.28 34.30
N ILE A 943 12.40 -12.17 34.94
CA ILE A 943 12.63 -13.61 34.89
C ILE A 943 11.25 -14.29 34.94
N ALA A 944 11.22 -15.55 34.51
CA ALA A 944 10.04 -16.38 34.65
C ALA A 944 9.95 -16.88 36.10
N ARG A 945 8.92 -17.69 36.39
CA ARG A 945 8.61 -18.03 37.74
C ARG A 945 9.83 -18.68 38.38
N ILE A 946 10.08 -18.27 39.62
CA ILE A 946 11.15 -18.76 40.41
C ILE A 946 10.86 -20.21 40.81
N ASP A 947 11.95 -20.99 40.88
CA ASP A 947 11.92 -22.34 41.38
C ASP A 947 12.41 -22.30 42.83
N ASP A 948 11.48 -22.44 43.77
CA ASP A 948 11.77 -22.35 45.21
C ASP A 948 12.47 -23.62 45.70
N ILE A 949 12.07 -24.79 45.19
CA ILE A 949 12.61 -26.05 45.68
C ILE A 949 14.09 -26.15 45.23
N TYR A 950 14.37 -25.83 43.96
CA TYR A 950 15.69 -26.17 43.38
C TYR A 950 16.81 -25.48 44.15
N GLY A 951 16.60 -24.20 44.49
CA GLY A 951 17.55 -23.34 45.20
C GLY A 951 17.95 -23.90 46.57
N ASP A 952 16.97 -24.41 47.33
CA ASP A 952 17.25 -24.94 48.65
C ASP A 952 17.96 -26.30 48.55
N GLN A 953 17.69 -27.06 47.47
CA GLN A 953 18.35 -28.36 47.27
C GLN A 953 19.78 -28.18 46.74
N HIS A 954 20.06 -27.04 46.09
CA HIS A 954 21.40 -26.75 45.56
C HIS A 954 21.87 -25.36 46.03
N LEU A 955 22.46 -25.33 47.23
CA LEU A 955 22.61 -24.09 47.96
C LEU A 955 23.85 -23.37 47.42
N VAL A 956 23.62 -22.21 46.80
CA VAL A 956 24.69 -21.39 46.29
C VAL A 956 24.40 -19.94 46.72
N CYS A 957 25.26 -19.39 47.58
CA CYS A 957 24.99 -18.18 48.33
C CYS A 957 26.12 -17.13 48.14
N THR A 958 26.94 -17.32 47.11
CA THR A 958 27.87 -16.27 46.62
C THR A 958 27.72 -16.14 45.09
N CYS A 959 28.25 -15.06 44.52
CA CYS A 959 28.09 -14.76 43.14
C CYS A 959 28.67 -15.90 42.30
N PRO A 960 27.86 -16.50 41.40
CA PRO A 960 28.35 -17.56 40.53
C PRO A 960 29.17 -16.98 39.38
N PRO A 961 30.15 -17.74 38.84
CA PRO A 961 31.04 -17.24 37.77
C PRO A 961 30.29 -16.60 36.58
N MET A 962 30.84 -15.50 36.04
CA MET A 962 30.25 -14.75 34.92
C MET A 962 30.48 -15.45 33.58
N ARG B 8 57.65 13.59 47.82
CA ARG B 8 58.02 13.54 49.27
C ARG B 8 57.76 12.14 49.80
N LEU B 9 58.49 11.76 50.84
CA LEU B 9 58.32 10.43 51.43
C LEU B 9 56.93 10.33 52.04
N LEU B 10 56.35 11.45 52.51
CA LEU B 10 54.98 11.41 53.03
C LEU B 10 54.03 10.85 51.97
N GLU B 11 54.22 11.25 50.71
CA GLU B 11 53.36 10.80 49.64
C GLU B 11 53.55 9.31 49.34
N ARG B 12 54.73 8.77 49.63
CA ARG B 12 54.99 7.35 49.49
C ARG B 12 54.18 6.57 50.54
N LEU B 13 54.26 7.00 51.81
CA LEU B 13 53.60 6.29 52.90
C LEU B 13 52.11 6.63 52.91
N LEU B 14 51.78 7.83 52.46
CA LEU B 14 50.46 8.40 52.60
C LEU B 14 50.06 9.00 51.26
N PRO B 15 49.77 8.16 50.25
CA PRO B 15 49.42 8.66 48.92
C PRO B 15 48.09 9.41 48.98
N ARG B 16 47.74 10.11 47.89
CA ARG B 16 46.48 10.80 47.80
C ARG B 16 45.36 9.78 48.04
N HIS B 17 44.29 10.22 48.72
CA HIS B 17 43.20 9.31 49.04
C HIS B 17 42.61 8.72 47.75
N ASP B 18 42.33 9.60 46.79
CA ASP B 18 41.74 9.22 45.53
C ASP B 18 42.20 10.19 44.44
N ASP B 19 42.01 9.76 43.18
CA ASP B 19 42.26 10.62 42.01
C ASP B 19 40.99 10.60 41.18
N PHE B 20 40.26 11.71 41.18
CA PHE B 20 38.98 11.80 40.51
C PHE B 20 39.11 11.44 39.02
N ALA B 21 40.26 11.73 38.41
CA ALA B 21 40.45 11.48 37.00
C ALA B 21 40.19 10.00 36.72
N ARG B 22 40.54 9.12 37.67
CA ARG B 22 40.37 7.65 37.50
C ARG B 22 38.88 7.26 37.54
N ARG B 23 38.02 8.13 38.11
CA ARG B 23 36.58 7.95 38.16
C ARG B 23 35.91 8.59 36.94
N HIS B 24 36.45 9.73 36.53
CA HIS B 24 35.92 10.53 35.45
C HIS B 24 36.21 9.87 34.09
N ILE B 25 37.46 9.42 33.93
CA ILE B 25 37.98 8.88 32.66
C ILE B 25 37.67 7.39 32.66
N GLY B 26 36.91 6.93 31.67
CA GLY B 26 36.45 5.57 31.60
C GLY B 26 37.59 4.56 31.44
N PRO B 27 38.41 4.65 30.37
CA PRO B 27 39.45 3.66 30.11
C PRO B 27 40.56 3.77 31.18
N GLY B 28 40.90 2.66 31.82
CA GLY B 28 42.10 2.58 32.66
C GLY B 28 43.29 2.13 31.82
N ASP B 29 44.36 1.70 32.49
CA ASP B 29 45.64 1.41 31.85
C ASP B 29 45.48 0.30 30.83
N LYS B 30 44.77 -0.77 31.19
CA LYS B 30 44.67 -1.93 30.29
C LYS B 30 43.89 -1.50 29.03
N ASP B 31 42.77 -0.78 29.23
CA ASP B 31 41.95 -0.31 28.10
C ASP B 31 42.80 0.54 27.13
N GLN B 32 43.60 1.44 27.68
CA GLN B 32 44.35 2.43 26.87
C GLN B 32 45.43 1.72 26.04
N ARG B 33 46.21 0.83 26.68
CA ARG B 33 47.23 0.06 25.98
C ARG B 33 46.59 -0.70 24.81
N GLU B 34 45.40 -1.28 25.03
CA GLU B 34 44.78 -2.11 24.03
C GLU B 34 44.28 -1.27 22.86
N MET B 35 43.74 -0.09 23.17
CA MET B 35 43.30 0.82 22.13
C MET B 35 44.51 1.33 21.35
N LEU B 36 45.63 1.59 22.05
CA LEU B 36 46.85 2.05 21.38
C LEU B 36 47.38 0.94 20.45
N GLN B 37 47.31 -0.33 20.91
CA GLN B 37 47.71 -1.49 20.09
C GLN B 37 46.85 -1.54 18.83
N THR B 38 45.55 -1.31 18.96
CA THR B 38 44.64 -1.28 17.80
C THR B 38 45.10 -0.21 16.82
N LEU B 39 45.57 0.93 17.34
CA LEU B 39 46.02 2.04 16.49
C LEU B 39 47.45 1.84 15.99
N GLY B 40 48.14 0.81 16.48
CA GLY B 40 49.52 0.55 16.10
C GLY B 40 50.47 1.61 16.64
N LEU B 41 50.11 2.21 17.78
CA LEU B 41 50.89 3.28 18.42
C LEU B 41 51.45 2.80 19.75
N ALA B 42 52.59 3.38 20.13
CA ALA B 42 53.38 2.94 21.30
C ALA B 42 52.88 3.64 22.57
N SER B 43 52.29 4.83 22.45
CA SER B 43 51.96 5.62 23.63
C SER B 43 50.97 6.72 23.26
N ILE B 44 50.40 7.32 24.31
CA ILE B 44 49.52 8.46 24.21
C ILE B 44 50.23 9.64 23.54
N ASP B 45 51.51 9.88 23.92
CA ASP B 45 52.30 10.99 23.38
C ASP B 45 52.44 10.85 21.85
N GLU B 46 52.68 9.63 21.38
CA GLU B 46 52.78 9.37 19.96
C GLU B 46 51.48 9.80 19.26
N LEU B 47 50.33 9.42 19.85
CA LEU B 47 49.00 9.79 19.30
C LEU B 47 48.86 11.31 19.23
N ILE B 48 49.17 12.00 20.33
CA ILE B 48 49.01 13.42 20.39
C ILE B 48 49.96 14.06 19.35
N GLU B 49 51.20 13.57 19.31
CA GLU B 49 52.22 14.09 18.42
C GLU B 49 51.72 13.98 16.97
N LYS B 50 51.05 12.87 16.65
CA LYS B 50 50.57 12.59 15.31
C LYS B 50 49.26 13.34 15.02
N THR B 51 48.65 13.97 16.03
CA THR B 51 47.30 14.54 15.91
C THR B 51 47.31 16.07 16.00
N VAL B 52 47.84 16.60 17.10
CA VAL B 52 47.77 18.02 17.37
C VAL B 52 49.03 18.68 16.82
N PRO B 53 48.91 19.66 15.89
CA PRO B 53 50.08 20.25 15.27
C PRO B 53 51.06 20.76 16.34
N ALA B 54 52.34 20.46 16.14
CA ALA B 54 53.39 20.71 17.13
C ALA B 54 53.48 22.20 17.48
N ASN B 55 53.20 23.07 16.51
CA ASN B 55 53.52 24.50 16.60
C ASN B 55 52.49 25.24 17.48
N ILE B 56 51.34 24.63 17.76
CA ILE B 56 50.31 25.28 18.57
C ILE B 56 50.34 24.74 20.01
N ARG B 57 51.12 23.69 20.26
CA ARG B 57 51.07 22.97 21.53
C ARG B 57 51.68 23.83 22.65
N LEU B 58 51.25 23.56 23.88
CA LEU B 58 51.77 24.22 25.07
C LEU B 58 53.30 24.18 25.12
N LYS B 59 53.89 25.32 25.47
CA LYS B 59 55.34 25.46 25.70
C LYS B 59 55.74 24.82 27.04
N ARG B 60 54.94 25.12 28.07
CA ARG B 60 55.16 24.58 29.39
C ARG B 60 53.84 23.99 29.85
N PRO B 61 53.81 23.01 30.78
CA PRO B 61 52.56 22.43 31.26
C PRO B 61 51.66 23.45 31.96
N LEU B 62 50.35 23.20 31.98
CA LEU B 62 49.39 24.04 32.72
C LEU B 62 49.92 24.31 34.12
N LYS B 63 49.81 25.57 34.57
CA LYS B 63 50.05 25.95 35.98
C LYS B 63 48.72 25.97 36.71
N MET B 64 48.38 24.88 37.41
CA MET B 64 47.15 24.80 38.23
C MET B 64 47.53 24.48 39.68
N GLU B 65 46.59 24.64 40.61
CA GLU B 65 46.74 24.08 41.96
C GLU B 65 46.81 22.55 41.88
N ASP B 66 47.45 21.97 42.89
CA ASP B 66 47.42 20.55 43.15
C ASP B 66 45.98 20.08 43.12
N PRO B 67 45.72 18.91 42.49
CA PRO B 67 44.36 18.36 42.44
C PRO B 67 43.80 18.14 43.84
N VAL B 68 42.50 18.40 44.02
CA VAL B 68 41.81 18.12 45.28
C VAL B 68 41.15 16.74 45.17
N CYS B 69 41.45 15.89 46.15
CA CYS B 69 40.76 14.57 46.26
C CYS B 69 39.24 14.77 46.29
N GLU B 70 38.54 13.87 45.61
CA GLU B 70 37.08 13.87 45.63
C GLU B 70 36.54 13.85 47.07
N ASN B 71 37.22 13.14 47.97
CA ASN B 71 36.67 13.02 49.32
C ASN B 71 36.85 14.33 50.09
N GLU B 72 37.52 15.35 49.50
CA GLU B 72 37.64 16.66 50.16
C GLU B 72 37.01 17.80 49.35
N ILE B 73 36.46 17.53 48.17
CA ILE B 73 36.07 18.64 47.28
C ILE B 73 34.92 19.43 47.92
N LEU B 74 33.99 18.73 48.59
CA LEU B 74 32.79 19.41 49.15
C LEU B 74 33.18 20.26 50.37
N ALA B 75 34.09 19.77 51.21
CA ALA B 75 34.61 20.59 52.35
C ALA B 75 35.38 21.81 51.81
N THR B 76 36.13 21.60 50.73
CA THR B 76 36.86 22.68 50.12
C THR B 76 35.87 23.76 49.65
N LEU B 77 34.83 23.33 48.94
CA LEU B 77 33.85 24.23 48.38
C LEU B 77 33.00 24.86 49.50
N HIS B 78 32.76 24.12 50.58
CA HIS B 78 32.02 24.65 51.73
C HIS B 78 32.75 25.86 52.33
N ALA B 79 34.08 25.83 52.38
CA ALA B 79 34.84 26.96 52.91
C ALA B 79 34.58 28.22 52.08
N ILE B 80 34.18 28.06 50.83
CA ILE B 80 33.81 29.17 49.96
C ILE B 80 32.33 29.53 50.16
N SER B 81 31.45 28.55 50.00
CA SER B 81 30.00 28.79 49.98
C SER B 81 29.52 29.38 51.31
N SER B 82 30.16 29.00 52.42
CA SER B 82 29.73 29.47 53.71
C SER B 82 30.09 30.94 53.91
N LYS B 83 30.85 31.55 52.98
CA LYS B 83 31.11 32.95 53.09
C LYS B 83 29.90 33.75 52.62
N ASN B 84 29.02 33.14 51.80
CA ASN B 84 27.78 33.81 51.38
C ASN B 84 26.86 33.95 52.60
N GLN B 85 25.99 34.97 52.58
CA GLN B 85 24.98 35.17 53.67
C GLN B 85 23.59 35.10 53.04
N ILE B 86 22.72 34.26 53.64
CA ILE B 86 21.36 34.02 53.15
C ILE B 86 20.39 34.92 53.93
N TRP B 87 20.10 36.08 53.37
CA TRP B 87 19.12 37.00 53.91
C TRP B 87 17.75 36.64 53.33
N ARG B 88 16.69 37.25 53.87
CA ARG B 88 15.39 37.28 53.22
C ARG B 88 15.39 38.49 52.29
N SER B 89 15.41 38.20 51.00
CA SER B 89 15.48 39.23 49.99
C SER B 89 14.06 39.50 49.47
N TYR B 90 13.57 40.72 49.71
CA TYR B 90 12.32 41.15 49.12
C TYR B 90 12.60 42.20 48.03
N ILE B 91 13.70 41.99 47.30
CA ILE B 91 14.21 42.95 46.29
C ILE B 91 13.30 42.96 45.05
N GLY B 92 12.81 41.78 44.69
CA GLY B 92 12.00 41.62 43.48
C GLY B 92 12.87 41.69 42.25
N MET B 93 12.48 42.55 41.31
CA MET B 93 13.23 42.84 40.10
C MET B 93 13.40 41.57 39.26
N GLY B 94 12.35 40.74 39.21
CA GLY B 94 12.29 39.60 38.33
C GLY B 94 12.70 38.29 39.00
N TYR B 95 13.05 38.34 40.29
CA TYR B 95 13.50 37.14 41.04
C TYR B 95 12.75 37.15 42.39
N TYR B 96 12.07 36.05 42.71
CA TYR B 96 11.20 35.98 43.87
C TYR B 96 11.37 34.61 44.53
N ASN B 97 11.74 34.60 45.80
CA ASN B 97 11.90 33.34 46.47
C ASN B 97 10.56 32.55 46.34
N CYS B 98 10.71 31.22 46.33
CA CYS B 98 9.60 30.36 46.24
C CYS B 98 9.92 29.08 47.04
N SER B 99 8.89 28.25 47.21
CA SER B 99 9.03 27.04 47.94
C SER B 99 9.14 25.91 46.93
N VAL B 100 10.39 25.61 46.60
CA VAL B 100 10.76 24.55 45.70
C VAL B 100 10.30 23.22 46.29
N PRO B 101 9.36 22.49 45.65
CA PRO B 101 8.89 21.25 46.27
C PRO B 101 10.06 20.27 46.39
N GLN B 102 10.32 19.75 47.59
CA GLN B 102 11.48 18.90 47.78
C GLN B 102 11.40 17.66 46.89
N THR B 103 10.17 17.23 46.56
CA THR B 103 10.00 16.01 45.79
C THR B 103 10.47 16.23 44.35
N ILE B 104 10.23 17.42 43.81
CA ILE B 104 10.71 17.75 42.44
C ILE B 104 12.24 17.93 42.46
N LEU B 105 12.74 18.60 43.49
CA LEU B 105 14.15 18.79 43.65
C LEU B 105 14.85 17.42 43.68
N ARG B 106 14.36 16.47 44.48
CA ARG B 106 15.04 15.19 44.65
C ARG B 106 14.87 14.30 43.40
N ASN B 107 13.64 14.24 42.85
CA ASN B 107 13.29 13.22 41.92
C ASN B 107 13.48 13.68 40.47
N LEU B 108 13.75 14.97 40.27
CA LEU B 108 14.04 15.51 38.96
C LEU B 108 15.40 16.21 38.94
N LEU B 109 15.60 17.32 39.71
CA LEU B 109 16.87 18.09 39.62
C LEU B 109 18.09 17.27 40.06
N GLU B 110 17.89 16.38 41.04
CA GLU B 110 18.97 15.53 41.55
C GLU B 110 18.86 14.09 41.04
N ASN B 111 18.32 13.95 39.83
CA ASN B 111 18.10 12.67 39.22
C ASN B 111 18.84 12.64 37.88
N SER B 112 19.90 11.84 37.83
CA SER B 112 20.73 11.68 36.66
C SER B 112 19.92 11.13 35.44
N GLY B 113 18.79 10.44 35.69
CA GLY B 113 17.87 9.97 34.64
C GLY B 113 17.06 11.08 33.98
N TRP B 114 17.09 12.27 34.60
CA TRP B 114 16.50 13.51 34.06
C TRP B 114 17.53 14.47 33.45
N ILE B 115 18.74 14.54 34.03
CA ILE B 115 19.61 15.68 33.75
C ILE B 115 20.78 15.31 32.81
N THR B 116 21.03 14.03 32.49
CA THR B 116 22.27 13.68 31.74
C THR B 116 22.02 13.68 30.21
N GLN B 117 20.80 13.43 29.80
CA GLN B 117 20.42 13.47 28.42
C GLN B 117 20.51 14.92 27.93
N TYR B 118 20.49 15.09 26.60
CA TYR B 118 20.52 16.42 25.99
C TYR B 118 19.23 16.59 25.18
N THR B 119 19.27 17.56 24.26
CA THR B 119 18.20 17.94 23.39
C THR B 119 17.55 16.70 22.79
N PRO B 120 16.20 16.66 22.71
CA PRO B 120 15.50 15.46 22.23
C PRO B 120 15.46 15.33 20.71
N TYR B 121 16.63 15.09 20.12
CA TYR B 121 16.81 14.90 18.68
C TYR B 121 16.29 13.53 18.23
N GLN B 122 16.29 12.56 19.14
CA GLN B 122 15.86 11.19 18.86
C GLN B 122 14.54 10.94 19.60
N PRO B 123 13.41 11.40 19.02
CA PRO B 123 12.14 11.48 19.75
C PRO B 123 11.68 10.15 20.36
N GLU B 124 11.92 9.04 19.66
CA GLU B 124 11.39 7.73 20.04
C GLU B 124 11.98 7.28 21.39
N VAL B 125 13.12 7.84 21.81
CA VAL B 125 13.77 7.50 23.08
C VAL B 125 13.87 8.78 23.92
N SER B 126 12.90 9.68 23.71
CA SER B 126 12.93 10.99 24.36
C SER B 126 11.50 11.50 24.65
N GLN B 127 10.49 10.63 24.64
CA GLN B 127 9.08 11.08 24.74
C GLN B 127 8.78 11.68 26.13
N GLY B 128 9.56 11.34 27.15
CA GLY B 128 9.37 11.84 28.53
C GLY B 128 9.58 13.35 28.63
N ARG B 129 10.80 13.80 28.31
CA ARG B 129 11.10 15.23 28.41
C ARG B 129 10.32 16.00 27.35
N LEU B 130 9.98 15.35 26.23
CA LEU B 130 9.16 16.04 25.21
C LEU B 130 7.75 16.29 25.78
N GLU B 131 7.17 15.30 26.46
CA GLU B 131 5.87 15.48 27.12
C GLU B 131 5.97 16.60 28.15
N SER B 132 7.04 16.60 28.95
CA SER B 132 7.15 17.57 30.06
C SER B 132 7.28 18.99 29.49
N LEU B 133 7.97 19.12 28.35
CA LEU B 133 8.16 20.43 27.75
C LEU B 133 6.86 20.89 27.10
N LEU B 134 6.08 19.96 26.55
CA LEU B 134 4.73 20.25 26.09
C LEU B 134 3.87 20.74 27.27
N ASN B 135 3.97 20.08 28.42
CA ASN B 135 3.31 20.57 29.65
C ASN B 135 3.70 22.03 29.94
N TYR B 136 5.00 22.32 29.90
CA TYR B 136 5.52 23.69 30.15
C TYR B 136 4.83 24.66 29.20
N GLN B 137 4.81 24.30 27.92
CA GLN B 137 4.23 25.18 26.89
C GLN B 137 2.75 25.42 27.21
N THR B 138 2.04 24.34 27.56
CA THR B 138 0.60 24.41 27.81
C THR B 138 0.34 25.35 28.99
N MET B 139 1.16 25.18 30.02
CA MET B 139 1.10 25.98 31.23
C MET B 139 1.30 27.47 30.86
N VAL B 140 2.36 27.76 30.12
CA VAL B 140 2.63 29.14 29.69
C VAL B 140 1.45 29.71 28.90
N CYS B 141 0.96 28.95 27.91
CA CYS B 141 -0.15 29.43 27.04
C CYS B 141 -1.43 29.67 27.87
N ASP B 142 -1.74 28.72 28.76
CA ASP B 142 -2.95 28.84 29.58
C ASP B 142 -2.88 30.13 30.41
N ILE B 143 -1.74 30.35 31.06
CA ILE B 143 -1.63 31.42 32.05
C ILE B 143 -1.50 32.77 31.34
N THR B 144 -0.74 32.81 30.23
CA THR B 144 -0.51 34.09 29.55
C THR B 144 -1.71 34.44 28.66
N GLY B 145 -2.43 33.40 28.22
CA GLY B 145 -3.57 33.56 27.33
C GLY B 145 -3.17 33.72 25.87
N LEU B 146 -1.95 33.32 25.52
CA LEU B 146 -1.45 33.40 24.12
C LEU B 146 -1.50 31.99 23.54
N ASP B 147 -1.18 31.85 22.24
CA ASP B 147 -1.60 30.69 21.45
C ASP B 147 -0.51 29.62 21.47
N MET B 148 0.75 30.03 21.36
CA MET B 148 1.84 29.07 21.33
C MET B 148 3.06 29.62 22.07
N ALA B 149 3.73 28.73 22.78
CA ALA B 149 4.88 29.04 23.56
C ALA B 149 6.00 28.08 23.20
N ASN B 150 7.21 28.54 23.40
CA ASN B 150 8.34 27.73 23.14
C ASN B 150 8.69 26.86 24.34
N ALA B 151 9.75 26.09 24.22
CA ALA B 151 10.21 25.21 25.24
C ALA B 151 11.40 25.77 25.95
N SER B 152 11.27 27.06 26.26
CA SER B 152 12.14 28.00 26.96
C SER B 152 13.17 28.86 26.24
N LEU B 153 13.44 29.98 26.89
CA LEU B 153 14.49 30.89 26.56
C LEU B 153 15.47 30.97 27.74
N LEU B 154 16.50 31.77 27.61
CA LEU B 154 17.56 31.85 28.58
C LEU B 154 17.28 32.59 29.88
N ASP B 155 16.64 33.74 29.76
CA ASP B 155 16.23 34.60 30.86
C ASP B 155 15.25 35.63 30.39
N GLU B 156 14.77 36.43 31.31
CA GLU B 156 13.74 37.38 31.00
C GLU B 156 14.22 38.41 29.98
N GLY B 157 15.42 38.94 30.20
CA GLY B 157 15.96 40.03 29.42
C GLY B 157 16.21 39.58 27.98
N THR B 158 16.81 38.40 27.81
CA THR B 158 17.06 37.88 26.47
C THR B 158 15.71 37.56 25.81
N ALA B 159 14.72 37.08 26.59
CA ALA B 159 13.40 36.82 26.01
C ALA B 159 12.80 38.12 25.46
N ALA B 160 12.98 39.22 26.21
CA ALA B 160 12.44 40.51 25.79
C ALA B 160 13.14 40.99 24.50
N ALA B 161 14.45 40.72 24.41
CA ALA B 161 15.25 41.04 23.22
C ALA B 161 14.82 40.17 22.03
N GLU B 162 14.53 38.89 22.28
CA GLU B 162 14.01 38.03 21.23
C GLU B 162 12.68 38.60 20.72
N ALA B 163 11.88 39.18 21.62
CA ALA B 163 10.62 39.81 21.24
C ALA B 163 10.87 41.00 20.31
N LEU B 164 11.81 41.86 20.68
CA LEU B 164 12.20 43.01 19.85
C LEU B 164 12.58 42.51 18.45
N GLN B 165 13.44 41.49 18.39
CA GLN B 165 13.91 40.98 17.10
C GLN B 165 12.77 40.32 16.33
N LEU B 166 11.84 39.66 17.03
CA LEU B 166 10.69 39.07 16.35
C LEU B 166 9.90 40.19 15.68
N CYS B 167 9.72 41.32 16.38
CA CYS B 167 8.98 42.45 15.82
C CYS B 167 9.67 42.95 14.53
N TYR B 168 11.00 43.07 14.56
CA TYR B 168 11.74 43.51 13.40
C TYR B 168 11.55 42.50 12.26
N ARG B 169 11.71 41.20 12.54
CA ARG B 169 11.55 40.15 11.53
C ARG B 169 10.16 40.27 10.90
N HIS B 170 9.16 40.62 11.71
CA HIS B 170 7.74 40.66 11.31
C HIS B 170 7.46 41.83 10.36
N ASN B 171 7.90 43.04 10.71
CA ASN B 171 7.45 44.26 9.97
C ASN B 171 8.63 45.14 9.52
N LYS B 172 9.86 44.76 9.87
CA LYS B 172 11.11 45.40 9.39
C LYS B 172 11.21 46.88 9.74
N ARG B 173 10.40 47.37 10.69
CA ARG B 173 10.54 48.77 11.15
C ARG B 173 11.74 48.84 12.10
N ARG B 174 12.38 50.01 12.20
CA ARG B 174 13.69 50.13 12.85
C ARG B 174 13.56 50.98 14.14
N LYS B 175 12.35 51.07 14.68
CA LYS B 175 12.11 51.77 15.95
C LYS B 175 11.34 50.86 16.92
N PHE B 176 11.79 50.80 18.17
CA PHE B 176 11.15 49.97 19.19
C PHE B 176 11.06 50.77 20.50
N LEU B 177 9.84 50.83 21.04
CA LEU B 177 9.52 51.65 22.19
C LEU B 177 9.51 50.78 23.45
N VAL B 178 10.20 51.26 24.49
CA VAL B 178 10.36 50.51 25.73
C VAL B 178 9.83 51.40 26.87
N ASP B 179 8.84 50.87 27.59
CA ASP B 179 8.37 51.45 28.83
C ASP B 179 9.53 51.46 29.82
N PRO B 180 9.85 52.62 30.43
CA PRO B 180 10.92 52.71 31.43
C PRO B 180 10.62 51.97 32.73
N ARG B 181 9.39 51.44 32.85
CA ARG B 181 8.98 50.76 34.04
C ARG B 181 9.18 49.24 33.85
N CYS B 182 9.86 48.83 32.77
CA CYS B 182 10.38 47.48 32.71
C CYS B 182 11.53 47.37 33.72
N HIS B 183 11.85 46.15 34.17
CA HIS B 183 13.02 45.97 35.04
C HIS B 183 14.25 46.57 34.35
N PRO B 184 15.18 47.17 35.12
CA PRO B 184 16.35 47.81 34.55
C PRO B 184 17.22 46.82 33.74
N GLN B 185 17.36 45.58 34.23
CA GLN B 185 18.23 44.63 33.52
C GLN B 185 17.57 44.21 32.20
N THR B 186 16.23 44.17 32.17
CA THR B 186 15.51 43.85 30.95
C THR B 186 15.80 44.94 29.90
N ILE B 187 15.70 46.20 30.34
CA ILE B 187 15.93 47.33 29.47
C ILE B 187 17.36 47.27 28.93
N ALA B 188 18.33 46.95 29.79
CA ALA B 188 19.73 46.98 29.35
C ALA B 188 19.98 45.91 28.29
N VAL B 189 19.44 44.70 28.49
CA VAL B 189 19.62 43.65 27.50
C VAL B 189 18.92 44.02 26.18
N VAL B 190 17.70 44.58 26.27
CA VAL B 190 16.97 44.97 25.09
C VAL B 190 17.73 46.06 24.31
N GLN B 191 18.22 47.07 25.04
CA GLN B 191 18.96 48.18 24.40
C GLN B 191 20.24 47.67 23.72
N THR B 192 20.89 46.68 24.34
CA THR B 192 22.14 46.14 23.78
C THR B 192 21.84 45.42 22.45
N ARG B 193 20.80 44.56 22.46
CA ARG B 193 20.42 43.82 21.25
C ARG B 193 20.15 44.81 20.12
N ALA B 194 19.40 45.87 20.44
CA ALA B 194 18.96 46.89 19.49
C ALA B 194 20.16 47.68 18.92
N LYS B 195 21.06 48.11 19.80
CA LYS B 195 22.22 48.86 19.41
C LYS B 195 22.90 48.14 18.23
N TYR B 196 23.20 46.85 18.39
CA TYR B 196 24.08 46.16 17.44
C TYR B 196 23.26 45.58 16.27
N THR B 197 21.92 45.52 16.39
CA THR B 197 21.04 45.16 15.25
C THR B 197 20.64 46.41 14.45
N GLY B 198 21.02 47.60 14.93
CA GLY B 198 20.75 48.89 14.25
C GLY B 198 19.29 49.33 14.35
N VAL B 199 18.61 48.95 15.44
CA VAL B 199 17.25 49.40 15.78
C VAL B 199 17.36 50.49 16.85
N LEU B 200 16.57 51.55 16.73
CA LEU B 200 16.57 52.56 17.75
C LEU B 200 15.51 52.22 18.79
N THR B 201 15.91 52.31 20.06
CA THR B 201 15.00 52.15 21.18
C THR B 201 14.76 53.54 21.78
N GLU B 202 13.52 53.79 22.20
CA GLU B 202 13.15 55.01 22.87
C GLU B 202 12.44 54.62 24.17
N LEU B 203 12.94 55.14 25.29
CA LEU B 203 12.37 54.95 26.64
C LEU B 203 11.23 55.96 26.86
N LYS B 204 9.97 55.50 26.75
CA LYS B 204 8.79 56.35 26.85
C LYS B 204 7.72 55.66 27.69
N LEU B 205 7.13 56.40 28.64
CA LEU B 205 5.86 56.01 29.29
C LEU B 205 4.80 55.89 28.20
N PRO B 206 3.77 55.04 28.37
CA PRO B 206 2.71 54.91 27.36
C PRO B 206 2.15 56.25 26.84
N CYS B 207 1.90 57.21 27.73
CA CYS B 207 1.31 58.50 27.31
C CYS B 207 2.32 59.34 26.50
N GLU B 208 3.62 59.01 26.59
CA GLU B 208 4.67 59.65 25.80
C GLU B 208 4.91 58.90 24.47
N MET B 209 4.43 57.66 24.34
CA MET B 209 4.66 56.84 23.16
C MET B 209 3.84 57.35 21.97
N ASP B 210 4.53 57.61 20.85
CA ASP B 210 3.92 58.10 19.64
C ASP B 210 4.05 57.03 18.55
N PHE B 211 2.92 56.47 18.13
CA PHE B 211 2.93 55.43 17.12
C PHE B 211 2.54 56.01 15.75
N SER B 212 2.21 57.31 15.68
CA SER B 212 1.54 57.91 14.50
C SER B 212 2.41 57.83 13.24
N GLY B 213 3.74 57.74 13.42
CA GLY B 213 4.68 57.65 12.31
C GLY B 213 4.59 56.31 11.57
N LYS B 214 3.93 55.32 12.18
CA LYS B 214 3.80 54.00 11.57
C LYS B 214 5.22 53.45 11.29
N ASP B 215 6.14 53.77 12.20
CA ASP B 215 7.57 53.44 12.11
C ASP B 215 7.99 52.64 13.35
N VAL B 216 7.01 52.20 14.15
CA VAL B 216 7.34 51.44 15.34
C VAL B 216 7.11 49.95 15.06
N SER B 217 8.18 49.17 15.24
CA SER B 217 8.20 47.75 15.10
C SER B 217 7.33 47.13 16.20
N GLY B 218 7.51 47.63 17.41
CA GLY B 218 6.82 47.09 18.55
C GLY B 218 7.07 47.90 19.81
N VAL B 219 6.35 47.51 20.87
CA VAL B 219 6.47 48.14 22.17
C VAL B 219 6.58 47.04 23.22
N LEU B 220 7.40 47.30 24.23
CA LEU B 220 7.57 46.45 25.39
C LEU B 220 7.16 47.20 26.66
N PHE B 221 6.26 46.59 27.43
CA PHE B 221 5.84 47.10 28.72
C PHE B 221 5.74 45.89 29.65
N GLN B 222 5.50 46.14 30.94
CA GLN B 222 5.54 45.09 31.93
C GLN B 222 4.33 45.23 32.89
N TYR B 223 3.85 44.05 33.35
CA TYR B 223 2.54 43.87 33.95
C TYR B 223 2.61 42.65 34.87
N PRO B 224 2.68 42.89 36.19
CA PRO B 224 2.88 44.19 36.81
C PRO B 224 4.28 44.76 36.50
N ASP B 225 4.42 46.07 36.60
CA ASP B 225 5.66 46.76 36.20
C ASP B 225 6.67 46.67 37.35
N THR B 226 7.87 47.19 37.11
CA THR B 226 9.00 47.02 38.02
C THR B 226 8.74 47.73 39.36
N GLU B 227 7.81 48.68 39.39
CA GLU B 227 7.42 49.38 40.63
C GLU B 227 6.30 48.66 41.39
N GLY B 228 5.71 47.65 40.74
CA GLY B 228 4.66 46.84 41.35
C GLY B 228 3.29 47.12 40.78
N LYS B 229 3.14 48.21 40.00
CA LYS B 229 1.83 48.63 39.56
C LYS B 229 1.20 47.64 38.56
N VAL B 230 -0.09 47.40 38.76
CA VAL B 230 -1.02 46.80 37.83
C VAL B 230 -1.72 47.91 37.03
N GLU B 231 -1.53 47.87 35.72
CA GLU B 231 -2.02 48.92 34.84
C GLU B 231 -2.84 48.27 33.72
N ASP B 232 -3.85 49.02 33.25
CA ASP B 232 -4.62 48.64 32.09
C ASP B 232 -3.89 49.17 30.84
N PHE B 233 -3.41 48.24 30.01
CA PHE B 233 -2.65 48.54 28.81
C PHE B 233 -3.52 48.40 27.55
N THR B 234 -4.83 48.13 27.71
CA THR B 234 -5.74 47.88 26.57
C THR B 234 -5.58 48.96 25.49
N GLU B 235 -5.64 50.23 25.94
CA GLU B 235 -5.61 51.39 25.07
C GLU B 235 -4.24 51.49 24.37
N LEU B 236 -3.16 51.25 25.11
CA LEU B 236 -1.81 51.28 24.53
C LEU B 236 -1.70 50.22 23.43
N VAL B 237 -2.19 49.01 23.69
CA VAL B 237 -2.08 47.91 22.76
C VAL B 237 -2.90 48.25 21.52
N GLU B 238 -4.08 48.85 21.72
CA GLU B 238 -4.96 49.21 20.63
C GLU B 238 -4.27 50.27 19.75
N ARG B 239 -3.58 51.24 20.37
CA ARG B 239 -2.89 52.31 19.63
C ARG B 239 -1.74 51.72 18.81
N ALA B 240 -0.97 50.82 19.44
CA ALA B 240 0.09 50.08 18.77
C ALA B 240 -0.49 49.40 17.52
N HIS B 241 -1.54 48.59 17.72
CA HIS B 241 -2.11 47.81 16.63
C HIS B 241 -2.60 48.75 15.51
N GLN B 242 -3.21 49.87 15.88
CA GLN B 242 -3.80 50.83 14.95
C GLN B 242 -2.75 51.32 13.94
N SER B 243 -1.47 51.33 14.33
CA SER B 243 -0.39 51.88 13.53
C SER B 243 0.51 50.77 12.95
N GLY B 244 0.10 49.51 13.10
CA GLY B 244 0.81 48.37 12.53
C GLY B 244 1.92 47.82 13.42
N SER B 245 1.96 48.25 14.70
CA SER B 245 3.00 47.82 15.64
C SER B 245 2.51 46.61 16.44
N LEU B 246 3.44 45.80 16.93
CA LEU B 246 3.13 44.72 17.86
C LEU B 246 3.26 45.22 19.30
N ALA B 247 2.63 44.47 20.22
CA ALA B 247 2.68 44.74 21.63
C ALA B 247 3.32 43.53 22.35
N CYS B 248 4.37 43.80 23.12
CA CYS B 248 5.10 42.79 23.87
C CYS B 248 5.00 43.11 25.36
N CYS B 249 4.66 42.09 26.17
CA CYS B 249 4.38 42.29 27.59
C CYS B 249 5.23 41.33 28.42
N ALA B 250 6.17 41.89 29.21
CA ALA B 250 6.91 41.14 30.20
C ALA B 250 6.00 40.97 31.45
N THR B 251 5.90 39.77 31.97
CA THR B 251 4.90 39.48 33.00
C THR B 251 5.40 38.40 33.96
N ASP B 252 4.47 37.89 34.79
CA ASP B 252 4.80 37.06 35.93
C ASP B 252 3.71 35.99 36.06
N LEU B 253 4.13 34.72 35.98
CA LEU B 253 3.19 33.62 35.92
C LEU B 253 2.38 33.55 37.23
N LEU B 254 3.00 33.90 38.37
CA LEU B 254 2.23 33.84 39.65
C LEU B 254 1.20 34.96 39.69
N ALA B 255 1.60 36.19 39.37
CA ALA B 255 0.64 37.30 39.28
C ALA B 255 -0.55 36.91 38.39
N LEU B 256 -0.29 36.23 37.26
CA LEU B 256 -1.34 35.92 36.27
C LEU B 256 -2.26 34.79 36.74
N CYS B 257 -1.96 34.17 37.88
CA CYS B 257 -2.91 33.25 38.51
C CYS B 257 -4.15 33.98 39.04
N ILE B 258 -4.04 35.28 39.33
CA ILE B 258 -5.20 36.04 39.80
C ILE B 258 -5.45 37.31 38.96
N LEU B 259 -4.52 37.66 38.05
CA LEU B 259 -4.67 38.85 37.15
C LEU B 259 -5.17 38.41 35.78
N ARG B 260 -6.08 39.19 35.22
CA ARG B 260 -6.44 39.01 33.84
C ARG B 260 -5.17 39.12 33.00
N PRO B 261 -4.88 38.10 32.17
CA PRO B 261 -3.58 38.01 31.49
C PRO B 261 -3.48 38.76 30.17
N PRO B 262 -2.24 38.97 29.66
CA PRO B 262 -1.98 39.79 28.48
C PRO B 262 -2.72 39.34 27.20
N GLY B 263 -2.97 38.03 27.10
CA GLY B 263 -3.75 37.44 26.02
C GLY B 263 -5.14 38.06 25.91
N GLU B 264 -5.65 38.47 27.05
CA GLU B 264 -6.99 39.02 27.12
C GLU B 264 -7.07 40.49 26.83
N PHE B 265 -5.93 41.14 26.75
CA PHE B 265 -5.93 42.54 26.37
C PHE B 265 -5.06 42.80 25.14
N GLY B 266 -5.18 41.88 24.19
CA GLY B 266 -4.54 41.94 22.89
C GLY B 266 -3.07 41.80 22.63
N VAL B 267 -2.30 41.50 23.65
CA VAL B 267 -0.86 41.41 23.51
C VAL B 267 -0.53 40.31 22.49
N ASP B 268 0.54 40.56 21.72
CA ASP B 268 1.04 39.70 20.65
C ASP B 268 2.09 38.70 21.17
N ILE B 269 2.94 39.15 22.09
CA ILE B 269 4.00 38.36 22.69
C ILE B 269 3.96 38.56 24.21
N ALA B 270 3.93 37.46 24.96
CA ALA B 270 4.09 37.52 26.41
C ALA B 270 5.33 36.72 26.80
N LEU B 271 6.09 37.26 27.75
CA LEU B 271 7.36 36.70 28.11
C LEU B 271 7.69 37.05 29.56
N GLY B 272 8.65 36.32 30.13
CA GLY B 272 9.07 36.50 31.51
C GLY B 272 9.89 35.32 31.96
N SER B 273 10.12 35.23 33.27
CA SER B 273 10.83 34.14 33.89
C SER B 273 9.81 33.19 34.53
N SER B 274 10.04 31.87 34.41
CA SER B 274 9.24 30.89 35.15
C SER B 274 9.87 30.57 36.51
N GLN B 275 10.81 31.39 36.96
CA GLN B 275 11.67 31.07 38.09
C GLN B 275 10.84 30.78 39.36
N ARG B 276 9.86 31.64 39.66
CA ARG B 276 9.15 31.51 40.92
C ARG B 276 8.13 30.36 40.88
N PHE B 277 8.00 29.65 39.75
CA PHE B 277 7.30 28.35 39.73
C PHE B 277 8.28 27.24 40.12
N GLY B 278 8.77 27.30 41.36
CA GLY B 278 9.48 26.13 41.92
C GLY B 278 10.93 25.99 41.51
N VAL B 279 11.60 27.11 41.16
CA VAL B 279 13.02 27.05 40.88
C VAL B 279 13.75 28.01 41.82
N PRO B 280 14.93 27.61 42.35
CA PRO B 280 15.71 28.47 43.25
C PRO B 280 16.19 29.76 42.57
N LEU B 281 16.42 30.77 43.40
CA LEU B 281 16.94 32.05 42.99
C LEU B 281 18.26 31.86 42.20
N GLY B 282 19.14 30.98 42.70
CA GLY B 282 20.37 30.55 42.01
C GLY B 282 21.37 31.69 41.78
N TYR B 283 21.25 32.80 42.52
CA TYR B 283 22.11 33.97 42.33
C TYR B 283 22.15 34.34 40.84
N GLY B 284 20.98 34.21 40.19
CA GLY B 284 20.73 34.69 38.84
C GLY B 284 20.22 33.61 37.90
N GLY B 285 20.47 32.33 38.22
CA GLY B 285 19.95 31.25 37.42
C GLY B 285 20.55 29.91 37.80
N PRO B 286 20.20 28.85 37.05
CA PRO B 286 19.39 28.97 35.84
C PRO B 286 17.87 28.96 36.07
N HIS B 287 17.16 29.70 35.21
CA HIS B 287 15.71 29.74 35.12
C HIS B 287 15.28 29.66 33.66
N ALA B 288 14.21 28.93 33.38
CA ALA B 288 13.57 28.98 32.09
C ALA B 288 12.74 30.24 31.97
N ALA B 289 13.03 31.02 30.92
CA ALA B 289 12.18 32.11 30.50
C ALA B 289 11.03 31.51 29.69
N PHE B 290 9.88 32.16 29.72
CA PHE B 290 8.77 31.78 28.89
C PHE B 290 8.60 32.84 27.81
N PHE B 291 8.01 32.40 26.71
CA PHE B 291 7.82 33.20 25.56
C PHE B 291 6.66 32.60 24.78
N ALA B 292 5.56 33.33 24.69
CA ALA B 292 4.37 32.88 24.01
C ALA B 292 3.89 33.94 23.03
N VAL B 293 3.31 33.49 21.92
CA VAL B 293 2.96 34.39 20.83
C VAL B 293 1.56 34.04 20.31
N ARG B 294 0.95 35.00 19.60
CA ARG B 294 -0.22 34.75 18.77
C ARG B 294 0.15 33.77 17.67
N GLU B 295 -0.82 32.93 17.27
CA GLU B 295 -0.58 31.84 16.33
C GLU B 295 0.04 32.38 15.04
N SER B 296 -0.38 33.57 14.62
CA SER B 296 0.08 34.14 13.39
C SER B 296 1.59 34.41 13.43
N LEU B 297 2.25 34.36 14.60
CA LEU B 297 3.66 34.73 14.70
C LEU B 297 4.56 33.50 14.87
N VAL B 298 3.96 32.31 14.91
CA VAL B 298 4.64 31.10 15.36
C VAL B 298 5.84 30.77 14.46
N ARG B 299 5.71 31.06 13.16
CA ARG B 299 6.73 30.79 12.16
C ARG B 299 8.04 31.51 12.53
N MET B 300 7.94 32.59 13.32
CA MET B 300 9.10 33.41 13.68
C MET B 300 9.55 33.15 15.13
N MET B 301 8.97 32.13 15.75
CA MET B 301 9.31 31.76 17.12
C MET B 301 10.80 31.47 17.22
N PRO B 302 11.48 31.99 18.28
CA PRO B 302 12.84 31.57 18.60
C PRO B 302 12.86 30.29 19.44
N GLY B 303 13.89 29.48 19.25
CA GLY B 303 14.19 28.34 20.10
C GLY B 303 13.37 27.12 19.74
N ARG B 304 13.43 26.13 20.62
CA ARG B 304 12.73 24.87 20.43
C ARG B 304 11.23 25.05 20.78
N MET B 305 10.43 24.16 20.18
CA MET B 305 9.01 24.06 20.44
C MET B 305 8.53 22.62 20.22
N VAL B 306 7.91 22.03 21.24
CA VAL B 306 7.38 20.68 21.11
C VAL B 306 6.04 20.75 20.40
N GLY B 307 5.83 19.79 19.52
CA GLY B 307 4.59 19.63 18.78
C GLY B 307 4.09 18.20 18.87
N VAL B 308 2.77 18.04 18.69
CA VAL B 308 2.14 16.75 18.63
C VAL B 308 2.16 16.26 17.18
N THR B 309 2.45 14.98 16.99
CA THR B 309 2.46 14.36 15.66
C THR B 309 1.97 12.93 15.80
N ARG B 310 2.27 12.11 14.81
CA ARG B 310 1.93 10.70 14.86
C ARG B 310 3.16 9.87 14.59
N ASP B 311 3.16 8.65 15.08
CA ASP B 311 4.25 7.75 14.77
C ASP B 311 3.88 6.87 13.56
N ALA B 312 4.78 6.00 13.15
CA ALA B 312 4.53 5.18 11.96
C ALA B 312 3.20 4.43 12.07
N THR B 313 2.67 4.20 13.28
CA THR B 313 1.42 3.41 13.49
C THR B 313 0.18 4.31 13.57
N GLY B 314 0.37 5.64 13.58
CA GLY B 314 -0.76 6.57 13.73
C GLY B 314 -1.02 6.97 15.18
N LYS B 315 -0.15 6.54 16.10
CA LYS B 315 -0.26 6.88 17.51
C LYS B 315 0.14 8.34 17.70
N GLU B 316 -0.55 9.02 18.61
CA GLU B 316 -0.29 10.39 18.95
C GLU B 316 0.98 10.47 19.83
N VAL B 317 1.96 11.27 19.39
CA VAL B 317 3.29 11.31 20.01
C VAL B 317 3.85 12.73 19.89
N TYR B 318 5.08 12.94 20.39
CA TYR B 318 5.65 14.28 20.54
C TYR B 318 7.00 14.34 19.81
N ARG B 319 7.30 15.51 19.25
CA ARG B 319 8.58 15.81 18.62
C ARG B 319 8.81 17.32 18.66
N LEU B 320 10.08 17.73 18.54
CA LEU B 320 10.43 19.11 18.26
C LEU B 320 9.85 19.50 16.90
N ALA B 321 9.18 20.66 16.83
CA ALA B 321 8.43 21.07 15.64
C ALA B 321 9.12 22.28 14.97
N LEU B 322 8.82 22.46 13.69
CA LEU B 322 9.24 23.59 12.87
C LEU B 322 10.74 23.87 13.09
N GLN B 323 11.56 22.83 12.94
CA GLN B 323 12.96 22.91 13.31
C GLN B 323 13.76 23.74 12.31
N THR B 324 13.19 24.07 11.15
CA THR B 324 13.94 24.83 10.15
C THR B 324 14.10 26.29 10.61
N ARG B 325 13.38 26.69 11.65
CA ARG B 325 13.56 28.01 12.26
C ARG B 325 14.97 28.12 12.89
N GLU B 326 15.59 27.00 13.27
CA GLU B 326 16.68 27.03 14.27
C GLU B 326 18.04 27.15 13.57
N GLN B 327 19.05 27.49 14.38
CA GLN B 327 20.41 27.80 13.95
C GLN B 327 21.03 26.65 13.13
N HIS B 328 20.73 25.40 13.53
CA HIS B 328 21.41 24.25 12.94
C HIS B 328 20.93 24.00 11.50
N ILE B 329 19.75 24.51 11.12
CA ILE B 329 19.25 24.44 9.75
C ILE B 329 19.54 25.75 9.00
N ARG B 330 19.09 26.89 9.53
CA ARG B 330 19.09 28.14 8.75
C ARG B 330 20.30 29.02 9.04
N ARG B 331 21.17 28.61 9.98
CA ARG B 331 22.39 29.35 10.30
C ARG B 331 22.05 30.83 10.53
N ASP B 332 22.59 31.72 9.70
CA ASP B 332 22.45 33.17 9.93
C ASP B 332 21.01 33.61 9.66
N LYS B 333 20.20 32.77 9.00
CA LYS B 333 18.81 33.10 8.65
C LYS B 333 17.83 32.52 9.68
N ALA B 334 18.35 31.93 10.76
CA ALA B 334 17.51 31.35 11.79
C ALA B 334 16.71 32.45 12.51
N THR B 335 15.71 32.06 13.32
CA THR B 335 14.94 32.99 14.09
C THR B 335 15.71 33.46 15.33
N SER B 336 16.83 32.81 15.64
CA SER B 336 17.69 33.16 16.77
C SER B 336 18.97 32.34 16.67
N ASN B 337 19.97 32.72 17.48
CA ASN B 337 21.21 31.95 17.58
C ASN B 337 21.03 30.83 18.64
N ILE B 338 19.93 30.82 19.37
CA ILE B 338 19.88 30.00 20.58
C ILE B 338 19.97 28.51 20.19
N CYS B 339 20.72 27.77 21.00
CA CYS B 339 20.89 26.35 20.86
C CYS B 339 20.52 25.73 22.20
N THR B 340 21.52 25.60 23.07
CA THR B 340 21.23 25.20 24.45
C THR B 340 20.31 26.25 25.06
N ALA B 341 19.22 25.83 25.72
CA ALA B 341 18.28 26.77 26.35
C ALA B 341 18.22 26.47 27.86
N GLN B 342 17.03 26.25 28.43
CA GLN B 342 16.89 26.00 29.85
C GLN B 342 15.92 24.84 30.10
N ALA B 343 16.06 23.76 29.30
CA ALA B 343 15.07 22.69 29.25
C ALA B 343 14.77 22.13 30.65
N LEU B 344 15.81 21.75 31.40
CA LEU B 344 15.63 21.12 32.68
C LEU B 344 14.78 22.02 33.60
N LEU B 345 15.01 23.33 33.56
CA LEU B 345 14.36 24.25 34.48
C LEU B 345 12.92 24.56 34.03
N ALA B 346 12.66 24.47 32.73
CA ALA B 346 11.30 24.56 32.20
C ALA B 346 10.49 23.37 32.71
N ASN B 347 11.14 22.21 32.76
CA ASN B 347 10.51 21.00 33.22
C ASN B 347 10.28 21.07 34.74
N MET B 348 11.18 21.70 35.49
CA MET B 348 10.94 21.92 36.91
C MET B 348 9.71 22.79 37.15
N ALA B 349 9.56 23.84 36.37
CA ALA B 349 8.42 24.75 36.48
C ALA B 349 7.12 24.06 36.04
N ALA B 350 7.20 23.20 35.02
CA ALA B 350 6.02 22.41 34.59
C ALA B 350 5.56 21.52 35.73
N MET B 351 6.50 20.80 36.34
CA MET B 351 6.19 19.86 37.46
C MET B 351 5.61 20.61 38.65
N PHE B 352 6.08 21.84 38.87
CA PHE B 352 5.52 22.74 39.87
C PHE B 352 4.04 22.97 39.62
N ALA B 353 3.71 23.38 38.39
CA ALA B 353 2.35 23.72 38.03
C ALA B 353 1.46 22.47 38.10
N ILE B 354 2.03 21.31 37.72
CA ILE B 354 1.32 20.04 37.75
C ILE B 354 1.02 19.67 39.21
N TYR B 355 1.97 19.80 40.09
CA TYR B 355 1.81 19.43 41.47
C TYR B 355 0.80 20.28 42.23
N HIS B 356 0.70 21.55 41.87
CA HIS B 356 -0.21 22.46 42.53
C HIS B 356 -1.52 22.62 41.85
N GLY B 357 -1.54 22.45 40.56
CA GLY B 357 -2.73 22.71 39.79
C GLY B 357 -3.10 24.17 39.86
N SER B 358 -4.13 24.55 39.09
CA SER B 358 -4.61 25.94 39.10
C SER B 358 -5.10 26.33 40.49
N HIS B 359 -5.69 25.39 41.21
CA HIS B 359 -6.23 25.63 42.52
C HIS B 359 -5.07 25.92 43.51
N GLY B 360 -4.00 25.13 43.48
CA GLY B 360 -2.83 25.37 44.34
C GLY B 360 -2.09 26.64 43.97
N LEU B 361 -2.01 26.96 42.67
CA LEU B 361 -1.33 28.18 42.23
C LEU B 361 -2.16 29.39 42.64
N GLU B 362 -3.49 29.31 42.51
CA GLU B 362 -4.39 30.37 42.93
C GLU B 362 -4.17 30.63 44.42
N HIS B 363 -4.10 29.55 45.20
CA HIS B 363 -3.92 29.59 46.64
C HIS B 363 -2.63 30.35 46.97
N ILE B 364 -1.54 29.98 46.32
CA ILE B 364 -0.24 30.61 46.56
C ILE B 364 -0.35 32.11 46.18
N ALA B 365 -0.93 32.39 45.01
CA ALA B 365 -0.97 33.75 44.49
C ALA B 365 -1.82 34.65 45.39
N ARG B 366 -2.98 34.13 45.84
CA ARG B 366 -3.91 34.89 46.67
C ARG B 366 -3.24 35.19 48.00
N ARG B 367 -2.48 34.22 48.50
CA ARG B 367 -1.83 34.34 49.79
C ARG B 367 -0.76 35.43 49.71
N VAL B 368 0.10 35.36 48.69
CA VAL B 368 1.13 36.37 48.48
C VAL B 368 0.50 37.76 48.38
N HIS B 369 -0.58 37.88 47.60
CA HIS B 369 -1.26 39.17 47.39
C HIS B 369 -1.82 39.70 48.71
N ASN B 370 -2.43 38.80 49.47
CA ASN B 370 -3.07 39.19 50.74
C ASN B 370 -2.01 39.60 51.76
N ALA B 371 -0.87 38.89 51.77
CA ALA B 371 0.25 39.29 52.61
C ALA B 371 0.73 40.70 52.24
N THR B 372 0.71 41.00 50.95
CA THR B 372 1.16 42.28 50.43
C THR B 372 0.14 43.35 50.80
N LEU B 373 -1.16 43.01 50.71
CA LEU B 373 -2.22 43.92 51.10
C LEU B 373 -2.10 44.24 52.59
N ILE B 374 -1.82 43.23 53.41
CA ILE B 374 -1.69 43.39 54.86
C ILE B 374 -0.54 44.36 55.15
N LEU B 375 0.59 44.10 54.57
CA LEU B 375 1.77 44.91 54.72
C LEU B 375 1.50 46.35 54.30
N SER B 376 0.80 46.52 53.19
CA SER B 376 0.51 47.84 52.72
C SER B 376 -0.38 48.61 53.68
N GLU B 377 -1.38 47.96 54.25
CA GLU B 377 -2.23 48.63 55.19
C GLU B 377 -1.51 48.97 56.46
N GLY B 378 -0.63 48.12 56.91
CA GLY B 378 0.19 48.45 58.07
C GLY B 378 1.06 49.65 57.79
N LEU B 379 1.73 49.68 56.64
CA LEU B 379 2.66 50.78 56.36
C LEU B 379 1.92 52.12 56.29
N LYS B 380 0.71 52.10 55.69
CA LYS B 380 -0.06 53.33 55.54
C LYS B 380 -0.43 53.85 56.93
N ARG B 381 -0.85 52.94 57.81
CA ARG B 381 -1.26 53.33 59.15
C ARG B 381 -0.06 53.90 59.92
N ALA B 382 1.15 53.47 59.57
CA ALA B 382 2.36 53.93 60.26
C ALA B 382 2.89 55.25 59.65
N GLY B 383 2.18 55.81 58.67
CA GLY B 383 2.51 57.12 58.11
C GLY B 383 3.42 57.04 56.88
N HIS B 384 3.57 55.88 56.25
CA HIS B 384 4.35 55.77 55.02
C HIS B 384 3.42 55.89 53.83
N GLN B 385 3.90 56.36 52.70
CA GLN B 385 3.06 56.51 51.53
C GLN B 385 3.36 55.38 50.53
N LEU B 386 2.31 54.75 50.01
CA LEU B 386 2.42 53.82 48.90
C LEU B 386 2.24 54.61 47.61
N GLN B 387 3.08 54.34 46.60
CA GLN B 387 3.00 55.10 45.37
C GLN B 387 1.88 54.51 44.50
N HIS B 388 1.60 53.21 44.63
CA HIS B 388 0.64 52.53 43.79
C HIS B 388 -0.40 51.78 44.63
N ASP B 389 -1.68 52.02 44.33
CA ASP B 389 -2.77 51.39 45.06
C ASP B 389 -3.08 49.95 44.63
N LEU B 390 -2.85 49.65 43.35
CA LEU B 390 -3.13 48.34 42.85
C LEU B 390 -1.83 47.66 42.38
N PHE B 391 -1.58 46.49 42.98
CA PHE B 391 -0.34 45.75 42.87
C PHE B 391 -0.64 44.27 43.11
N PHE B 392 0.31 43.42 42.73
CA PHE B 392 0.24 41.99 43.08
C PHE B 392 1.03 41.78 44.37
N ASP B 393 2.36 41.79 44.30
CA ASP B 393 3.22 41.39 45.41
C ASP B 393 4.25 42.47 45.75
N THR B 394 4.17 43.62 45.09
CA THR B 394 5.28 44.56 45.08
C THR B 394 4.77 45.96 45.42
N LEU B 395 5.36 46.58 46.46
CA LEU B 395 5.01 47.94 46.86
C LEU B 395 6.18 48.89 46.53
N LYS B 396 5.84 50.15 46.36
CA LYS B 396 6.83 51.22 46.25
C LYS B 396 6.49 52.26 47.33
N ILE B 397 7.41 52.44 48.29
CA ILE B 397 7.12 53.11 49.54
C ILE B 397 8.00 54.35 49.68
N GLN B 398 7.35 55.48 49.93
CA GLN B 398 7.99 56.70 50.39
C GLN B 398 7.93 56.67 51.91
N CYS B 399 9.07 56.51 52.57
CA CYS B 399 9.09 56.37 54.02
C CYS B 399 8.66 57.70 54.65
N GLY B 400 7.77 57.61 55.67
CA GLY B 400 7.38 58.76 56.48
C GLY B 400 8.48 59.19 57.43
N CYS B 401 9.35 58.25 57.81
CA CYS B 401 10.52 58.51 58.64
C CYS B 401 11.78 58.38 57.78
N SER B 402 12.93 58.51 58.42
CA SER B 402 14.24 58.33 57.79
C SER B 402 14.32 56.95 57.15
N VAL B 403 14.75 56.90 55.88
CA VAL B 403 15.05 55.65 55.20
C VAL B 403 16.19 54.92 55.94
N LYS B 404 17.13 55.70 56.45
CA LYS B 404 18.29 55.15 57.17
C LYS B 404 17.83 54.35 58.39
N GLU B 405 16.83 54.86 59.10
CA GLU B 405 16.32 54.27 60.32
C GLU B 405 15.64 52.94 59.98
N VAL B 406 14.88 52.94 58.88
CA VAL B 406 14.20 51.77 58.37
C VAL B 406 15.23 50.71 57.97
N LEU B 407 16.23 51.09 57.16
CA LEU B 407 17.22 50.15 56.66
C LEU B 407 18.08 49.62 57.80
N GLY B 408 18.29 50.44 58.84
CA GLY B 408 19.01 49.99 60.03
C GLY B 408 18.32 48.82 60.70
N ARG B 409 17.00 48.95 60.87
CA ARG B 409 16.18 47.86 61.41
C ARG B 409 16.15 46.68 60.42
N ALA B 410 16.05 46.97 59.12
CA ALA B 410 16.02 45.91 58.11
C ALA B 410 17.28 45.06 58.22
N ALA B 411 18.44 45.73 58.33
CA ALA B 411 19.75 45.03 58.48
C ALA B 411 19.75 44.12 59.72
N GLN B 412 19.16 44.60 60.83
CA GLN B 412 19.06 43.85 62.07
C GLN B 412 18.25 42.56 61.90
N ARG B 413 17.29 42.51 60.97
CA ARG B 413 16.47 41.31 60.74
C ARG B 413 16.93 40.58 59.45
N GLN B 414 18.04 41.07 58.89
CA GLN B 414 18.68 40.45 57.70
C GLN B 414 17.66 40.32 56.56
N ILE B 415 17.12 41.48 56.23
CA ILE B 415 16.13 41.63 55.20
C ILE B 415 16.63 42.71 54.23
N ASN B 416 16.57 42.40 52.92
CA ASN B 416 16.94 43.30 51.87
C ASN B 416 15.66 43.80 51.19
N PHE B 417 15.68 45.11 50.89
CA PHE B 417 14.72 45.76 50.03
C PHE B 417 15.43 46.18 48.75
N ARG B 418 14.63 46.59 47.77
CA ARG B 418 15.12 47.33 46.66
C ARG B 418 15.24 48.80 47.05
N LEU B 419 16.38 49.42 46.73
CA LEU B 419 16.55 50.84 46.97
C LEU B 419 16.47 51.59 45.64
N PHE B 420 15.39 52.33 45.41
CA PHE B 420 15.22 53.10 44.19
C PHE B 420 16.12 54.33 44.24
N GLU B 421 16.48 54.83 43.05
CA GLU B 421 17.32 55.99 42.87
C GLU B 421 16.72 57.18 43.63
N ASP B 422 15.39 57.30 43.57
CA ASP B 422 14.65 58.47 44.09
C ASP B 422 14.50 58.41 45.60
N GLY B 423 15.10 57.41 46.27
CA GLY B 423 15.14 57.34 47.73
C GLY B 423 13.98 56.56 48.32
N THR B 424 13.12 56.02 47.46
CA THR B 424 12.01 55.17 47.89
C THR B 424 12.47 53.70 47.94
N LEU B 425 11.65 52.87 48.58
CA LEU B 425 11.93 51.45 48.78
C LEU B 425 10.93 50.60 48.00
N GLY B 426 11.46 49.55 47.35
CA GLY B 426 10.64 48.51 46.76
C GLY B 426 10.65 47.26 47.62
N ILE B 427 9.48 46.70 47.84
CA ILE B 427 9.32 45.47 48.61
C ILE B 427 8.46 44.52 47.79
N SER B 428 9.03 43.37 47.50
CA SER B 428 8.33 42.31 46.77
C SER B 428 8.21 41.10 47.69
N LEU B 429 6.97 40.79 48.07
CA LEU B 429 6.71 39.62 48.86
C LEU B 429 6.61 38.41 47.91
N ASP B 430 6.60 37.22 48.49
CA ASP B 430 6.69 36.02 47.70
C ASP B 430 6.05 34.84 48.47
N GLU B 431 6.09 33.66 47.84
CA GLU B 431 5.44 32.46 48.38
C GLU B 431 5.92 32.21 49.80
N THR B 432 7.18 32.58 50.10
CA THR B 432 7.80 32.21 51.36
C THR B 432 7.30 33.06 52.53
N VAL B 433 6.60 34.16 52.24
CA VAL B 433 6.29 35.15 53.29
C VAL B 433 5.15 34.63 54.18
N ASN B 434 5.43 34.59 55.50
CA ASN B 434 4.50 34.15 56.52
C ASN B 434 4.25 35.29 57.52
N GLU B 435 3.40 35.00 58.51
CA GLU B 435 3.01 35.94 59.52
C GLU B 435 4.26 36.54 60.18
N LYS B 436 5.17 35.67 60.58
CA LYS B 436 6.40 36.05 61.28
C LYS B 436 7.18 37.06 60.43
N ASP B 437 7.26 36.84 59.10
CA ASP B 437 7.99 37.75 58.24
C ASP B 437 7.26 39.10 58.19
N LEU B 438 5.93 39.04 58.10
CA LEU B 438 5.14 40.27 58.05
C LEU B 438 5.38 41.09 59.30
N ASP B 439 5.43 40.41 60.46
CA ASP B 439 5.64 41.08 61.74
C ASP B 439 7.01 41.77 61.79
N ASP B 440 8.05 41.10 61.25
CA ASP B 440 9.37 41.67 61.16
C ASP B 440 9.31 42.93 60.28
N LEU B 441 8.57 42.86 59.16
CA LEU B 441 8.52 43.95 58.21
C LEU B 441 7.78 45.14 58.84
N LEU B 442 6.69 44.86 59.54
CA LEU B 442 5.92 45.92 60.20
C LEU B 442 6.78 46.64 61.25
N TRP B 443 7.57 45.84 62.00
CA TRP B 443 8.53 46.37 62.96
C TRP B 443 9.60 47.22 62.25
N ILE B 444 10.13 46.71 61.12
CA ILE B 444 11.11 47.48 60.38
C ILE B 444 10.54 48.86 60.07
N PHE B 445 9.26 48.95 59.69
CA PHE B 445 8.68 50.24 59.33
C PHE B 445 8.08 50.97 60.53
N GLY B 446 8.32 50.47 61.74
CA GLY B 446 7.94 51.13 62.99
C GLY B 446 6.44 51.19 63.19
N CYS B 447 5.72 50.14 62.81
CA CYS B 447 4.23 50.21 62.77
C CYS B 447 3.56 50.10 64.14
N GLU B 448 4.19 49.45 65.13
CA GLU B 448 3.62 49.30 66.48
C GLU B 448 2.25 48.59 66.42
N SER B 449 2.15 47.72 65.41
CA SER B 449 1.06 46.86 65.22
C SER B 449 1.64 45.46 65.05
N SER B 450 0.76 44.54 64.69
CA SER B 450 1.12 43.22 64.26
C SER B 450 0.28 42.90 63.02
N ALA B 451 0.69 41.87 62.31
CA ALA B 451 -0.03 41.34 61.17
C ALA B 451 -1.45 40.94 61.63
N GLU B 452 -1.54 40.27 62.76
CA GLU B 452 -2.86 39.89 63.31
C GLU B 452 -3.77 41.12 63.44
N LEU B 453 -3.23 42.17 64.03
CA LEU B 453 -3.98 43.40 64.27
C LEU B 453 -4.37 44.05 62.94
N VAL B 454 -3.42 44.10 62.01
CA VAL B 454 -3.71 44.77 60.76
C VAL B 454 -4.84 44.01 60.07
N ALA B 455 -4.83 42.69 60.16
CA ALA B 455 -5.83 41.87 59.47
C ALA B 455 -7.23 42.17 59.99
N GLU B 456 -7.31 42.36 61.30
CA GLU B 456 -8.59 42.62 61.96
C GLU B 456 -9.16 43.97 61.49
N SER B 457 -8.32 44.96 61.26
CA SER B 457 -8.75 46.31 60.78
C SER B 457 -9.26 46.28 59.33
N MET B 458 -8.77 45.31 58.56
CA MET B 458 -9.06 45.19 57.15
C MET B 458 -10.43 44.56 56.95
N GLY B 459 -10.76 43.54 57.76
CA GLY B 459 -12.01 42.83 57.61
C GLY B 459 -11.89 41.89 56.43
N GLU B 460 -13.03 41.40 55.92
CA GLU B 460 -13.03 40.45 54.78
C GLU B 460 -13.72 41.04 53.54
N GLU B 461 -13.94 42.37 53.55
CA GLU B 461 -14.06 43.17 52.31
C GLU B 461 -12.99 42.70 51.32
N CYS B 462 -13.38 42.28 50.11
CA CYS B 462 -12.37 41.93 49.09
C CYS B 462 -11.85 43.24 48.46
N ARG B 463 -10.52 43.39 48.59
CA ARG B 463 -9.75 44.55 48.14
C ARG B 463 -8.65 44.02 47.19
N GLY B 464 -7.78 44.92 46.73
CA GLY B 464 -6.78 44.61 45.73
C GLY B 464 -7.37 44.00 44.46
N ILE B 465 -6.66 43.02 43.91
CA ILE B 465 -6.93 42.51 42.58
C ILE B 465 -8.30 41.85 42.52
N PRO B 466 -8.66 40.96 43.48
CA PRO B 466 -10.01 40.39 43.51
C PRO B 466 -11.15 41.41 43.49
N GLY B 467 -10.94 42.57 44.12
CA GLY B 467 -11.93 43.63 44.19
C GLY B 467 -11.85 44.60 43.04
N SER B 468 -11.02 44.30 42.02
CA SER B 468 -10.72 45.26 40.93
C SER B 468 -11.26 44.71 39.61
N VAL B 469 -11.22 45.57 38.59
CA VAL B 469 -11.61 45.19 37.23
C VAL B 469 -10.56 44.26 36.60
N PHE B 470 -9.41 44.09 37.27
CA PHE B 470 -8.31 43.25 36.77
C PHE B 470 -8.41 41.80 37.26
N LYS B 471 -9.46 41.48 38.03
CA LYS B 471 -9.65 40.13 38.58
C LYS B 471 -9.61 39.11 37.44
N ARG B 472 -8.81 38.06 37.56
CA ARG B 472 -8.83 37.02 36.51
C ARG B 472 -10.16 36.26 36.64
N THR B 473 -10.85 36.07 35.51
CA THR B 473 -12.09 35.29 35.48
C THR B 473 -11.96 34.04 34.58
N SER B 474 -10.83 33.89 33.86
CA SER B 474 -10.66 32.86 32.86
C SER B 474 -9.88 31.70 33.45
N PRO B 475 -10.20 30.45 33.06
CA PRO B 475 -9.61 29.27 33.67
C PRO B 475 -8.22 29.03 33.07
N PHE B 476 -7.45 28.15 33.72
CA PHE B 476 -6.12 27.76 33.28
C PHE B 476 -5.79 26.38 33.87
N LEU B 477 -4.94 25.63 33.17
CA LEU B 477 -4.50 24.31 33.59
C LEU B 477 -5.71 23.39 33.79
N THR B 478 -6.60 23.36 32.80
CA THR B 478 -7.79 22.52 32.84
C THR B 478 -7.48 21.12 32.31
N HIS B 479 -6.34 20.95 31.64
CA HIS B 479 -5.98 19.64 31.13
C HIS B 479 -5.76 18.68 32.30
N GLN B 480 -6.06 17.40 32.07
CA GLN B 480 -6.01 16.37 33.08
C GLN B 480 -4.62 16.32 33.72
N VAL B 481 -3.57 16.66 32.95
CA VAL B 481 -2.19 16.55 33.42
C VAL B 481 -1.99 17.44 34.66
N PHE B 482 -2.72 18.55 34.73
CA PHE B 482 -2.56 19.49 35.83
C PHE B 482 -3.56 19.20 36.96
N ASN B 483 -4.26 18.05 36.88
CA ASN B 483 -5.34 17.79 37.79
C ASN B 483 -5.26 16.37 38.34
N SER B 484 -4.16 15.65 38.10
CA SER B 484 -4.08 14.23 38.35
C SER B 484 -2.97 13.89 39.35
N TYR B 485 -1.98 14.76 39.54
CA TYR B 485 -0.73 14.36 40.21
C TYR B 485 -0.45 15.28 41.41
N HIS B 486 -1.38 15.34 42.37
CA HIS B 486 -1.32 16.25 43.52
C HIS B 486 -0.88 15.52 44.81
N SER B 487 -0.98 14.18 44.84
CA SER B 487 -0.37 13.45 45.93
C SER B 487 1.13 13.33 45.68
N GLU B 488 1.93 13.24 46.73
CA GLU B 488 3.36 13.11 46.48
C GLU B 488 3.62 11.75 45.79
N THR B 489 2.87 10.71 46.16
CA THR B 489 3.04 9.41 45.53
C THR B 489 2.83 9.56 44.02
N ASN B 490 1.80 10.33 43.62
CA ASN B 490 1.43 10.41 42.22
C ASN B 490 2.46 11.21 41.43
N ILE B 491 2.99 12.31 41.98
CA ILE B 491 3.92 13.13 41.21
C ILE B 491 5.23 12.34 41.03
N VAL B 492 5.66 11.60 42.06
CA VAL B 492 6.86 10.78 41.97
C VAL B 492 6.66 9.76 40.85
N ARG B 493 5.45 9.16 40.76
CA ARG B 493 5.23 8.13 39.76
C ARG B 493 5.22 8.75 38.35
N TYR B 494 4.65 9.95 38.21
CA TYR B 494 4.58 10.62 36.91
C TYR B 494 6.00 10.99 36.45
N MET B 495 6.81 11.55 37.35
CA MET B 495 8.18 11.95 37.06
C MET B 495 9.00 10.71 36.63
N LYS B 496 8.80 9.58 37.30
CA LYS B 496 9.52 8.37 37.00
C LYS B 496 9.06 7.81 35.64
N LYS B 497 7.75 7.91 35.35
CA LYS B 497 7.22 7.43 34.09
C LYS B 497 7.92 8.17 32.93
N LEU B 498 8.01 9.50 33.02
CA LEU B 498 8.63 10.28 31.96
C LEU B 498 10.12 9.97 31.87
N GLU B 499 10.78 9.91 33.03
CA GLU B 499 12.19 9.62 33.10
C GLU B 499 12.49 8.34 32.30
N ASN B 500 11.67 7.29 32.53
CA ASN B 500 11.98 5.97 32.05
C ASN B 500 11.73 5.87 30.54
N LYS B 501 11.03 6.83 29.97
CA LYS B 501 10.85 6.91 28.54
C LYS B 501 12.12 7.42 27.84
N ASP B 502 13.08 7.96 28.60
CA ASP B 502 14.17 8.74 28.03
C ASP B 502 15.50 8.03 28.23
N ILE B 503 16.18 7.70 27.13
CA ILE B 503 17.51 7.13 27.26
C ILE B 503 18.46 8.27 27.67
N SER B 504 19.39 7.96 28.58
CA SER B 504 20.27 8.96 29.17
C SER B 504 21.59 8.28 29.53
N LEU B 505 22.51 9.00 30.17
CA LEU B 505 23.83 8.47 30.44
C LEU B 505 23.78 7.42 31.57
N VAL B 506 22.63 7.27 32.23
CA VAL B 506 22.45 6.18 33.20
C VAL B 506 22.25 4.83 32.46
N HIS B 507 22.07 4.87 31.12
CA HIS B 507 21.86 3.67 30.37
C HIS B 507 23.11 3.29 29.54
N SER B 508 23.57 4.21 28.67
CA SER B 508 24.60 3.86 27.71
C SER B 508 25.23 5.15 27.18
N MET B 509 26.38 5.01 26.51
CA MET B 509 27.06 6.12 25.89
C MET B 509 26.11 6.82 24.91
N ILE B 510 26.14 8.15 24.90
CA ILE B 510 25.38 8.94 23.96
C ILE B 510 26.38 9.75 23.14
N PRO B 511 26.88 9.19 22.02
CA PRO B 511 28.07 9.70 21.37
C PRO B 511 27.78 10.88 20.41
N LEU B 512 27.16 11.93 20.93
CA LEU B 512 26.73 13.03 20.11
C LEU B 512 27.94 13.92 19.80
N GLY B 513 28.33 13.90 18.53
CA GLY B 513 29.23 14.89 18.00
C GLY B 513 28.77 16.30 18.37
N SER B 514 29.75 17.14 18.75
CA SER B 514 29.54 18.53 19.08
C SER B 514 28.73 18.67 20.38
N CYS B 515 28.70 17.63 21.25
CA CYS B 515 27.94 17.75 22.51
C CYS B 515 28.77 17.42 23.75
N THR B 516 29.84 16.61 23.60
CA THR B 516 30.70 16.22 24.73
C THR B 516 29.87 15.69 25.92
N MET B 517 29.24 14.54 25.68
CA MET B 517 28.36 13.90 26.64
C MET B 517 29.19 13.12 27.68
N LYS B 518 29.97 13.86 28.46
CA LYS B 518 30.89 13.26 29.42
C LYS B 518 30.22 13.14 30.80
N LEU B 519 30.97 12.67 31.79
CA LEU B 519 30.45 12.43 33.13
C LEU B 519 30.07 13.75 33.81
N ASN B 520 28.84 13.75 34.35
CA ASN B 520 28.34 14.76 35.25
C ASN B 520 28.33 14.13 36.64
N SER B 521 29.41 14.37 37.39
CA SER B 521 29.70 13.61 38.57
C SER B 521 28.82 14.09 39.74
N SER B 522 28.53 13.14 40.62
CA SER B 522 27.72 13.39 41.79
C SER B 522 28.30 14.50 42.67
N SER B 523 29.63 14.47 42.85
CA SER B 523 30.34 15.42 43.67
C SER B 523 30.28 16.83 43.05
N GLU B 524 30.40 16.91 41.70
CA GLU B 524 30.26 18.18 41.02
C GLU B 524 28.84 18.74 41.23
N LEU B 525 27.84 17.86 41.18
CA LEU B 525 26.45 18.29 41.10
C LEU B 525 25.91 18.70 42.48
N ALA B 526 26.39 18.02 43.54
CA ALA B 526 25.85 18.20 44.88
C ALA B 526 25.65 19.69 45.24
N PRO B 527 26.66 20.58 45.04
CA PRO B 527 26.55 21.92 45.61
C PRO B 527 25.48 22.81 44.98
N ILE B 528 24.98 22.45 43.79
CA ILE B 528 24.11 23.41 43.11
C ILE B 528 22.80 23.56 43.88
N THR B 529 22.44 22.58 44.72
CA THR B 529 21.25 22.71 45.55
C THR B 529 21.63 22.97 47.00
N TRP B 530 22.88 23.37 47.28
CA TRP B 530 23.17 23.94 48.59
C TRP B 530 22.48 25.30 48.67
N LYS B 531 21.89 25.59 49.84
CA LYS B 531 21.16 26.81 50.01
C LYS B 531 22.09 28.01 49.84
N GLU B 532 23.36 27.89 50.25
CA GLU B 532 24.30 29.03 50.17
C GLU B 532 24.59 29.39 48.70
N PHE B 533 24.34 28.48 47.75
CA PHE B 533 24.41 28.78 46.33
C PHE B 533 23.03 29.01 45.72
N ALA B 534 22.02 28.23 46.13
CA ALA B 534 20.73 28.24 45.45
C ALA B 534 19.81 29.40 45.89
N ASN B 535 19.99 29.89 47.11
CA ASN B 535 18.95 30.70 47.76
C ASN B 535 19.48 32.11 48.01
N ILE B 536 20.23 32.65 47.06
CA ILE B 536 20.68 34.03 47.16
C ILE B 536 20.12 34.81 46.02
N HIS B 537 19.51 35.95 46.29
CA HIS B 537 18.95 36.78 45.25
C HIS B 537 20.15 37.31 44.43
N PRO B 538 20.02 37.36 43.11
CA PRO B 538 21.12 37.81 42.26
C PRO B 538 21.58 39.26 42.54
N PHE B 539 20.66 40.13 42.94
CA PHE B 539 20.96 41.50 43.24
C PHE B 539 21.21 41.88 44.69
N VAL B 540 21.60 40.95 45.58
CA VAL B 540 21.92 41.33 46.98
C VAL B 540 23.12 42.30 46.97
N PRO B 541 23.31 43.09 48.05
CA PRO B 541 24.61 43.70 48.32
C PRO B 541 25.71 42.63 48.29
N LEU B 542 26.87 43.00 47.75
CA LEU B 542 27.91 42.02 47.42
C LEU B 542 28.55 41.49 48.72
N ASP B 543 28.38 42.20 49.80
CA ASP B 543 28.94 41.71 51.03
C ASP B 543 28.18 40.46 51.55
N GLN B 544 27.06 40.16 50.93
CA GLN B 544 26.28 38.96 51.22
C GLN B 544 26.62 37.83 50.21
N ALA B 545 27.41 38.14 49.19
CA ALA B 545 27.76 37.16 48.19
C ALA B 545 29.23 37.03 47.98
N GLN B 546 29.98 37.07 49.05
CA GLN B 546 31.40 36.97 48.97
C GLN B 546 31.91 35.59 48.63
N GLY B 547 31.12 34.56 48.89
CA GLY B 547 31.53 33.22 48.53
C GLY B 547 31.49 33.10 47.03
N TYR B 548 30.47 33.67 46.42
CA TYR B 548 30.35 33.66 45.00
C TYR B 548 31.50 34.45 44.37
N GLN B 549 31.94 35.54 44.98
CA GLN B 549 33.04 36.30 44.46
C GLN B 549 34.29 35.44 44.41
N GLN B 550 34.57 34.68 45.46
CA GLN B 550 35.75 33.84 45.45
C GLN B 550 35.60 32.75 44.41
N LEU B 551 34.41 32.17 44.27
CA LEU B 551 34.16 31.20 43.24
C LEU B 551 34.53 31.77 41.86
N PHE B 552 33.99 32.95 41.54
CA PHE B 552 34.22 33.58 40.26
C PHE B 552 35.72 33.79 40.04
N ARG B 553 36.40 34.39 41.02
CA ARG B 553 37.85 34.64 40.89
C ARG B 553 38.57 33.32 40.60
N GLU B 554 38.25 32.25 41.32
CA GLU B 554 39.03 31.03 41.20
C GLU B 554 38.77 30.35 39.85
N LEU B 555 37.49 30.33 39.45
CA LEU B 555 37.13 29.68 38.20
C LEU B 555 37.71 30.51 37.04
N GLU B 556 37.65 31.84 37.15
CA GLU B 556 38.21 32.69 36.13
C GLU B 556 39.69 32.37 35.96
N LYS B 557 40.43 32.31 37.07
CA LYS B 557 41.86 32.18 37.00
C LYS B 557 42.20 30.85 36.32
N ASP B 558 41.46 29.79 36.67
CA ASP B 558 41.67 28.47 36.08
C ASP B 558 41.33 28.53 34.58
N LEU B 559 40.23 29.18 34.21
CA LEU B 559 39.82 29.20 32.83
C LEU B 559 40.83 30.01 31.98
N CYS B 560 41.40 31.06 32.57
CA CYS B 560 42.41 31.89 31.88
C CYS B 560 43.64 31.04 31.55
N GLU B 561 44.06 30.21 32.51
CA GLU B 561 45.20 29.33 32.35
C GLU B 561 44.92 28.23 31.30
N LEU B 562 43.68 27.73 31.23
CA LEU B 562 43.33 26.65 30.28
C LEU B 562 43.28 27.20 28.85
N THR B 563 43.05 28.52 28.71
CA THR B 563 42.70 29.10 27.42
C THR B 563 43.78 30.05 26.89
N GLY B 564 44.63 30.56 27.78
CA GLY B 564 45.64 31.56 27.40
C GLY B 564 45.03 32.95 27.25
N TYR B 565 43.92 33.22 27.96
CA TYR B 565 43.30 34.56 27.93
C TYR B 565 43.59 35.29 29.24
N ASP B 566 43.27 36.58 29.27
CA ASP B 566 43.70 37.46 30.34
C ASP B 566 42.57 37.74 31.33
N GLN B 567 41.32 37.62 30.88
CA GLN B 567 40.16 37.86 31.71
C GLN B 567 39.00 37.01 31.19
N VAL B 568 38.13 36.57 32.10
CA VAL B 568 36.93 35.82 31.75
C VAL B 568 35.69 36.59 32.26
N CYS B 569 34.64 36.57 31.44
CA CYS B 569 33.34 37.14 31.80
C CYS B 569 32.30 36.01 31.80
N PHE B 570 31.56 35.87 32.91
CA PHE B 570 30.66 34.74 33.15
C PHE B 570 29.21 35.05 32.74
N GLN B 571 28.94 36.30 32.36
CA GLN B 571 27.58 36.72 32.08
C GLN B 571 26.91 35.85 31.01
N PRO B 572 27.59 35.45 29.88
CA PRO B 572 26.87 34.78 28.81
C PRO B 572 26.42 33.37 29.25
N ASN B 573 25.12 33.10 29.11
CA ASN B 573 24.45 31.95 29.75
C ASN B 573 24.09 30.88 28.72
N SER B 574 24.84 30.85 27.62
CA SER B 574 24.92 29.74 26.67
C SER B 574 26.13 29.99 25.77
N GLY B 575 26.56 28.96 25.03
CA GLY B 575 27.62 29.09 24.04
C GLY B 575 27.32 30.18 23.01
N ALA B 576 26.09 30.12 22.49
CA ALA B 576 25.64 31.09 21.50
C ALA B 576 25.69 32.49 22.09
N GLN B 577 25.27 32.60 23.36
CA GLN B 577 25.34 33.90 24.03
C GLN B 577 26.80 34.35 24.17
N GLY B 578 27.71 33.38 24.39
CA GLY B 578 29.14 33.70 24.49
C GLY B 578 29.65 34.28 23.17
N GLU B 579 29.22 33.65 22.06
CA GLU B 579 29.60 34.08 20.72
C GLU B 579 29.08 35.50 20.50
N TYR B 580 27.80 35.72 20.83
CA TYR B 580 27.19 37.02 20.68
C TYR B 580 27.96 38.05 21.50
N ALA B 581 28.21 37.76 22.77
CA ALA B 581 28.93 38.72 23.63
C ALA B 581 30.34 39.00 23.05
N GLY B 582 31.02 37.93 22.60
CA GLY B 582 32.37 38.04 22.08
C GLY B 582 32.44 38.96 20.86
N LEU B 583 31.54 38.74 19.90
CA LEU B 583 31.46 39.52 18.68
C LEU B 583 31.13 40.98 19.04
N ALA B 584 30.17 41.18 19.96
CA ALA B 584 29.77 42.53 20.35
C ALA B 584 30.98 43.27 20.95
N THR B 585 31.73 42.59 21.84
CA THR B 585 32.96 43.15 22.42
C THR B 585 33.96 43.55 21.31
N ILE B 586 34.12 42.68 20.30
CA ILE B 586 35.00 42.97 19.19
C ILE B 586 34.54 44.26 18.48
N ARG B 587 33.23 44.40 18.24
CA ARG B 587 32.71 45.57 17.57
C ARG B 587 32.93 46.80 18.44
N ALA B 588 32.77 46.69 19.77
CA ALA B 588 32.94 47.84 20.65
C ALA B 588 34.40 48.27 20.65
N TYR B 589 35.31 47.29 20.72
CA TYR B 589 36.75 47.55 20.54
C TYR B 589 37.04 48.30 19.23
N LEU B 590 36.44 47.84 18.13
CA LEU B 590 36.69 48.44 16.81
C LEU B 590 36.10 49.87 16.77
N ASN B 591 34.90 50.03 17.34
CA ASN B 591 34.24 51.34 17.42
C ASN B 591 35.13 52.32 18.18
N GLN B 592 35.69 51.87 19.31
CA GLN B 592 36.41 52.76 20.19
C GLN B 592 37.66 53.32 19.49
N LYS B 593 38.27 52.52 18.62
CA LYS B 593 39.54 52.95 18.02
C LYS B 593 39.29 53.57 16.63
N GLY B 594 38.04 53.93 16.33
CA GLY B 594 37.70 54.67 15.10
C GLY B 594 37.55 53.76 13.90
N GLU B 595 37.36 52.46 14.14
CA GLU B 595 37.36 51.47 13.04
C GLU B 595 35.97 50.84 12.89
N GLY B 596 34.92 51.61 13.23
CA GLY B 596 33.53 51.15 13.30
C GLY B 596 32.97 50.68 11.96
N HIS B 597 33.60 51.12 10.87
CA HIS B 597 33.18 50.72 9.54
C HIS B 597 33.36 49.22 9.31
N ARG B 598 34.32 48.62 10.01
CA ARG B 598 34.57 47.17 9.86
C ARG B 598 33.43 46.38 10.51
N THR B 599 32.59 45.73 9.70
CA THR B 599 31.51 44.90 10.21
C THR B 599 31.51 43.50 9.57
N VAL B 600 32.46 43.22 8.66
CA VAL B 600 32.45 41.93 7.94
C VAL B 600 33.06 40.84 8.86
N CYS B 601 32.31 39.75 9.00
CA CYS B 601 32.75 38.60 9.74
C CYS B 601 32.87 37.40 8.79
N LEU B 602 34.10 36.87 8.69
CA LEU B 602 34.37 35.65 7.90
C LEU B 602 34.01 34.43 8.75
N ILE B 603 33.21 33.52 8.16
CA ILE B 603 32.79 32.31 8.85
C ILE B 603 32.90 31.11 7.91
N PRO B 604 33.88 30.22 8.17
CA PRO B 604 33.94 28.93 7.51
C PRO B 604 32.59 28.20 7.63
N LYS B 605 32.21 27.50 6.54
CA LYS B 605 30.98 26.74 6.53
C LYS B 605 31.06 25.55 7.48
N SER B 606 32.29 25.21 7.91
CA SER B 606 32.47 24.20 8.92
C SER B 606 32.01 24.71 10.29
N ALA B 607 32.14 26.03 10.54
CA ALA B 607 31.79 26.59 11.88
C ALA B 607 30.35 26.23 12.27
N HIS B 608 30.15 25.95 13.58
CA HIS B 608 28.84 25.65 14.15
C HIS B 608 27.82 26.71 13.70
N GLY B 609 26.56 26.27 13.51
CA GLY B 609 25.44 27.11 13.03
C GLY B 609 25.17 28.31 13.95
N THR B 610 25.49 28.19 15.23
CA THR B 610 25.33 29.29 16.17
C THR B 610 26.21 30.48 15.74
N ASN B 611 27.39 30.18 15.20
CA ASN B 611 28.39 31.24 14.82
C ASN B 611 27.73 32.26 13.89
N PRO B 612 27.28 31.89 12.68
CA PRO B 612 26.61 32.84 11.78
C PRO B 612 25.33 33.47 12.37
N ALA B 613 24.52 32.70 13.09
CA ALA B 613 23.33 33.27 13.77
C ALA B 613 23.74 34.39 14.75
N SER B 614 24.82 34.14 15.51
CA SER B 614 25.32 35.08 16.49
C SER B 614 25.89 36.33 15.80
N ALA B 615 26.62 36.12 14.70
CA ALA B 615 27.16 37.24 13.93
C ALA B 615 26.01 38.12 13.40
N HIS B 616 24.95 37.48 12.90
CA HIS B 616 23.76 38.22 12.41
C HIS B 616 23.16 39.00 13.59
N MET B 617 23.02 38.34 14.75
CA MET B 617 22.45 38.97 15.93
C MET B 617 23.31 40.16 16.41
N ALA B 618 24.63 40.11 16.14
CA ALA B 618 25.55 41.19 16.55
C ALA B 618 25.70 42.23 15.42
N GLY B 619 24.86 42.12 14.38
CA GLY B 619 24.78 43.14 13.29
C GLY B 619 25.92 43.08 12.28
N MET B 620 26.59 41.93 12.18
CA MET B 620 27.73 41.80 11.27
C MET B 620 27.28 41.32 9.89
N LYS B 621 28.08 41.64 8.89
CA LYS B 621 27.91 41.14 7.55
C LYS B 621 28.69 39.83 7.44
N ILE B 622 27.98 38.77 7.08
CA ILE B 622 28.58 37.47 7.10
C ILE B 622 29.14 37.13 5.72
N GLN B 623 30.44 36.82 5.69
CA GLN B 623 31.06 36.25 4.49
C GLN B 623 31.43 34.79 4.78
N PRO B 624 30.66 33.83 4.24
CA PRO B 624 31.05 32.43 4.31
C PRO B 624 32.43 32.21 3.65
N VAL B 625 33.19 31.28 4.23
CA VAL B 625 34.43 30.82 3.65
C VAL B 625 34.28 29.32 3.38
N GLU B 626 34.72 28.87 2.21
CA GLU B 626 34.54 27.49 1.80
C GLU B 626 35.47 26.58 2.61
N VAL B 627 35.22 25.30 2.49
CA VAL B 627 36.09 24.30 3.08
C VAL B 627 36.64 23.43 1.96
N ASP B 628 37.91 23.09 2.01
CA ASP B 628 38.52 22.29 0.97
C ASP B 628 38.14 20.82 1.05
N LYS B 629 38.40 20.07 0.00
CA LYS B 629 38.08 18.66 -0.04
C LYS B 629 38.53 17.81 1.15
N TYR B 630 39.49 18.29 1.92
CA TYR B 630 40.02 17.59 3.08
C TYR B 630 39.26 17.96 4.36
N GLY B 631 38.38 18.96 4.27
CA GLY B 631 37.54 19.40 5.38
C GLY B 631 38.07 20.63 6.08
N ASN B 632 39.16 21.19 5.55
CA ASN B 632 39.86 22.31 6.17
C ASN B 632 39.33 23.62 5.59
N ILE B 633 39.57 24.74 6.28
CA ILE B 633 39.33 26.03 5.69
C ILE B 633 40.06 26.09 4.35
N ASP B 634 39.32 26.39 3.28
CA ASP B 634 39.91 26.53 1.96
C ASP B 634 40.85 27.76 1.93
N ALA B 635 42.15 27.51 1.74
CA ALA B 635 43.20 28.54 1.79
C ALA B 635 42.98 29.56 0.66
N VAL B 636 42.69 29.07 -0.54
CA VAL B 636 42.55 29.93 -1.72
C VAL B 636 41.36 30.87 -1.47
N HIS B 637 40.22 30.29 -1.05
CA HIS B 637 39.01 31.08 -0.84
C HIS B 637 39.18 32.03 0.34
N LEU B 638 39.85 31.57 1.40
CA LEU B 638 40.04 32.40 2.57
C LEU B 638 40.84 33.65 2.17
N LYS B 639 41.95 33.45 1.44
CA LYS B 639 42.81 34.55 1.04
C LYS B 639 42.03 35.52 0.15
N ALA B 640 41.19 34.98 -0.73
CA ALA B 640 40.34 35.80 -1.61
C ALA B 640 39.30 36.59 -0.79
N MET B 641 38.74 36.00 0.26
CA MET B 641 37.66 36.69 0.98
C MET B 641 38.30 37.79 1.87
N VAL B 642 39.53 37.51 2.35
CA VAL B 642 40.30 38.47 3.14
C VAL B 642 40.63 39.66 2.23
N ASP B 643 41.10 39.35 1.01
CA ASP B 643 41.47 40.37 0.04
C ASP B 643 40.25 41.24 -0.29
N LYS B 644 39.10 40.58 -0.54
CA LYS B 644 37.88 41.26 -0.88
C LYS B 644 37.42 42.19 0.26
N HIS B 645 37.52 41.72 1.51
CA HIS B 645 36.88 42.44 2.63
C HIS B 645 37.91 43.18 3.49
N LYS B 646 39.16 43.24 3.04
CA LYS B 646 40.35 43.84 3.68
C LYS B 646 40.00 45.12 4.46
N GLU B 647 39.32 46.03 3.74
CA GLU B 647 39.02 47.33 4.26
C GLU B 647 38.01 47.23 5.42
N ASN B 648 37.13 46.23 5.38
CA ASN B 648 35.93 46.22 6.20
C ASN B 648 35.93 45.05 7.18
N LEU B 649 37.09 44.38 7.34
CA LEU B 649 37.19 43.12 8.07
C LEU B 649 37.17 43.36 9.58
N ALA B 650 36.16 42.78 10.24
CA ALA B 650 35.99 42.90 11.70
C ALA B 650 36.52 41.64 12.40
N ALA B 651 36.14 40.46 11.91
CA ALA B 651 36.53 39.24 12.58
C ALA B 651 36.46 38.02 11.65
N ILE B 652 37.10 36.94 12.13
CA ILE B 652 36.81 35.60 11.68
C ILE B 652 36.30 34.81 12.91
N MET B 653 35.43 33.83 12.65
CA MET B 653 34.98 32.86 13.64
C MET B 653 35.42 31.46 13.18
N ILE B 654 36.35 30.86 13.91
CA ILE B 654 36.87 29.54 13.62
C ILE B 654 36.43 28.62 14.78
N THR B 655 35.96 27.42 14.44
CA THR B 655 35.82 26.36 15.40
C THR B 655 37.12 25.54 15.31
N TYR B 656 37.76 25.29 16.45
CA TYR B 656 39.05 24.59 16.41
C TYR B 656 39.18 23.64 17.58
N PRO B 657 39.42 22.35 17.32
CA PRO B 657 39.31 21.76 15.98
C PRO B 657 37.89 21.96 15.42
N SER B 658 37.75 21.88 14.10
CA SER B 658 36.52 22.26 13.44
C SER B 658 35.50 21.14 13.60
N THR B 659 34.29 21.46 13.14
CA THR B 659 33.14 20.61 13.30
C THR B 659 33.27 19.39 12.39
N ASN B 660 34.26 19.42 11.48
CA ASN B 660 34.59 18.30 10.59
C ASN B 660 35.36 17.24 11.38
N GLY B 661 35.66 17.52 12.67
CA GLY B 661 36.42 16.66 13.58
C GLY B 661 37.95 16.74 13.46
N VAL B 662 38.50 17.71 12.71
CA VAL B 662 39.93 17.69 12.39
C VAL B 662 40.63 18.98 12.85
N PHE B 663 41.88 18.80 13.31
CA PHE B 663 42.81 19.90 13.55
C PHE B 663 43.37 20.38 12.20
N GLU B 664 43.25 21.68 11.92
CA GLU B 664 43.82 22.34 10.75
C GLU B 664 45.31 22.49 11.04
N GLU B 665 46.18 22.27 10.05
CA GLU B 665 47.61 22.25 10.30
C GLU B 665 48.14 23.68 10.50
N ASN B 666 47.44 24.70 10.02
CA ASN B 666 48.08 26.00 9.94
C ASN B 666 47.17 27.09 10.50
N ILE B 667 46.62 26.83 11.68
CA ILE B 667 45.60 27.68 12.24
C ILE B 667 46.24 29.02 12.64
N SER B 668 47.49 28.99 13.11
CA SER B 668 48.24 30.22 13.44
C SER B 668 48.30 31.13 12.21
N ASP B 669 48.50 30.53 11.03
CA ASP B 669 48.64 31.30 9.79
C ASP B 669 47.31 32.02 9.49
N VAL B 670 46.18 31.33 9.75
CA VAL B 670 44.86 31.93 9.53
C VAL B 670 44.69 33.15 10.45
N CYS B 671 45.09 32.98 11.71
CA CYS B 671 44.99 34.03 12.71
C CYS B 671 45.86 35.23 12.31
N ASP B 672 47.10 34.94 11.87
CA ASP B 672 48.06 35.97 11.44
C ASP B 672 47.48 36.78 10.26
N LEU B 673 46.83 36.08 9.34
CA LEU B 673 46.32 36.68 8.10
C LEU B 673 45.22 37.70 8.44
N ILE B 674 44.32 37.31 9.35
CA ILE B 674 43.21 38.16 9.76
C ILE B 674 43.74 39.37 10.53
N HIS B 675 44.68 39.13 11.45
CA HIS B 675 45.27 40.19 12.22
C HIS B 675 45.94 41.21 11.30
N GLN B 676 46.70 40.71 10.31
CA GLN B 676 47.45 41.57 9.40
C GLN B 676 46.52 42.48 8.57
N HIS B 677 45.22 42.14 8.50
CA HIS B 677 44.27 42.90 7.69
C HIS B 677 43.22 43.60 8.57
N GLY B 678 43.58 43.76 9.87
CA GLY B 678 42.91 44.67 10.80
C GLY B 678 41.74 44.03 11.56
N GLY B 679 41.59 42.71 11.45
CA GLY B 679 40.46 42.00 12.03
C GLY B 679 40.85 41.30 13.33
N GLN B 680 39.84 40.90 14.11
CA GLN B 680 40.03 40.15 15.36
C GLN B 680 39.64 38.67 15.13
N VAL B 681 40.22 37.79 15.96
CA VAL B 681 39.98 36.38 15.84
C VAL B 681 39.10 35.90 17.00
N TYR B 682 37.89 35.48 16.64
CA TYR B 682 36.98 34.73 17.54
C TYR B 682 37.15 33.23 17.31
N LEU B 683 37.52 32.52 18.37
CA LEU B 683 37.65 31.07 18.32
C LEU B 683 36.61 30.40 19.23
N ASP B 684 35.71 29.66 18.56
CA ASP B 684 34.64 28.92 19.18
C ASP B 684 35.27 27.79 20.00
N GLY B 685 35.12 27.88 21.33
CA GLY B 685 35.83 27.02 22.25
C GLY B 685 35.04 25.78 22.64
N ALA B 686 33.91 25.54 21.99
CA ALA B 686 33.04 24.44 22.30
C ALA B 686 33.72 23.08 22.11
N ASN B 687 34.75 23.03 21.26
CA ASN B 687 35.46 21.81 21.02
C ASN B 687 36.75 21.75 21.85
N MET B 688 36.82 22.51 22.96
CA MET B 688 38.02 22.53 23.81
C MET B 688 38.30 21.15 24.45
N ASN B 689 37.41 20.18 24.35
CA ASN B 689 37.70 18.87 24.95
C ASN B 689 38.84 18.15 24.20
N ALA B 690 39.19 18.64 23.00
CA ALA B 690 40.38 18.16 22.26
C ALA B 690 41.63 19.00 22.55
N GLN B 691 41.53 20.04 23.39
CA GLN B 691 42.62 21.02 23.58
C GLN B 691 43.14 21.03 25.03
N VAL B 692 42.25 20.87 26.00
CA VAL B 692 42.58 21.25 27.38
C VAL B 692 43.85 20.51 27.83
N GLY B 693 44.86 21.28 28.24
CA GLY B 693 46.10 20.74 28.77
C GLY B 693 47.10 20.35 27.69
N ILE B 694 46.76 20.60 26.41
CA ILE B 694 47.64 20.24 25.30
C ILE B 694 47.99 21.50 24.50
N CYS B 695 46.97 22.31 24.17
CA CYS B 695 47.12 23.62 23.51
C CYS B 695 46.07 24.60 24.05
N ARG B 696 46.26 25.87 23.74
CA ARG B 696 45.43 26.95 24.24
C ARG B 696 45.15 27.94 23.12
N PRO B 697 43.86 28.22 22.81
CA PRO B 697 43.52 29.11 21.70
C PRO B 697 44.25 30.45 21.77
N GLY B 698 44.41 30.96 22.97
CA GLY B 698 45.05 32.23 23.15
C GLY B 698 46.53 32.21 22.89
N ASP B 699 47.09 31.04 22.73
CA ASP B 699 48.50 30.90 22.49
C ASP B 699 48.84 30.90 20.99
N PHE B 700 47.83 30.77 20.15
CA PHE B 700 48.06 30.73 18.75
C PHE B 700 47.28 31.76 17.94
N GLY B 701 47.03 32.91 18.54
CA GLY B 701 46.40 33.97 17.81
C GLY B 701 44.97 34.30 17.97
N SER B 702 44.35 33.67 18.95
CA SER B 702 42.96 33.95 19.19
C SER B 702 42.84 35.16 20.08
N ASP B 703 41.85 35.96 19.84
CA ASP B 703 41.62 37.16 20.70
C ASP B 703 40.54 36.92 21.77
N VAL B 704 39.61 36.00 21.49
CA VAL B 704 38.45 35.79 22.34
C VAL B 704 37.84 34.43 21.99
N SER B 705 37.40 33.70 23.04
CA SER B 705 36.67 32.45 22.92
C SER B 705 35.57 32.38 23.98
N HIS B 706 34.42 31.81 23.59
CA HIS B 706 33.51 31.27 24.56
C HIS B 706 33.90 29.81 24.83
N LEU B 707 33.59 29.36 26.04
CA LEU B 707 33.61 27.97 26.43
C LEU B 707 32.17 27.49 26.64
N ASN B 708 31.93 26.21 26.34
CA ASN B 708 30.70 25.54 26.73
C ASN B 708 31.01 24.73 28.00
N LEU B 709 30.66 25.28 29.16
CA LEU B 709 30.89 24.58 30.44
C LEU B 709 30.03 23.31 30.49
N HIS B 710 28.88 23.34 29.80
CA HIS B 710 27.95 22.23 29.69
C HIS B 710 28.40 21.21 28.63
N LYS B 711 29.56 21.44 27.98
CA LYS B 711 30.18 20.38 27.17
C LYS B 711 31.47 19.95 27.86
N THR B 712 32.49 20.82 27.78
CA THR B 712 33.85 20.48 28.20
C THR B 712 33.98 20.33 29.72
N PHE B 713 33.14 21.04 30.51
CA PHE B 713 33.41 21.22 31.96
C PHE B 713 32.22 20.75 32.81
N CYS B 714 31.46 19.78 32.28
CA CYS B 714 30.65 18.82 33.06
C CYS B 714 29.30 19.36 33.53
N ILE B 715 28.93 20.60 33.19
CA ILE B 715 27.57 21.03 33.54
C ILE B 715 26.63 20.09 32.76
N PRO B 716 25.59 19.54 33.41
CA PRO B 716 24.77 18.49 32.80
C PRO B 716 23.94 19.03 31.63
N HIS B 717 23.66 18.16 30.68
CA HIS B 717 23.02 18.58 29.42
C HIS B 717 21.53 18.91 29.64
N GLY B 718 20.90 18.30 30.67
CA GLY B 718 19.64 18.85 31.21
C GLY B 718 18.47 18.67 30.25
N GLY B 719 18.64 17.81 29.23
CA GLY B 719 17.57 17.60 28.23
C GLY B 719 17.46 18.79 27.29
N GLY B 720 18.48 19.65 27.29
CA GLY B 720 18.53 20.81 26.37
C GLY B 720 18.76 22.13 27.09
N GLY B 721 19.57 22.10 28.15
CA GLY B 721 19.87 23.24 29.03
C GLY B 721 19.72 22.85 30.50
N PRO B 722 20.37 23.56 31.45
CA PRO B 722 21.08 24.82 31.19
C PRO B 722 22.53 24.71 30.71
N GLY B 723 23.04 25.79 30.12
CA GLY B 723 24.43 25.91 29.89
C GLY B 723 24.98 27.22 30.41
N MET B 724 26.30 27.33 30.30
CA MET B 724 27.03 28.58 30.53
C MET B 724 28.14 28.71 29.48
N GLY B 725 28.25 29.93 28.95
CA GLY B 725 29.09 30.24 27.82
C GLY B 725 30.04 31.39 28.14
N PRO B 726 30.90 31.25 29.16
CA PRO B 726 31.79 32.34 29.56
C PRO B 726 32.78 32.63 28.44
N ILE B 727 33.14 33.90 28.29
CA ILE B 727 34.12 34.31 27.28
C ILE B 727 35.42 34.73 27.97
N GLY B 728 36.52 34.19 27.45
CA GLY B 728 37.86 34.62 27.77
C GLY B 728 38.37 35.54 26.67
N VAL B 729 39.05 36.61 27.07
CA VAL B 729 39.54 37.60 26.09
C VAL B 729 40.99 37.95 26.41
N LYS B 730 41.72 38.35 25.38
CA LYS B 730 42.99 39.07 25.52
C LYS B 730 42.70 40.45 26.12
N LYS B 731 43.71 40.99 26.82
CA LYS B 731 43.54 42.18 27.67
C LYS B 731 43.08 43.38 26.84
N HIS B 732 43.44 43.44 25.56
CA HIS B 732 43.05 44.56 24.70
C HIS B 732 41.52 44.61 24.54
N LEU B 733 40.84 43.47 24.67
CA LEU B 733 39.38 43.45 24.55
C LEU B 733 38.70 43.65 25.93
N ALA B 734 39.46 43.50 27.02
CA ALA B 734 38.88 43.38 28.40
C ALA B 734 38.05 44.60 28.77
N PRO B 735 38.50 45.84 28.48
CA PRO B 735 37.72 47.02 28.82
C PRO B 735 36.30 47.05 28.23
N PHE B 736 36.04 46.23 27.21
CA PHE B 736 34.77 46.32 26.48
C PHE B 736 33.81 45.18 26.85
N LEU B 737 34.20 44.38 27.86
CA LEU B 737 33.39 43.26 28.32
C LEU B 737 32.04 43.75 28.86
N PRO B 738 30.99 42.89 28.81
CA PRO B 738 29.66 43.26 29.34
C PRO B 738 29.72 43.75 30.79
N ASN B 739 28.89 44.74 31.13
CA ASN B 739 28.57 44.96 32.55
C ASN B 739 27.07 44.74 32.74
N HIS B 740 26.51 45.34 33.80
CA HIS B 740 25.17 45.10 34.24
C HIS B 740 24.69 46.36 34.96
N PRO B 741 23.44 46.79 34.78
CA PRO B 741 22.96 48.03 35.35
C PRO B 741 22.70 48.00 36.86
N VAL B 742 22.58 46.79 37.45
CA VAL B 742 22.20 46.69 38.86
C VAL B 742 23.46 46.40 39.71
N ILE B 743 24.30 45.47 39.24
CA ILE B 743 25.55 45.07 39.89
C ILE B 743 26.72 45.36 38.94
N SER B 744 27.61 46.29 39.32
CA SER B 744 28.71 46.75 38.43
C SER B 744 29.83 45.71 38.30
N LEU B 745 30.19 45.40 37.03
CA LEU B 745 31.28 44.46 36.62
C LEU B 745 32.53 45.19 36.08
N LYS B 746 32.58 46.52 36.22
CA LYS B 746 33.78 47.31 35.85
C LYS B 746 34.93 47.07 36.84
N ARG B 747 36.13 46.82 36.27
CA ARG B 747 37.38 46.60 36.99
C ARG B 747 38.15 47.92 37.12
N ASN B 748 38.09 48.78 36.10
CA ASN B 748 38.88 50.06 36.00
C ASN B 748 37.96 51.23 35.60
N GLU B 749 38.54 52.44 35.56
CA GLU B 749 37.93 53.63 34.95
C GLU B 749 38.08 53.55 33.41
N ASP B 750 38.99 52.68 32.97
CA ASP B 750 39.27 52.35 31.57
C ASP B 750 38.09 51.59 30.90
N ALA B 751 37.11 51.16 31.69
CA ALA B 751 36.01 50.31 31.21
C ALA B 751 35.14 51.07 30.20
N CYS B 752 34.75 50.35 29.16
CA CYS B 752 33.95 50.87 28.07
C CYS B 752 33.02 49.74 27.61
N PRO B 753 32.07 49.34 28.48
CA PRO B 753 31.35 48.08 28.29
C PRO B 753 30.52 48.08 27.01
N VAL B 754 30.52 46.95 26.32
CA VAL B 754 29.68 46.72 25.16
C VAL B 754 28.20 46.97 25.49
N GLY B 755 27.79 46.60 26.71
CA GLY B 755 26.40 46.61 27.13
C GLY B 755 26.12 45.47 28.10
N THR B 756 24.86 44.98 28.10
CA THR B 756 24.46 43.84 28.93
C THR B 756 23.84 42.75 28.05
N VAL B 757 24.32 41.50 28.16
CA VAL B 757 23.85 40.39 27.32
C VAL B 757 22.92 39.46 28.11
N SER B 758 23.07 39.41 29.44
CA SER B 758 22.20 38.51 30.27
C SER B 758 21.50 39.31 31.38
N ALA B 759 20.37 38.77 31.86
CA ALA B 759 19.54 39.42 32.89
C ALA B 759 20.28 39.55 34.24
N ALA B 760 21.13 38.58 34.56
CA ALA B 760 21.88 38.56 35.82
C ALA B 760 23.36 38.77 35.50
N PRO B 761 24.13 39.47 36.37
CA PRO B 761 25.50 39.89 36.05
C PRO B 761 26.47 38.74 35.72
N TRP B 762 26.35 37.60 36.41
CA TRP B 762 27.14 36.39 36.16
C TRP B 762 26.28 35.24 35.62
N GLY B 763 25.15 35.58 34.99
CA GLY B 763 24.24 34.59 34.43
C GLY B 763 23.81 33.58 35.46
N SER B 764 23.84 32.28 35.08
CA SER B 764 23.35 31.22 35.98
C SER B 764 24.43 30.82 37.00
N SER B 765 24.62 31.66 38.01
CA SER B 765 25.78 31.54 38.92
C SER B 765 25.81 30.18 39.63
N SER B 766 24.63 29.68 40.00
CA SER B 766 24.53 28.54 40.88
C SER B 766 25.05 27.25 40.20
N ILE B 767 25.30 27.24 38.89
CA ILE B 767 25.80 25.98 38.28
C ILE B 767 27.31 26.06 37.99
N LEU B 768 27.91 27.25 38.18
CA LEU B 768 29.34 27.40 38.03
C LEU B 768 30.10 26.47 38.99
N PRO B 769 29.62 26.13 40.21
CA PRO B 769 30.39 25.26 41.07
C PRO B 769 30.73 23.89 40.44
N ILE B 770 29.90 23.42 39.52
CA ILE B 770 30.11 22.16 38.84
C ILE B 770 31.47 22.17 38.11
N SER B 771 31.70 23.21 37.30
CA SER B 771 32.91 23.30 36.50
C SER B 771 34.10 23.61 37.39
N TRP B 772 33.89 24.45 38.41
CA TRP B 772 34.93 24.72 39.41
C TRP B 772 35.41 23.39 40.00
N ALA B 773 34.45 22.54 40.40
CA ALA B 773 34.74 21.25 41.08
C ALA B 773 35.47 20.29 40.15
N TYR B 774 35.01 20.17 38.91
CA TYR B 774 35.69 19.35 37.91
C TYR B 774 37.15 19.79 37.80
N ILE B 775 37.35 21.09 37.60
CA ILE B 775 38.70 21.60 37.38
C ILE B 775 39.57 21.36 38.63
N LYS B 776 39.04 21.67 39.80
CA LYS B 776 39.84 21.54 41.03
C LYS B 776 40.14 20.07 41.36
N MET B 777 39.27 19.12 40.98
CA MET B 777 39.56 17.71 41.27
C MET B 777 40.52 17.12 40.23
N MET B 778 40.42 17.59 38.99
CA MET B 778 41.20 16.99 37.90
C MET B 778 42.65 17.50 37.96
N GLY B 779 42.79 18.79 38.27
CA GLY B 779 44.07 19.46 38.26
C GLY B 779 44.64 19.51 36.85
N GLY B 780 45.90 19.93 36.74
CA GLY B 780 46.55 20.05 35.45
C GLY B 780 46.75 18.70 34.77
N LYS B 781 47.21 17.70 35.53
CA LYS B 781 47.49 16.37 35.00
C LYS B 781 46.19 15.68 34.55
N GLY B 782 45.16 15.76 35.39
CA GLY B 782 43.88 15.14 35.09
C GLY B 782 43.23 15.72 33.86
N LEU B 783 43.19 17.05 33.75
CA LEU B 783 42.56 17.71 32.62
C LEU B 783 43.24 17.27 31.32
N LYS B 784 44.58 17.23 31.32
CA LYS B 784 45.37 16.76 30.20
C LYS B 784 44.97 15.32 29.83
N GLN B 785 44.90 14.42 30.83
CA GLN B 785 44.58 13.02 30.61
C GLN B 785 43.18 12.89 30.01
N ALA B 786 42.28 13.80 30.39
CA ALA B 786 40.90 13.77 29.93
C ALA B 786 40.88 14.00 28.43
N THR B 787 41.56 15.07 28.00
CA THR B 787 41.69 15.44 26.61
C THR B 787 42.37 14.31 25.83
N GLU B 788 43.48 13.79 26.37
CA GLU B 788 44.24 12.73 25.73
C GLU B 788 43.32 11.55 25.45
N THR B 789 42.50 11.21 26.45
CA THR B 789 41.68 10.02 26.35
C THR B 789 40.47 10.31 25.45
N ALA B 790 39.93 11.55 25.46
CA ALA B 790 38.89 11.91 24.50
C ALA B 790 39.40 11.65 23.06
N ILE B 791 40.64 12.02 22.79
CA ILE B 791 41.22 11.91 21.46
C ILE B 791 41.48 10.43 21.15
N LEU B 792 41.99 9.70 22.13
CA LEU B 792 42.27 8.27 21.97
C LEU B 792 40.97 7.54 21.63
N ASN B 793 39.93 7.81 22.42
CA ASN B 793 38.62 7.11 22.30
C ASN B 793 38.02 7.36 20.91
N ALA B 794 38.10 8.61 20.44
CA ALA B 794 37.56 8.93 19.12
C ALA B 794 38.36 8.20 18.03
N ASN B 795 39.69 8.20 18.15
CA ASN B 795 40.53 7.63 17.11
C ASN B 795 40.40 6.10 17.14
N TYR B 796 40.24 5.51 18.33
CA TYR B 796 40.06 4.07 18.48
C TYR B 796 38.81 3.65 17.71
N MET B 797 37.71 4.40 17.91
CA MET B 797 36.44 4.10 17.28
C MET B 797 36.59 4.23 15.76
N ALA B 798 37.18 5.34 15.32
CA ALA B 798 37.39 5.56 13.90
C ALA B 798 38.17 4.38 13.28
N LYS B 799 39.23 3.94 13.96
CA LYS B 799 40.06 2.86 13.45
C LYS B 799 39.21 1.59 13.30
N ARG B 800 38.37 1.29 14.31
CA ARG B 800 37.61 0.06 14.29
C ARG B 800 36.57 0.07 13.16
N LEU B 801 36.08 1.26 12.80
CA LEU B 801 34.94 1.41 11.90
C LEU B 801 35.37 1.67 10.44
N GLU B 802 36.65 1.94 10.22
CA GLU B 802 37.11 2.60 8.98
C GLU B 802 36.97 1.67 7.77
N THR B 803 36.92 0.35 7.98
CA THR B 803 36.78 -0.61 6.89
C THR B 803 35.31 -0.91 6.64
N HIS B 804 34.41 -0.38 7.47
CA HIS B 804 32.98 -0.62 7.35
C HIS B 804 32.26 0.65 6.87
N TYR B 805 32.75 1.79 7.34
CA TYR B 805 32.22 3.11 7.01
C TYR B 805 33.40 4.00 6.59
N ARG B 806 33.15 4.93 5.67
CA ARG B 806 34.15 5.91 5.35
C ARG B 806 34.18 6.95 6.49
N ILE B 807 35.38 7.16 7.03
CA ILE B 807 35.67 8.31 7.86
C ILE B 807 35.83 9.52 6.95
N LEU B 808 34.95 10.52 7.06
CA LEU B 808 34.82 11.53 6.03
C LEU B 808 36.07 12.43 6.01
N PHE B 809 36.53 12.87 7.19
CA PHE B 809 37.69 13.74 7.24
C PHE B 809 38.70 13.26 8.28
N ARG B 810 39.99 13.41 7.95
CA ARG B 810 41.10 13.09 8.80
C ARG B 810 42.15 14.22 8.73
N GLY B 811 42.98 14.29 9.75
CA GLY B 811 44.00 15.30 9.81
C GLY B 811 45.15 15.05 8.85
N ALA B 812 46.19 15.86 8.97
CA ALA B 812 47.37 15.77 8.13
C ALA B 812 47.92 14.37 8.11
N ARG B 813 48.11 13.80 9.27
CA ARG B 813 48.66 12.47 9.40
C ARG B 813 47.63 11.36 9.60
N GLY B 814 46.40 11.62 9.18
CA GLY B 814 45.34 10.63 9.24
C GLY B 814 44.54 10.46 10.52
N TYR B 815 44.78 11.29 11.51
CA TYR B 815 44.13 11.21 12.83
C TYR B 815 42.99 12.24 12.93
N VAL B 816 41.97 11.90 13.73
CA VAL B 816 40.92 12.86 14.11
C VAL B 816 41.21 13.40 15.51
N GLY B 817 40.43 14.41 15.89
CA GLY B 817 40.44 14.99 17.24
C GLY B 817 39.63 14.16 18.23
N HIS B 818 38.63 14.78 18.86
CA HIS B 818 37.78 14.13 19.86
C HIS B 818 36.50 13.59 19.21
N GLU B 819 36.29 13.90 17.93
CA GLU B 819 35.06 13.47 17.22
C GLU B 819 35.38 13.25 15.74
N PHE B 820 34.50 12.52 15.04
CA PHE B 820 34.72 12.24 13.60
C PHE B 820 33.38 12.00 12.92
N ILE B 821 33.40 12.01 11.59
CA ILE B 821 32.20 11.85 10.79
C ILE B 821 32.29 10.52 10.03
N LEU B 822 31.17 9.77 10.08
CA LEU B 822 30.92 8.58 9.32
C LEU B 822 30.08 8.96 8.11
N ASP B 823 30.59 8.70 6.92
CA ASP B 823 29.91 9.05 5.71
C ASP B 823 29.00 7.88 5.32
N THR B 824 27.72 8.03 5.66
CA THR B 824 26.68 7.03 5.41
C THR B 824 26.02 7.28 4.05
N ARG B 825 26.44 8.34 3.33
CA ARG B 825 25.74 8.76 2.11
C ARG B 825 25.74 7.67 1.03
N PRO B 826 26.84 6.92 0.79
CA PRO B 826 26.83 5.93 -0.28
C PRO B 826 25.73 4.88 -0.17
N PHE B 827 25.18 4.67 1.04
CA PHE B 827 24.21 3.62 1.28
C PHE B 827 22.84 4.02 0.73
N LYS B 828 22.66 5.30 0.42
CA LYS B 828 21.47 5.76 -0.26
C LYS B 828 21.38 5.10 -1.64
N LYS B 829 22.48 5.17 -2.41
CA LYS B 829 22.50 4.57 -3.73
C LYS B 829 22.47 3.05 -3.61
N SER B 830 23.26 2.47 -2.69
CA SER B 830 23.47 1.03 -2.69
C SER B 830 22.26 0.29 -2.09
N ALA B 831 21.55 0.91 -1.14
CA ALA B 831 20.58 0.15 -0.33
C ALA B 831 19.31 0.95 0.00
N ASN B 832 19.18 2.17 -0.54
CA ASN B 832 18.11 3.10 -0.17
C ASN B 832 18.07 3.25 1.36
N ILE B 833 19.25 3.31 1.98
CA ILE B 833 19.42 3.53 3.40
C ILE B 833 19.93 4.96 3.59
N GLU B 834 19.31 5.67 4.54
CA GLU B 834 19.63 7.04 4.88
C GLU B 834 20.15 7.09 6.31
N ALA B 835 20.79 8.21 6.65
CA ALA B 835 21.37 8.42 7.95
C ALA B 835 20.33 8.13 9.06
N VAL B 836 19.10 8.59 8.85
CA VAL B 836 17.99 8.45 9.80
C VAL B 836 17.74 6.95 10.07
N ASP B 837 17.86 6.09 9.06
CA ASP B 837 17.62 4.66 9.27
C ASP B 837 18.65 4.08 10.25
N VAL B 838 19.91 4.49 10.07
CA VAL B 838 20.99 4.05 10.94
C VAL B 838 20.75 4.60 12.36
N ALA B 839 20.31 5.86 12.45
CA ALA B 839 20.07 6.50 13.73
C ALA B 839 19.00 5.74 14.52
N LYS B 840 17.88 5.40 13.86
CA LYS B 840 16.76 4.74 14.50
C LYS B 840 17.12 3.28 14.83
N ARG B 841 17.89 2.62 13.94
CA ARG B 841 18.24 1.26 14.16
C ARG B 841 19.17 1.14 15.38
N LEU B 842 20.04 2.14 15.59
CA LEU B 842 20.88 2.15 16.80
C LEU B 842 20.03 2.02 18.09
N GLN B 843 18.82 2.58 18.10
CA GLN B 843 17.94 2.54 19.24
C GLN B 843 17.66 1.08 19.64
N ASP B 844 17.50 0.20 18.65
CA ASP B 844 17.21 -1.21 18.86
C ASP B 844 18.41 -1.90 19.50
N TYR B 845 19.61 -1.36 19.25
CA TYR B 845 20.85 -1.83 19.81
C TYR B 845 21.17 -1.17 21.16
N GLY B 846 20.26 -0.33 21.68
CA GLY B 846 20.40 0.24 23.02
C GLY B 846 21.20 1.54 23.04
N PHE B 847 21.26 2.24 21.91
CA PHE B 847 22.05 3.47 21.82
C PHE B 847 21.19 4.59 21.24
N HIS B 848 21.23 5.75 21.92
CA HIS B 848 20.98 7.04 21.29
C HIS B 848 21.89 7.20 20.07
N ALA B 849 21.35 7.67 18.95
CA ALA B 849 22.19 7.94 17.76
C ALA B 849 23.27 8.98 18.06
N PRO B 850 24.40 9.00 17.29
CA PRO B 850 25.29 10.17 17.28
C PRO B 850 24.58 11.35 16.62
N THR B 851 25.29 12.47 16.47
CA THR B 851 24.74 13.66 15.84
C THR B 851 24.39 13.32 14.38
N MET B 852 23.13 13.58 14.02
CA MET B 852 22.47 13.05 12.83
C MET B 852 22.37 14.17 11.79
N SER B 853 23.09 14.01 10.66
CA SER B 853 22.92 14.82 9.42
C SER B 853 23.48 16.23 9.59
N TRP B 854 24.47 16.35 10.48
CA TRP B 854 25.13 17.60 10.79
C TRP B 854 26.55 17.27 11.20
N PRO B 855 27.57 18.08 10.83
CA PRO B 855 27.40 19.25 9.97
C PRO B 855 27.23 18.96 8.47
N VAL B 856 27.34 17.68 8.07
CA VAL B 856 27.18 17.25 6.68
C VAL B 856 25.92 16.39 6.54
N ALA B 857 25.00 16.82 5.69
CA ALA B 857 23.76 16.11 5.42
C ALA B 857 24.09 14.65 5.06
N GLY B 858 23.36 13.73 5.69
CA GLY B 858 23.39 12.31 5.33
C GLY B 858 24.49 11.56 6.06
N THR B 859 25.16 12.22 7.02
CA THR B 859 26.25 11.61 7.75
C THR B 859 25.91 11.57 9.23
N LEU B 860 26.81 10.95 10.00
CA LEU B 860 26.72 10.86 11.46
C LEU B 860 28.02 11.39 12.06
N MET B 861 27.92 12.19 13.14
CA MET B 861 29.11 12.65 13.83
C MET B 861 29.19 12.09 15.24
N VAL B 862 30.32 11.43 15.52
CA VAL B 862 30.47 10.56 16.64
C VAL B 862 31.50 11.14 17.58
N GLU B 863 31.12 11.35 18.84
CA GLU B 863 32.02 11.84 19.90
C GLU B 863 31.79 11.06 21.19
N PRO B 864 32.70 10.13 21.54
CA PRO B 864 32.53 9.30 22.73
C PRO B 864 32.82 9.97 24.08
N THR B 865 33.78 10.90 24.10
CA THR B 865 34.33 11.56 25.31
C THR B 865 35.26 10.55 26.03
N GLU B 866 36.04 11.08 26.97
CA GLU B 866 36.95 10.31 27.79
C GLU B 866 36.21 9.47 28.86
N SER B 867 34.92 9.73 29.09
CA SER B 867 34.22 9.15 30.25
C SER B 867 33.75 7.71 30.02
N GLU B 868 33.78 7.28 28.76
CA GLU B 868 33.31 5.94 28.38
C GLU B 868 34.51 5.00 28.22
N ASP B 869 34.36 3.76 28.66
CA ASP B 869 35.48 2.85 28.64
C ASP B 869 35.45 2.01 27.36
N LYS B 870 36.47 1.17 27.21
CA LYS B 870 36.70 0.46 25.95
C LYS B 870 35.52 -0.48 25.67
N ALA B 871 35.00 -1.16 26.72
CA ALA B 871 33.93 -2.12 26.55
C ALA B 871 32.71 -1.42 25.94
N GLU B 872 32.46 -0.18 26.36
CA GLU B 872 31.30 0.57 25.90
C GLU B 872 31.55 1.02 24.46
N LEU B 873 32.75 1.50 24.15
CA LEU B 873 33.09 1.88 22.77
C LEU B 873 32.91 0.68 21.83
N ASP B 874 33.34 -0.49 22.29
CA ASP B 874 33.31 -1.71 21.50
C ASP B 874 31.86 -2.15 21.25
N ARG B 875 31.01 -2.01 22.28
CA ARG B 875 29.59 -2.29 22.10
C ARG B 875 29.03 -1.38 20.98
N PHE B 876 29.39 -0.10 21.01
CA PHE B 876 28.89 0.81 20.00
C PHE B 876 29.43 0.47 18.62
N CYS B 877 30.73 0.18 18.52
CA CYS B 877 31.34 -0.15 17.22
C CYS B 877 30.78 -1.48 16.68
N ASP B 878 30.58 -2.44 17.59
CA ASP B 878 30.01 -3.72 17.22
C ASP B 878 28.57 -3.53 16.69
N ALA B 879 27.79 -2.61 17.29
CA ALA B 879 26.45 -2.30 16.81
C ALA B 879 26.55 -1.73 15.39
N MET B 880 27.50 -0.83 15.16
CA MET B 880 27.62 -0.20 13.87
C MET B 880 28.07 -1.23 12.82
N ILE B 881 28.96 -2.16 13.20
CA ILE B 881 29.44 -3.22 12.29
C ILE B 881 28.29 -4.19 11.96
N SER B 882 27.49 -4.55 12.97
CA SER B 882 26.31 -5.37 12.77
C SER B 882 25.33 -4.67 11.81
N ILE B 883 25.13 -3.35 11.99
CA ILE B 883 24.23 -2.56 11.15
C ILE B 883 24.78 -2.53 9.71
N ARG B 884 26.11 -2.45 9.57
CA ARG B 884 26.75 -2.43 8.26
C ARG B 884 26.42 -3.72 7.50
N GLN B 885 26.41 -4.83 8.24
CA GLN B 885 26.10 -6.12 7.68
C GLN B 885 24.61 -6.18 7.32
N GLU B 886 23.76 -5.44 8.04
CA GLU B 886 22.32 -5.37 7.70
C GLU B 886 22.15 -4.61 6.38
N ILE B 887 22.96 -3.56 6.20
CA ILE B 887 22.98 -2.79 4.98
C ILE B 887 23.45 -3.72 3.85
N ALA B 888 24.51 -4.49 4.10
CA ALA B 888 25.05 -5.45 3.11
C ALA B 888 23.98 -6.47 2.70
N ASP B 889 23.11 -6.85 3.64
CA ASP B 889 22.05 -7.82 3.29
C ASP B 889 21.07 -7.16 2.32
N ILE B 890 20.80 -5.87 2.52
CA ILE B 890 19.91 -5.15 1.61
C ILE B 890 20.62 -5.03 0.25
N GLU B 891 21.89 -4.55 0.27
CA GLU B 891 22.71 -4.31 -0.93
C GLU B 891 22.66 -5.54 -1.84
N GLU B 892 22.79 -6.72 -1.22
CA GLU B 892 23.04 -7.97 -1.93
C GLU B 892 21.75 -8.79 -2.08
N GLY B 893 20.60 -8.17 -1.79
CA GLY B 893 19.28 -8.76 -2.09
C GLY B 893 18.96 -9.98 -1.24
N ARG B 894 19.53 -10.05 -0.03
CA ARG B 894 19.31 -11.17 0.88
C ARG B 894 18.08 -10.92 1.76
N ILE B 895 17.60 -9.68 1.83
CA ILE B 895 16.38 -9.32 2.59
C ILE B 895 15.61 -8.27 1.78
N ASP B 896 14.29 -8.24 1.95
CA ASP B 896 13.39 -7.24 1.34
C ASP B 896 13.98 -5.85 1.56
N PRO B 897 14.11 -5.02 0.49
CA PRO B 897 14.69 -3.68 0.61
C PRO B 897 13.74 -2.62 1.21
N ARG B 898 12.44 -2.94 1.32
CA ARG B 898 11.45 -2.01 1.88
C ARG B 898 11.14 -2.38 3.34
N VAL B 899 11.06 -3.68 3.62
CA VAL B 899 10.69 -4.18 4.93
C VAL B 899 11.89 -4.95 5.51
N ASN B 900 12.69 -4.25 6.30
CA ASN B 900 13.87 -4.80 6.94
C ASN B 900 14.09 -4.02 8.24
N PRO B 901 14.92 -4.55 9.17
CA PRO B 901 15.08 -3.92 10.48
C PRO B 901 15.43 -2.42 10.37
N LEU B 902 16.30 -2.06 9.44
CA LEU B 902 16.72 -0.69 9.27
C LEU B 902 15.56 0.25 8.91
N LYS B 903 14.73 -0.13 7.94
CA LYS B 903 13.63 0.73 7.51
C LYS B 903 12.50 0.75 8.56
N MET B 904 12.34 -0.36 9.29
CA MET B 904 11.23 -0.51 10.23
C MET B 904 11.61 0.03 11.62
N SER B 905 12.88 0.40 11.83
CA SER B 905 13.34 0.87 13.13
C SER B 905 12.72 2.23 13.43
N PRO B 906 12.52 2.59 14.72
CA PRO B 906 12.83 1.69 15.83
C PRO B 906 11.71 0.66 16.08
N HIS B 907 12.03 -0.39 16.80
CA HIS B 907 11.08 -1.44 17.15
C HIS B 907 10.60 -1.20 18.60
N SER B 908 9.36 -0.72 18.71
CA SER B 908 8.69 -0.43 19.98
C SER B 908 8.29 -1.75 20.65
N LEU B 909 8.00 -1.68 21.96
CA LEU B 909 7.50 -2.78 22.73
C LEU B 909 6.20 -3.29 22.12
N THR B 910 5.34 -2.35 21.69
CA THR B 910 4.06 -2.73 21.14
C THR B 910 4.27 -3.55 19.88
N CYS B 911 5.20 -3.10 19.05
CA CYS B 911 5.52 -3.74 17.79
C CYS B 911 6.00 -5.17 18.04
N VAL B 912 6.92 -5.36 18.97
CA VAL B 912 7.63 -6.61 19.10
C VAL B 912 6.83 -7.63 19.92
N THR B 913 5.84 -7.17 20.72
CA THR B 913 5.03 -8.06 21.54
C THR B 913 3.66 -8.33 20.92
N SER B 914 3.36 -7.73 19.78
CA SER B 914 2.07 -7.88 19.11
C SER B 914 1.84 -9.34 18.69
N SER B 915 0.55 -9.75 18.68
CA SER B 915 0.15 -11.04 18.16
C SER B 915 0.50 -11.13 16.67
N HIS B 916 0.28 -10.01 15.96
CA HIS B 916 0.53 -9.86 14.53
C HIS B 916 2.02 -9.60 14.32
N TRP B 917 2.69 -10.46 13.56
CA TRP B 917 4.07 -10.23 13.11
C TRP B 917 4.26 -10.71 11.67
N ASP B 918 4.32 -9.79 10.72
CA ASP B 918 4.60 -10.18 9.30
C ASP B 918 5.79 -9.37 8.77
N ARG B 919 6.90 -9.49 9.49
CA ARG B 919 8.20 -9.06 9.02
C ARG B 919 8.98 -10.28 8.54
N PRO B 920 9.84 -10.14 7.50
CA PRO B 920 10.67 -11.24 7.05
C PRO B 920 11.98 -11.36 7.85
N TYR B 921 11.99 -10.84 9.06
CA TYR B 921 13.09 -11.02 10.02
C TYR B 921 12.46 -11.33 11.38
N SER B 922 13.23 -11.86 12.33
CA SER B 922 12.67 -12.32 13.60
C SER B 922 12.48 -11.15 14.58
N ARG B 923 11.63 -11.40 15.58
CA ARG B 923 11.44 -10.51 16.73
C ARG B 923 12.78 -10.33 17.49
N GLU B 924 13.61 -11.38 17.47
CA GLU B 924 14.90 -11.37 18.17
C GLU B 924 15.88 -10.44 17.46
N VAL B 925 15.90 -10.51 16.12
CA VAL B 925 16.72 -9.61 15.34
C VAL B 925 16.22 -8.16 15.52
N ALA B 926 14.90 -7.99 15.63
CA ALA B 926 14.29 -6.67 15.81
C ALA B 926 14.82 -5.99 17.08
N ALA B 927 14.75 -6.73 18.21
CA ALA B 927 14.79 -6.09 19.54
C ALA B 927 16.09 -6.43 20.29
N PHE B 928 16.69 -7.57 19.97
CA PHE B 928 17.88 -8.04 20.67
C PHE B 928 18.92 -8.46 19.62
N PRO B 929 19.36 -7.54 18.75
CA PRO B 929 20.18 -7.92 17.60
C PRO B 929 21.57 -8.47 17.96
N LEU B 930 22.12 -8.07 19.11
CA LEU B 930 23.40 -8.59 19.52
C LEU B 930 23.30 -9.06 20.96
N PRO B 931 24.15 -10.01 21.38
CA PRO B 931 24.01 -10.62 22.70
C PRO B 931 24.11 -9.64 23.89
N PHE B 932 24.78 -8.50 23.72
CA PHE B 932 24.88 -7.53 24.81
C PHE B 932 23.54 -6.80 24.99
N VAL B 933 22.62 -6.90 24.03
CA VAL B 933 21.32 -6.29 24.20
C VAL B 933 20.39 -7.33 24.84
N LYS B 934 20.31 -7.31 26.17
CA LYS B 934 19.69 -8.38 26.96
C LYS B 934 18.31 -7.97 27.47
N PRO B 935 17.35 -8.91 27.55
CA PRO B 935 16.01 -8.61 28.06
C PRO B 935 16.00 -7.89 29.42
N GLU B 936 17.02 -8.13 30.26
CA GLU B 936 17.08 -7.56 31.63
C GLU B 936 17.80 -6.20 31.68
N ASN B 937 18.14 -5.66 30.52
CA ASN B 937 18.74 -4.33 30.41
C ASN B 937 18.10 -3.59 29.25
N LYS B 938 17.05 -4.17 28.63
CA LYS B 938 16.57 -3.69 27.34
C LYS B 938 15.89 -2.33 27.56
N PHE B 939 16.36 -1.32 26.84
CA PHE B 939 15.70 -0.06 26.81
C PHE B 939 14.80 0.02 25.59
N TRP B 940 13.51 0.25 25.80
CA TRP B 940 12.53 0.28 24.74
C TRP B 940 12.31 1.69 24.22
N PRO B 941 12.46 1.90 22.89
CA PRO B 941 11.86 3.06 22.24
C PRO B 941 10.38 2.97 22.57
N THR B 942 9.74 4.07 22.98
CA THR B 942 8.37 3.97 23.49
C THR B 942 7.37 4.11 22.34
N ILE B 943 7.85 4.47 21.15
CA ILE B 943 7.00 4.73 20.00
C ILE B 943 7.72 4.25 18.75
N ALA B 944 6.95 4.03 17.68
CA ALA B 944 7.53 3.75 16.35
C ALA B 944 8.06 5.04 15.74
N ARG B 945 8.66 4.91 14.56
CA ARG B 945 9.40 6.00 13.98
C ARG B 945 8.49 7.22 13.84
N ILE B 946 9.08 8.35 14.17
CA ILE B 946 8.39 9.59 14.17
C ILE B 946 8.14 10.03 12.72
N ASP B 947 6.98 10.65 12.51
CA ASP B 947 6.62 11.27 11.27
C ASP B 947 6.89 12.79 11.42
N ASP B 948 7.97 13.26 10.79
CA ASP B 948 8.43 14.65 10.94
C ASP B 948 7.54 15.58 10.11
N ILE B 949 7.13 15.16 8.91
CA ILE B 949 6.34 16.03 8.04
C ILE B 949 4.96 16.27 8.66
N TYR B 950 4.32 15.20 9.15
CA TYR B 950 2.91 15.28 9.62
C TYR B 950 2.76 16.37 10.70
N GLY B 951 3.71 16.42 11.65
CA GLY B 951 3.66 17.32 12.81
C GLY B 951 3.65 18.79 12.41
N ASP B 952 4.47 19.15 11.42
CA ASP B 952 4.57 20.53 10.98
C ASP B 952 3.32 20.90 10.16
N GLN B 953 2.72 19.92 9.47
CA GLN B 953 1.52 20.16 8.63
C GLN B 953 0.25 20.19 9.50
N HIS B 954 0.32 19.64 10.72
CA HIS B 954 -0.79 19.75 11.70
C HIS B 954 -0.24 20.26 13.04
N LEU B 955 -0.07 21.58 13.15
CA LEU B 955 0.72 22.14 14.22
C LEU B 955 -0.14 22.20 15.49
N VAL B 956 0.26 21.41 16.47
CA VAL B 956 -0.38 21.35 17.76
C VAL B 956 0.73 21.37 18.80
N CYS B 957 0.78 22.44 19.60
CA CYS B 957 1.91 22.72 20.47
C CYS B 957 1.46 22.91 21.94
N THR B 958 0.26 22.43 22.28
CA THR B 958 -0.18 22.26 23.69
C THR B 958 -0.74 20.84 23.88
N CYS B 959 -0.93 20.43 25.14
CA CYS B 959 -1.36 19.10 25.46
C CYS B 959 -2.71 18.81 24.80
N PRO B 960 -2.82 17.74 23.99
CA PRO B 960 -4.08 17.38 23.34
C PRO B 960 -5.02 16.66 24.31
N PRO B 961 -6.35 16.81 24.15
CA PRO B 961 -7.32 16.35 25.16
C PRO B 961 -7.15 14.89 25.62
N ALA C 6 -3.34 23.08 -24.56
CA ALA C 6 -4.56 23.97 -24.43
C ALA C 6 -5.88 23.16 -24.34
N SER C 7 -5.78 21.83 -24.29
CA SER C 7 -6.93 20.94 -24.17
C SER C 7 -7.76 21.25 -22.91
N ARG C 8 -9.08 20.99 -23.00
CA ARG C 8 -9.92 20.97 -21.80
C ARG C 8 -9.41 19.88 -20.86
N LEU C 9 -9.63 20.07 -19.57
CA LEU C 9 -9.25 19.07 -18.60
C LEU C 9 -10.01 17.76 -18.84
N LEU C 10 -11.28 17.90 -19.29
CA LEU C 10 -12.11 16.76 -19.59
C LEU C 10 -11.43 15.87 -20.64
N GLU C 11 -10.78 16.48 -21.63
CA GLU C 11 -10.12 15.74 -22.71
C GLU C 11 -8.90 15.00 -22.16
N ARG C 12 -8.26 15.52 -21.12
CA ARG C 12 -7.13 14.80 -20.53
C ARG C 12 -7.65 13.58 -19.77
N LEU C 13 -8.73 13.73 -18.99
CA LEU C 13 -9.27 12.65 -18.16
C LEU C 13 -10.03 11.66 -19.06
N LEU C 14 -10.62 12.17 -20.14
CA LEU C 14 -11.52 11.45 -20.98
C LEU C 14 -11.12 11.72 -22.42
N PRO C 15 -9.98 11.16 -22.88
CA PRO C 15 -9.50 11.35 -24.25
C PRO C 15 -10.44 10.65 -25.23
N ARG C 16 -10.23 10.89 -26.51
CA ARG C 16 -10.96 10.21 -27.57
C ARG C 16 -10.89 8.69 -27.34
N HIS C 17 -12.01 8.02 -27.61
CA HIS C 17 -12.11 6.57 -27.41
C HIS C 17 -11.04 5.88 -28.26
N ASP C 18 -10.95 6.26 -29.53
CA ASP C 18 -10.06 5.67 -30.49
C ASP C 18 -9.69 6.73 -31.54
N ASP C 19 -8.60 6.46 -32.27
CA ASP C 19 -8.20 7.25 -33.45
C ASP C 19 -8.02 6.29 -34.62
N PHE C 20 -8.94 6.34 -35.57
CA PHE C 20 -8.99 5.41 -36.68
C PHE C 20 -7.68 5.46 -37.47
N ALA C 21 -7.04 6.65 -37.54
CA ALA C 21 -5.78 6.78 -38.26
C ALA C 21 -4.78 5.74 -37.75
N ARG C 22 -4.81 5.41 -36.46
CA ARG C 22 -3.85 4.46 -35.83
C ARG C 22 -4.15 3.03 -36.29
N ARG C 23 -5.37 2.76 -36.77
CA ARG C 23 -5.78 1.47 -37.31
C ARG C 23 -5.54 1.43 -38.83
N HIS C 24 -5.76 2.57 -39.49
CA HIS C 24 -5.63 2.69 -40.93
C HIS C 24 -4.16 2.69 -41.37
N ILE C 25 -3.34 3.48 -40.65
CA ILE C 25 -1.93 3.71 -40.99
C ILE C 25 -1.10 2.61 -40.33
N GLY C 26 -0.37 1.85 -41.15
CA GLY C 26 0.32 0.66 -40.66
C GLY C 26 1.44 0.99 -39.69
N PRO C 27 2.44 1.81 -40.08
CA PRO C 27 3.58 2.10 -39.22
C PRO C 27 3.17 2.95 -38.01
N GLY C 28 3.48 2.49 -36.79
CA GLY C 28 3.38 3.26 -35.57
C GLY C 28 4.64 4.08 -35.34
N ASP C 29 4.80 4.61 -34.12
CA ASP C 29 5.85 5.58 -33.83
C ASP C 29 7.23 4.96 -34.05
N LYS C 30 7.42 3.75 -33.53
CA LYS C 30 8.70 3.08 -33.60
C LYS C 30 9.06 2.85 -35.07
N ASP C 31 8.11 2.34 -35.86
CA ASP C 31 8.35 2.03 -37.30
C ASP C 31 8.81 3.31 -38.02
N GLN C 32 8.12 4.44 -37.75
CA GLN C 32 8.36 5.70 -38.49
C GLN C 32 9.75 6.26 -38.14
N ARG C 33 10.11 6.32 -36.86
CA ARG C 33 11.43 6.76 -36.42
C ARG C 33 12.51 5.94 -37.15
N GLU C 34 12.30 4.62 -37.24
CA GLU C 34 13.32 3.72 -37.77
C GLU C 34 13.47 3.93 -39.28
N MET C 35 12.35 4.14 -39.96
CA MET C 35 12.37 4.40 -41.38
C MET C 35 13.02 5.76 -41.65
N LEU C 36 12.75 6.76 -40.78
CA LEU C 36 13.38 8.07 -40.93
C LEU C 36 14.89 7.96 -40.70
N GLN C 37 15.31 7.15 -39.73
CA GLN C 37 16.73 6.88 -39.48
C GLN C 37 17.37 6.28 -40.73
N THR C 38 16.69 5.33 -41.38
CA THR C 38 17.21 4.72 -42.61
C THR C 38 17.38 5.80 -43.68
N LEU C 39 16.47 6.78 -43.71
CA LEU C 39 16.54 7.85 -44.70
C LEU C 39 17.49 8.97 -44.28
N GLY C 40 18.03 8.90 -43.06
CA GLY C 40 18.96 9.89 -42.57
C GLY C 40 18.27 11.23 -42.31
N LEU C 41 16.96 11.17 -41.98
CA LEU C 41 16.15 12.36 -41.74
C LEU C 41 15.70 12.41 -40.28
N ALA C 42 15.53 13.64 -39.77
CA ALA C 42 15.21 13.91 -38.37
C ALA C 42 13.70 13.77 -38.09
N SER C 43 12.84 13.93 -39.10
CA SER C 43 11.42 14.02 -38.88
C SER C 43 10.67 13.89 -40.21
N ILE C 44 9.34 13.67 -40.07
CA ILE C 44 8.40 13.60 -41.17
C ILE C 44 8.40 14.92 -41.93
N ASP C 45 8.44 16.04 -41.20
CA ASP C 45 8.41 17.38 -41.80
C ASP C 45 9.62 17.58 -42.72
N GLU C 46 10.79 17.12 -42.29
CA GLU C 46 11.98 17.20 -43.09
C GLU C 46 11.78 16.43 -44.41
N LEU C 47 11.18 15.24 -44.33
CA LEU C 47 10.89 14.42 -45.53
C LEU C 47 9.98 15.20 -46.49
N ILE C 48 8.89 15.74 -45.96
CA ILE C 48 7.93 16.46 -46.77
C ILE C 48 8.62 17.68 -47.39
N GLU C 49 9.38 18.41 -46.55
CA GLU C 49 10.08 19.62 -46.96
C GLU C 49 10.98 19.28 -48.16
N LYS C 50 11.64 18.12 -48.09
CA LYS C 50 12.59 17.70 -49.10
C LYS C 50 11.89 17.06 -50.31
N THR C 51 10.57 16.85 -50.25
CA THR C 51 9.84 16.10 -51.28
C THR C 51 8.88 17.00 -52.07
N VAL C 52 7.93 17.64 -51.37
CA VAL C 52 6.88 18.37 -52.00
C VAL C 52 7.33 19.81 -52.18
N PRO C 53 7.34 20.38 -53.40
CA PRO C 53 7.82 21.73 -53.64
C PRO C 53 7.18 22.72 -52.66
N ALA C 54 7.99 23.59 -52.06
CA ALA C 54 7.59 24.51 -51.00
C ALA C 54 6.43 25.41 -51.45
N ASN C 55 6.46 25.79 -52.71
CA ASN C 55 5.63 26.87 -53.22
C ASN C 55 4.21 26.39 -53.50
N ILE C 56 3.96 25.07 -53.57
CA ILE C 56 2.61 24.58 -53.83
C ILE C 56 1.96 24.11 -52.52
N ARG C 57 2.72 24.03 -51.42
CA ARG C 57 2.26 23.46 -50.18
C ARG C 57 1.19 24.34 -49.53
N LEU C 58 0.32 23.71 -48.74
CA LEU C 58 -0.73 24.41 -48.01
C LEU C 58 -0.14 25.51 -47.13
N LYS C 59 -0.77 26.69 -47.17
CA LYS C 59 -0.52 27.82 -46.30
C LYS C 59 -1.06 27.57 -44.88
N ARG C 60 -2.25 27.00 -44.80
CA ARG C 60 -2.92 26.72 -43.55
C ARG C 60 -3.30 25.24 -43.57
N PRO C 61 -3.44 24.56 -42.42
CA PRO C 61 -3.93 23.17 -42.38
C PRO C 61 -5.36 23.04 -42.94
N LEU C 62 -5.71 21.88 -43.49
CA LEU C 62 -7.08 21.57 -43.91
C LEU C 62 -8.05 22.00 -42.80
N LYS C 63 -9.15 22.66 -43.18
CA LYS C 63 -10.28 22.94 -42.28
C LYS C 63 -11.35 21.85 -42.42
N MET C 64 -11.31 20.92 -41.47
CA MET C 64 -12.23 19.78 -41.43
C MET C 64 -12.90 19.74 -40.05
N GLU C 65 -14.00 18.98 -39.97
CA GLU C 65 -14.61 18.60 -38.73
C GLU C 65 -13.63 17.79 -37.89
N ASP C 66 -13.83 17.88 -36.58
CA ASP C 66 -13.16 17.03 -35.62
C ASP C 66 -13.38 15.58 -36.03
N PRO C 67 -12.34 14.75 -35.94
CA PRO C 67 -12.44 13.36 -36.39
C PRO C 67 -13.52 12.62 -35.57
N VAL C 68 -14.22 11.69 -36.23
CA VAL C 68 -15.23 10.90 -35.57
C VAL C 68 -14.58 9.58 -35.16
N CYS C 69 -14.66 9.25 -33.87
CA CYS C 69 -14.20 7.94 -33.41
C CYS C 69 -14.86 6.81 -34.22
N GLU C 70 -14.08 5.78 -34.51
CA GLU C 70 -14.64 4.63 -35.21
C GLU C 70 -15.83 4.03 -34.44
N ASN C 71 -15.80 4.07 -33.10
CA ASN C 71 -16.86 3.46 -32.37
C ASN C 71 -18.15 4.33 -32.45
N GLU C 72 -18.11 5.51 -33.09
CA GLU C 72 -19.32 6.29 -33.30
C GLU C 72 -19.66 6.48 -34.79
N ILE C 73 -18.86 5.95 -35.71
CA ILE C 73 -19.01 6.37 -37.12
C ILE C 73 -20.35 5.85 -37.65
N LEU C 74 -20.73 4.64 -37.26
CA LEU C 74 -21.95 4.00 -37.82
C LEU C 74 -23.21 4.70 -37.29
N ALA C 75 -23.22 5.04 -35.99
CA ALA C 75 -24.32 5.86 -35.42
C ALA C 75 -24.37 7.23 -36.10
N THR C 76 -23.22 7.85 -36.36
CA THR C 76 -23.19 9.12 -37.03
C THR C 76 -23.84 8.96 -38.43
N LEU C 77 -23.42 7.95 -39.17
CA LEU C 77 -23.90 7.71 -40.52
C LEU C 77 -25.38 7.30 -40.52
N HIS C 78 -25.80 6.56 -39.48
CA HIS C 78 -27.19 6.17 -39.36
C HIS C 78 -28.10 7.40 -39.23
N ALA C 79 -27.64 8.45 -38.56
CA ALA C 79 -28.45 9.67 -38.42
C ALA C 79 -28.70 10.29 -39.80
N ILE C 80 -27.84 9.99 -40.77
CA ILE C 80 -28.03 10.45 -42.13
C ILE C 80 -28.91 9.45 -42.90
N SER C 81 -28.51 8.18 -42.93
CA SER C 81 -29.15 7.17 -43.77
C SER C 81 -30.64 7.00 -43.39
N SER C 82 -30.97 7.17 -42.11
CA SER C 82 -32.34 6.95 -41.68
C SER C 82 -33.24 8.11 -42.15
N LYS C 83 -32.66 9.17 -42.74
CA LYS C 83 -33.50 10.18 -43.31
C LYS C 83 -34.04 9.74 -44.68
N ASN C 84 -33.42 8.71 -45.30
CA ASN C 84 -33.97 8.13 -46.55
C ASN C 84 -35.27 7.42 -46.23
N GLN C 85 -36.17 7.34 -47.22
CA GLN C 85 -37.36 6.49 -47.14
C GLN C 85 -37.27 5.35 -48.16
N ILE C 86 -37.51 4.13 -47.69
CA ILE C 86 -37.53 2.93 -48.52
C ILE C 86 -38.97 2.62 -48.93
N TRP C 87 -39.33 3.09 -50.13
CA TRP C 87 -40.63 2.79 -50.72
C TRP C 87 -40.50 1.50 -51.55
N ARG C 88 -41.61 0.94 -51.99
CA ARG C 88 -41.64 -0.03 -53.06
C ARG C 88 -41.67 0.75 -54.36
N SER C 89 -40.56 0.68 -55.09
CA SER C 89 -40.39 1.45 -56.31
C SER C 89 -40.66 0.53 -57.50
N TYR C 90 -41.70 0.84 -58.27
CA TYR C 90 -41.98 0.10 -59.52
C TYR C 90 -41.76 1.04 -60.69
N ILE C 91 -40.74 1.89 -60.57
CA ILE C 91 -40.43 2.94 -61.56
C ILE C 91 -39.85 2.29 -62.84
N GLY C 92 -39.06 1.24 -62.66
CA GLY C 92 -38.39 0.60 -63.78
C GLY C 92 -37.24 1.47 -64.28
N MET C 93 -37.23 1.76 -65.58
CA MET C 93 -36.25 2.63 -66.22
C MET C 93 -34.82 2.10 -66.03
N GLY C 94 -34.65 0.76 -66.10
CA GLY C 94 -33.35 0.15 -66.08
C GLY C 94 -32.88 -0.31 -64.70
N TYR C 95 -33.71 -0.13 -63.68
CA TYR C 95 -33.39 -0.52 -62.29
C TYR C 95 -34.64 -1.21 -61.73
N TYR C 96 -34.47 -2.42 -61.19
CA TYR C 96 -35.58 -3.28 -60.78
C TYR C 96 -35.15 -3.98 -59.50
N ASN C 97 -35.92 -3.83 -58.43
CA ASN C 97 -35.59 -4.53 -57.20
C ASN C 97 -35.45 -6.03 -57.51
N CYS C 98 -34.57 -6.67 -56.75
CA CYS C 98 -34.37 -8.10 -56.87
C CYS C 98 -34.10 -8.65 -55.46
N SER C 99 -34.10 -9.95 -55.37
CA SER C 99 -33.84 -10.62 -54.13
C SER C 99 -32.39 -11.08 -54.16
N VAL C 100 -31.54 -10.26 -53.54
CA VAL C 100 -30.12 -10.50 -53.50
C VAL C 100 -29.90 -11.72 -52.60
N PRO C 101 -29.36 -12.84 -53.11
CA PRO C 101 -29.18 -14.00 -52.23
C PRO C 101 -28.27 -13.63 -51.05
N GLN C 102 -28.73 -13.87 -49.84
CA GLN C 102 -27.99 -13.45 -48.68
C GLN C 102 -26.61 -14.14 -48.63
N THR C 103 -26.52 -15.33 -49.21
CA THR C 103 -25.29 -16.10 -49.16
C THR C 103 -24.21 -15.43 -50.03
N ILE C 104 -24.60 -14.86 -51.17
CA ILE C 104 -23.66 -14.16 -52.02
C ILE C 104 -23.28 -12.81 -51.37
N LEU C 105 -24.28 -12.14 -50.79
CA LEU C 105 -24.04 -10.88 -50.12
C LEU C 105 -23.01 -11.08 -49.00
N ARG C 106 -23.18 -12.12 -48.16
CA ARG C 106 -22.30 -12.33 -47.01
C ARG C 106 -20.94 -12.90 -47.46
N ASN C 107 -20.93 -13.86 -48.39
CA ASN C 107 -19.71 -14.63 -48.67
C ASN C 107 -18.88 -14.04 -49.82
N LEU C 108 -19.42 -13.06 -50.54
CA LEU C 108 -18.70 -12.42 -51.61
C LEU C 108 -18.64 -10.89 -51.39
N LEU C 109 -19.77 -10.19 -51.32
CA LEU C 109 -19.75 -8.73 -51.25
C LEU C 109 -19.16 -8.24 -49.91
N GLU C 110 -19.42 -9.00 -48.83
CA GLU C 110 -18.94 -8.68 -47.49
C GLU C 110 -17.73 -9.55 -47.11
N ASN C 111 -16.95 -9.97 -48.11
CA ASN C 111 -15.80 -10.80 -47.90
C ASN C 111 -14.55 -10.11 -48.45
N SER C 112 -13.67 -9.72 -47.54
CA SER C 112 -12.43 -9.05 -47.87
C SER C 112 -11.51 -9.88 -48.79
N GLY C 113 -11.67 -11.22 -48.81
CA GLY C 113 -10.94 -12.14 -49.70
C GLY C 113 -11.40 -12.06 -51.15
N TRP C 114 -12.54 -11.41 -51.35
CA TRP C 114 -13.11 -11.13 -52.69
C TRP C 114 -12.93 -9.68 -53.13
N ILE C 115 -12.98 -8.71 -52.19
CA ILE C 115 -13.17 -7.36 -52.61
C ILE C 115 -11.89 -6.50 -52.53
N THR C 116 -10.79 -6.99 -51.96
CA THR C 116 -9.62 -6.14 -51.73
C THR C 116 -8.62 -6.17 -52.89
N GLN C 117 -8.58 -7.31 -53.60
CA GLN C 117 -7.72 -7.46 -54.75
C GLN C 117 -8.22 -6.55 -55.88
N TYR C 118 -7.36 -6.30 -56.87
CA TYR C 118 -7.71 -5.45 -58.00
C TYR C 118 -7.68 -6.29 -59.28
N THR C 119 -7.58 -5.61 -60.41
CA THR C 119 -7.57 -6.18 -61.75
C THR C 119 -6.62 -7.38 -61.79
N PRO C 120 -7.02 -8.49 -62.43
CA PRO C 120 -6.22 -9.71 -62.42
C PRO C 120 -5.07 -9.73 -63.45
N TYR C 121 -4.10 -8.84 -63.24
CA TYR C 121 -2.92 -8.70 -64.11
C TYR C 121 -1.91 -9.81 -63.84
N GLN C 122 -1.94 -10.42 -62.64
CA GLN C 122 -1.05 -11.51 -62.27
C GLN C 122 -1.85 -12.80 -62.21
N PRO C 123 -2.07 -13.45 -63.37
CA PRO C 123 -3.07 -14.50 -63.51
C PRO C 123 -2.86 -15.67 -62.56
N GLU C 124 -1.60 -16.03 -62.30
CA GLU C 124 -1.28 -17.24 -61.57
C GLU C 124 -1.76 -17.15 -60.12
N VAL C 125 -1.99 -15.93 -59.61
CA VAL C 125 -2.52 -15.72 -58.24
C VAL C 125 -3.89 -15.03 -58.34
N SER C 126 -4.59 -15.25 -59.45
CA SER C 126 -5.83 -14.53 -59.73
C SER C 126 -6.82 -15.42 -60.50
N GLN C 127 -6.66 -16.73 -60.49
CA GLN C 127 -7.51 -17.64 -61.30
C GLN C 127 -8.96 -17.68 -60.82
N GLY C 128 -9.21 -17.32 -59.57
CA GLY C 128 -10.58 -17.33 -58.99
C GLY C 128 -11.50 -16.30 -59.65
N ARG C 129 -11.13 -15.01 -59.54
CA ARG C 129 -11.96 -13.99 -60.11
C ARG C 129 -11.94 -14.08 -61.63
N LEU C 130 -10.84 -14.60 -62.21
CA LEU C 130 -10.79 -14.79 -63.68
C LEU C 130 -11.85 -15.80 -64.10
N GLU C 131 -11.96 -16.91 -63.37
CA GLU C 131 -12.97 -17.89 -63.66
C GLU C 131 -14.36 -17.27 -63.54
N SER C 132 -14.60 -16.51 -62.45
CA SER C 132 -15.92 -15.95 -62.20
C SER C 132 -16.29 -14.97 -63.32
N LEU C 133 -15.33 -14.22 -63.82
CA LEU C 133 -15.58 -13.22 -64.89
C LEU C 133 -15.85 -13.94 -66.21
N LEU C 134 -15.15 -15.08 -66.45
CA LEU C 134 -15.50 -15.94 -67.57
C LEU C 134 -16.94 -16.47 -67.43
N ASN C 135 -17.33 -16.89 -66.22
CA ASN C 135 -18.74 -17.27 -65.96
C ASN C 135 -19.70 -16.14 -66.37
N TYR C 136 -19.40 -14.90 -65.93
CA TYR C 136 -20.22 -13.72 -66.27
C TYR C 136 -20.36 -13.62 -67.78
N GLN C 137 -19.24 -13.72 -68.46
CA GLN C 137 -19.23 -13.57 -69.95
C GLN C 137 -20.12 -14.68 -70.56
N THR C 138 -19.96 -15.90 -70.07
CA THR C 138 -20.67 -17.06 -70.66
C THR C 138 -22.16 -16.84 -70.46
N MET C 139 -22.53 -16.39 -69.26
CA MET C 139 -23.90 -16.10 -68.91
C MET C 139 -24.46 -15.02 -69.86
N VAL C 140 -23.74 -13.92 -70.02
CA VAL C 140 -24.17 -12.86 -70.93
C VAL C 140 -24.34 -13.39 -72.37
N CYS C 141 -23.34 -14.13 -72.86
CA CYS C 141 -23.40 -14.69 -74.23
C CYS C 141 -24.58 -15.65 -74.40
N ASP C 142 -24.78 -16.54 -73.42
CA ASP C 142 -25.84 -17.52 -73.50
C ASP C 142 -27.19 -16.82 -73.60
N ILE C 143 -27.42 -15.84 -72.72
CA ILE C 143 -28.71 -15.25 -72.58
C ILE C 143 -28.98 -14.30 -73.74
N THR C 144 -27.96 -13.53 -74.17
CA THR C 144 -28.15 -12.54 -75.24
C THR C 144 -28.14 -13.23 -76.59
N GLY C 145 -27.42 -14.37 -76.67
CA GLY C 145 -27.28 -15.11 -77.91
C GLY C 145 -26.18 -14.56 -78.80
N LEU C 146 -25.26 -13.76 -78.25
CA LEU C 146 -24.15 -13.16 -79.03
C LEU C 146 -22.88 -13.94 -78.70
N ASP C 147 -21.78 -13.66 -79.38
CA ASP C 147 -20.63 -14.60 -79.48
C ASP C 147 -19.63 -14.33 -78.36
N MET C 148 -19.35 -13.04 -78.06
CA MET C 148 -18.39 -12.72 -77.05
C MET C 148 -18.84 -11.51 -76.25
N ALA C 149 -18.55 -11.57 -74.95
CA ALA C 149 -18.90 -10.52 -74.06
C ALA C 149 -17.67 -10.13 -73.24
N ASN C 150 -17.66 -8.89 -72.79
CA ASN C 150 -16.57 -8.44 -71.96
C ASN C 150 -16.81 -8.69 -70.48
N ALA C 151 -15.84 -8.37 -69.68
CA ALA C 151 -15.89 -8.55 -68.26
C ALA C 151 -16.40 -7.34 -67.44
N SER C 152 -17.41 -6.68 -67.99
CA SER C 152 -18.21 -5.49 -67.55
C SER C 152 -17.83 -4.13 -68.06
N LEU C 153 -18.88 -3.38 -68.29
CA LEU C 153 -18.87 -1.96 -68.60
C LEU C 153 -19.49 -1.21 -67.36
N LEU C 154 -19.42 0.10 -67.36
CA LEU C 154 -19.86 0.90 -66.23
C LEU C 154 -21.34 0.92 -65.84
N ASP C 155 -22.21 1.00 -66.82
CA ASP C 155 -23.64 1.05 -66.64
C ASP C 155 -24.26 0.96 -68.03
N GLU C 156 -25.59 0.96 -68.10
CA GLU C 156 -26.27 0.64 -69.34
C GLU C 156 -26.03 1.76 -70.36
N GLY C 157 -26.13 3.02 -69.90
CA GLY C 157 -26.01 4.17 -70.76
C GLY C 157 -24.63 4.27 -71.39
N THR C 158 -23.57 4.08 -70.58
CA THR C 158 -22.20 4.11 -71.10
C THR C 158 -21.98 2.90 -72.01
N ALA C 159 -22.61 1.76 -71.70
CA ALA C 159 -22.47 0.59 -72.58
C ALA C 159 -23.06 0.93 -73.95
N ALA C 160 -24.18 1.65 -73.96
CA ALA C 160 -24.85 2.01 -75.21
C ALA C 160 -23.97 2.97 -76.00
N ALA C 161 -23.29 3.87 -75.29
CA ALA C 161 -22.34 4.81 -75.89
C ALA C 161 -21.12 4.08 -76.46
N GLU C 162 -20.62 3.08 -75.73
CA GLU C 162 -19.55 2.24 -76.23
C GLU C 162 -20.01 1.55 -77.51
N ALA C 163 -21.28 1.16 -77.59
CA ALA C 163 -21.82 0.55 -78.83
C ALA C 163 -21.78 1.55 -79.98
N LEU C 164 -22.23 2.79 -79.75
CA LEU C 164 -22.18 3.84 -80.76
C LEU C 164 -20.75 4.00 -81.27
N GLN C 165 -19.80 4.10 -80.33
CA GLN C 165 -18.39 4.31 -80.71
C GLN C 165 -17.84 3.08 -81.46
N LEU C 166 -18.27 1.87 -81.05
CA LEU C 166 -17.84 0.68 -81.74
C LEU C 166 -18.28 0.75 -83.20
N CYS C 167 -19.52 1.15 -83.41
CA CYS C 167 -20.04 1.28 -84.73
C CYS C 167 -19.20 2.26 -85.57
N TYR C 168 -18.88 3.42 -85.02
CA TYR C 168 -18.10 4.38 -85.73
C TYR C 168 -16.75 3.81 -86.08
N ARG C 169 -16.11 3.15 -85.13
CA ARG C 169 -14.82 2.53 -85.33
C ARG C 169 -14.81 1.43 -86.41
N HIS C 170 -15.93 0.76 -86.60
CA HIS C 170 -16.11 -0.26 -87.57
C HIS C 170 -16.33 0.24 -88.95
N ASN C 171 -17.15 1.26 -89.15
CA ASN C 171 -17.50 1.66 -90.55
C ASN C 171 -17.31 3.17 -90.80
N LYS C 172 -16.89 3.91 -89.78
CA LYS C 172 -16.50 5.33 -89.86
C LYS C 172 -17.62 6.24 -90.38
N ARG C 173 -18.87 5.78 -90.41
CA ARG C 173 -20.00 6.64 -90.77
C ARG C 173 -20.31 7.55 -89.57
N ARG C 174 -20.91 8.71 -89.86
CA ARG C 174 -20.96 9.80 -88.90
C ARG C 174 -22.41 10.04 -88.43
N LYS C 175 -23.30 9.08 -88.70
CA LYS C 175 -24.69 9.15 -88.29
C LYS C 175 -25.06 7.89 -87.49
N PHE C 176 -25.77 8.08 -86.37
CA PHE C 176 -26.24 6.99 -85.53
C PHE C 176 -27.69 7.27 -85.14
N LEU C 177 -28.55 6.26 -85.37
CA LEU C 177 -29.99 6.33 -85.14
C LEU C 177 -30.35 5.69 -83.80
N VAL C 178 -31.13 6.42 -83.01
CA VAL C 178 -31.52 5.99 -81.69
C VAL C 178 -33.04 5.96 -81.62
N ASP C 179 -33.61 4.80 -81.29
CA ASP C 179 -35.02 4.65 -81.00
C ASP C 179 -35.35 5.52 -79.78
N PRO C 180 -36.35 6.41 -79.86
CA PRO C 180 -36.73 7.24 -78.72
C PRO C 180 -37.39 6.46 -77.58
N ARG C 181 -37.60 5.16 -77.78
CA ARG C 181 -38.17 4.31 -76.77
C ARG C 181 -37.04 3.60 -76.00
N CYS C 182 -35.79 4.02 -76.17
CA CYS C 182 -34.76 3.65 -75.21
C CYS C 182 -35.02 4.43 -73.92
N HIS C 183 -34.52 3.95 -72.78
CA HIS C 183 -34.60 4.73 -71.54
C HIS C 183 -34.02 6.13 -71.77
N PRO C 184 -34.60 7.16 -71.11
CA PRO C 184 -34.17 8.53 -71.34
C PRO C 184 -32.71 8.75 -70.92
N GLN C 185 -32.26 8.10 -69.83
CA GLN C 185 -30.89 8.32 -69.37
C GLN C 185 -29.91 7.68 -70.38
N THR C 186 -30.33 6.59 -71.02
CA THR C 186 -29.51 5.94 -72.01
C THR C 186 -29.31 6.89 -73.20
N ILE C 187 -30.41 7.49 -73.65
CA ILE C 187 -30.39 8.41 -74.76
C ILE C 187 -29.46 9.57 -74.41
N ALA C 188 -29.54 10.08 -73.17
CA ALA C 188 -28.76 11.28 -72.81
C ALA C 188 -27.27 10.96 -72.86
N VAL C 189 -26.86 9.80 -72.32
CA VAL C 189 -25.47 9.42 -72.34
C VAL C 189 -24.99 9.18 -73.78
N VAL C 190 -25.81 8.53 -74.59
CA VAL C 190 -25.45 8.30 -75.97
C VAL C 190 -25.29 9.63 -76.72
N GLN C 191 -26.25 10.54 -76.56
CA GLN C 191 -26.21 11.86 -77.26
C GLN C 191 -24.97 12.65 -76.83
N THR C 192 -24.60 12.54 -75.54
CA THR C 192 -23.43 13.27 -75.04
C THR C 192 -22.14 12.74 -75.70
N ARG C 193 -21.96 11.42 -75.71
CA ARG C 193 -20.77 10.83 -76.32
C ARG C 193 -20.66 11.21 -77.79
N ALA C 194 -21.80 11.21 -78.48
CA ALA C 194 -21.89 11.54 -79.91
C ALA C 194 -21.52 13.02 -80.15
N LYS C 195 -22.10 13.90 -79.34
CA LYS C 195 -21.90 15.32 -79.50
C LYS C 195 -20.38 15.58 -79.58
N TYR C 196 -19.60 15.06 -78.61
CA TYR C 196 -18.21 15.50 -78.47
C TYR C 196 -17.29 14.63 -79.35
N THR C 197 -17.77 13.50 -79.87
CA THR C 197 -17.00 12.72 -80.86
C THR C 197 -17.36 13.16 -82.29
N GLY C 198 -18.31 14.09 -82.46
CA GLY C 198 -18.70 14.63 -83.77
C GLY C 198 -19.50 13.64 -84.62
N VAL C 199 -20.28 12.75 -83.97
CA VAL C 199 -21.30 11.91 -84.65
C VAL C 199 -22.68 12.53 -84.46
N LEU C 200 -23.50 12.54 -85.51
CA LEU C 200 -24.85 13.01 -85.38
C LEU C 200 -25.75 11.85 -84.93
N THR C 201 -26.58 12.12 -83.92
CA THR C 201 -27.61 11.18 -83.51
C THR C 201 -28.96 11.73 -83.98
N GLU C 202 -29.84 10.84 -84.42
CA GLU C 202 -31.20 11.17 -84.73
C GLU C 202 -32.11 10.23 -83.94
N LEU C 203 -33.07 10.81 -83.21
CA LEU C 203 -34.14 10.10 -82.49
C LEU C 203 -35.27 9.77 -83.47
N LYS C 204 -35.34 8.51 -83.90
CA LYS C 204 -36.33 8.05 -84.88
C LYS C 204 -36.92 6.71 -84.43
N LEU C 205 -38.26 6.60 -84.45
CA LEU C 205 -38.95 5.30 -84.37
C LEU C 205 -38.49 4.46 -85.55
N PRO C 206 -38.49 3.10 -85.47
CA PRO C 206 -38.05 2.26 -86.58
C PRO C 206 -38.64 2.64 -87.95
N CYS C 207 -39.95 2.92 -87.98
CA CYS C 207 -40.66 3.25 -89.22
C CYS C 207 -40.20 4.61 -89.78
N GLU C 208 -39.60 5.46 -88.93
CA GLU C 208 -39.05 6.76 -89.34
C GLU C 208 -37.57 6.65 -89.72
N MET C 209 -36.90 5.55 -89.36
CA MET C 209 -35.48 5.37 -89.63
C MET C 209 -35.24 5.12 -91.12
N ASP C 210 -34.35 5.91 -91.72
CA ASP C 210 -33.99 5.78 -93.14
C ASP C 210 -32.52 5.38 -93.22
N PHE C 211 -32.26 4.17 -93.70
CA PHE C 211 -30.91 3.68 -93.81
C PHE C 211 -30.40 3.79 -95.24
N SER C 212 -31.26 4.20 -96.19
CA SER C 212 -31.01 4.06 -97.64
C SER C 212 -29.77 4.87 -98.09
N GLY C 213 -29.43 5.92 -97.34
CA GLY C 213 -28.27 6.77 -97.61
C GLY C 213 -26.95 6.04 -97.40
N LYS C 214 -26.98 4.88 -96.73
CA LYS C 214 -25.78 4.09 -96.51
C LYS C 214 -24.77 4.95 -95.74
N ASP C 215 -25.30 5.81 -94.87
CA ASP C 215 -24.56 6.79 -94.08
C ASP C 215 -24.80 6.58 -92.58
N VAL C 216 -25.45 5.46 -92.23
CA VAL C 216 -25.70 5.18 -90.82
C VAL C 216 -24.68 4.15 -90.32
N SER C 217 -23.97 4.55 -89.27
CA SER C 217 -23.01 3.74 -88.57
C SER C 217 -23.72 2.58 -87.88
N GLY C 218 -24.83 2.89 -87.22
CA GLY C 218 -25.53 1.92 -86.43
C GLY C 218 -26.86 2.43 -85.92
N VAL C 219 -27.64 1.52 -85.34
CA VAL C 219 -28.91 1.85 -84.71
C VAL C 219 -28.96 1.19 -83.34
N LEU C 220 -29.54 1.91 -82.38
CA LEU C 220 -29.80 1.44 -81.04
C LEU C 220 -31.31 1.42 -80.77
N PHE C 221 -31.82 0.28 -80.33
CA PHE C 221 -33.20 0.13 -79.93
C PHE C 221 -33.19 -0.72 -78.67
N GLN C 222 -34.35 -0.87 -78.05
CA GLN C 222 -34.43 -1.53 -76.76
C GLN C 222 -35.60 -2.53 -76.78
N TYR C 223 -35.38 -3.64 -76.07
CA TYR C 223 -36.16 -4.85 -76.17
C TYR C 223 -36.07 -5.55 -74.82
N PRO C 224 -37.15 -5.50 -74.03
CA PRO C 224 -38.31 -4.65 -74.21
C PRO C 224 -37.96 -3.16 -74.06
N ASP C 225 -38.75 -2.28 -74.68
CA ASP C 225 -38.46 -0.85 -74.72
C ASP C 225 -38.89 -0.21 -73.39
N THR C 226 -38.61 1.10 -73.25
CA THR C 226 -38.75 1.80 -72.00
C THR C 226 -40.21 1.85 -71.53
N GLU C 227 -41.17 1.68 -72.45
CA GLU C 227 -42.60 1.65 -72.15
C GLU C 227 -43.09 0.24 -71.80
N GLY C 228 -42.21 -0.77 -71.97
CA GLY C 228 -42.50 -2.13 -71.60
C GLY C 228 -42.75 -3.06 -72.79
N LYS C 229 -42.93 -2.47 -73.97
CA LYS C 229 -43.36 -3.23 -75.13
C LYS C 229 -42.26 -4.19 -75.61
N VAL C 230 -42.71 -5.40 -75.94
CA VAL C 230 -41.97 -6.40 -76.70
C VAL C 230 -42.31 -6.28 -78.19
N GLU C 231 -41.29 -6.02 -78.99
CA GLU C 231 -41.46 -5.74 -80.42
C GLU C 231 -40.52 -6.66 -81.23
N ASP C 232 -40.95 -7.01 -82.45
CA ASP C 232 -40.15 -7.77 -83.37
C ASP C 232 -39.27 -6.81 -84.17
N PHE C 233 -37.96 -6.92 -84.00
CA PHE C 233 -37.01 -6.02 -84.64
C PHE C 233 -36.31 -6.67 -85.86
N THR C 234 -36.74 -7.88 -86.24
CA THR C 234 -36.12 -8.64 -87.34
C THR C 234 -35.94 -7.76 -88.58
N GLU C 235 -37.04 -7.11 -88.99
CA GLU C 235 -37.08 -6.35 -90.23
C GLU C 235 -36.19 -5.12 -90.12
N LEU C 236 -36.21 -4.45 -88.95
CA LEU C 236 -35.36 -3.29 -88.71
C LEU C 236 -33.88 -3.68 -88.85
N VAL C 237 -33.50 -4.81 -88.25
CA VAL C 237 -32.13 -5.26 -88.24
C VAL C 237 -31.73 -5.59 -89.68
N GLU C 238 -32.63 -6.22 -90.42
CA GLU C 238 -32.37 -6.61 -91.79
C GLU C 238 -32.15 -5.35 -92.65
N ARG C 239 -32.94 -4.30 -92.44
CA ARG C 239 -32.83 -3.05 -93.20
C ARG C 239 -31.48 -2.38 -92.89
N ALA C 240 -31.14 -2.33 -91.58
CA ALA C 240 -29.84 -1.84 -91.14
C ALA C 240 -28.73 -2.58 -91.90
N HIS C 241 -28.72 -3.91 -91.82
CA HIS C 241 -27.68 -4.71 -92.40
C HIS C 241 -27.58 -4.47 -93.90
N GLN C 242 -28.74 -4.33 -94.55
CA GLN C 242 -28.78 -4.23 -96.02
C GLN C 242 -28.05 -2.98 -96.49
N SER C 243 -27.92 -1.96 -95.63
CA SER C 243 -27.30 -0.69 -95.98
C SER C 243 -25.93 -0.52 -95.30
N GLY C 244 -25.41 -1.61 -94.70
CA GLY C 244 -24.06 -1.64 -94.12
C GLY C 244 -24.01 -1.13 -92.68
N SER C 245 -25.16 -0.99 -92.02
CA SER C 245 -25.23 -0.48 -90.66
C SER C 245 -25.26 -1.64 -89.68
N LEU C 246 -24.75 -1.42 -88.47
CA LEU C 246 -24.86 -2.40 -87.39
C LEU C 246 -26.14 -2.13 -86.58
N ALA C 247 -26.59 -3.15 -85.84
CA ALA C 247 -27.76 -3.10 -85.00
C ALA C 247 -27.37 -3.38 -83.55
N CYS C 248 -27.73 -2.48 -82.66
CA CYS C 248 -27.38 -2.51 -81.26
C CYS C 248 -28.69 -2.54 -80.46
N CYS C 249 -28.80 -3.49 -79.51
CA CYS C 249 -30.02 -3.73 -78.76
C CYS C 249 -29.73 -3.66 -77.27
N ALA C 250 -30.32 -2.64 -76.60
CA ALA C 250 -30.34 -2.55 -75.13
C ALA C 250 -31.44 -3.47 -74.62
N THR C 251 -31.12 -4.30 -73.64
CA THR C 251 -32.05 -5.39 -73.28
C THR C 251 -31.92 -5.71 -71.79
N ASP C 252 -32.51 -6.82 -71.37
CA ASP C 252 -32.72 -7.15 -69.96
C ASP C 252 -32.52 -8.66 -69.80
N LEU C 253 -31.54 -9.05 -68.99
CA LEU C 253 -31.17 -10.44 -68.81
C LEU C 253 -32.35 -11.25 -68.27
N LEU C 254 -33.16 -10.66 -67.38
CA LEU C 254 -34.28 -11.44 -66.81
C LEU C 254 -35.37 -11.63 -67.87
N ALA C 255 -35.76 -10.56 -68.57
CA ALA C 255 -36.69 -10.69 -69.69
C ALA C 255 -36.25 -11.80 -70.66
N LEU C 256 -34.93 -11.86 -70.95
CA LEU C 256 -34.39 -12.79 -71.99
C LEU C 256 -34.38 -14.24 -71.48
N CYS C 257 -34.74 -14.47 -70.21
CA CYS C 257 -34.92 -15.81 -69.73
C CYS C 257 -36.17 -16.46 -70.35
N ILE C 258 -37.13 -15.66 -70.82
CA ILE C 258 -38.33 -16.22 -71.45
C ILE C 258 -38.57 -15.61 -72.84
N LEU C 259 -37.80 -14.58 -73.24
CA LEU C 259 -37.93 -13.93 -74.56
C LEU C 259 -36.83 -14.43 -75.50
N ARG C 260 -37.21 -14.67 -76.76
CA ARG C 260 -36.24 -14.95 -77.76
C ARG C 260 -35.27 -13.77 -77.81
N PRO C 261 -33.96 -14.04 -77.70
CA PRO C 261 -32.98 -12.99 -77.48
C PRO C 261 -32.42 -12.36 -78.76
N PRO C 262 -31.76 -11.18 -78.62
CA PRO C 262 -31.32 -10.39 -79.76
C PRO C 262 -30.40 -11.14 -80.75
N GLY C 263 -29.62 -12.09 -80.24
CA GLY C 263 -28.76 -12.95 -81.02
C GLY C 263 -29.52 -13.68 -82.10
N GLU C 264 -30.77 -14.01 -81.80
CA GLU C 264 -31.62 -14.76 -82.69
C GLU C 264 -32.39 -13.93 -83.66
N PHE C 265 -32.24 -12.62 -83.58
CA PHE C 265 -32.84 -11.79 -84.58
C PHE C 265 -31.82 -10.89 -85.27
N GLY C 266 -30.58 -11.35 -85.32
CA GLY C 266 -29.52 -10.69 -86.03
C GLY C 266 -28.72 -9.55 -85.45
N VAL C 267 -29.00 -9.20 -84.21
CA VAL C 267 -28.33 -8.11 -83.56
C VAL C 267 -26.82 -8.36 -83.53
N ASP C 268 -26.06 -7.27 -83.69
CA ASP C 268 -24.61 -7.23 -83.71
C ASP C 268 -24.02 -7.02 -82.31
N ILE C 269 -24.66 -6.15 -81.52
CA ILE C 269 -24.24 -5.78 -80.18
C ILE C 269 -25.46 -5.82 -79.25
N ALA C 270 -25.33 -6.52 -78.13
CA ALA C 270 -26.36 -6.53 -77.11
C ALA C 270 -25.73 -6.02 -75.81
N LEU C 271 -26.51 -5.22 -75.06
CA LEU C 271 -25.98 -4.53 -73.90
C LEU C 271 -27.13 -4.21 -72.95
N GLY C 272 -26.78 -3.92 -71.70
CA GLY C 272 -27.73 -3.59 -70.66
C GLY C 272 -27.08 -3.64 -69.30
N SER C 273 -27.91 -3.76 -68.28
CA SER C 273 -27.46 -3.84 -66.92
C SER C 273 -27.68 -5.26 -66.42
N SER C 274 -26.72 -5.79 -65.66
CA SER C 274 -26.90 -7.09 -65.00
C SER C 274 -27.49 -6.90 -63.60
N GLN C 275 -27.93 -5.68 -63.27
CA GLN C 275 -28.26 -5.28 -61.90
C GLN C 275 -29.28 -6.23 -61.24
N ARG C 276 -30.36 -6.54 -61.97
CA ARG C 276 -31.43 -7.33 -61.38
C ARG C 276 -31.03 -8.82 -61.24
N PHE C 277 -29.84 -9.22 -61.73
CA PHE C 277 -29.27 -10.52 -61.35
C PHE C 277 -28.55 -10.41 -59.98
N GLY C 278 -29.31 -10.11 -58.95
CA GLY C 278 -28.82 -10.23 -57.58
C GLY C 278 -27.92 -9.09 -57.11
N VAL C 279 -28.11 -7.86 -57.64
CA VAL C 279 -27.36 -6.77 -57.14
C VAL C 279 -28.34 -5.67 -56.66
N PRO C 280 -28.04 -5.01 -55.54
CA PRO C 280 -28.90 -3.93 -55.02
C PRO C 280 -29.10 -2.77 -55.98
N LEU C 281 -30.25 -2.09 -55.82
CA LEU C 281 -30.54 -0.86 -56.57
C LEU C 281 -29.41 0.15 -56.37
N GLY C 282 -28.93 0.29 -55.13
CA GLY C 282 -27.76 1.11 -54.77
C GLY C 282 -27.93 2.60 -55.07
N TYR C 283 -29.17 3.08 -55.21
CA TYR C 283 -29.46 4.48 -55.57
C TYR C 283 -28.59 4.87 -56.78
N GLY C 284 -28.47 3.91 -57.72
CA GLY C 284 -27.87 4.14 -59.03
C GLY C 284 -26.74 3.17 -59.36
N GLY C 285 -26.08 2.65 -58.33
CA GLY C 285 -25.06 1.63 -58.54
C GLY C 285 -24.32 1.32 -57.23
N PRO C 286 -23.26 0.49 -57.32
CA PRO C 286 -22.74 0.01 -58.61
C PRO C 286 -23.42 -1.26 -59.16
N HIS C 287 -23.49 -1.33 -60.49
CA HIS C 287 -23.96 -2.46 -61.27
C HIS C 287 -23.00 -2.70 -62.43
N ALA C 288 -22.76 -3.97 -62.76
CA ALA C 288 -22.08 -4.32 -63.99
C ALA C 288 -23.05 -4.23 -65.16
N ALA C 289 -22.68 -3.43 -66.16
CA ALA C 289 -23.31 -3.48 -67.48
C ALA C 289 -22.74 -4.68 -68.24
N PHE C 290 -23.54 -5.26 -69.13
CA PHE C 290 -23.09 -6.29 -70.00
C PHE C 290 -23.02 -5.74 -71.42
N PHE C 291 -22.18 -6.37 -72.25
CA PHE C 291 -21.87 -5.91 -73.54
C PHE C 291 -21.32 -7.10 -74.35
N ALA C 292 -22.07 -7.53 -75.35
CA ALA C 292 -21.73 -8.73 -76.11
C ALA C 292 -21.84 -8.42 -77.59
N VAL C 293 -20.96 -9.04 -78.38
CA VAL C 293 -20.84 -8.71 -79.78
C VAL C 293 -20.72 -10.00 -80.61
N ARG C 294 -21.01 -9.87 -81.91
CA ARG C 294 -20.66 -10.86 -82.90
C ARG C 294 -19.13 -10.98 -82.91
N GLU C 295 -18.65 -12.20 -83.18
CA GLU C 295 -17.22 -12.47 -83.09
C GLU C 295 -16.45 -11.58 -84.06
N SER C 296 -17.05 -11.23 -85.19
CA SER C 296 -16.36 -10.38 -86.16
C SER C 296 -16.06 -8.98 -85.59
N LEU C 297 -16.63 -8.60 -84.44
CA LEU C 297 -16.44 -7.25 -83.91
C LEU C 297 -15.48 -7.23 -82.72
N VAL C 298 -14.98 -8.41 -82.32
CA VAL C 298 -14.33 -8.57 -81.02
C VAL C 298 -13.06 -7.71 -80.90
N ARG C 299 -12.35 -7.52 -82.00
CA ARG C 299 -11.10 -6.74 -82.01
C ARG C 299 -11.36 -5.30 -81.55
N MET C 300 -12.62 -4.85 -81.66
CA MET C 300 -12.99 -3.49 -81.29
C MET C 300 -13.70 -3.45 -79.93
N MET C 301 -13.73 -4.57 -79.21
CA MET C 301 -14.37 -4.68 -77.93
C MET C 301 -13.77 -3.65 -76.97
N PRO C 302 -14.62 -2.92 -76.20
CA PRO C 302 -14.14 -2.12 -75.09
C PRO C 302 -13.97 -2.94 -73.81
N GLY C 303 -12.97 -2.59 -72.99
CA GLY C 303 -12.82 -3.09 -71.65
C GLY C 303 -12.13 -4.45 -71.61
N ARG C 304 -12.15 -5.02 -70.42
CA ARG C 304 -11.49 -6.32 -70.21
C ARG C 304 -12.34 -7.47 -70.77
N MET C 305 -11.65 -8.56 -71.09
CA MET C 305 -12.26 -9.80 -71.55
C MET C 305 -11.39 -10.99 -71.14
N VAL C 306 -11.98 -11.95 -70.44
CA VAL C 306 -11.27 -13.12 -70.02
C VAL C 306 -11.25 -14.10 -71.19
N GLY C 307 -10.09 -14.72 -71.36
CA GLY C 307 -9.86 -15.74 -72.37
C GLY C 307 -9.20 -16.95 -71.76
N VAL C 308 -9.39 -18.10 -72.42
CA VAL C 308 -8.81 -19.34 -71.99
C VAL C 308 -7.47 -19.49 -72.71
N THR C 309 -6.46 -19.96 -71.97
CA THR C 309 -5.14 -20.18 -72.52
C THR C 309 -4.55 -21.43 -71.88
N ARG C 310 -3.23 -21.59 -72.00
CA ARG C 310 -2.51 -22.65 -71.33
C ARG C 310 -1.48 -22.01 -70.40
N ASP C 311 -1.09 -22.78 -69.41
CA ASP C 311 0.03 -22.44 -68.59
C ASP C 311 1.30 -23.19 -69.12
N ALA C 312 2.44 -22.97 -68.53
CA ALA C 312 3.67 -23.55 -68.96
C ALA C 312 3.64 -25.08 -69.10
N THR C 313 2.71 -25.72 -68.44
CA THR C 313 2.62 -27.22 -68.45
C THR C 313 1.56 -27.72 -69.43
N GLY C 314 0.83 -26.81 -70.09
CA GLY C 314 -0.23 -27.18 -71.03
C GLY C 314 -1.62 -27.26 -70.37
N LYS C 315 -1.71 -26.94 -69.08
CA LYS C 315 -3.00 -26.89 -68.37
C LYS C 315 -3.85 -25.73 -68.90
N GLU C 316 -5.15 -25.97 -69.01
CA GLU C 316 -6.12 -25.00 -69.41
C GLU C 316 -6.35 -24.00 -68.25
N VAL C 317 -6.14 -22.71 -68.51
CA VAL C 317 -6.21 -21.67 -67.47
C VAL C 317 -6.80 -20.40 -68.08
N TYR C 318 -6.87 -19.32 -67.27
CA TYR C 318 -7.58 -18.12 -67.63
C TYR C 318 -6.64 -16.91 -67.52
N ARG C 319 -6.85 -15.94 -68.41
CA ARG C 319 -6.12 -14.67 -68.39
C ARG C 319 -6.98 -13.63 -69.10
N LEU C 320 -6.72 -12.36 -68.79
CA LEU C 320 -7.23 -11.25 -69.59
C LEU C 320 -6.67 -11.36 -71.01
N ALA C 321 -7.53 -11.22 -72.02
CA ALA C 321 -7.15 -11.49 -73.42
C ALA C 321 -7.21 -10.19 -74.24
N LEU C 322 -6.49 -10.19 -75.36
CA LEU C 322 -6.46 -9.12 -76.33
C LEU C 322 -6.29 -7.78 -75.62
N GLN C 323 -5.27 -7.70 -74.76
CA GLN C 323 -5.09 -6.57 -73.87
C GLN C 323 -4.63 -5.33 -74.62
N THR C 324 -4.16 -5.48 -75.88
CA THR C 324 -3.61 -4.35 -76.59
C THR C 324 -4.75 -3.41 -77.01
N ARG C 325 -6.01 -3.86 -76.89
CA ARG C 325 -7.17 -3.00 -77.12
C ARG C 325 -7.22 -1.85 -76.09
N GLU C 326 -6.60 -2.01 -74.91
CA GLU C 326 -6.97 -1.24 -73.73
C GLU C 326 -6.06 -0.01 -73.62
N GLN C 327 -6.50 0.92 -72.76
CA GLN C 327 -5.94 2.26 -72.60
C GLN C 327 -4.45 2.21 -72.24
N HIS C 328 -4.05 1.24 -71.42
CA HIS C 328 -2.70 1.20 -70.88
C HIS C 328 -1.67 0.80 -71.93
N ILE C 329 -2.12 0.19 -73.04
CA ILE C 329 -1.25 -0.13 -74.18
C ILE C 329 -1.41 0.91 -75.28
N ARG C 330 -2.63 1.13 -75.76
CA ARG C 330 -2.81 1.91 -77.00
C ARG C 330 -3.17 3.39 -76.74
N ARG C 331 -3.36 3.75 -75.47
CA ARG C 331 -3.59 5.12 -75.08
C ARG C 331 -4.74 5.69 -75.93
N ASP C 332 -4.49 6.72 -76.71
CA ASP C 332 -5.57 7.40 -77.42
C ASP C 332 -6.11 6.52 -78.56
N LYS C 333 -5.39 5.44 -78.91
CA LYS C 333 -5.83 4.50 -79.96
C LYS C 333 -6.56 3.28 -79.36
N ALA C 334 -6.80 3.30 -78.05
CA ALA C 334 -7.47 2.18 -77.37
C ALA C 334 -8.93 2.11 -77.83
N THR C 335 -9.61 1.00 -77.57
CA THR C 335 -11.02 0.84 -77.94
C THR C 335 -11.94 1.61 -76.98
N SER C 336 -11.37 2.07 -75.87
CA SER C 336 -12.09 2.87 -74.89
C SER C 336 -11.09 3.45 -73.92
N ASN C 337 -11.57 4.40 -73.10
CA ASN C 337 -10.78 4.95 -72.00
C ASN C 337 -10.92 4.05 -70.76
N ILE C 338 -11.84 3.09 -70.77
CA ILE C 338 -12.23 2.45 -69.51
C ILE C 338 -11.02 1.71 -68.91
N CYS C 339 -10.90 1.75 -67.59
CA CYS C 339 -9.87 1.08 -66.83
C CYS C 339 -10.58 0.31 -65.72
N THR C 340 -10.80 0.97 -64.57
CA THR C 340 -11.64 0.39 -63.55
C THR C 340 -13.04 0.20 -64.14
N ALA C 341 -13.64 -0.97 -63.96
CA ALA C 341 -14.96 -1.29 -64.50
C ALA C 341 -15.89 -1.62 -63.32
N GLN C 342 -16.58 -2.76 -63.35
CA GLN C 342 -17.52 -3.14 -62.32
C GLN C 342 -17.32 -4.61 -61.99
N ALA C 343 -16.05 -5.04 -61.91
CA ALA C 343 -15.72 -6.51 -61.82
C ALA C 343 -16.50 -7.19 -60.68
N LEU C 344 -16.49 -6.61 -59.48
CA LEU C 344 -17.04 -7.27 -58.32
C LEU C 344 -18.54 -7.52 -58.55
N LEU C 345 -19.22 -6.55 -59.19
CA LEU C 345 -20.66 -6.66 -59.38
C LEU C 345 -21.00 -7.62 -60.54
N ALA C 346 -20.10 -7.76 -61.50
CA ALA C 346 -20.24 -8.74 -62.56
C ALA C 346 -20.17 -10.13 -61.94
N ASN C 347 -19.31 -10.28 -60.95
CA ASN C 347 -19.11 -11.53 -60.26
C ASN C 347 -20.32 -11.87 -59.40
N MET C 348 -20.94 -10.87 -58.77
CA MET C 348 -22.16 -11.08 -58.02
C MET C 348 -23.29 -11.56 -58.93
N ALA C 349 -23.41 -10.96 -60.13
CA ALA C 349 -24.42 -11.37 -61.09
C ALA C 349 -24.15 -12.79 -61.65
N ALA C 350 -22.88 -13.14 -61.84
CA ALA C 350 -22.55 -14.50 -62.31
C ALA C 350 -22.95 -15.52 -61.24
N MET C 351 -22.64 -15.22 -59.97
CA MET C 351 -22.97 -16.10 -58.84
C MET C 351 -24.48 -16.24 -58.70
N PHE C 352 -25.22 -15.17 -59.02
CA PHE C 352 -26.66 -15.22 -59.07
C PHE C 352 -27.14 -16.28 -60.08
N ALA C 353 -26.62 -16.22 -61.30
CA ALA C 353 -27.00 -17.08 -62.38
C ALA C 353 -26.61 -18.53 -62.05
N ILE C 354 -25.46 -18.70 -61.40
CA ILE C 354 -24.95 -20.01 -61.02
C ILE C 354 -25.88 -20.62 -59.95
N TYR C 355 -26.28 -19.83 -58.97
CA TYR C 355 -27.11 -20.30 -57.90
C TYR C 355 -28.48 -20.69 -58.35
N HIS C 356 -29.06 -19.92 -59.24
CA HIS C 356 -30.36 -20.19 -59.70
C HIS C 356 -30.48 -21.16 -60.86
N GLY C 357 -29.53 -21.09 -61.77
CA GLY C 357 -29.57 -21.86 -62.98
C GLY C 357 -30.56 -21.34 -63.99
N SER C 358 -30.55 -21.94 -65.15
CA SER C 358 -31.52 -21.51 -66.14
C SER C 358 -32.94 -21.82 -65.65
N HIS C 359 -33.10 -22.92 -64.91
CA HIS C 359 -34.40 -23.29 -64.40
C HIS C 359 -34.87 -22.27 -63.34
N GLY C 360 -34.01 -21.88 -62.42
CA GLY C 360 -34.36 -20.87 -61.41
C GLY C 360 -34.59 -19.48 -62.02
N LEU C 361 -33.80 -19.12 -63.04
CA LEU C 361 -33.99 -17.83 -63.68
C LEU C 361 -35.30 -17.83 -64.46
N GLU C 362 -35.62 -18.93 -65.14
CA GLU C 362 -36.90 -19.07 -65.82
C GLU C 362 -38.05 -18.90 -64.82
N HIS C 363 -37.95 -19.56 -63.66
CA HIS C 363 -38.94 -19.52 -62.61
C HIS C 363 -39.17 -18.08 -62.15
N ILE C 364 -38.08 -17.33 -61.92
CA ILE C 364 -38.17 -15.94 -61.49
C ILE C 364 -38.86 -15.13 -62.59
N ALA C 365 -38.40 -15.33 -63.83
CA ALA C 365 -38.88 -14.51 -64.94
C ALA C 365 -40.37 -14.80 -65.18
N ARG C 366 -40.78 -16.06 -65.12
CA ARG C 366 -42.17 -16.47 -65.37
C ARG C 366 -43.08 -15.88 -64.28
N ARG C 367 -42.56 -15.86 -63.06
CA ARG C 367 -43.32 -15.38 -61.92
C ARG C 367 -43.54 -13.86 -62.06
N VAL C 368 -42.46 -13.12 -62.35
CA VAL C 368 -42.54 -11.70 -62.59
C VAL C 368 -43.54 -11.40 -63.71
N HIS C 369 -43.45 -12.13 -64.83
CA HIS C 369 -44.27 -11.89 -66.00
C HIS C 369 -45.74 -12.14 -65.66
N ASN C 370 -45.98 -13.24 -64.92
CA ASN C 370 -47.33 -13.61 -64.58
C ASN C 370 -47.94 -12.59 -63.61
N ALA C 371 -47.14 -12.10 -62.67
CA ALA C 371 -47.58 -11.07 -61.75
C ALA C 371 -47.99 -9.82 -62.55
N THR C 372 -47.23 -9.52 -63.60
CA THR C 372 -47.49 -8.37 -64.44
C THR C 372 -48.77 -8.62 -65.25
N LEU C 373 -48.95 -9.84 -65.78
CA LEU C 373 -50.17 -10.20 -66.50
C LEU C 373 -51.41 -10.06 -65.59
N ILE C 374 -51.27 -10.51 -64.34
CA ILE C 374 -52.36 -10.47 -63.37
C ILE C 374 -52.76 -9.01 -63.13
N LEU C 375 -51.77 -8.15 -62.86
CA LEU C 375 -52.02 -6.76 -62.59
C LEU C 375 -52.70 -6.11 -63.80
N SER C 376 -52.16 -6.40 -64.98
CA SER C 376 -52.70 -5.97 -66.26
C SER C 376 -54.20 -6.25 -66.34
N GLU C 377 -54.59 -7.48 -66.03
CA GLU C 377 -55.99 -7.92 -66.13
C GLU C 377 -56.85 -7.20 -65.10
N GLY C 378 -56.34 -7.04 -63.89
CA GLY C 378 -57.07 -6.30 -62.87
C GLY C 378 -57.29 -4.84 -63.30
N LEU C 379 -56.26 -4.20 -63.85
CA LEU C 379 -56.39 -2.80 -64.22
C LEU C 379 -57.42 -2.65 -65.34
N LYS C 380 -57.41 -3.58 -66.30
CA LYS C 380 -58.35 -3.51 -67.41
C LYS C 380 -59.80 -3.64 -66.90
N ARG C 381 -60.00 -4.55 -65.96
CA ARG C 381 -61.34 -4.80 -65.40
C ARG C 381 -61.81 -3.52 -64.67
N ALA C 382 -60.87 -2.73 -64.15
CA ALA C 382 -61.22 -1.53 -63.40
C ALA C 382 -61.37 -0.31 -64.34
N GLY C 383 -61.24 -0.51 -65.65
CA GLY C 383 -61.53 0.54 -66.63
C GLY C 383 -60.30 1.34 -67.05
N HIS C 384 -59.09 0.89 -66.68
CA HIS C 384 -57.84 1.55 -67.13
C HIS C 384 -57.39 0.92 -68.46
N GLN C 385 -56.69 1.68 -69.30
CA GLN C 385 -56.22 1.18 -70.58
C GLN C 385 -54.73 0.87 -70.51
N LEU C 386 -54.34 -0.31 -70.99
CA LEU C 386 -52.96 -0.66 -71.24
C LEU C 386 -52.59 -0.23 -72.65
N GLN C 387 -51.43 0.39 -72.82
CA GLN C 387 -51.02 0.89 -74.12
C GLN C 387 -50.42 -0.28 -74.92
N HIS C 388 -49.76 -1.20 -74.26
CA HIS C 388 -49.17 -2.34 -74.95
C HIS C 388 -49.65 -3.69 -74.44
N ASP C 389 -50.13 -4.52 -75.35
CA ASP C 389 -50.60 -5.82 -74.98
C ASP C 389 -49.52 -6.89 -74.76
N LEU C 390 -48.32 -6.72 -75.31
CA LEU C 390 -47.25 -7.68 -75.08
C LEU C 390 -46.09 -7.01 -74.36
N PHE C 391 -45.71 -7.54 -73.20
CA PHE C 391 -44.74 -6.94 -72.31
C PHE C 391 -44.11 -8.05 -71.46
N PHE C 392 -43.00 -7.74 -70.80
CA PHE C 392 -42.40 -8.64 -69.82
C PHE C 392 -42.92 -8.27 -68.42
N ASP C 393 -42.40 -7.16 -67.86
CA ASP C 393 -42.64 -6.80 -66.49
C ASP C 393 -43.18 -5.37 -66.39
N THR C 394 -43.46 -4.73 -67.52
CA THR C 394 -43.64 -3.28 -67.50
C THR C 394 -44.91 -2.93 -68.30
N LEU C 395 -45.81 -2.20 -67.63
CA LEU C 395 -47.04 -1.72 -68.23
C LEU C 395 -46.97 -0.19 -68.43
N LYS C 396 -47.71 0.29 -69.43
CA LYS C 396 -47.95 1.68 -69.62
C LYS C 396 -49.46 1.89 -69.59
N ILE C 397 -49.93 2.68 -68.62
CA ILE C 397 -51.33 2.71 -68.24
C ILE C 397 -51.89 4.12 -68.42
N GLN C 398 -52.97 4.23 -69.18
CA GLN C 398 -53.82 5.41 -69.18
C GLN C 398 -54.91 5.18 -68.14
N CYS C 399 -54.89 5.93 -67.04
CA CYS C 399 -55.86 5.78 -65.99
C CYS C 399 -57.24 6.18 -66.51
N GLY C 400 -58.24 5.34 -66.18
CA GLY C 400 -59.65 5.62 -66.41
C GLY C 400 -60.18 6.71 -65.48
N CYS C 401 -59.55 6.89 -64.32
CA CYS C 401 -59.85 7.99 -63.42
C CYS C 401 -58.72 9.01 -63.45
N SER C 402 -58.84 10.05 -62.62
CA SER C 402 -57.78 10.99 -62.32
C SER C 402 -56.49 10.24 -61.93
N VAL C 403 -55.39 10.63 -62.56
CA VAL C 403 -54.07 10.12 -62.20
C VAL C 403 -53.73 10.56 -60.77
N LYS C 404 -54.16 11.77 -60.43
CA LYS C 404 -53.93 12.35 -59.08
C LYS C 404 -54.49 11.42 -58.00
N GLU C 405 -55.69 10.87 -58.24
CA GLU C 405 -56.36 10.06 -57.26
C GLU C 405 -55.62 8.71 -57.13
N VAL C 406 -55.11 8.19 -58.25
CA VAL C 406 -54.30 6.96 -58.26
C VAL C 406 -53.01 7.17 -57.46
N LEU C 407 -52.28 8.25 -57.77
CA LEU C 407 -51.00 8.53 -57.14
C LEU C 407 -51.21 8.83 -55.64
N GLY C 408 -52.36 9.41 -55.30
CA GLY C 408 -52.73 9.65 -53.89
C GLY C 408 -52.80 8.35 -53.10
N ARG C 409 -53.46 7.34 -53.69
CA ARG C 409 -53.52 6.01 -53.08
C ARG C 409 -52.12 5.38 -53.09
N ALA C 410 -51.37 5.57 -54.18
CA ALA C 410 -50.03 4.98 -54.25
C ALA C 410 -49.18 5.52 -53.11
N ALA C 411 -49.24 6.83 -52.89
CA ALA C 411 -48.48 7.52 -51.79
C ALA C 411 -48.86 6.93 -50.41
N GLN C 412 -50.14 6.65 -50.21
CA GLN C 412 -50.66 6.02 -48.98
C GLN C 412 -50.06 4.63 -48.75
N ARG C 413 -49.67 3.91 -49.80
CA ARG C 413 -49.08 2.55 -49.65
C ARG C 413 -47.56 2.61 -49.90
N GLN C 414 -47.04 3.84 -50.02
CA GLN C 414 -45.60 4.08 -50.19
C GLN C 414 -45.05 3.27 -51.37
N ILE C 415 -45.68 3.50 -52.52
CA ILE C 415 -45.37 2.87 -53.77
C ILE C 415 -45.12 4.00 -54.80
N ASN C 416 -44.02 3.88 -55.56
CA ASN C 416 -43.66 4.78 -56.62
C ASN C 416 -43.93 4.12 -57.98
N PHE C 417 -44.54 4.89 -58.90
CA PHE C 417 -44.67 4.59 -60.27
C PHE C 417 -43.79 5.55 -61.06
N ARG C 418 -43.57 5.22 -62.33
CA ARG C 418 -43.02 6.15 -63.25
C ARG C 418 -44.15 7.06 -63.77
N LEU C 419 -43.92 8.37 -63.78
CA LEU C 419 -44.90 9.28 -64.34
C LEU C 419 -44.39 9.79 -65.69
N PHE C 420 -45.06 9.37 -66.76
CA PHE C 420 -44.69 9.80 -68.10
C PHE C 420 -45.16 11.25 -68.31
N GLU C 421 -44.47 11.95 -69.21
CA GLU C 421 -44.78 13.30 -69.58
C GLU C 421 -46.22 13.40 -70.07
N ASP C 422 -46.72 12.36 -70.78
CA ASP C 422 -48.05 12.41 -71.41
C ASP C 422 -49.17 12.13 -70.40
N GLY C 423 -48.84 11.97 -69.12
CA GLY C 423 -49.86 11.82 -68.06
C GLY C 423 -50.19 10.35 -67.77
N THR C 424 -49.53 9.43 -68.48
CA THR C 424 -49.72 8.01 -68.25
C THR C 424 -48.70 7.55 -67.20
N LEU C 425 -48.93 6.34 -66.68
CA LEU C 425 -48.09 5.73 -65.64
C LEU C 425 -47.36 4.51 -66.20
N GLY C 426 -46.10 4.38 -65.78
CA GLY C 426 -45.34 3.16 -65.98
C GLY C 426 -45.27 2.39 -64.68
N ILE C 427 -45.52 1.07 -64.75
CA ILE C 427 -45.32 0.19 -63.64
C ILE C 427 -44.43 -0.96 -64.10
N SER C 428 -43.32 -1.16 -63.39
CA SER C 428 -42.42 -2.26 -63.66
C SER C 428 -42.36 -3.13 -62.41
N LEU C 429 -42.89 -4.36 -62.54
CA LEU C 429 -42.81 -5.31 -61.47
C LEU C 429 -41.45 -6.00 -61.53
N ASP C 430 -41.16 -6.77 -60.49
CA ASP C 430 -39.83 -7.35 -60.33
C ASP C 430 -39.90 -8.61 -59.46
N GLU C 431 -38.73 -9.23 -59.23
CA GLU C 431 -38.59 -10.45 -58.47
C GLU C 431 -39.31 -10.34 -57.12
N THR C 432 -39.31 -9.16 -56.51
CA THR C 432 -39.75 -9.00 -55.13
C THR C 432 -41.28 -8.96 -55.02
N VAL C 433 -41.99 -8.84 -56.16
CA VAL C 433 -43.43 -8.61 -56.11
C VAL C 433 -44.14 -9.91 -55.71
N ASN C 434 -44.97 -9.78 -54.66
CA ASN C 434 -45.78 -10.89 -54.12
C ASN C 434 -47.26 -10.55 -54.18
N GLU C 435 -48.09 -11.50 -53.73
CA GLU C 435 -49.51 -11.37 -53.71
C GLU C 435 -49.91 -10.05 -53.02
N LYS C 436 -49.34 -9.85 -51.84
CA LYS C 436 -49.63 -8.70 -51.01
C LYS C 436 -49.39 -7.41 -51.83
N ASP C 437 -48.30 -7.34 -52.60
CA ASP C 437 -47.99 -6.15 -53.37
C ASP C 437 -49.01 -5.98 -54.49
N LEU C 438 -49.38 -7.09 -55.13
CA LEU C 438 -50.35 -7.06 -56.21
C LEU C 438 -51.68 -6.53 -55.68
N ASP C 439 -52.08 -6.99 -54.49
CA ASP C 439 -53.33 -6.56 -53.87
C ASP C 439 -53.31 -5.05 -53.59
N ASP C 440 -52.18 -4.53 -53.10
CA ASP C 440 -52.01 -3.10 -52.87
C ASP C 440 -52.15 -2.36 -54.21
N LEU C 441 -51.55 -2.91 -55.27
CA LEU C 441 -51.52 -2.23 -56.56
C LEU C 441 -52.92 -2.19 -57.16
N LEU C 442 -53.64 -3.30 -57.05
CA LEU C 442 -55.02 -3.39 -57.52
C LEU C 442 -55.91 -2.38 -56.78
N TRP C 443 -55.72 -2.29 -55.46
CA TRP C 443 -56.41 -1.32 -54.63
C TRP C 443 -56.07 0.12 -55.07
N ILE C 444 -54.78 0.39 -55.33
CA ILE C 444 -54.38 1.70 -55.82
C ILE C 444 -55.23 2.04 -57.05
N PHE C 445 -55.44 1.07 -57.95
CA PHE C 445 -56.16 1.36 -59.18
C PHE C 445 -57.67 1.17 -59.04
N GLY C 446 -58.16 0.95 -57.81
CA GLY C 446 -59.58 0.79 -57.54
C GLY C 446 -60.20 -0.46 -58.17
N CYS C 447 -59.39 -1.51 -58.35
CA CYS C 447 -59.88 -2.82 -58.71
C CYS C 447 -60.40 -3.51 -57.43
N GLU C 448 -61.68 -3.81 -57.44
CA GLU C 448 -62.32 -4.46 -56.32
C GLU C 448 -61.79 -5.88 -56.12
N SER C 449 -61.19 -6.43 -57.15
CA SER C 449 -60.86 -7.83 -57.22
C SER C 449 -59.46 -8.02 -56.66
N SER C 450 -59.26 -8.99 -55.77
CA SER C 450 -57.96 -9.36 -55.25
C SER C 450 -57.15 -10.01 -56.36
N ALA C 451 -55.84 -10.13 -56.12
CA ALA C 451 -54.93 -10.81 -57.01
C ALA C 451 -55.40 -12.25 -57.24
N GLU C 452 -55.79 -12.91 -56.14
CA GLU C 452 -56.26 -14.30 -56.21
C GLU C 452 -57.44 -14.38 -57.18
N LEU C 453 -58.39 -13.47 -57.01
CA LEU C 453 -59.60 -13.46 -57.81
C LEU C 453 -59.25 -13.19 -59.27
N VAL C 454 -58.37 -12.21 -59.51
CA VAL C 454 -58.05 -11.87 -60.88
C VAL C 454 -57.47 -13.11 -61.57
N ALA C 455 -56.60 -13.82 -60.84
CA ALA C 455 -55.87 -14.97 -61.40
C ALA C 455 -56.87 -16.06 -61.85
N GLU C 456 -57.91 -16.23 -61.05
CA GLU C 456 -58.96 -17.18 -61.29
C GLU C 456 -59.62 -16.99 -62.67
N SER C 457 -59.85 -15.74 -63.08
CA SER C 457 -60.59 -15.46 -64.31
C SER C 457 -59.72 -15.63 -65.56
N MET C 458 -58.40 -15.80 -65.40
CA MET C 458 -57.47 -15.70 -66.53
C MET C 458 -57.47 -16.98 -67.40
N ARG C 463 -50.92 -17.22 -72.32
CA ARG C 463 -51.04 -15.78 -72.16
C ARG C 463 -49.65 -15.13 -72.20
N GLY C 464 -49.60 -13.84 -72.60
CA GLY C 464 -48.34 -13.10 -72.72
C GLY C 464 -47.28 -13.82 -73.56
N ILE C 465 -46.03 -13.73 -73.09
CA ILE C 465 -44.85 -14.09 -73.85
C ILE C 465 -44.89 -15.59 -74.18
N PRO C 466 -45.12 -16.49 -73.20
CA PRO C 466 -45.22 -17.92 -73.48
C PRO C 466 -46.25 -18.30 -74.56
N GLY C 467 -47.34 -17.55 -74.66
CA GLY C 467 -48.35 -17.80 -75.67
C GLY C 467 -48.09 -17.08 -76.98
N SER C 468 -46.93 -16.43 -77.14
CA SER C 468 -46.63 -15.58 -78.29
C SER C 468 -45.50 -16.20 -79.13
N VAL C 469 -45.30 -15.61 -80.31
CA VAL C 469 -44.21 -15.98 -81.21
C VAL C 469 -42.84 -15.55 -80.63
N PHE C 470 -42.84 -14.75 -79.55
CA PHE C 470 -41.62 -14.28 -78.92
C PHE C 470 -41.13 -15.23 -77.82
N LYS C 471 -41.84 -16.32 -77.57
CA LYS C 471 -41.45 -17.31 -76.56
C LYS C 471 -40.01 -17.77 -76.85
N ARG C 472 -39.14 -17.76 -75.84
CA ARG C 472 -37.79 -18.28 -76.03
C ARG C 472 -37.85 -19.80 -76.23
N THR C 473 -37.15 -20.29 -77.25
CA THR C 473 -37.04 -21.74 -77.55
C THR C 473 -35.59 -22.22 -77.47
N SER C 474 -34.61 -21.34 -77.24
CA SER C 474 -33.20 -21.74 -77.20
C SER C 474 -32.74 -21.89 -75.76
N PRO C 475 -31.82 -22.83 -75.50
CA PRO C 475 -31.35 -23.11 -74.14
C PRO C 475 -30.31 -22.05 -73.74
N PHE C 476 -29.97 -22.01 -72.45
CA PHE C 476 -28.97 -21.12 -71.92
C PHE C 476 -28.43 -21.71 -70.61
N LEU C 477 -27.18 -21.39 -70.28
CA LEU C 477 -26.53 -21.85 -69.07
C LEU C 477 -26.56 -23.39 -69.01
N THR C 478 -26.18 -24.05 -70.11
CA THR C 478 -26.11 -25.53 -70.09
C THR C 478 -24.76 -26.00 -69.55
N HIS C 479 -23.78 -25.12 -69.42
CA HIS C 479 -22.51 -25.53 -68.86
C HIS C 479 -22.69 -26.00 -67.41
N GLN C 480 -21.87 -26.97 -67.00
CA GLN C 480 -21.93 -27.60 -65.69
C GLN C 480 -21.91 -26.55 -64.57
N VAL C 481 -21.19 -25.45 -64.78
CA VAL C 481 -20.99 -24.45 -63.72
C VAL C 481 -22.33 -23.89 -63.26
N PHE C 482 -23.31 -23.83 -64.18
CA PHE C 482 -24.61 -23.26 -63.86
C PHE C 482 -25.59 -24.36 -63.40
N ASN C 483 -25.09 -25.57 -63.17
CA ASN C 483 -25.96 -26.71 -62.89
C ASN C 483 -25.43 -27.49 -61.69
N SER C 484 -24.48 -26.94 -60.94
CA SER C 484 -23.72 -27.71 -59.95
C SER C 484 -23.86 -27.14 -58.55
N TYR C 485 -24.19 -25.85 -58.41
CA TYR C 485 -24.02 -25.17 -57.13
C TYR C 485 -25.34 -24.55 -56.67
N HIS C 486 -26.38 -25.40 -56.49
CA HIS C 486 -27.76 -24.94 -56.18
C HIS C 486 -28.08 -25.10 -54.67
N SER C 487 -27.34 -25.96 -53.96
CA SER C 487 -27.44 -25.97 -52.52
C SER C 487 -26.66 -24.78 -51.94
N GLU C 488 -27.09 -24.27 -50.79
CA GLU C 488 -26.37 -23.19 -50.20
C GLU C 488 -24.98 -23.69 -49.79
N THR C 489 -24.88 -24.93 -49.32
CA THR C 489 -23.58 -25.48 -48.97
C THR C 489 -22.63 -25.42 -50.19
N ASN C 490 -23.15 -25.76 -51.37
CA ASN C 490 -22.33 -25.89 -52.57
C ASN C 490 -21.86 -24.50 -53.05
N ILE C 491 -22.74 -23.50 -53.03
CA ILE C 491 -22.37 -22.20 -53.56
C ILE C 491 -21.32 -21.56 -52.60
N VAL C 492 -21.48 -21.77 -51.30
CA VAL C 492 -20.51 -21.28 -50.34
C VAL C 492 -19.16 -21.91 -50.65
N ARG C 493 -19.13 -23.20 -50.97
CA ARG C 493 -17.87 -23.87 -51.20
C ARG C 493 -17.24 -23.39 -52.51
N TYR C 494 -18.04 -23.12 -53.53
CA TYR C 494 -17.54 -22.66 -54.81
C TYR C 494 -16.94 -21.25 -54.67
N MET C 495 -17.65 -20.34 -53.98
CA MET C 495 -17.19 -18.99 -53.75
C MET C 495 -15.87 -19.00 -52.95
N LYS C 496 -15.78 -19.89 -51.96
CA LYS C 496 -14.56 -20.01 -51.17
C LYS C 496 -13.40 -20.57 -52.03
N LYS C 497 -13.71 -21.53 -52.90
CA LYS C 497 -12.69 -22.13 -53.72
C LYS C 497 -12.02 -21.07 -54.63
N LEU C 498 -12.84 -20.25 -55.29
CA LEU C 498 -12.35 -19.16 -56.14
C LEU C 498 -11.60 -18.11 -55.30
N GLU C 499 -12.15 -17.76 -54.15
CA GLU C 499 -11.55 -16.78 -53.29
C GLU C 499 -10.11 -17.20 -52.96
N ASN C 500 -9.92 -18.47 -52.63
CA ASN C 500 -8.65 -18.99 -52.09
C ASN C 500 -7.59 -19.09 -53.20
N LYS C 501 -8.00 -19.04 -54.46
CA LYS C 501 -7.08 -18.99 -55.58
C LYS C 501 -6.46 -17.61 -55.73
N ASP C 502 -7.01 -16.59 -55.04
CA ASP C 502 -6.69 -15.22 -55.34
C ASP C 502 -5.95 -14.57 -54.18
N ILE C 503 -4.73 -14.08 -54.44
CA ILE C 503 -4.03 -13.37 -53.42
C ILE C 503 -4.69 -11.98 -53.27
N SER C 504 -4.83 -11.52 -52.04
CA SER C 504 -5.58 -10.27 -51.78
C SER C 504 -4.99 -9.57 -50.56
N LEU C 505 -5.57 -8.47 -50.11
CA LEU C 505 -5.01 -7.75 -49.01
C LEU C 505 -5.24 -8.51 -47.67
N VAL C 506 -5.99 -9.63 -47.68
CA VAL C 506 -6.05 -10.48 -46.49
C VAL C 506 -4.75 -11.30 -46.34
N HIS C 507 -3.89 -11.30 -47.36
CA HIS C 507 -2.66 -12.09 -47.30
C HIS C 507 -1.43 -11.21 -47.07
N SER C 508 -1.21 -10.22 -47.94
CA SER C 508 0.05 -9.52 -47.96
C SER C 508 -0.12 -8.23 -48.77
N MET C 509 0.87 -7.33 -48.64
CA MET C 509 0.86 -6.08 -49.36
C MET C 509 0.81 -6.38 -50.86
N ILE C 510 0.01 -5.59 -51.59
CA ILE C 510 -0.07 -5.67 -53.01
C ILE C 510 0.38 -4.30 -53.53
N PRO C 511 1.69 -4.11 -53.77
CA PRO C 511 2.27 -2.77 -53.94
C PRO C 511 2.14 -2.25 -55.36
N LEU C 512 0.91 -2.18 -55.86
CA LEU C 512 0.69 -1.82 -57.24
C LEU C 512 0.79 -0.31 -57.39
N GLY C 513 1.84 0.11 -58.10
CA GLY C 513 1.93 1.47 -58.60
C GLY C 513 0.68 1.85 -59.36
N SER C 514 0.24 3.10 -59.11
CA SER C 514 -0.93 3.68 -59.73
C SER C 514 -2.23 3.03 -59.22
N CYS C 515 -2.22 2.31 -58.07
CA CYS C 515 -3.47 1.64 -57.62
C CYS C 515 -3.87 2.01 -56.17
N THR C 516 -2.92 2.38 -55.34
CA THR C 516 -3.19 2.78 -53.94
C THR C 516 -4.02 1.70 -53.22
N MET C 517 -3.41 0.54 -53.06
CA MET C 517 -3.98 -0.64 -52.45
C MET C 517 -3.93 -0.49 -50.92
N LYS C 518 -4.62 0.53 -50.41
CA LYS C 518 -4.68 0.79 -48.97
C LYS C 518 -5.86 0.04 -48.31
N LEU C 519 -5.96 0.18 -46.99
CA LEU C 519 -6.98 -0.49 -46.18
C LEU C 519 -8.41 -0.12 -46.60
N ASN C 520 -9.21 -1.17 -46.83
CA ASN C 520 -10.65 -1.07 -46.98
C ASN C 520 -11.27 -1.59 -45.66
N SER C 521 -11.59 -0.64 -44.77
CA SER C 521 -11.89 -0.93 -43.41
C SER C 521 -13.34 -1.40 -43.29
N SER C 522 -13.54 -2.29 -42.33
CA SER C 522 -14.80 -2.89 -42.04
C SER C 522 -15.89 -1.84 -41.74
N SER C 523 -15.54 -0.81 -40.97
CA SER C 523 -16.48 0.24 -40.62
C SER C 523 -16.87 1.08 -41.84
N GLU C 524 -15.91 1.32 -42.74
CA GLU C 524 -16.21 2.02 -44.00
C GLU C 524 -17.18 1.18 -44.83
N LEU C 525 -16.99 -0.16 -44.82
CA LEU C 525 -17.69 -1.04 -45.76
C LEU C 525 -19.09 -1.36 -45.27
N ALA C 526 -19.28 -1.43 -43.96
CA ALA C 526 -20.57 -1.85 -43.34
C ALA C 526 -21.75 -1.19 -44.04
N PRO C 527 -21.78 0.15 -44.23
CA PRO C 527 -23.02 0.78 -44.62
C PRO C 527 -23.46 0.48 -46.05
N ILE C 528 -22.59 -0.03 -46.90
CA ILE C 528 -22.96 -0.14 -48.30
C ILE C 528 -24.05 -1.20 -48.46
N THR C 529 -24.18 -2.11 -47.50
CA THR C 529 -25.29 -3.09 -47.56
C THR C 529 -26.41 -2.74 -46.58
N TRP C 530 -26.40 -1.52 -46.01
CA TRP C 530 -27.58 -1.06 -45.27
C TRP C 530 -28.72 -0.83 -46.27
N LYS C 531 -29.92 -1.25 -45.91
CA LYS C 531 -31.04 -1.14 -46.81
C LYS C 531 -31.32 0.32 -47.15
N GLU C 532 -31.10 1.24 -46.22
CA GLU C 532 -31.37 2.67 -46.45
C GLU C 532 -30.44 3.24 -47.51
N PHE C 533 -29.30 2.59 -47.77
CA PHE C 533 -28.43 2.94 -48.90
C PHE C 533 -28.62 2.01 -50.11
N ALA C 534 -28.79 0.70 -49.87
CA ALA C 534 -28.73 -0.28 -50.95
C ALA C 534 -30.06 -0.40 -51.73
N ASN C 535 -31.19 -0.10 -51.06
CA ASN C 535 -32.50 -0.51 -51.55
C ASN C 535 -33.34 0.70 -51.93
N ILE C 536 -32.71 1.72 -52.50
CA ILE C 536 -33.43 2.88 -52.98
C ILE C 536 -33.25 2.96 -54.49
N HIS C 537 -34.35 3.05 -55.23
CA HIS C 537 -34.28 3.23 -56.69
C HIS C 537 -33.64 4.60 -57.01
N PRO C 538 -32.72 4.70 -57.98
CA PRO C 538 -32.04 5.99 -58.25
C PRO C 538 -32.98 7.14 -58.60
N PHE C 539 -34.20 6.84 -59.06
CA PHE C 539 -35.09 7.85 -59.64
C PHE C 539 -36.28 8.18 -58.72
N VAL C 540 -36.22 7.81 -57.44
CA VAL C 540 -37.31 8.18 -56.51
C VAL C 540 -37.44 9.70 -56.44
N PRO C 541 -38.62 10.24 -56.07
CA PRO C 541 -38.72 11.65 -55.66
C PRO C 541 -37.69 11.93 -54.55
N LEU C 542 -37.11 13.12 -54.58
CA LEU C 542 -35.97 13.46 -53.76
C LEU C 542 -36.32 13.49 -52.27
N ASP C 543 -37.61 13.65 -51.94
CA ASP C 543 -38.04 13.66 -50.52
C ASP C 543 -37.89 12.24 -49.93
N GLN C 544 -37.61 11.22 -50.76
CA GLN C 544 -37.33 9.86 -50.28
C GLN C 544 -35.82 9.59 -50.14
N ALA C 545 -34.97 10.55 -50.55
CA ALA C 545 -33.52 10.34 -50.54
C ALA C 545 -32.78 11.53 -49.90
N GLN C 546 -33.36 12.10 -48.84
CA GLN C 546 -32.80 13.30 -48.18
C GLN C 546 -31.52 12.90 -47.42
N GLY C 547 -31.45 11.64 -46.99
CA GLY C 547 -30.22 11.12 -46.42
C GLY C 547 -29.08 11.14 -47.43
N TYR C 548 -29.32 10.62 -48.64
CA TYR C 548 -28.34 10.71 -49.69
C TYR C 548 -27.95 12.17 -49.96
N GLN C 549 -28.92 13.08 -49.98
CA GLN C 549 -28.60 14.49 -50.29
C GLN C 549 -27.62 15.04 -49.24
N GLN C 550 -27.82 14.69 -47.96
CA GLN C 550 -26.92 15.15 -46.90
C GLN C 550 -25.53 14.52 -47.11
N LEU C 551 -25.51 13.23 -47.42
CA LEU C 551 -24.26 12.54 -47.71
C LEU C 551 -23.49 13.28 -48.80
N PHE C 552 -24.16 13.55 -49.92
CA PHE C 552 -23.52 14.21 -51.05
C PHE C 552 -22.95 15.57 -50.61
N ARG C 553 -23.78 16.39 -49.95
CA ARG C 553 -23.35 17.71 -49.50
C ARG C 553 -22.11 17.58 -48.61
N GLU C 554 -22.10 16.62 -47.67
CA GLU C 554 -20.99 16.55 -46.72
C GLU C 554 -19.70 16.09 -47.43
N LEU C 555 -19.83 15.08 -48.30
CA LEU C 555 -18.68 14.54 -48.98
C LEU C 555 -18.14 15.60 -49.97
N GLU C 556 -19.04 16.30 -50.66
CA GLU C 556 -18.64 17.34 -51.56
C GLU C 556 -17.82 18.39 -50.80
N LYS C 557 -18.34 18.86 -49.65
CA LYS C 557 -17.71 19.90 -48.93
C LYS C 557 -16.29 19.49 -48.50
N ASP C 558 -16.16 18.28 -48.04
CA ASP C 558 -14.86 17.71 -47.62
C ASP C 558 -13.92 17.58 -48.83
N LEU C 559 -14.43 17.10 -49.95
CA LEU C 559 -13.58 16.89 -51.14
C LEU C 559 -13.11 18.25 -51.67
N CYS C 560 -13.98 19.26 -51.58
CA CYS C 560 -13.65 20.61 -52.03
C CYS C 560 -12.48 21.18 -51.21
N GLU C 561 -12.52 20.95 -49.89
CA GLU C 561 -11.47 21.36 -48.99
C GLU C 561 -10.15 20.62 -49.25
N LEU C 562 -10.21 19.33 -49.61
CA LEU C 562 -9.00 18.52 -49.86
C LEU C 562 -8.33 18.93 -51.16
N THR C 563 -9.12 19.50 -52.08
CA THR C 563 -8.67 19.70 -53.45
C THR C 563 -8.51 21.17 -53.82
N GLY C 564 -9.16 22.08 -53.07
CA GLY C 564 -9.14 23.50 -53.40
C GLY C 564 -10.09 23.81 -54.54
N TYR C 565 -11.13 22.98 -54.75
CA TYR C 565 -12.13 23.27 -55.78
C TYR C 565 -13.41 23.78 -55.14
N ASP C 566 -14.33 24.27 -55.97
CA ASP C 566 -15.49 25.03 -55.50
C ASP C 566 -16.75 24.16 -55.52
N GLN C 567 -16.76 23.11 -56.35
CA GLN C 567 -17.92 22.29 -56.55
C GLN C 567 -17.46 20.90 -56.99
N VAL C 568 -18.17 19.86 -56.54
CA VAL C 568 -17.89 18.49 -56.90
C VAL C 568 -19.11 17.88 -57.58
N CYS C 569 -18.87 17.11 -58.65
CA CYS C 569 -19.91 16.40 -59.34
C CYS C 569 -19.61 14.90 -59.21
N PHE C 570 -20.58 14.13 -58.68
CA PHE C 570 -20.37 12.73 -58.33
C PHE C 570 -20.75 11.76 -59.47
N GLN C 571 -21.34 12.30 -60.54
CA GLN C 571 -21.85 11.48 -61.61
C GLN C 571 -20.80 10.55 -62.19
N PRO C 572 -19.52 10.95 -62.40
CA PRO C 572 -18.59 10.07 -63.11
C PRO C 572 -18.27 8.84 -62.23
N ASN C 573 -18.47 7.64 -62.79
CA ASN C 573 -18.43 6.38 -62.04
C ASN C 573 -17.15 5.59 -62.31
N SER C 574 -16.09 6.32 -62.69
CA SER C 574 -14.71 5.84 -62.70
C SER C 574 -13.81 7.06 -62.92
N GLY C 575 -12.52 6.92 -62.64
CA GLY C 575 -11.51 7.88 -62.92
C GLY C 575 -11.56 8.35 -64.37
N ALA C 576 -11.57 7.38 -65.29
CA ALA C 576 -11.57 7.65 -66.70
C ALA C 576 -12.81 8.46 -67.07
N GLN C 577 -13.93 8.10 -66.48
CA GLN C 577 -15.18 8.85 -66.68
C GLN C 577 -15.03 10.27 -66.14
N GLY C 578 -14.30 10.42 -65.04
CA GLY C 578 -14.03 11.76 -64.48
C GLY C 578 -13.23 12.61 -65.45
N GLU C 579 -12.21 12.00 -66.06
CA GLU C 579 -11.37 12.67 -67.06
C GLU C 579 -12.22 13.10 -68.25
N TYR C 580 -13.06 12.18 -68.72
CA TYR C 580 -13.94 12.45 -69.85
C TYR C 580 -14.90 13.58 -69.47
N ALA C 581 -15.56 13.48 -68.31
CA ALA C 581 -16.50 14.54 -67.87
C ALA C 581 -15.76 15.88 -67.76
N GLY C 582 -14.58 15.87 -67.16
CA GLY C 582 -13.79 17.06 -66.96
C GLY C 582 -13.44 17.77 -68.26
N LEU C 583 -12.92 17.00 -69.22
CA LEU C 583 -12.56 17.52 -70.53
C LEU C 583 -13.80 18.05 -71.25
N ALA C 584 -14.92 17.30 -71.19
CA ALA C 584 -16.15 17.72 -71.83
C ALA C 584 -16.64 19.06 -71.26
N THR C 585 -16.60 19.18 -69.92
CA THR C 585 -16.93 20.44 -69.23
C THR C 585 -16.03 21.59 -69.72
N ILE C 586 -14.73 21.33 -69.87
CA ILE C 586 -13.81 22.30 -70.39
C ILE C 586 -14.25 22.76 -71.79
N ARG C 587 -14.61 21.80 -72.65
CA ARG C 587 -15.02 22.13 -74.01
C ARG C 587 -16.32 22.95 -74.00
N ALA C 588 -17.25 22.63 -73.08
CA ALA C 588 -18.51 23.34 -73.01
C ALA C 588 -18.27 24.78 -72.54
N TYR C 589 -17.40 24.94 -71.54
CA TYR C 589 -16.92 26.27 -71.11
C TYR C 589 -16.34 27.05 -72.29
N LEU C 590 -15.49 26.41 -73.09
CA LEU C 590 -14.82 27.08 -74.20
C LEU C 590 -15.84 27.46 -75.28
N ASN C 591 -16.79 26.57 -75.57
CA ASN C 591 -17.84 26.83 -76.55
C ASN C 591 -18.66 28.04 -76.08
N GLN C 592 -19.02 28.06 -74.80
CA GLN C 592 -19.90 29.12 -74.26
C GLN C 592 -19.24 30.50 -74.45
N LYS C 593 -17.91 30.56 -74.30
CA LYS C 593 -17.24 31.85 -74.27
C LYS C 593 -16.71 32.21 -75.67
N GLY C 594 -17.17 31.50 -76.71
CA GLY C 594 -16.84 31.84 -78.11
C GLY C 594 -15.49 31.30 -78.55
N GLU C 595 -14.97 30.31 -77.81
CA GLU C 595 -13.61 29.81 -78.05
C GLU C 595 -13.64 28.35 -78.50
N GLY C 596 -14.73 27.94 -79.18
CA GLY C 596 -15.02 26.52 -79.50
C GLY C 596 -14.01 25.89 -80.45
N HIS C 597 -13.27 26.75 -81.17
CA HIS C 597 -12.27 26.32 -82.12
C HIS C 597 -11.08 25.63 -81.41
N ARG C 598 -10.88 25.95 -80.12
CA ARG C 598 -9.79 25.34 -79.34
C ARG C 598 -10.14 23.89 -78.99
N THR C 599 -9.44 22.92 -79.61
CA THR C 599 -9.68 21.52 -79.32
C THR C 599 -8.37 20.77 -79.00
N VAL C 600 -7.21 21.45 -78.98
CA VAL C 600 -5.94 20.78 -78.78
C VAL C 600 -5.74 20.52 -77.29
N CYS C 601 -5.41 19.28 -76.96
CA CYS C 601 -5.13 18.86 -75.61
C CYS C 601 -3.69 18.37 -75.54
N LEU C 602 -2.87 19.05 -74.72
CA LEU C 602 -1.47 18.65 -74.47
C LEU C 602 -1.47 17.58 -73.40
N ILE C 603 -0.78 16.46 -73.70
CA ILE C 603 -0.69 15.35 -72.79
C ILE C 603 0.74 14.84 -72.72
N PRO C 604 1.45 15.10 -71.60
CA PRO C 604 2.72 14.44 -71.33
C PRO C 604 2.58 12.91 -71.50
N LYS C 605 3.63 12.31 -72.06
CA LYS C 605 3.64 10.87 -72.31
C LYS C 605 3.72 10.12 -70.97
N SER C 606 4.03 10.83 -69.88
CA SER C 606 4.02 10.22 -68.56
C SER C 606 2.57 9.99 -68.10
N ALA C 607 1.62 10.86 -68.51
CA ALA C 607 0.24 10.81 -67.99
C ALA C 607 -0.36 9.42 -68.19
N HIS C 608 -1.20 9.00 -67.24
CA HIS C 608 -1.92 7.71 -67.30
C HIS C 608 -2.61 7.58 -68.66
N GLY C 609 -2.67 6.34 -69.16
CA GLY C 609 -3.19 6.02 -70.48
C GLY C 609 -4.65 6.40 -70.65
N THR C 610 -5.41 6.40 -69.54
CA THR C 610 -6.80 6.86 -69.55
C THR C 610 -6.89 8.30 -70.08
N ASN C 611 -5.89 9.13 -69.76
CA ASN C 611 -5.90 10.57 -70.11
C ASN C 611 -6.08 10.73 -71.61
N PRO C 612 -5.11 10.28 -72.46
CA PRO C 612 -5.28 10.39 -73.92
C PRO C 612 -6.52 9.67 -74.48
N ALA C 613 -6.87 8.49 -73.95
CA ALA C 613 -8.12 7.82 -74.38
C ALA C 613 -9.35 8.69 -74.10
N SER C 614 -9.38 9.33 -72.93
CA SER C 614 -10.48 10.21 -72.53
C SER C 614 -10.51 11.45 -73.43
N ALA C 615 -9.35 12.03 -73.71
CA ALA C 615 -9.27 13.18 -74.59
C ALA C 615 -9.79 12.83 -75.99
N HIS C 616 -9.43 11.64 -76.49
CA HIS C 616 -9.92 11.18 -77.81
C HIS C 616 -11.45 11.05 -77.72
N MET C 617 -11.94 10.44 -76.65
CA MET C 617 -13.37 10.25 -76.48
C MET C 617 -14.11 11.60 -76.39
N ALA C 618 -13.45 12.63 -75.88
CA ALA C 618 -14.03 13.96 -75.73
C ALA C 618 -13.82 14.81 -77.00
N GLY C 619 -13.27 14.20 -78.06
CA GLY C 619 -13.19 14.80 -79.38
C GLY C 619 -12.04 15.79 -79.50
N MET C 620 -11.03 15.65 -78.62
CA MET C 620 -9.92 16.55 -78.64
C MET C 620 -8.79 16.03 -79.52
N LYS C 621 -8.01 16.98 -80.04
CA LYS C 621 -6.82 16.67 -80.79
C LYS C 621 -5.65 16.58 -79.81
N ILE C 622 -5.00 15.42 -79.80
CA ILE C 622 -4.01 15.16 -78.80
C ILE C 622 -2.64 15.56 -79.34
N GLN C 623 -1.97 16.44 -78.58
CA GLN C 623 -0.57 16.72 -78.78
C GLN C 623 0.23 16.12 -77.62
N PRO C 624 0.94 15.00 -77.85
CA PRO C 624 1.86 14.48 -76.84
C PRO C 624 2.93 15.52 -76.52
N VAL C 625 3.34 15.56 -75.25
CA VAL C 625 4.44 16.35 -74.81
C VAL C 625 5.50 15.40 -74.25
N GLU C 626 6.75 15.60 -74.62
CA GLU C 626 7.85 14.71 -74.25
C GLU C 626 8.14 14.87 -72.76
N VAL C 627 8.77 13.84 -72.18
CA VAL C 627 9.35 13.89 -70.86
C VAL C 627 10.87 13.82 -71.00
N ASP C 628 11.58 14.62 -70.21
CA ASP C 628 13.03 14.67 -70.21
C ASP C 628 13.57 13.46 -69.47
N LYS C 629 14.89 13.34 -69.43
CA LYS C 629 15.57 12.14 -68.98
C LYS C 629 15.43 11.99 -67.46
N TYR C 630 15.03 13.07 -66.77
CA TYR C 630 14.86 13.07 -65.30
C TYR C 630 13.42 12.68 -64.93
N GLY C 631 12.55 12.57 -65.93
CA GLY C 631 11.20 12.03 -65.77
C GLY C 631 10.14 13.11 -65.69
N ASN C 632 10.57 14.34 -65.91
CA ASN C 632 9.74 15.51 -65.79
C ASN C 632 9.20 15.89 -67.16
N ILE C 633 8.09 16.62 -67.19
CA ILE C 633 7.64 17.20 -68.44
C ILE C 633 8.79 18.00 -69.04
N ASP C 634 9.14 17.70 -70.28
CA ASP C 634 10.22 18.42 -70.98
C ASP C 634 9.81 19.88 -71.22
N ALA C 635 10.53 20.80 -70.57
CA ALA C 635 10.16 22.21 -70.56
C ALA C 635 10.33 22.80 -71.98
N VAL C 636 11.41 22.43 -72.66
CA VAL C 636 11.67 22.92 -74.02
C VAL C 636 10.51 22.49 -74.93
N HIS C 637 10.16 21.19 -74.88
CA HIS C 637 9.12 20.68 -75.76
C HIS C 637 7.75 21.28 -75.38
N LEU C 638 7.50 21.41 -74.08
CA LEU C 638 6.20 21.94 -73.64
C LEU C 638 6.03 23.37 -74.21
N LYS C 639 7.07 24.20 -74.06
CA LYS C 639 6.99 25.59 -74.52
C LYS C 639 6.80 25.63 -76.05
N ALA C 640 7.47 24.70 -76.76
CA ALA C 640 7.33 24.58 -78.21
C ALA C 640 5.91 24.16 -78.60
N MET C 641 5.29 23.24 -77.84
CA MET C 641 4.00 22.74 -78.25
C MET C 641 2.92 23.81 -77.95
N VAL C 642 3.16 24.58 -76.87
CA VAL C 642 2.26 25.66 -76.49
C VAL C 642 2.32 26.71 -77.60
N ASP C 643 3.54 27.05 -78.03
CA ASP C 643 3.78 28.04 -79.07
C ASP C 643 3.07 27.58 -80.36
N LYS C 644 3.29 26.32 -80.74
CA LYS C 644 2.72 25.76 -81.93
C LYS C 644 1.19 25.81 -81.90
N HIS C 645 0.56 25.46 -80.76
CA HIS C 645 -0.86 25.25 -80.77
C HIS C 645 -1.62 26.40 -80.08
N LYS C 646 -0.93 27.50 -79.77
CA LYS C 646 -1.49 28.51 -78.82
C LYS C 646 -2.84 29.06 -79.31
N GLU C 647 -3.07 29.13 -80.62
CA GLU C 647 -4.33 29.62 -81.16
C GLU C 647 -5.44 28.59 -80.86
N ASN C 648 -5.10 27.31 -80.77
CA ASN C 648 -6.11 26.24 -80.73
C ASN C 648 -6.09 25.47 -79.41
N LEU C 649 -5.40 26.00 -78.39
CA LEU C 649 -5.10 25.27 -77.16
C LEU C 649 -6.34 25.25 -76.25
N ALA C 650 -6.84 24.04 -75.96
CA ALA C 650 -8.00 23.83 -75.08
C ALA C 650 -7.55 23.48 -73.65
N ALA C 651 -6.60 22.56 -73.52
CA ALA C 651 -6.27 22.04 -72.20
C ALA C 651 -4.92 21.34 -72.18
N ILE C 652 -4.37 21.22 -70.98
CA ILE C 652 -3.33 20.27 -70.68
C ILE C 652 -3.90 19.26 -69.66
N MET C 653 -3.42 18.02 -69.71
CA MET C 653 -3.69 16.99 -68.71
C MET C 653 -2.37 16.59 -68.05
N ILE C 654 -2.20 16.96 -66.78
CA ILE C 654 -1.03 16.64 -65.98
C ILE C 654 -1.49 15.64 -64.89
N THR C 655 -0.71 14.59 -64.69
CA THR C 655 -0.84 13.74 -63.53
C THR C 655 0.17 14.29 -62.50
N TYR C 656 -0.26 14.57 -61.27
CA TYR C 656 0.65 15.18 -60.31
C TYR C 656 0.46 14.60 -58.91
N PRO C 657 1.52 14.08 -58.29
CA PRO C 657 2.78 13.75 -58.98
C PRO C 657 2.54 12.79 -60.15
N SER C 658 3.47 12.72 -61.11
CA SER C 658 3.21 11.97 -62.35
C SER C 658 3.42 10.47 -62.08
N THR C 659 3.14 9.69 -63.13
CA THR C 659 3.22 8.27 -63.16
C THR C 659 4.67 7.79 -63.03
N ASN C 660 5.61 8.72 -63.24
CA ASN C 660 7.04 8.46 -63.14
C ASN C 660 7.41 8.42 -61.64
N GLY C 661 6.46 8.72 -60.75
CA GLY C 661 6.61 8.74 -59.30
C GLY C 661 7.15 10.04 -58.68
N VAL C 662 7.27 11.13 -59.46
CA VAL C 662 8.02 12.31 -59.00
C VAL C 662 7.16 13.59 -59.00
N PHE C 663 7.42 14.46 -58.05
CA PHE C 663 6.76 15.76 -58.02
C PHE C 663 7.55 16.73 -58.93
N GLU C 664 6.92 17.35 -59.90
CA GLU C 664 7.59 18.33 -60.75
C GLU C 664 7.78 19.63 -59.97
N GLU C 665 8.98 20.19 -59.98
CA GLU C 665 9.25 21.40 -59.23
C GLU C 665 8.53 22.65 -59.62
N ASN C 666 8.01 22.73 -60.81
CA ASN C 666 7.53 24.02 -61.25
C ASN C 666 6.15 23.87 -61.92
N ILE C 667 5.26 23.15 -61.23
CA ILE C 667 3.99 22.78 -61.78
C ILE C 667 3.12 24.04 -61.92
N SER C 668 3.27 25.01 -61.00
CA SER C 668 2.53 26.29 -61.11
C SER C 668 2.88 26.98 -62.43
N ASP C 669 4.16 26.91 -62.81
CA ASP C 669 4.64 27.57 -64.02
C ASP C 669 3.97 26.92 -65.25
N VAL C 670 3.83 25.58 -65.23
CA VAL C 670 3.15 24.89 -66.34
C VAL C 670 1.69 25.36 -66.43
N CYS C 671 1.03 25.47 -65.27
CA CYS C 671 -0.35 25.88 -65.21
C CYS C 671 -0.50 27.31 -65.74
N ASP C 672 0.41 28.22 -65.31
CA ASP C 672 0.39 29.61 -65.73
C ASP C 672 0.58 29.70 -67.27
N LEU C 673 1.46 28.86 -67.82
CA LEU C 673 1.79 28.89 -69.25
C LEU C 673 0.54 28.56 -70.08
N ILE C 674 -0.19 27.54 -69.66
CA ILE C 674 -1.38 27.09 -70.35
C ILE C 674 -2.48 28.17 -70.24
N HIS C 675 -2.67 28.67 -69.02
CA HIS C 675 -3.65 29.73 -68.80
C HIS C 675 -3.33 30.95 -69.68
N GLN C 676 -2.06 31.36 -69.73
CA GLN C 676 -1.65 32.54 -70.51
C GLN C 676 -1.99 32.38 -72.01
N HIS C 677 -2.17 31.14 -72.47
CA HIS C 677 -2.38 30.87 -73.90
C HIS C 677 -3.81 30.36 -74.16
N GLY C 678 -4.70 30.61 -73.18
CA GLY C 678 -6.15 30.55 -73.35
C GLY C 678 -6.72 29.17 -73.06
N GLY C 679 -5.91 28.27 -72.49
CA GLY C 679 -6.30 26.89 -72.21
C GLY C 679 -6.64 26.69 -70.74
N GLN C 680 -7.26 25.55 -70.45
CA GLN C 680 -7.63 25.12 -69.12
C GLN C 680 -6.73 23.96 -68.66
N VAL C 681 -6.65 23.79 -67.32
CA VAL C 681 -5.76 22.84 -66.75
C VAL C 681 -6.58 21.73 -66.11
N TYR C 682 -6.47 20.54 -66.71
CA TYR C 682 -6.95 19.29 -66.15
C TYR C 682 -5.83 18.59 -65.38
N LEU C 683 -6.00 18.40 -64.09
CA LEU C 683 -5.05 17.70 -63.30
C LEU C 683 -5.61 16.34 -62.79
N ASP C 684 -5.01 15.26 -63.24
CA ASP C 684 -5.42 13.91 -62.90
C ASP C 684 -5.14 13.71 -61.43
N GLY C 685 -6.19 13.59 -60.64
CA GLY C 685 -6.06 13.47 -59.21
C GLY C 685 -5.89 12.10 -58.59
N ALA C 686 -5.67 11.11 -59.44
CA ALA C 686 -5.61 9.72 -59.00
C ALA C 686 -4.42 9.47 -58.07
N ASN C 687 -3.44 10.35 -58.12
CA ASN C 687 -2.26 10.27 -57.30
C ASN C 687 -2.38 11.23 -56.12
N MET C 688 -3.61 11.56 -55.71
CA MET C 688 -3.79 12.49 -54.55
C MET C 688 -3.33 11.84 -53.24
N ASN C 689 -2.96 10.55 -53.23
CA ASN C 689 -2.50 9.93 -51.97
C ASN C 689 -1.15 10.52 -51.54
N ALA C 690 -0.46 11.22 -52.46
CA ALA C 690 0.78 11.96 -52.16
C ALA C 690 0.49 13.44 -51.79
N GLN C 691 -0.78 13.89 -51.83
CA GLN C 691 -1.10 15.31 -51.72
C GLN C 691 -1.99 15.59 -50.49
N VAL C 692 -2.90 14.67 -50.14
CA VAL C 692 -3.98 15.04 -49.22
C VAL C 692 -3.39 15.63 -47.93
N GLY C 693 -3.80 16.85 -47.60
CA GLY C 693 -3.42 17.51 -46.34
C GLY C 693 -2.04 18.17 -46.44
N ILE C 694 -1.42 18.15 -47.62
CA ILE C 694 -0.10 18.74 -47.81
C ILE C 694 -0.17 19.84 -48.87
N CYS C 695 -0.80 19.53 -50.01
CA CYS C 695 -1.05 20.49 -51.09
C CYS C 695 -2.37 20.13 -51.79
N ARG C 696 -2.85 21.07 -52.61
CA ARG C 696 -4.16 20.96 -53.22
C ARG C 696 -4.06 21.43 -54.67
N PRO C 697 -4.49 20.60 -55.65
CA PRO C 697 -4.35 20.96 -57.06
C PRO C 697 -4.95 22.34 -57.38
N GLY C 698 -6.08 22.64 -56.77
CA GLY C 698 -6.77 23.93 -57.00
C GLY C 698 -5.98 25.15 -56.53
N ASP C 699 -5.06 24.94 -55.62
CA ASP C 699 -4.23 25.97 -55.11
C ASP C 699 -3.04 26.31 -56.04
N PHE C 700 -2.60 25.37 -56.86
CA PHE C 700 -1.47 25.65 -57.71
C PHE C 700 -1.73 25.83 -59.17
N GLY C 701 -2.96 26.09 -59.53
CA GLY C 701 -3.28 26.38 -60.90
C GLY C 701 -4.18 25.47 -61.68
N SER C 702 -4.66 24.41 -61.06
CA SER C 702 -5.52 23.46 -61.77
C SER C 702 -6.98 23.98 -61.78
N ASP C 703 -7.70 23.71 -62.87
CA ASP C 703 -9.11 24.13 -63.04
C ASP C 703 -10.11 23.02 -62.68
N VAL C 704 -9.68 21.76 -62.82
CA VAL C 704 -10.56 20.62 -62.68
C VAL C 704 -9.69 19.39 -62.45
N SER C 705 -10.15 18.52 -61.54
CA SER C 705 -9.55 17.22 -61.29
C SER C 705 -10.66 16.19 -61.04
N HIS C 706 -10.32 14.98 -61.41
CA HIS C 706 -11.10 13.87 -60.95
C HIS C 706 -10.30 13.24 -59.79
N LEU C 707 -10.99 12.66 -58.85
CA LEU C 707 -10.41 11.83 -57.81
C LEU C 707 -10.79 10.38 -58.08
N ASN C 708 -9.91 9.45 -57.70
CA ASN C 708 -10.23 8.03 -57.66
C ASN C 708 -10.57 7.71 -56.19
N LEU C 709 -11.85 7.61 -55.87
CA LEU C 709 -12.25 7.29 -54.49
C LEU C 709 -11.84 5.84 -54.17
N HIS C 710 -11.74 5.04 -55.23
CA HIS C 710 -11.28 3.64 -55.17
C HIS C 710 -9.79 3.50 -55.02
N LYS C 711 -9.06 4.59 -55.10
CA LYS C 711 -7.65 4.57 -54.75
C LYS C 711 -7.45 5.30 -53.43
N THR C 712 -7.56 6.65 -53.50
CA THR C 712 -7.17 7.49 -52.38
C THR C 712 -8.12 7.36 -51.17
N PHE C 713 -9.40 7.03 -51.40
CA PHE C 713 -10.46 7.21 -50.39
C PHE C 713 -11.20 5.90 -50.09
N CYS C 714 -10.51 4.77 -50.31
CA CYS C 714 -10.70 3.48 -49.67
C CYS C 714 -11.86 2.67 -50.28
N ILE C 715 -12.51 3.14 -51.34
CA ILE C 715 -13.48 2.24 -52.01
C ILE C 715 -12.67 1.01 -52.50
N PRO C 716 -13.18 -0.22 -52.24
CA PRO C 716 -12.42 -1.44 -52.46
C PRO C 716 -12.16 -1.68 -53.94
N HIS C 717 -11.06 -2.35 -54.22
CA HIS C 717 -10.62 -2.54 -55.63
C HIS C 717 -11.50 -3.57 -56.36
N GLY C 718 -12.09 -4.49 -55.63
CA GLY C 718 -13.23 -5.29 -56.15
C GLY C 718 -12.85 -6.26 -57.28
N GLY C 719 -11.54 -6.52 -57.45
CA GLY C 719 -11.07 -7.39 -58.56
C GLY C 719 -11.15 -6.69 -59.89
N GLY C 720 -11.31 -5.36 -59.85
CA GLY C 720 -11.32 -4.54 -61.09
C GLY C 720 -12.55 -3.64 -61.21
N GLY C 721 -13.01 -3.13 -60.07
CA GLY C 721 -14.21 -2.29 -59.95
C GLY C 721 -15.08 -2.78 -58.79
N PRO C 722 -15.93 -1.93 -58.17
CA PRO C 722 -16.31 -0.63 -58.72
C PRO C 722 -15.43 0.56 -58.34
N GLY C 723 -15.52 1.64 -59.12
CA GLY C 723 -14.89 2.88 -58.73
C GLY C 723 -15.89 4.03 -58.73
N MET C 724 -15.42 5.15 -58.22
CA MET C 724 -16.07 6.44 -58.40
C MET C 724 -15.03 7.54 -58.69
N GLY C 725 -15.34 8.39 -59.65
CA GLY C 725 -14.42 9.33 -60.20
C GLY C 725 -15.02 10.73 -60.21
N PRO C 726 -15.39 11.25 -59.02
CA PRO C 726 -16.00 12.57 -58.94
C PRO C 726 -14.98 13.62 -59.41
N ILE C 727 -15.50 14.69 -60.04
CA ILE C 727 -14.68 15.79 -60.45
C ILE C 727 -14.96 17.00 -59.57
N GLY C 728 -13.88 17.64 -59.11
CA GLY C 728 -13.92 18.94 -58.49
C GLY C 728 -13.51 19.98 -59.53
N VAL C 729 -14.22 21.10 -59.54
CA VAL C 729 -13.96 22.15 -60.51
C VAL C 729 -13.89 23.50 -59.80
N LYS C 730 -13.17 24.43 -60.42
CA LYS C 730 -13.28 25.84 -60.08
C LYS C 730 -14.64 26.34 -60.54
N LYS C 731 -15.12 27.40 -59.89
CA LYS C 731 -16.49 27.87 -60.04
C LYS C 731 -16.77 28.30 -61.48
N HIS C 732 -15.75 28.77 -62.21
CA HIS C 732 -15.94 29.17 -63.62
C HIS C 732 -16.36 27.98 -64.48
N LEU C 733 -16.01 26.74 -64.08
CA LEU C 733 -16.44 25.56 -64.83
C LEU C 733 -17.78 25.00 -64.34
N ALA C 734 -18.23 25.40 -63.14
CA ALA C 734 -19.38 24.75 -62.43
C ALA C 734 -20.66 24.76 -63.27
N PRO C 735 -21.00 25.87 -63.96
CA PRO C 735 -22.21 25.91 -64.77
C PRO C 735 -22.31 24.83 -65.86
N PHE C 736 -21.18 24.22 -66.21
CA PHE C 736 -21.12 23.32 -67.36
C PHE C 736 -21.03 21.87 -66.93
N LEU C 737 -21.12 21.62 -65.62
CA LEU C 737 -21.03 20.25 -65.10
C LEU C 737 -22.18 19.40 -65.63
N PRO C 738 -21.99 18.06 -65.70
CA PRO C 738 -23.05 17.15 -66.12
C PRO C 738 -24.37 17.36 -65.36
N ASN C 739 -25.51 17.22 -66.06
CA ASN C 739 -26.77 16.99 -65.36
C ASN C 739 -27.31 15.63 -65.81
N HIS C 740 -28.62 15.44 -65.64
CA HIS C 740 -29.26 14.15 -65.79
C HIS C 740 -30.69 14.41 -66.23
N PRO C 741 -31.24 13.68 -67.21
CA PRO C 741 -32.57 13.99 -67.72
C PRO C 741 -33.73 13.58 -66.79
N VAL C 742 -33.47 12.75 -65.78
CA VAL C 742 -34.54 12.24 -64.90
C VAL C 742 -34.54 13.02 -63.56
N ILE C 743 -33.36 13.18 -62.96
CA ILE C 743 -33.18 13.90 -61.70
C ILE C 743 -32.25 15.11 -61.93
N SER C 744 -32.79 16.31 -61.72
CA SER C 744 -32.06 17.58 -62.05
C SER C 744 -30.94 17.88 -61.04
N LEU C 745 -29.74 18.12 -61.60
CA LEU C 745 -28.46 18.43 -60.91
C LEU C 745 -28.07 19.92 -61.05
N LYS C 746 -28.90 20.75 -61.70
CA LYS C 746 -28.58 22.19 -61.91
C LYS C 746 -28.72 23.00 -60.61
N ARG C 747 -27.70 23.81 -60.31
CA ARG C 747 -27.60 24.63 -59.09
C ARG C 747 -28.10 26.07 -59.36
N ASN C 748 -27.83 26.60 -60.56
CA ASN C 748 -28.29 27.96 -60.90
C ASN C 748 -29.09 28.02 -62.16
N GLU C 749 -29.44 29.24 -62.52
CA GLU C 749 -30.12 29.52 -63.78
C GLU C 749 -29.09 29.85 -64.90
N ASP C 750 -27.82 29.91 -64.50
CA ASP C 750 -26.65 30.14 -65.30
C ASP C 750 -26.20 28.77 -65.84
N ALA C 751 -26.99 27.72 -65.58
CA ALA C 751 -26.55 26.35 -65.90
C ALA C 751 -26.50 26.12 -67.41
N CYS C 752 -25.46 25.45 -67.86
CA CYS C 752 -25.24 25.18 -69.27
C CYS C 752 -24.57 23.81 -69.37
N PRO C 753 -25.27 22.74 -68.97
CA PRO C 753 -24.64 21.45 -68.73
C PRO C 753 -24.01 20.87 -70.00
N VAL C 754 -22.82 20.29 -69.85
CA VAL C 754 -22.13 19.56 -70.90
C VAL C 754 -23.04 18.48 -71.49
N GLY C 755 -23.82 17.83 -70.62
CA GLY C 755 -24.67 16.70 -70.98
C GLY C 755 -24.73 15.70 -69.83
N THR C 756 -24.88 14.41 -70.14
CA THR C 756 -24.94 13.36 -69.12
C THR C 756 -23.90 12.30 -69.43
N VAL C 757 -23.04 11.97 -68.45
CA VAL C 757 -21.94 11.02 -68.67
C VAL C 757 -22.27 9.66 -68.04
N SER C 758 -23.13 9.61 -67.02
CA SER C 758 -23.50 8.34 -66.38
C SER C 758 -25.02 8.11 -66.40
N ALA C 759 -25.42 6.84 -66.33
CA ALA C 759 -26.83 6.44 -66.35
C ALA C 759 -27.60 6.97 -65.12
N ALA C 760 -26.92 7.07 -63.99
CA ALA C 760 -27.55 7.55 -62.74
C ALA C 760 -26.96 8.91 -62.36
N PRO C 761 -27.76 9.83 -61.80
CA PRO C 761 -27.33 11.22 -61.58
C PRO C 761 -26.09 11.42 -60.69
N TRP C 762 -25.96 10.60 -59.62
CA TRP C 762 -24.76 10.60 -58.78
C TRP C 762 -23.96 9.29 -58.93
N GLY C 763 -24.10 8.62 -60.07
CA GLY C 763 -23.38 7.40 -60.31
C GLY C 763 -23.69 6.36 -59.25
N SER C 764 -22.64 5.67 -58.77
CA SER C 764 -22.81 4.53 -57.86
C SER C 764 -22.93 5.08 -56.44
N SER C 765 -24.11 5.59 -56.11
CA SER C 765 -24.29 6.37 -54.87
C SER C 765 -23.95 5.54 -53.63
N SER C 766 -24.32 4.28 -53.65
CA SER C 766 -24.30 3.45 -52.46
C SER C 766 -22.88 3.18 -51.97
N ILE C 767 -21.83 3.49 -52.74
CA ILE C 767 -20.46 3.22 -52.23
C ILE C 767 -19.79 4.53 -51.77
N LEU C 768 -20.43 5.67 -52.02
CA LEU C 768 -19.92 6.96 -51.51
C LEU C 768 -19.80 6.94 -49.98
N PRO C 769 -20.62 6.20 -49.20
CA PRO C 769 -20.45 6.19 -47.75
C PRO C 769 -19.08 5.74 -47.28
N ILE C 770 -18.40 4.90 -48.08
CA ILE C 770 -17.09 4.41 -47.75
C ILE C 770 -16.11 5.59 -47.60
N SER C 771 -16.09 6.47 -48.61
CA SER C 771 -15.15 7.57 -48.64
C SER C 771 -15.55 8.62 -47.60
N TRP C 772 -16.86 8.81 -47.45
CA TRP C 772 -17.40 9.72 -46.41
C TRP C 772 -16.88 9.27 -45.05
N ALA C 773 -16.95 7.95 -44.79
CA ALA C 773 -16.58 7.39 -43.48
C ALA C 773 -15.07 7.52 -43.23
N TYR C 774 -14.26 7.19 -44.23
CA TYR C 774 -12.83 7.37 -44.15
C TYR C 774 -12.51 8.83 -43.81
N ILE C 775 -13.09 9.74 -44.55
CA ILE C 775 -12.74 11.16 -44.38
C ILE C 775 -13.19 11.62 -42.97
N LYS C 776 -14.41 11.21 -42.54
CA LYS C 776 -14.91 11.71 -41.26
C LYS C 776 -14.13 11.09 -40.10
N MET C 777 -13.61 9.85 -40.26
CA MET C 777 -12.88 9.23 -39.14
C MET C 777 -11.43 9.76 -39.07
N MET C 778 -10.87 10.09 -40.23
CA MET C 778 -9.46 10.47 -40.29
C MET C 778 -9.31 11.92 -39.83
N GLY C 779 -10.24 12.76 -40.27
CA GLY C 779 -10.19 14.19 -40.04
C GLY C 779 -8.99 14.81 -40.73
N GLY C 780 -8.74 16.08 -40.42
CA GLY C 780 -7.64 16.82 -41.01
C GLY C 780 -6.28 16.26 -40.67
N LYS C 781 -6.06 15.95 -39.38
CA LYS C 781 -4.76 15.46 -38.91
C LYS C 781 -4.51 14.05 -39.47
N GLY C 782 -5.54 13.21 -39.42
CA GLY C 782 -5.38 11.83 -39.89
C GLY C 782 -5.05 11.74 -41.37
N LEU C 783 -5.80 12.48 -42.19
CA LEU C 783 -5.63 12.44 -43.65
C LEU C 783 -4.21 12.87 -44.00
N LYS C 784 -3.73 13.93 -43.34
CA LYS C 784 -2.36 14.43 -43.55
C LYS C 784 -1.35 13.34 -43.18
N GLN C 785 -1.54 12.67 -42.03
CA GLN C 785 -0.63 11.62 -41.56
C GLN C 785 -0.59 10.47 -42.56
N ALA C 786 -1.73 10.21 -43.20
CA ALA C 786 -1.85 9.10 -44.14
C ALA C 786 -0.95 9.38 -45.35
N THR C 787 -1.06 10.60 -45.90
CA THR C 787 -0.25 11.05 -46.98
C THR C 787 1.23 11.03 -46.61
N GLU C 788 1.54 11.57 -45.42
CA GLU C 788 2.89 11.64 -44.93
C GLU C 788 3.50 10.24 -44.93
N THR C 789 2.72 9.29 -44.44
CA THR C 789 3.20 7.93 -44.26
C THR C 789 3.26 7.20 -45.61
N ALA C 790 2.35 7.50 -46.54
CA ALA C 790 2.43 6.96 -47.88
C ALA C 790 3.78 7.37 -48.53
N ILE C 791 4.18 8.61 -48.30
CA ILE C 791 5.39 9.15 -48.89
C ILE C 791 6.60 8.55 -48.16
N LEU C 792 6.50 8.44 -46.83
CA LEU C 792 7.59 7.86 -46.02
C LEU C 792 7.83 6.43 -46.47
N ASN C 793 6.74 5.67 -46.56
CA ASN C 793 6.80 4.23 -46.88
C ASN C 793 7.45 4.02 -48.25
N ALA C 794 7.04 4.82 -49.24
CA ALA C 794 7.58 4.67 -50.56
C ALA C 794 9.08 5.02 -50.57
N ASN C 795 9.46 6.09 -49.86
CA ASN C 795 10.83 6.56 -49.89
C ASN C 795 11.70 5.56 -49.10
N TYR C 796 11.15 4.97 -48.03
CA TYR C 796 11.90 4.00 -47.22
C TYR C 796 12.25 2.81 -48.11
N MET C 797 11.27 2.33 -48.88
CA MET C 797 11.47 1.17 -49.75
C MET C 797 12.50 1.52 -50.82
N ALA C 798 12.33 2.69 -51.45
CA ALA C 798 13.27 3.15 -52.46
C ALA C 798 14.71 3.15 -51.88
N LYS C 799 14.86 3.69 -50.66
CA LYS C 799 16.17 3.79 -50.02
C LYS C 799 16.78 2.39 -49.87
N ARG C 800 15.96 1.44 -49.41
CA ARG C 800 16.44 0.10 -49.12
C ARG C 800 16.90 -0.60 -50.40
N LEU C 801 16.29 -0.27 -51.54
CA LEU C 801 16.43 -1.03 -52.77
C LEU C 801 17.45 -0.40 -53.74
N GLU C 802 17.87 0.84 -53.43
CA GLU C 802 18.49 1.72 -54.46
C GLU C 802 19.88 1.22 -54.91
N THR C 803 20.54 0.39 -54.10
CA THR C 803 21.86 -0.16 -54.42
C THR C 803 21.72 -1.53 -55.10
N HIS C 804 20.50 -2.04 -55.21
CA HIS C 804 20.24 -3.34 -55.82
C HIS C 804 19.55 -3.17 -57.17
N TYR C 805 18.70 -2.15 -57.26
CA TYR C 805 17.96 -1.81 -58.46
C TYR C 805 18.09 -0.30 -58.64
N ARG C 806 18.11 0.16 -59.90
CA ARG C 806 18.07 1.56 -60.16
C ARG C 806 16.64 2.07 -59.88
N ILE C 807 16.55 3.10 -59.04
CA ILE C 807 15.34 3.90 -58.95
C ILE C 807 15.32 4.83 -60.16
N LEU C 808 14.33 4.67 -61.05
CA LEU C 808 14.46 5.21 -62.40
C LEU C 808 14.36 6.73 -62.34
N PHE C 809 13.41 7.27 -61.56
CA PHE C 809 13.27 8.73 -61.46
C PHE C 809 13.14 9.15 -60.00
N ARG C 810 13.64 10.36 -59.70
CA ARG C 810 13.58 10.99 -58.40
C ARG C 810 13.28 12.48 -58.56
N GLY C 811 12.73 13.10 -57.50
CA GLY C 811 12.52 14.52 -57.43
C GLY C 811 13.84 15.29 -57.40
N ALA C 812 13.72 16.62 -57.40
CA ALA C 812 14.87 17.52 -57.50
C ALA C 812 15.82 17.36 -56.30
N ARG C 813 15.34 16.80 -55.18
CA ARG C 813 16.23 16.64 -54.03
C ARG C 813 16.40 15.16 -53.71
N GLY C 814 16.04 14.32 -54.69
CA GLY C 814 16.32 12.88 -54.66
C GLY C 814 15.20 12.05 -54.01
N TYR C 815 14.03 12.65 -53.76
CA TYR C 815 12.92 11.93 -53.11
C TYR C 815 11.84 11.59 -54.14
N VAL C 816 11.14 10.47 -53.91
CA VAL C 816 9.93 10.13 -54.67
C VAL C 816 8.69 10.53 -53.85
N GLY C 817 7.54 10.42 -54.50
CA GLY C 817 6.24 10.63 -53.90
C GLY C 817 5.76 9.41 -53.10
N HIS C 818 4.59 8.91 -53.47
CA HIS C 818 3.99 7.74 -52.86
C HIS C 818 4.34 6.46 -53.63
N GLU C 819 5.01 6.60 -54.77
CA GLU C 819 5.33 5.44 -55.63
C GLU C 819 6.64 5.73 -56.38
N PHE C 820 7.30 4.66 -56.87
CA PHE C 820 8.56 4.79 -57.60
C PHE C 820 8.73 3.59 -58.55
N ILE C 821 9.67 3.73 -59.48
CA ILE C 821 9.94 2.76 -60.50
C ILE C 821 11.32 2.15 -60.24
N LEU C 822 11.36 0.81 -60.35
CA LEU C 822 12.55 0.00 -60.31
C LEU C 822 12.88 -0.37 -61.75
N ASP C 823 14.06 0.04 -62.22
CA ASP C 823 14.46 -0.20 -63.57
C ASP C 823 15.16 -1.54 -63.64
N THR C 824 14.39 -2.55 -64.05
CA THR C 824 14.83 -3.93 -64.20
C THR C 824 15.42 -4.18 -65.61
N ARG C 825 15.40 -3.16 -66.47
CA ARG C 825 15.78 -3.36 -67.90
C ARG C 825 17.22 -3.88 -68.06
N PRO C 826 18.23 -3.40 -67.32
CA PRO C 826 19.60 -3.85 -67.55
C PRO C 826 19.79 -5.37 -67.42
N PHE C 827 18.88 -6.04 -66.69
CA PHE C 827 19.02 -7.47 -66.39
C PHE C 827 18.72 -8.31 -67.63
N LYS C 828 18.09 -7.71 -68.64
CA LYS C 828 17.87 -8.36 -69.91
C LYS C 828 19.23 -8.69 -70.55
N LYS C 829 20.11 -7.68 -70.63
CA LYS C 829 21.41 -7.87 -71.23
C LYS C 829 22.28 -8.75 -70.31
N SER C 830 22.24 -8.50 -68.99
CA SER C 830 23.20 -9.15 -68.10
C SER C 830 22.83 -10.62 -67.84
N ALA C 831 21.54 -10.95 -67.85
CA ALA C 831 21.09 -12.27 -67.29
C ALA C 831 19.90 -12.86 -68.04
N ASN C 832 19.48 -12.23 -69.14
CA ASN C 832 18.30 -12.64 -69.88
C ASN C 832 17.08 -12.69 -68.94
N ILE C 833 17.01 -11.76 -67.99
CA ILE C 833 15.91 -11.61 -67.06
C ILE C 833 15.06 -10.38 -67.44
N GLU C 834 13.75 -10.56 -67.47
CA GLU C 834 12.79 -9.54 -67.84
C GLU C 834 11.92 -9.22 -66.62
N ALA C 835 11.18 -8.11 -66.71
CA ALA C 835 10.35 -7.66 -65.63
C ALA C 835 9.38 -8.78 -65.20
N VAL C 836 8.82 -9.50 -66.19
CA VAL C 836 7.86 -10.59 -65.99
C VAL C 836 8.49 -11.66 -65.06
N ASP C 837 9.78 -11.95 -65.22
CA ASP C 837 10.41 -12.99 -64.42
C ASP C 837 10.40 -12.59 -62.94
N VAL C 838 10.73 -11.32 -62.68
CA VAL C 838 10.75 -10.79 -61.33
C VAL C 838 9.32 -10.81 -60.76
N ALA C 839 8.33 -10.42 -61.59
CA ALA C 839 6.95 -10.35 -61.17
C ALA C 839 6.45 -11.75 -60.73
N LYS C 840 6.76 -12.78 -61.54
CA LYS C 840 6.31 -14.14 -61.25
C LYS C 840 7.07 -14.72 -60.04
N ARG C 841 8.35 -14.40 -59.93
CA ARG C 841 9.17 -14.94 -58.88
C ARG C 841 8.70 -14.36 -57.55
N LEU C 842 8.24 -13.10 -57.54
CA LEU C 842 7.69 -12.50 -56.32
C LEU C 842 6.55 -13.36 -55.73
N GLN C 843 5.77 -14.04 -56.58
CA GLN C 843 4.67 -14.87 -56.17
C GLN C 843 5.20 -15.99 -55.24
N ASP C 844 6.40 -16.52 -55.53
CA ASP C 844 6.98 -17.60 -54.74
C ASP C 844 7.36 -17.09 -53.35
N TYR C 845 7.62 -15.78 -53.25
CA TYR C 845 7.94 -15.10 -52.02
C TYR C 845 6.69 -14.60 -51.30
N GLY C 846 5.49 -14.90 -51.81
CA GLY C 846 4.23 -14.55 -51.15
C GLY C 846 3.69 -13.18 -51.53
N PHE C 847 4.13 -12.61 -52.65
CA PHE C 847 3.71 -11.27 -53.04
C PHE C 847 3.14 -11.24 -54.44
N HIS C 848 1.98 -10.59 -54.57
CA HIS C 848 1.54 -10.01 -55.83
C HIS C 848 2.61 -9.04 -56.35
N ALA C 849 2.94 -9.14 -57.64
CA ALA C 849 3.93 -8.21 -58.25
C ALA C 849 3.45 -6.76 -58.10
N PRO C 850 4.36 -5.77 -58.13
CA PRO C 850 3.97 -4.38 -58.34
C PRO C 850 3.45 -4.22 -59.78
N THR C 851 3.13 -2.99 -60.16
CA THR C 851 2.66 -2.72 -61.49
C THR C 851 3.78 -3.05 -62.50
N MET C 852 3.46 -3.91 -63.48
CA MET C 852 4.43 -4.66 -64.29
C MET C 852 4.45 -4.02 -65.69
N SER C 853 5.58 -3.39 -66.05
CA SER C 853 5.90 -2.98 -67.46
C SER C 853 5.09 -1.75 -67.87
N TRP C 854 4.74 -0.97 -66.86
CA TRP C 854 4.00 0.25 -67.00
C TRP C 854 4.42 1.18 -65.87
N PRO C 855 4.51 2.51 -66.07
CA PRO C 855 4.32 3.13 -67.37
C PRO C 855 5.51 3.02 -68.36
N VAL C 856 6.61 2.40 -67.92
CA VAL C 856 7.81 2.17 -68.75
C VAL C 856 7.98 0.66 -68.93
N ALA C 857 8.00 0.22 -70.20
CA ALA C 857 8.24 -1.17 -70.54
C ALA C 857 9.50 -1.68 -69.83
N GLY C 858 9.38 -2.85 -69.20
CA GLY C 858 10.49 -3.57 -68.63
C GLY C 858 10.86 -3.13 -67.24
N THR C 859 10.00 -2.31 -66.62
CA THR C 859 10.22 -1.85 -65.28
C THR C 859 9.06 -2.30 -64.38
N LEU C 860 9.22 -2.04 -63.09
CA LEU C 860 8.21 -2.32 -62.09
C LEU C 860 7.89 -1.04 -61.31
N MET C 861 6.61 -0.77 -61.05
CA MET C 861 6.25 0.44 -60.33
C MET C 861 5.57 0.06 -58.99
N VAL C 862 6.14 0.58 -57.90
CA VAL C 862 5.94 0.11 -56.60
C VAL C 862 5.26 1.22 -55.77
N GLU C 863 4.10 0.88 -55.18
CA GLU C 863 3.36 1.79 -54.29
C GLU C 863 2.84 1.04 -53.08
N PRO C 864 3.49 1.16 -51.96
CA PRO C 864 3.09 0.42 -50.79
C PRO C 864 1.85 0.91 -50.01
N THR C 865 1.54 2.21 -50.06
CA THR C 865 0.50 2.90 -49.28
C THR C 865 0.88 3.07 -47.80
N GLU C 866 0.09 3.85 -47.11
CA GLU C 866 0.32 4.10 -45.71
C GLU C 866 -0.17 2.98 -44.81
N SER C 867 -0.92 2.05 -45.38
CA SER C 867 -1.64 1.09 -44.57
C SER C 867 -0.77 -0.10 -44.19
N GLU C 868 0.40 -0.23 -44.82
CA GLU C 868 1.30 -1.36 -44.59
C GLU C 868 2.39 -0.94 -43.60
N ASP C 869 2.75 -1.84 -42.68
CA ASP C 869 3.73 -1.46 -41.68
C ASP C 869 5.17 -1.81 -42.12
N LYS C 870 6.13 -1.43 -41.27
CA LYS C 870 7.54 -1.54 -41.62
C LYS C 870 7.93 -2.99 -41.90
N ALA C 871 7.45 -3.91 -41.06
CA ALA C 871 7.76 -5.33 -41.16
C ALA C 871 7.36 -5.83 -42.56
N GLU C 872 6.21 -5.38 -43.06
CA GLU C 872 5.69 -5.82 -44.32
C GLU C 872 6.52 -5.23 -45.46
N LEU C 873 6.87 -3.94 -45.37
CA LEU C 873 7.74 -3.30 -46.36
C LEU C 873 9.08 -4.05 -46.43
N ASP C 874 9.60 -4.43 -45.25
CA ASP C 874 10.88 -5.07 -45.12
C ASP C 874 10.84 -6.48 -45.74
N ARG C 875 9.73 -7.19 -45.53
CA ARG C 875 9.55 -8.49 -46.16
C ARG C 875 9.64 -8.31 -47.69
N PHE C 876 8.98 -7.29 -48.22
CA PHE C 876 8.96 -7.09 -49.65
C PHE C 876 10.35 -6.72 -50.16
N CYS C 877 11.03 -5.81 -49.46
CA CYS C 877 12.36 -5.37 -49.91
C CYS C 877 13.37 -6.52 -49.79
N ASP C 878 13.24 -7.33 -48.73
CA ASP C 878 14.09 -8.49 -48.55
C ASP C 878 13.89 -9.48 -49.72
N ALA C 879 12.64 -9.69 -50.16
CA ALA C 879 12.33 -10.53 -51.31
C ALA C 879 13.02 -9.98 -52.56
N MET C 880 12.93 -8.67 -52.75
CA MET C 880 13.53 -8.07 -53.94
C MET C 880 15.07 -8.21 -53.90
N ILE C 881 15.67 -8.07 -52.71
CA ILE C 881 17.12 -8.17 -52.55
C ILE C 881 17.57 -9.61 -52.75
N SER C 882 16.79 -10.57 -52.24
CA SER C 882 17.03 -11.99 -52.47
C SER C 882 16.98 -12.32 -53.98
N ILE C 883 15.98 -11.75 -54.68
CA ILE C 883 15.79 -11.94 -56.10
C ILE C 883 16.96 -11.33 -56.87
N ARG C 884 17.48 -10.20 -56.37
CA ARG C 884 18.59 -9.52 -57.02
C ARG C 884 19.83 -10.42 -57.00
N GLN C 885 19.98 -11.14 -55.89
CA GLN C 885 21.06 -12.07 -55.71
C GLN C 885 20.84 -13.28 -56.67
N GLU C 886 19.59 -13.62 -56.95
CA GLU C 886 19.29 -14.73 -57.90
C GLU C 886 19.72 -14.29 -59.32
N ILE C 887 19.48 -13.01 -59.63
CA ILE C 887 19.89 -12.43 -60.89
C ILE C 887 21.42 -12.46 -60.97
N ALA C 888 22.08 -12.07 -59.87
CA ALA C 888 23.55 -12.07 -59.80
C ALA C 888 24.10 -13.50 -60.00
N ASP C 889 23.36 -14.52 -59.56
CA ASP C 889 23.82 -15.90 -59.76
C ASP C 889 23.81 -16.23 -61.25
N ILE C 890 22.80 -15.72 -61.96
CA ILE C 890 22.71 -15.97 -63.38
C ILE C 890 23.84 -15.19 -64.06
N GLU C 891 23.96 -13.89 -63.73
CA GLU C 891 24.96 -12.97 -64.30
C GLU C 891 26.35 -13.62 -64.25
N GLU C 892 26.66 -14.27 -63.12
CA GLU C 892 28.01 -14.73 -62.81
C GLU C 892 28.18 -16.22 -63.08
N GLY C 893 27.21 -16.83 -63.78
CA GLY C 893 27.33 -18.20 -64.29
C GLY C 893 27.31 -19.26 -63.21
N ARG C 894 26.68 -18.99 -62.07
CA ARG C 894 26.63 -19.94 -60.96
C ARG C 894 25.40 -20.85 -61.06
N ILE C 895 24.43 -20.52 -61.92
CA ILE C 895 23.26 -21.36 -62.16
C ILE C 895 22.93 -21.31 -63.65
N ASP C 896 22.31 -22.38 -64.15
CA ASP C 896 21.84 -22.46 -65.52
C ASP C 896 21.06 -21.19 -65.87
N PRO C 897 21.36 -20.52 -67.00
CA PRO C 897 20.64 -19.29 -67.38
C PRO C 897 19.25 -19.53 -68.00
N ARG C 898 18.94 -20.78 -68.36
CA ARG C 898 17.63 -21.15 -68.92
C ARG C 898 16.70 -21.72 -67.83
N VAL C 899 17.27 -22.55 -66.94
CA VAL C 899 16.50 -23.26 -65.91
C VAL C 899 16.97 -22.78 -64.55
N ASN C 900 16.24 -21.80 -63.99
CA ASN C 900 16.54 -21.24 -62.68
C ASN C 900 15.23 -20.74 -62.07
N PRO C 901 15.19 -20.42 -60.75
CA PRO C 901 13.93 -20.06 -60.10
C PRO C 901 13.19 -18.94 -60.83
N LEU C 902 13.93 -17.92 -61.25
CA LEU C 902 13.37 -16.76 -61.95
C LEU C 902 12.66 -17.16 -63.25
N LYS C 903 13.30 -17.98 -64.10
CA LYS C 903 12.69 -18.32 -65.38
C LYS C 903 11.54 -19.32 -65.19
N MET C 904 11.62 -20.17 -64.16
CA MET C 904 10.65 -21.24 -63.94
C MET C 904 9.46 -20.76 -63.09
N SER C 905 9.54 -19.52 -62.55
CA SER C 905 8.48 -19.01 -61.68
C SER C 905 7.23 -18.75 -62.52
N PRO C 906 6.05 -18.81 -61.90
CA PRO C 906 5.88 -19.23 -60.53
C PRO C 906 5.88 -20.73 -60.35
N HIS C 907 6.25 -21.17 -59.16
CA HIS C 907 6.29 -22.55 -58.77
C HIS C 907 5.02 -23.02 -58.09
N SER C 908 4.15 -23.72 -58.81
CA SER C 908 2.90 -24.21 -58.28
C SER C 908 3.00 -25.37 -57.32
N LEU C 909 1.91 -25.67 -56.62
CA LEU C 909 1.88 -26.81 -55.71
C LEU C 909 2.20 -28.10 -56.46
N THR C 910 1.65 -28.24 -57.67
CA THR C 910 1.86 -29.46 -58.45
C THR C 910 3.34 -29.62 -58.72
N CYS C 911 3.97 -28.51 -59.10
CA CYS C 911 5.38 -28.52 -59.49
C CYS C 911 6.22 -28.95 -58.28
N VAL C 912 5.96 -28.38 -57.12
CA VAL C 912 6.85 -28.50 -55.98
C VAL C 912 6.60 -29.80 -55.20
N THR C 913 5.44 -30.44 -55.38
CA THR C 913 5.11 -31.69 -54.70
C THR C 913 5.29 -32.92 -55.60
N SER C 914 5.63 -32.71 -56.87
CA SER C 914 5.78 -33.80 -57.83
C SER C 914 6.92 -34.76 -57.44
N SER C 915 6.76 -36.03 -57.78
CA SER C 915 7.82 -37.05 -57.59
C SER C 915 9.03 -36.70 -58.46
N HIS C 916 8.76 -36.22 -59.68
CA HIS C 916 9.73 -35.79 -60.67
C HIS C 916 10.24 -34.38 -60.28
N TRP C 917 11.55 -34.25 -60.00
CA TRP C 917 12.16 -32.94 -59.73
C TRP C 917 13.52 -32.84 -60.43
N ASP C 918 13.56 -32.08 -61.54
CA ASP C 918 14.74 -31.99 -62.37
C ASP C 918 15.22 -30.54 -62.51
N ARG C 919 15.23 -29.79 -61.40
CA ARG C 919 15.71 -28.43 -61.38
C ARG C 919 17.06 -28.41 -60.67
N PRO C 920 18.00 -27.54 -61.08
CA PRO C 920 19.30 -27.44 -60.40
C PRO C 920 19.26 -26.53 -59.17
N TYR C 921 18.07 -26.35 -58.59
CA TYR C 921 17.87 -25.65 -57.35
C TYR C 921 16.87 -26.45 -56.51
N SER C 922 16.81 -26.21 -55.21
CA SER C 922 15.99 -27.07 -54.31
C SER C 922 14.50 -26.67 -54.38
N ARG C 923 13.65 -27.61 -53.91
CA ARG C 923 12.23 -27.34 -53.74
C ARG C 923 12.02 -26.20 -52.74
N GLU C 924 12.93 -26.08 -51.76
CA GLU C 924 12.84 -25.07 -50.72
C GLU C 924 13.16 -23.68 -51.30
N VAL C 925 14.15 -23.61 -52.18
CA VAL C 925 14.46 -22.36 -52.88
C VAL C 925 13.27 -21.99 -53.78
N ALA C 926 12.64 -22.99 -54.41
CA ALA C 926 11.49 -22.76 -55.30
C ALA C 926 10.34 -22.08 -54.54
N ALA C 927 9.95 -22.65 -53.38
CA ALA C 927 8.65 -22.37 -52.77
C ALA C 927 8.76 -21.57 -51.47
N PHE C 928 9.89 -21.70 -50.76
CA PHE C 928 10.07 -21.08 -49.45
C PHE C 928 11.41 -20.37 -49.43
N PRO C 929 11.63 -19.38 -50.31
CA PRO C 929 12.98 -18.85 -50.53
C PRO C 929 13.54 -18.06 -49.34
N LEU C 930 12.68 -17.51 -48.49
CA LEU C 930 13.16 -16.82 -47.30
C LEU C 930 12.38 -17.33 -46.09
N PRO C 931 12.95 -17.23 -44.88
CA PRO C 931 12.31 -17.78 -43.68
C PRO C 931 10.89 -17.28 -43.37
N PHE C 932 10.54 -16.07 -43.83
CA PHE C 932 9.19 -15.57 -43.56
C PHE C 932 8.17 -16.29 -44.46
N VAL C 933 8.62 -17.01 -45.49
CA VAL C 933 7.69 -17.73 -46.32
C VAL C 933 7.52 -19.14 -45.74
N LYS C 934 6.52 -19.31 -44.87
CA LYS C 934 6.40 -20.51 -44.03
C LYS C 934 5.32 -21.44 -44.57
N PRO C 935 5.52 -22.78 -44.46
CA PRO C 935 4.52 -23.74 -44.99
C PRO C 935 3.11 -23.52 -44.43
N GLU C 936 2.99 -22.96 -43.23
CA GLU C 936 1.73 -22.77 -42.52
C GLU C 936 1.05 -21.44 -42.90
N ASN C 937 1.70 -20.64 -43.75
CA ASN C 937 1.12 -19.39 -44.24
C ASN C 937 1.27 -19.30 -45.77
N LYS C 938 1.70 -20.41 -46.41
CA LYS C 938 2.16 -20.35 -47.78
C LYS C 938 0.94 -20.12 -48.70
N PHE C 939 1.01 -19.06 -49.51
CA PHE C 939 0.07 -18.87 -50.55
C PHE C 939 0.64 -19.43 -51.86
N TRP C 940 -0.09 -20.37 -52.47
CA TRP C 940 0.33 -21.05 -53.68
C TRP C 940 -0.24 -20.36 -54.91
N PRO C 941 0.63 -20.00 -55.87
CA PRO C 941 0.16 -19.73 -57.23
C PRO C 941 -0.51 -21.05 -57.67
N THR C 942 -1.68 -20.97 -58.31
CA THR C 942 -2.49 -22.19 -58.52
C THR C 942 -2.14 -22.87 -59.84
N ILE C 943 -1.32 -22.19 -60.65
CA ILE C 943 -0.96 -22.62 -61.99
C ILE C 943 0.49 -22.18 -62.24
N ALA C 944 1.13 -22.83 -63.22
CA ALA C 944 2.45 -22.38 -63.69
C ALA C 944 2.29 -21.13 -64.58
N ARG C 945 3.42 -20.64 -65.08
CA ARG C 945 3.44 -19.39 -65.77
C ARG C 945 2.45 -19.41 -66.92
N ILE C 946 1.75 -18.31 -67.05
CA ILE C 946 0.75 -18.13 -68.03
C ILE C 946 1.43 -17.94 -69.38
N ASP C 947 0.78 -18.46 -70.41
CA ASP C 947 1.16 -18.26 -71.79
C ASP C 947 0.29 -17.14 -72.37
N ASP C 948 0.88 -15.95 -72.54
CA ASP C 948 0.17 -14.77 -73.00
C ASP C 948 -0.10 -14.86 -74.51
N ILE C 949 0.85 -15.41 -75.28
CA ILE C 949 0.70 -15.43 -76.73
C ILE C 949 -0.41 -16.43 -77.09
N TYR C 950 -0.42 -17.62 -76.48
CA TYR C 950 -1.28 -18.71 -76.99
C TYR C 950 -2.76 -18.32 -76.92
N GLY C 951 -3.15 -17.67 -75.82
CA GLY C 951 -4.54 -17.19 -75.55
C GLY C 951 -5.07 -16.24 -76.62
N ASP C 952 -4.23 -15.30 -77.06
CA ASP C 952 -4.62 -14.32 -78.05
C ASP C 952 -4.69 -14.98 -79.43
N GLN C 953 -3.87 -16.03 -79.67
CA GLN C 953 -3.88 -16.73 -80.96
C GLN C 953 -5.05 -17.72 -81.04
N HIS C 954 -5.57 -18.17 -79.89
CA HIS C 954 -6.69 -19.12 -79.84
C HIS C 954 -7.78 -18.59 -78.90
N LEU C 955 -8.66 -17.77 -79.46
CA LEU C 955 -9.49 -16.93 -78.65
C LEU C 955 -10.69 -17.73 -78.18
N VAL C 956 -10.75 -17.98 -76.88
CA VAL C 956 -11.85 -18.69 -76.27
C VAL C 956 -12.25 -17.89 -75.04
N CYS C 957 -13.47 -17.33 -75.05
CA CYS C 957 -13.91 -16.33 -74.11
C CYS C 957 -15.24 -16.71 -73.45
N THR C 958 -15.59 -18.00 -73.51
CA THR C 958 -16.67 -18.58 -72.65
C THR C 958 -16.14 -19.86 -71.98
N CYS C 959 -16.86 -20.34 -70.98
CA CYS C 959 -16.43 -21.48 -70.21
C CYS C 959 -16.28 -22.68 -71.16
N PRO C 960 -15.09 -23.31 -71.19
CA PRO C 960 -14.88 -24.48 -72.05
C PRO C 960 -15.48 -25.72 -71.40
N PRO C 961 -15.86 -26.75 -72.19
CA PRO C 961 -16.38 -28.01 -71.63
C PRO C 961 -15.53 -28.61 -70.48
N MET C 962 -16.19 -29.14 -69.43
CA MET C 962 -15.46 -29.64 -68.22
C MET C 962 -15.81 -31.10 -67.89
N ARG D 8 -54.85 -22.98 -54.88
CA ARG D 8 -55.48 -21.78 -55.51
C ARG D 8 -54.83 -21.55 -56.87
N LEU D 9 -55.59 -20.99 -57.81
CA LEU D 9 -55.04 -20.75 -59.14
C LEU D 9 -53.95 -19.68 -59.04
N LEU D 10 -54.03 -18.77 -58.06
CA LEU D 10 -52.96 -17.78 -57.86
C LEU D 10 -51.62 -18.49 -57.66
N GLU D 11 -51.61 -19.60 -56.92
CA GLU D 11 -50.38 -20.33 -56.65
C GLU D 11 -49.84 -20.99 -57.92
N ARG D 12 -50.72 -21.33 -58.87
CA ARG D 12 -50.29 -21.89 -60.12
C ARG D 12 -49.61 -20.80 -60.96
N LEU D 13 -50.22 -19.60 -61.05
CA LEU D 13 -49.66 -18.51 -61.86
C LEU D 13 -48.48 -17.87 -61.13
N LEU D 14 -48.55 -17.86 -59.81
CA LEU D 14 -47.67 -17.11 -58.96
C LEU D 14 -47.17 -18.03 -57.85
N PRO D 15 -46.31 -19.02 -58.17
CA PRO D 15 -45.80 -19.95 -57.19
C PRO D 15 -44.95 -19.21 -56.15
N ARG D 16 -44.60 -19.90 -55.06
CA ARG D 16 -43.73 -19.34 -54.05
C ARG D 16 -42.44 -18.89 -54.74
N HIS D 17 -41.87 -17.77 -54.28
CA HIS D 17 -40.66 -17.22 -54.85
C HIS D 17 -39.54 -18.26 -54.80
N ASP D 18 -39.35 -18.85 -53.62
CA ASP D 18 -38.30 -19.82 -53.38
C ASP D 18 -38.79 -20.78 -52.29
N ASP D 19 -38.09 -21.92 -52.21
CA ASP D 19 -38.29 -22.90 -51.14
C ASP D 19 -36.93 -23.14 -50.49
N PHE D 20 -36.76 -22.65 -49.27
CA PHE D 20 -35.47 -22.69 -48.59
C PHE D 20 -35.00 -24.16 -48.45
N ALA D 21 -35.95 -25.09 -48.31
CA ALA D 21 -35.62 -26.49 -48.13
C ALA D 21 -34.72 -26.94 -49.27
N ARG D 22 -34.93 -26.39 -50.48
CA ARG D 22 -34.18 -26.81 -51.68
C ARG D 22 -32.74 -26.29 -51.62
N ARG D 23 -32.49 -25.27 -50.79
CA ARG D 23 -31.16 -24.70 -50.59
C ARG D 23 -30.47 -25.38 -49.40
N HIS D 24 -31.27 -25.72 -48.39
CA HIS D 24 -30.77 -26.31 -47.16
C HIS D 24 -30.40 -27.77 -47.36
N ILE D 25 -31.29 -28.51 -48.06
CA ILE D 25 -31.15 -29.95 -48.29
C ILE D 25 -30.30 -30.14 -49.54
N GLY D 26 -29.19 -30.85 -49.40
CA GLY D 26 -28.23 -31.02 -50.46
C GLY D 26 -28.77 -31.79 -51.64
N PRO D 27 -29.19 -33.06 -51.47
CA PRO D 27 -29.62 -33.89 -52.60
C PRO D 27 -30.94 -33.37 -53.16
N GLY D 28 -31.00 -33.13 -54.46
CA GLY D 28 -32.28 -32.86 -55.16
C GLY D 28 -32.89 -34.16 -55.65
N ASP D 29 -33.86 -34.06 -56.57
CA ASP D 29 -34.67 -35.18 -57.01
C ASP D 29 -33.81 -36.29 -57.60
N LYS D 30 -32.87 -35.92 -58.47
CA LYS D 30 -32.07 -36.90 -59.18
C LYS D 30 -31.19 -37.63 -58.16
N ASP D 31 -30.56 -36.88 -57.24
CA ASP D 31 -29.68 -37.48 -56.24
C ASP D 31 -30.47 -38.51 -55.40
N GLN D 32 -31.70 -38.13 -54.99
CA GLN D 32 -32.50 -38.96 -54.06
C GLN D 32 -32.91 -40.27 -54.75
N ARG D 33 -33.44 -40.18 -55.98
CA ARG D 33 -33.83 -41.37 -56.75
C ARG D 33 -32.63 -42.30 -56.86
N GLU D 34 -31.43 -41.76 -57.11
CA GLU D 34 -30.25 -42.57 -57.36
C GLU D 34 -29.82 -43.28 -56.08
N MET D 35 -29.88 -42.56 -54.97
CA MET D 35 -29.55 -43.12 -53.69
C MET D 35 -30.58 -44.21 -53.32
N LEU D 36 -31.87 -43.97 -53.64
CA LEU D 36 -32.91 -44.97 -53.36
C LEU D 36 -32.68 -46.23 -54.20
N GLN D 37 -32.27 -46.05 -55.46
CA GLN D 37 -31.94 -47.15 -56.35
C GLN D 37 -30.79 -47.97 -55.75
N THR D 38 -29.78 -47.29 -55.22
CA THR D 38 -28.66 -47.97 -54.56
C THR D 38 -29.18 -48.83 -53.39
N LEU D 39 -30.17 -48.31 -52.67
CA LEU D 39 -30.73 -49.02 -51.53
C LEU D 39 -31.75 -50.10 -51.97
N GLY D 40 -32.11 -50.13 -53.25
CA GLY D 40 -33.10 -51.06 -53.76
C GLY D 40 -34.50 -50.76 -53.22
N LEU D 41 -34.76 -49.48 -52.95
CA LEU D 41 -36.03 -49.00 -52.41
C LEU D 41 -36.74 -48.09 -53.43
N ALA D 42 -38.06 -48.08 -53.36
CA ALA D 42 -38.92 -47.44 -54.35
C ALA D 42 -39.14 -45.96 -54.01
N SER D 43 -39.03 -45.58 -52.75
CA SER D 43 -39.40 -44.25 -52.30
C SER D 43 -38.84 -43.97 -50.92
N ILE D 44 -38.88 -42.68 -50.56
CA ILE D 44 -38.52 -42.17 -49.24
C ILE D 44 -39.40 -42.82 -48.17
N ASP D 45 -40.71 -42.94 -48.45
CA ASP D 45 -41.69 -43.50 -47.51
C ASP D 45 -41.31 -44.95 -47.15
N GLU D 46 -40.90 -45.72 -48.15
CA GLU D 46 -40.47 -47.08 -47.93
C GLU D 46 -39.29 -47.10 -46.95
N LEU D 47 -38.32 -46.21 -47.15
CA LEU D 47 -37.13 -46.12 -46.28
C LEU D 47 -37.57 -45.82 -44.84
N ILE D 48 -38.43 -44.80 -44.67
CA ILE D 48 -38.89 -44.41 -43.37
C ILE D 48 -39.65 -45.59 -42.73
N GLU D 49 -40.53 -46.22 -43.51
CA GLU D 49 -41.37 -47.30 -43.04
C GLU D 49 -40.47 -48.42 -42.52
N LYS D 50 -39.35 -48.68 -43.21
CA LYS D 50 -38.46 -49.76 -42.86
C LYS D 50 -37.50 -49.36 -41.73
N THR D 51 -37.51 -48.09 -41.33
CA THR D 51 -36.51 -47.55 -40.38
C THR D 51 -37.14 -47.16 -39.04
N VAL D 52 -38.15 -46.28 -39.08
CA VAL D 52 -38.72 -45.75 -37.87
C VAL D 52 -39.90 -46.62 -37.47
N PRO D 53 -39.91 -47.18 -36.24
CA PRO D 53 -41.00 -48.07 -35.82
C PRO D 53 -42.36 -47.39 -36.04
N ALA D 54 -43.28 -48.14 -36.64
CA ALA D 54 -44.59 -47.67 -37.07
C ALA D 54 -45.37 -47.07 -35.89
N ASN D 55 -45.22 -47.64 -34.70
CA ASN D 55 -46.11 -47.38 -33.58
C ASN D 55 -45.76 -46.03 -32.90
N ILE D 56 -44.59 -45.45 -33.17
CA ILE D 56 -44.21 -44.19 -32.56
C ILE D 56 -44.40 -43.03 -33.55
N ARG D 57 -44.69 -43.33 -34.81
CA ARG D 57 -44.73 -42.32 -35.86
C ARG D 57 -45.95 -41.40 -35.66
N LEU D 58 -45.84 -40.17 -36.16
CA LEU D 58 -46.89 -39.18 -36.04
C LEU D 58 -48.23 -39.72 -36.55
N LYS D 59 -49.30 -39.40 -35.80
CA LYS D 59 -50.70 -39.65 -36.15
C LYS D 59 -51.12 -38.83 -37.40
N ARG D 60 -50.86 -37.53 -37.29
CA ARG D 60 -51.20 -36.56 -38.30
C ARG D 60 -49.95 -35.73 -38.54
N PRO D 61 -49.80 -35.08 -39.72
CA PRO D 61 -48.61 -34.27 -40.03
C PRO D 61 -48.45 -33.07 -39.08
N LEU D 62 -47.23 -32.56 -38.94
CA LEU D 62 -46.97 -31.38 -38.10
C LEU D 62 -47.95 -30.27 -38.47
N LYS D 63 -48.47 -29.58 -37.45
CA LYS D 63 -49.24 -28.33 -37.63
C LYS D 63 -48.31 -27.13 -37.44
N MET D 64 -47.79 -26.60 -38.55
CA MET D 64 -46.94 -25.39 -38.54
C MET D 64 -47.58 -24.32 -39.42
N GLU D 65 -47.11 -23.08 -39.29
CA GLU D 65 -47.42 -22.04 -40.28
C GLU D 65 -46.85 -22.44 -41.65
N ASP D 66 -47.51 -21.91 -42.69
CA ASP D 66 -46.99 -21.93 -44.06
C ASP D 66 -45.53 -21.49 -44.05
N PRO D 67 -44.67 -22.18 -44.81
CA PRO D 67 -43.26 -21.80 -44.89
C PRO D 67 -43.09 -20.35 -45.38
N VAL D 68 -42.12 -19.62 -44.83
CA VAL D 68 -41.78 -18.29 -45.26
C VAL D 68 -40.64 -18.38 -46.30
N CYS D 69 -40.86 -17.80 -47.47
CA CYS D 69 -39.77 -17.68 -48.50
C CYS D 69 -38.53 -17.03 -47.88
N GLU D 70 -37.37 -17.57 -48.23
CA GLU D 70 -36.10 -16.96 -47.84
C GLU D 70 -36.05 -15.46 -48.18
N ASN D 71 -36.62 -15.06 -49.33
CA ASN D 71 -36.49 -13.66 -49.71
C ASN D 71 -37.38 -12.76 -48.83
N GLU D 72 -38.20 -13.35 -47.94
CA GLU D 72 -39.01 -12.54 -47.01
C GLU D 72 -38.67 -12.80 -45.53
N ILE D 73 -37.74 -13.71 -45.22
CA ILE D 73 -37.57 -14.11 -43.82
C ILE D 73 -37.05 -12.91 -43.01
N LEU D 74 -36.16 -12.10 -43.60
CA LEU D 74 -35.52 -11.01 -42.84
C LEU D 74 -36.53 -9.87 -42.56
N ALA D 75 -37.37 -9.55 -43.53
CA ALA D 75 -38.47 -8.59 -43.33
C ALA D 75 -39.46 -9.14 -42.28
N THR D 76 -39.75 -10.43 -42.33
CA THR D 76 -40.61 -11.05 -41.36
C THR D 76 -40.05 -10.86 -39.94
N LEU D 77 -38.77 -11.19 -39.79
CA LEU D 77 -38.11 -11.14 -38.50
C LEU D 77 -37.94 -9.68 -38.05
N HIS D 78 -37.74 -8.76 -39.02
CA HIS D 78 -37.62 -7.35 -38.70
C HIS D 78 -38.90 -6.85 -38.01
N ALA D 79 -40.07 -7.31 -38.46
CA ALA D 79 -41.33 -6.89 -37.83
C ALA D 79 -41.35 -7.29 -36.34
N ILE D 80 -40.57 -8.30 -35.97
CA ILE D 80 -40.45 -8.71 -34.59
C ILE D 80 -39.36 -7.87 -33.89
N SER D 81 -38.15 -7.89 -34.44
CA SER D 81 -36.97 -7.30 -33.79
C SER D 81 -37.17 -5.79 -33.57
N SER D 82 -37.89 -5.12 -34.47
CA SER D 82 -38.06 -3.69 -34.35
C SER D 82 -39.02 -3.35 -33.22
N LYS D 83 -39.66 -4.35 -32.60
CA LYS D 83 -40.47 -4.07 -31.43
C LYS D 83 -39.58 -3.87 -30.21
N ASN D 84 -38.34 -4.36 -30.24
CA ASN D 84 -37.37 -4.11 -29.16
C ASN D 84 -36.97 -2.63 -29.18
N GLN D 85 -36.59 -2.10 -28.02
CA GLN D 85 -36.13 -0.70 -27.88
C GLN D 85 -34.69 -0.73 -27.34
N ILE D 86 -33.80 0.02 -28.02
CA ILE D 86 -32.38 0.03 -27.69
C ILE D 86 -32.11 1.29 -26.86
N TRP D 87 -32.14 1.13 -25.54
CA TRP D 87 -31.81 2.15 -24.60
C TRP D 87 -30.31 2.10 -24.34
N ARG D 88 -29.78 3.15 -23.70
CA ARG D 88 -28.46 3.10 -23.08
C ARG D 88 -28.64 2.50 -21.68
N SER D 89 -28.17 1.28 -21.51
CA SER D 89 -28.33 0.57 -20.26
C SER D 89 -27.05 0.71 -19.44
N TYR D 90 -27.18 1.33 -18.27
CA TYR D 90 -26.09 1.39 -17.34
C TYR D 90 -26.45 0.53 -16.12
N ILE D 91 -27.14 -0.60 -16.38
CA ILE D 91 -27.64 -1.49 -15.32
C ILE D 91 -26.47 -2.24 -14.64
N GLY D 92 -25.49 -2.61 -15.44
CA GLY D 92 -24.37 -3.39 -14.96
C GLY D 92 -24.81 -4.83 -14.73
N MET D 93 -24.50 -5.34 -13.53
CA MET D 93 -24.92 -6.67 -13.09
C MET D 93 -24.33 -7.76 -14.02
N GLY D 94 -23.09 -7.56 -14.45
CA GLY D 94 -22.33 -8.58 -15.17
C GLY D 94 -22.37 -8.40 -16.69
N TYR D 95 -23.09 -7.37 -17.17
CA TYR D 95 -23.24 -7.10 -18.62
C TYR D 95 -23.01 -5.61 -18.83
N TYR D 96 -22.09 -5.26 -19.72
CA TYR D 96 -21.63 -3.89 -19.91
C TYR D 96 -21.47 -3.68 -21.41
N ASN D 97 -22.15 -2.67 -21.95
CA ASN D 97 -21.97 -2.40 -23.37
C ASN D 97 -20.48 -2.16 -23.62
N CYS D 98 -20.06 -2.48 -24.86
CA CYS D 98 -18.72 -2.30 -25.29
C CYS D 98 -18.74 -1.93 -26.78
N SER D 99 -17.56 -1.59 -27.29
CA SER D 99 -17.42 -1.26 -28.69
C SER D 99 -16.78 -2.46 -29.37
N VAL D 100 -17.65 -3.31 -29.91
CA VAL D 100 -17.26 -4.48 -30.68
C VAL D 100 -16.53 -4.03 -31.93
N PRO D 101 -15.23 -4.33 -32.10
CA PRO D 101 -14.54 -3.87 -33.30
C PRO D 101 -15.22 -4.46 -34.55
N GLN D 102 -15.60 -3.58 -35.49
CA GLN D 102 -16.31 -4.01 -36.66
C GLN D 102 -15.50 -5.03 -37.47
N THR D 103 -14.18 -4.94 -37.39
CA THR D 103 -13.32 -5.80 -38.17
C THR D 103 -13.40 -7.25 -37.66
N ILE D 104 -13.50 -7.43 -36.34
CA ILE D 104 -13.66 -8.75 -35.74
C ILE D 104 -15.07 -9.27 -36.05
N LEU D 105 -16.07 -8.39 -35.93
CA LEU D 105 -17.43 -8.77 -36.22
C LEU D 105 -17.52 -9.32 -37.65
N ARG D 106 -16.95 -8.61 -38.63
CA ARG D 106 -17.08 -8.97 -40.04
C ARG D 106 -16.22 -10.19 -40.40
N ASN D 107 -14.97 -10.21 -39.92
CA ASN D 107 -14.00 -11.13 -40.39
C ASN D 107 -13.92 -12.40 -39.53
N LEU D 108 -14.61 -12.42 -38.38
CA LEU D 108 -14.68 -13.60 -37.55
C LEU D 108 -16.15 -14.01 -37.30
N LEU D 109 -16.97 -13.17 -36.64
CA LEU D 109 -18.34 -13.60 -36.25
C LEU D 109 -19.23 -13.86 -37.47
N GLU D 110 -19.02 -13.09 -38.55
CA GLU D 110 -19.80 -13.20 -39.77
C GLU D 110 -19.00 -13.92 -40.88
N ASN D 111 -18.08 -14.80 -40.46
CA ASN D 111 -17.21 -15.51 -41.38
C ASN D 111 -17.43 -17.01 -41.18
N SER D 112 -18.03 -17.62 -42.19
CA SER D 112 -18.34 -19.06 -42.19
C SER D 112 -17.08 -19.93 -42.02
N GLY D 113 -15.89 -19.42 -42.40
CA GLY D 113 -14.59 -20.10 -42.21
C GLY D 113 -14.14 -20.17 -40.75
N TRP D 114 -14.80 -19.38 -39.90
CA TRP D 114 -14.60 -19.37 -38.43
C TRP D 114 -15.71 -20.09 -37.67
N ILE D 115 -16.96 -20.03 -38.14
CA ILE D 115 -18.07 -20.39 -37.29
C ILE D 115 -18.67 -21.76 -37.62
N THR D 116 -18.29 -22.42 -38.72
CA THR D 116 -19.02 -23.65 -39.12
C THR D 116 -18.35 -24.91 -38.56
N GLN D 117 -17.04 -24.84 -38.34
CA GLN D 117 -16.31 -25.96 -37.73
C GLN D 117 -16.79 -26.12 -36.29
N TYR D 118 -16.46 -27.25 -35.69
CA TYR D 118 -16.84 -27.54 -34.30
C TYR D 118 -15.55 -27.73 -33.49
N THR D 119 -15.69 -28.39 -32.36
CA THR D 119 -14.64 -28.67 -31.41
C THR D 119 -13.43 -29.23 -32.15
N PRO D 120 -12.20 -28.80 -31.79
CA PRO D 120 -10.98 -29.17 -32.53
C PRO D 120 -10.46 -30.56 -32.15
N TYR D 121 -11.23 -31.58 -32.54
CA TYR D 121 -10.90 -32.99 -32.25
C TYR D 121 -9.78 -33.48 -33.18
N GLN D 122 -9.66 -32.87 -34.36
CA GLN D 122 -8.65 -33.22 -35.35
C GLN D 122 -7.63 -32.09 -35.42
N PRO D 123 -6.64 -32.08 -34.50
CA PRO D 123 -5.75 -30.93 -34.32
C PRO D 123 -5.01 -30.48 -35.58
N GLU D 124 -4.61 -31.43 -36.43
CA GLU D 124 -3.74 -31.14 -37.55
C GLU D 124 -4.47 -30.24 -38.59
N VAL D 125 -5.80 -30.21 -38.56
CA VAL D 125 -6.61 -29.41 -39.45
C VAL D 125 -7.41 -28.42 -38.60
N SER D 126 -6.86 -28.06 -37.43
CA SER D 126 -7.58 -27.21 -36.48
C SER D 126 -6.65 -26.32 -35.68
N GLN D 127 -5.42 -26.07 -36.17
CA GLN D 127 -4.40 -25.34 -35.40
C GLN D 127 -4.78 -23.86 -35.22
N GLY D 128 -5.66 -23.32 -36.09
CA GLY D 128 -6.07 -21.91 -36.03
C GLY D 128 -6.87 -21.61 -34.77
N ARG D 129 -8.02 -22.27 -34.60
CA ARG D 129 -8.86 -21.97 -33.45
C ARG D 129 -8.16 -22.47 -32.17
N LEU D 130 -7.29 -23.49 -32.27
CA LEU D 130 -6.53 -23.95 -31.11
C LEU D 130 -5.57 -22.84 -30.63
N GLU D 131 -4.89 -22.20 -31.58
CA GLU D 131 -4.02 -21.08 -31.26
C GLU D 131 -4.85 -19.97 -30.61
N SER D 132 -6.01 -19.65 -31.20
CA SER D 132 -6.80 -18.48 -30.75
C SER D 132 -7.29 -18.75 -29.32
N LEU D 133 -7.62 -20.00 -29.01
CA LEU D 133 -8.11 -20.35 -27.69
C LEU D 133 -6.96 -20.33 -26.70
N LEU D 134 -5.77 -20.73 -27.13
CA LEU D 134 -4.56 -20.52 -26.33
C LEU D 134 -4.33 -19.02 -26.05
N ASN D 135 -4.51 -18.16 -27.05
CA ASN D 135 -4.46 -16.72 -26.82
C ASN D 135 -5.46 -16.29 -25.72
N TYR D 136 -6.71 -16.75 -25.84
CA TYR D 136 -7.76 -16.48 -24.82
C TYR D 136 -7.26 -16.89 -23.44
N GLN D 137 -6.70 -18.10 -23.34
CA GLN D 137 -6.26 -18.62 -22.05
C GLN D 137 -5.15 -17.73 -21.48
N THR D 138 -4.21 -17.34 -22.36
CA THR D 138 -3.06 -16.56 -21.93
C THR D 138 -3.56 -15.22 -21.40
N MET D 139 -4.50 -14.62 -22.15
CA MET D 139 -5.10 -13.37 -21.80
C MET D 139 -5.76 -13.47 -20.41
N VAL D 140 -6.58 -14.50 -20.22
CA VAL D 140 -7.23 -14.70 -18.92
C VAL D 140 -6.20 -14.84 -17.79
N CYS D 141 -5.19 -15.69 -18.00
CA CYS D 141 -4.14 -15.92 -16.98
C CYS D 141 -3.38 -14.61 -16.68
N ASP D 142 -2.99 -13.89 -17.72
CA ASP D 142 -2.23 -12.65 -17.55
C ASP D 142 -3.04 -11.66 -16.71
N ILE D 143 -4.32 -11.49 -17.03
CA ILE D 143 -5.11 -10.45 -16.44
C ILE D 143 -5.54 -10.84 -15.03
N THR D 144 -5.92 -12.09 -14.82
CA THR D 144 -6.36 -12.53 -13.51
C THR D 144 -5.22 -12.83 -12.58
N GLY D 145 -4.05 -13.09 -13.12
CA GLY D 145 -2.91 -13.41 -12.32
C GLY D 145 -2.84 -14.88 -11.94
N LEU D 146 -3.70 -15.69 -12.51
CA LEU D 146 -3.72 -17.11 -12.20
C LEU D 146 -2.78 -17.92 -13.10
N ASP D 147 -2.69 -19.23 -12.89
CA ASP D 147 -1.75 -20.08 -13.63
C ASP D 147 -2.25 -20.75 -14.90
N MET D 148 -3.46 -21.25 -14.87
CA MET D 148 -4.04 -21.88 -16.03
C MET D 148 -5.54 -21.59 -16.13
N ALA D 149 -5.99 -21.42 -17.37
CA ALA D 149 -7.36 -21.13 -17.65
C ALA D 149 -7.85 -22.09 -18.74
N ASN D 150 -9.13 -22.31 -18.77
CA ASN D 150 -9.70 -23.17 -19.73
C ASN D 150 -10.11 -22.42 -21.02
N ALA D 151 -10.67 -23.12 -21.97
CA ALA D 151 -11.04 -22.56 -23.22
C ALA D 151 -12.50 -22.19 -23.32
N SER D 152 -13.02 -21.68 -22.21
CA SER D 152 -14.36 -21.16 -21.88
C SER D 152 -15.40 -22.01 -21.16
N LEU D 153 -16.23 -21.28 -20.44
CA LEU D 153 -17.41 -21.77 -19.75
C LEU D 153 -18.65 -21.07 -20.32
N LEU D 154 -19.82 -21.44 -19.85
CA LEU D 154 -21.04 -20.93 -20.42
C LEU D 154 -21.45 -19.51 -20.05
N ASP D 155 -21.16 -19.13 -18.84
CA ASP D 155 -21.49 -17.78 -18.36
C ASP D 155 -20.95 -17.64 -16.93
N GLU D 156 -21.10 -16.45 -16.36
CA GLU D 156 -20.48 -16.14 -15.10
C GLU D 156 -21.01 -17.02 -13.96
N GLY D 157 -22.34 -17.16 -13.90
CA GLY D 157 -23.01 -17.88 -12.86
C GLY D 157 -22.63 -19.36 -12.86
N THR D 158 -22.65 -19.99 -14.04
CA THR D 158 -22.27 -21.40 -14.15
C THR D 158 -20.78 -21.55 -13.82
N ALA D 159 -19.96 -20.56 -14.22
CA ALA D 159 -18.53 -20.62 -13.90
C ALA D 159 -18.35 -20.62 -12.37
N ALA D 160 -19.15 -19.79 -11.69
CA ALA D 160 -19.07 -19.69 -10.22
C ALA D 160 -19.48 -21.02 -9.58
N ALA D 161 -20.50 -21.68 -10.16
CA ALA D 161 -20.95 -23.00 -9.73
C ALA D 161 -19.89 -24.07 -9.98
N GLU D 162 -19.21 -23.99 -11.13
CA GLU D 162 -18.09 -24.88 -11.43
C GLU D 162 -17.01 -24.68 -10.36
N ALA D 163 -16.78 -23.46 -9.93
CA ALA D 163 -15.76 -23.25 -8.92
C ALA D 163 -16.17 -23.91 -7.59
N LEU D 164 -17.44 -23.85 -7.28
CA LEU D 164 -17.99 -24.44 -6.07
C LEU D 164 -17.72 -25.93 -6.11
N GLN D 165 -18.12 -26.57 -7.20
CA GLN D 165 -17.90 -27.98 -7.36
C GLN D 165 -16.44 -28.29 -7.34
N LEU D 166 -15.63 -27.49 -7.95
CA LEU D 166 -14.20 -27.77 -7.93
C LEU D 166 -13.72 -27.83 -6.48
N CYS D 167 -14.20 -26.91 -5.64
CA CYS D 167 -13.85 -26.90 -4.23
C CYS D 167 -14.25 -28.21 -3.56
N TYR D 168 -15.48 -28.68 -3.83
CA TYR D 168 -15.95 -29.93 -3.27
C TYR D 168 -15.05 -31.08 -3.73
N ARG D 169 -14.79 -31.15 -5.04
CA ARG D 169 -13.98 -32.22 -5.61
C ARG D 169 -12.59 -32.21 -4.93
N HIS D 170 -12.08 -31.02 -4.60
CA HIS D 170 -10.74 -30.83 -4.03
C HIS D 170 -10.64 -31.33 -2.59
N ASN D 171 -11.58 -30.94 -1.72
CA ASN D 171 -11.44 -31.17 -0.26
C ASN D 171 -12.66 -31.88 0.36
N LYS D 172 -13.70 -32.13 -0.45
CA LYS D 172 -14.87 -32.96 -0.06
C LYS D 172 -15.65 -32.37 1.12
N ARG D 173 -15.43 -31.09 1.47
CA ARG D 173 -16.25 -30.43 2.50
C ARG D 173 -17.59 -30.05 1.88
N ARG D 174 -18.62 -29.92 2.70
CA ARG D 174 -20.01 -29.84 2.23
C ARG D 174 -20.59 -28.45 2.52
N LYS D 175 -19.73 -27.47 2.81
CA LYS D 175 -20.18 -26.11 3.13
C LYS D 175 -19.46 -25.09 2.24
N PHE D 176 -20.22 -24.17 1.65
CA PHE D 176 -19.65 -23.17 0.77
C PHE D 176 -20.26 -21.80 1.08
N LEU D 177 -19.38 -20.81 1.29
CA LEU D 177 -19.75 -19.48 1.72
C LEU D 177 -19.77 -18.53 0.51
N VAL D 178 -20.86 -17.78 0.39
CA VAL D 178 -21.06 -16.87 -0.72
C VAL D 178 -21.27 -15.47 -0.14
N ASP D 179 -20.43 -14.52 -0.55
CA ASP D 179 -20.62 -13.11 -0.29
C ASP D 179 -21.95 -12.70 -0.92
N PRO D 180 -22.86 -12.06 -0.17
CA PRO D 180 -24.13 -11.59 -0.73
C PRO D 180 -23.98 -10.40 -1.70
N ARG D 181 -22.74 -9.91 -1.85
CA ARG D 181 -22.47 -8.83 -2.75
C ARG D 181 -22.00 -9.38 -4.11
N CYS D 182 -22.13 -10.71 -4.33
CA CYS D 182 -22.03 -11.22 -5.69
C CYS D 182 -23.29 -10.80 -6.44
N HIS D 183 -23.23 -10.77 -7.79
CA HIS D 183 -24.44 -10.50 -8.56
C HIS D 183 -25.54 -11.49 -8.17
N PRO D 184 -26.82 -11.05 -8.16
CA PRO D 184 -27.92 -11.90 -7.72
C PRO D 184 -28.06 -13.16 -8.58
N GLN D 185 -27.85 -13.04 -9.91
CA GLN D 185 -28.02 -14.22 -10.77
C GLN D 185 -26.89 -15.21 -10.52
N THR D 186 -25.71 -14.71 -10.16
CA THR D 186 -24.59 -15.58 -9.83
C THR D 186 -24.95 -16.42 -8.59
N ILE D 187 -25.48 -15.75 -7.58
CA ILE D 187 -25.87 -16.37 -6.34
C ILE D 187 -26.92 -17.44 -6.65
N ALA D 188 -27.90 -17.12 -7.51
CA ALA D 188 -29.00 -18.05 -7.75
C ALA D 188 -28.48 -19.34 -8.41
N VAL D 189 -27.58 -19.21 -9.39
CA VAL D 189 -27.06 -20.36 -10.06
C VAL D 189 -26.19 -21.18 -9.10
N VAL D 190 -25.36 -20.51 -8.29
CA VAL D 190 -24.52 -21.22 -7.35
C VAL D 190 -25.40 -21.99 -6.34
N GLN D 191 -26.43 -21.32 -5.80
CA GLN D 191 -27.32 -21.97 -4.81
C GLN D 191 -28.03 -23.18 -5.42
N THR D 192 -28.42 -23.09 -6.69
CA THR D 192 -29.15 -24.20 -7.33
C THR D 192 -28.21 -25.41 -7.49
N ARG D 193 -26.98 -25.17 -7.98
CA ARG D 193 -26.00 -26.24 -8.14
C ARG D 193 -25.80 -26.95 -6.79
N ALA D 194 -25.65 -26.16 -5.73
CA ALA D 194 -25.39 -26.62 -4.36
C ALA D 194 -26.57 -27.46 -3.83
N LYS D 195 -27.78 -26.93 -4.00
CA LYS D 195 -28.97 -27.60 -3.54
C LYS D 195 -28.92 -29.08 -3.98
N TYR D 196 -28.72 -29.33 -5.28
CA TYR D 196 -28.93 -30.66 -5.84
C TYR D 196 -27.64 -31.49 -5.74
N THR D 197 -26.49 -30.85 -5.45
CA THR D 197 -25.24 -31.58 -5.15
C THR D 197 -25.10 -31.88 -3.66
N GLY D 198 -26.05 -31.39 -2.84
CA GLY D 198 -26.10 -31.65 -1.38
C GLY D 198 -25.04 -30.88 -0.60
N VAL D 199 -24.63 -29.70 -1.11
CA VAL D 199 -23.73 -28.76 -0.41
C VAL D 199 -24.58 -27.63 0.19
N LEU D 200 -24.27 -27.21 1.42
CA LEU D 200 -24.99 -26.06 1.95
C LEU D 200 -24.21 -24.79 1.61
N THR D 201 -24.95 -23.78 1.13
CA THR D 201 -24.43 -22.46 0.89
C THR D 201 -24.94 -21.54 1.99
N GLU D 202 -24.09 -20.62 2.42
CA GLU D 202 -24.44 -19.61 3.39
C GLU D 202 -24.07 -18.26 2.81
N LEU D 203 -25.02 -17.32 2.79
CA LEU D 203 -24.82 -15.93 2.38
C LEU D 203 -24.27 -15.12 3.57
N LYS D 204 -22.95 -14.86 3.55
CA LYS D 204 -22.28 -14.14 4.64
C LYS D 204 -21.33 -13.09 4.06
N LEU D 205 -21.41 -11.86 4.58
CA LEU D 205 -20.34 -10.85 4.39
C LEU D 205 -19.03 -11.41 4.96
N PRO D 206 -17.85 -11.02 4.43
CA PRO D 206 -16.58 -11.52 4.95
C PRO D 206 -16.46 -11.52 6.49
N CYS D 207 -16.88 -10.42 7.13
CA CYS D 207 -16.77 -10.29 8.59
C CYS D 207 -17.69 -11.27 9.33
N GLU D 208 -18.72 -11.78 8.63
CA GLU D 208 -19.66 -12.77 9.16
C GLU D 208 -19.20 -14.21 8.85
N MET D 209 -18.25 -14.38 7.94
CA MET D 209 -17.78 -15.71 7.52
C MET D 209 -16.93 -16.34 8.62
N ASP D 210 -17.29 -17.57 9.01
CA ASP D 210 -16.56 -18.32 10.01
C ASP D 210 -15.94 -19.55 9.35
N PHE D 211 -14.61 -19.60 9.29
CA PHE D 211 -13.92 -20.72 8.68
C PHE D 211 -13.38 -21.69 9.74
N SER D 212 -13.55 -21.36 11.03
CA SER D 212 -12.83 -22.03 12.15
C SER D 212 -13.20 -23.52 12.24
N GLY D 213 -14.39 -23.88 11.74
CA GLY D 213 -14.88 -25.25 11.76
C GLY D 213 -14.10 -26.15 10.82
N LYS D 214 -13.35 -25.55 9.90
CA LYS D 214 -12.55 -26.34 8.94
C LYS D 214 -13.49 -27.28 8.17
N ASP D 215 -14.69 -26.78 7.91
CA ASP D 215 -15.78 -27.48 7.24
C ASP D 215 -16.20 -26.67 6.00
N VAL D 216 -15.41 -25.66 5.63
CA VAL D 216 -15.73 -24.87 4.47
C VAL D 216 -14.87 -25.33 3.28
N SER D 217 -15.57 -25.74 2.22
CA SER D 217 -14.98 -26.17 0.98
C SER D 217 -14.30 -24.96 0.31
N GLY D 218 -15.01 -23.83 0.32
CA GLY D 218 -14.55 -22.66 -0.35
C GLY D 218 -15.46 -21.46 -0.10
N VAL D 219 -15.00 -20.32 -0.63
CA VAL D 219 -15.74 -19.06 -0.52
C VAL D 219 -15.71 -18.38 -1.89
N LEU D 220 -16.83 -17.72 -2.22
CA LEU D 220 -16.97 -16.93 -3.41
C LEU D 220 -17.28 -15.47 -3.04
N PHE D 221 -16.48 -14.55 -3.57
CA PHE D 221 -16.72 -13.13 -3.42
C PHE D 221 -16.47 -12.49 -4.78
N GLN D 222 -16.74 -11.18 -4.89
CA GLN D 222 -16.68 -10.50 -6.15
C GLN D 222 -15.95 -9.17 -5.98
N TYR D 223 -15.19 -8.81 -7.03
CA TYR D 223 -14.16 -7.79 -7.03
C TYR D 223 -14.04 -7.25 -8.45
N PRO D 224 -14.59 -6.07 -8.70
CA PRO D 224 -15.43 -5.30 -7.78
C PRO D 224 -16.78 -5.99 -7.56
N ASP D 225 -17.45 -5.69 -6.44
CA ASP D 225 -18.69 -6.39 -6.05
C ASP D 225 -19.86 -5.77 -6.79
N THR D 226 -21.06 -6.34 -6.61
CA THR D 226 -22.23 -6.01 -7.40
C THR D 226 -22.68 -4.57 -7.17
N GLU D 227 -22.26 -3.97 -6.05
CA GLU D 227 -22.57 -2.54 -5.75
C GLU D 227 -21.50 -1.60 -6.33
N GLY D 228 -20.40 -2.16 -6.83
CA GLY D 228 -19.35 -1.39 -7.46
C GLY D 228 -18.09 -1.29 -6.61
N LYS D 229 -18.16 -1.72 -5.35
CA LYS D 229 -17.05 -1.50 -4.43
C LYS D 229 -15.82 -2.35 -4.80
N VAL D 230 -14.66 -1.72 -4.71
CA VAL D 230 -13.35 -2.33 -4.67
C VAL D 230 -12.92 -2.56 -3.23
N GLU D 231 -12.68 -3.82 -2.88
CA GLU D 231 -12.38 -4.23 -1.52
C GLU D 231 -11.10 -5.06 -1.51
N ASP D 232 -10.34 -4.96 -0.41
CA ASP D 232 -9.17 -5.75 -0.17
C ASP D 232 -9.60 -7.05 0.50
N PHE D 233 -9.41 -8.17 -0.20
CA PHE D 233 -9.83 -9.48 0.27
C PHE D 233 -8.65 -10.30 0.81
N THR D 234 -7.46 -9.66 0.94
CA THR D 234 -6.22 -10.35 1.37
C THR D 234 -6.49 -11.18 2.64
N GLU D 235 -7.09 -10.52 3.64
CA GLU D 235 -7.30 -11.10 4.96
C GLU D 235 -8.29 -12.27 4.87
N LEU D 236 -9.36 -12.08 4.08
CA LEU D 236 -10.37 -13.11 3.90
C LEU D 236 -9.74 -14.36 3.27
N VAL D 237 -8.92 -14.16 2.24
CA VAL D 237 -8.31 -15.24 1.52
C VAL D 237 -7.37 -15.98 2.47
N GLU D 238 -6.62 -15.21 3.27
CA GLU D 238 -5.66 -15.79 4.20
C GLU D 238 -6.39 -16.64 5.26
N ARG D 239 -7.55 -16.16 5.73
CA ARG D 239 -8.36 -16.86 6.75
C ARG D 239 -8.87 -18.18 6.16
N ALA D 240 -9.40 -18.10 4.94
CA ALA D 240 -9.84 -19.25 4.18
C ALA D 240 -8.70 -20.28 4.13
N HIS D 241 -7.55 -19.87 3.62
CA HIS D 241 -6.43 -20.77 3.43
C HIS D 241 -6.02 -21.42 4.76
N GLN D 242 -6.01 -20.62 5.84
CA GLN D 242 -5.50 -21.10 7.11
C GLN D 242 -6.36 -22.25 7.65
N SER D 243 -7.61 -22.37 7.20
CA SER D 243 -8.54 -23.41 7.67
C SER D 243 -8.77 -24.48 6.58
N GLY D 244 -7.98 -24.46 5.51
CA GLY D 244 -8.00 -25.48 4.47
C GLY D 244 -9.02 -25.20 3.36
N SER D 245 -9.58 -23.98 3.31
CA SER D 245 -10.61 -23.63 2.33
C SER D 245 -9.96 -22.96 1.12
N LEU D 246 -10.61 -23.07 -0.03
CA LEU D 246 -10.20 -22.34 -1.24
C LEU D 246 -10.95 -21.00 -1.32
N ALA D 247 -10.37 -20.07 -2.08
CA ALA D 247 -10.94 -18.76 -2.30
C ALA D 247 -11.22 -18.57 -3.79
N CYS D 248 -12.46 -18.21 -4.09
CA CYS D 248 -12.93 -18.04 -5.45
C CYS D 248 -13.42 -16.61 -5.61
N CYS D 249 -12.97 -15.95 -6.69
CA CYS D 249 -13.23 -14.53 -6.91
C CYS D 249 -13.86 -14.32 -8.30
N ALA D 250 -15.13 -13.89 -8.31
CA ALA D 250 -15.81 -13.42 -9.53
C ALA D 250 -15.33 -12.00 -9.81
N THR D 251 -14.91 -11.72 -11.04
CA THR D 251 -14.22 -10.46 -11.34
C THR D 251 -14.51 -10.05 -12.78
N ASP D 252 -13.76 -9.05 -13.25
CA ASP D 252 -14.07 -8.33 -14.49
C ASP D 252 -12.75 -8.03 -15.19
N LEU D 253 -12.60 -8.52 -16.43
CA LEU D 253 -11.33 -8.39 -17.14
C LEU D 253 -10.98 -6.92 -17.39
N LEU D 254 -11.99 -6.07 -17.63
CA LEU D 254 -11.69 -4.66 -17.89
C LEU D 254 -11.23 -3.97 -16.59
N ALA D 255 -11.96 -4.19 -15.49
CA ALA D 255 -11.53 -3.67 -14.19
C ALA D 255 -10.06 -4.06 -13.91
N LEU D 256 -9.70 -5.30 -14.24
CA LEU D 256 -8.37 -5.85 -13.87
C LEU D 256 -7.26 -5.28 -14.78
N CYS D 257 -7.61 -4.47 -15.77
CA CYS D 257 -6.61 -3.76 -16.54
C CYS D 257 -5.96 -2.65 -15.70
N ILE D 258 -6.64 -2.16 -14.67
CA ILE D 258 -6.06 -1.13 -13.80
C ILE D 258 -6.09 -1.53 -12.32
N LEU D 259 -6.77 -2.65 -11.98
CA LEU D 259 -6.84 -3.15 -10.58
C LEU D 259 -5.84 -4.29 -10.38
N ARG D 260 -5.17 -4.28 -9.23
CA ARG D 260 -4.37 -5.40 -8.86
C ARG D 260 -5.28 -6.63 -8.82
N PRO D 261 -4.90 -7.69 -9.56
CA PRO D 261 -5.81 -8.82 -9.78
C PRO D 261 -5.78 -9.89 -8.68
N PRO D 262 -6.80 -10.78 -8.68
CA PRO D 262 -6.99 -11.76 -7.61
C PRO D 262 -5.80 -12.70 -7.39
N GLY D 263 -5.10 -13.04 -8.46
CA GLY D 263 -3.93 -13.88 -8.33
C GLY D 263 -2.86 -13.23 -7.52
N GLU D 264 -2.93 -11.93 -7.32
CA GLU D 264 -1.94 -11.24 -6.53
C GLU D 264 -2.35 -11.14 -5.07
N PHE D 265 -3.60 -11.43 -4.76
CA PHE D 265 -4.01 -11.47 -3.38
C PHE D 265 -4.49 -12.86 -2.99
N GLY D 266 -3.73 -13.83 -3.47
CA GLY D 266 -3.93 -15.23 -3.15
C GLY D 266 -5.12 -16.05 -3.58
N VAL D 267 -5.97 -15.53 -4.43
CA VAL D 267 -7.09 -16.33 -4.91
C VAL D 267 -6.64 -17.63 -5.63
N ASP D 268 -7.45 -18.66 -5.46
CA ASP D 268 -7.22 -19.99 -6.03
C ASP D 268 -7.90 -20.15 -7.39
N ILE D 269 -9.10 -19.57 -7.53
CA ILE D 269 -9.91 -19.61 -8.73
C ILE D 269 -10.41 -18.19 -9.02
N ALA D 270 -10.23 -17.74 -10.26
CA ALA D 270 -10.84 -16.50 -10.71
C ALA D 270 -11.72 -16.82 -11.92
N LEU D 271 -12.86 -16.13 -11.98
CA LEU D 271 -13.86 -16.41 -12.97
C LEU D 271 -14.69 -15.14 -13.23
N GLY D 272 -15.41 -15.17 -14.34
CA GLY D 272 -16.24 -14.08 -14.75
C GLY D 272 -16.62 -14.21 -16.21
N SER D 273 -17.14 -13.13 -16.78
CA SER D 273 -17.53 -13.10 -18.16
C SER D 273 -16.47 -12.32 -18.94
N SER D 274 -16.13 -12.78 -20.15
CA SER D 274 -15.27 -12.00 -21.06
C SER D 274 -16.11 -11.10 -21.97
N GLN D 275 -17.41 -10.93 -21.65
CA GLN D 275 -18.36 -10.30 -22.55
C GLN D 275 -17.89 -8.91 -23.00
N ARG D 276 -17.46 -8.06 -22.06
CA ARG D 276 -17.16 -6.69 -22.39
C ARG D 276 -15.82 -6.56 -23.14
N PHE D 277 -15.08 -7.66 -23.33
CA PHE D 277 -13.97 -7.69 -24.31
C PHE D 277 -14.52 -7.96 -25.71
N GLY D 278 -15.35 -7.03 -26.21
CA GLY D 278 -15.70 -7.02 -27.63
C GLY D 278 -16.78 -8.00 -28.03
N VAL D 279 -17.69 -8.31 -27.11
CA VAL D 279 -18.81 -9.16 -27.47
C VAL D 279 -20.10 -8.41 -27.13
N PRO D 280 -21.12 -8.48 -28.02
CA PRO D 280 -22.39 -7.80 -27.78
C PRO D 280 -23.13 -8.31 -26.53
N LEU D 281 -23.97 -7.46 -25.97
CA LEU D 281 -24.81 -7.76 -24.83
C LEU D 281 -25.64 -9.03 -25.13
N GLY D 282 -26.20 -9.10 -26.34
CA GLY D 282 -26.91 -10.30 -26.85
C GLY D 282 -28.16 -10.65 -26.06
N TYR D 283 -28.72 -9.71 -25.28
CA TYR D 283 -29.88 -10.00 -24.40
C TYR D 283 -29.61 -11.26 -23.59
N GLY D 284 -28.36 -11.40 -23.15
CA GLY D 284 -27.96 -12.44 -22.20
C GLY D 284 -26.78 -13.28 -22.68
N GLY D 285 -26.60 -13.36 -24.01
CA GLY D 285 -25.47 -14.11 -24.55
C GLY D 285 -25.59 -14.25 -26.06
N PRO D 286 -24.65 -14.99 -26.68
CA PRO D 286 -23.61 -15.74 -25.95
C PRO D 286 -22.35 -14.94 -25.59
N HIS D 287 -21.78 -15.27 -24.44
CA HIS D 287 -20.50 -14.77 -23.94
C HIS D 287 -19.68 -15.94 -23.39
N ALA D 288 -18.36 -15.91 -23.63
CA ALA D 288 -17.44 -16.82 -22.98
C ALA D 288 -17.19 -16.36 -21.55
N ALA D 289 -17.47 -17.23 -20.58
CA ALA D 289 -16.97 -17.10 -19.24
C ALA D 289 -15.51 -17.54 -19.18
N PHE D 290 -14.74 -16.93 -18.29
CA PHE D 290 -13.38 -17.30 -18.06
C PHE D 290 -13.32 -17.97 -16.69
N PHE D 291 -12.27 -18.79 -16.54
CA PHE D 291 -12.13 -19.61 -15.39
C PHE D 291 -10.66 -20.03 -15.30
N ALA D 292 -9.98 -19.53 -14.28
CA ALA D 292 -8.56 -19.73 -14.16
C ALA D 292 -8.22 -20.18 -12.75
N VAL D 293 -7.21 -21.04 -12.63
CA VAL D 293 -6.92 -21.70 -11.38
C VAL D 293 -5.40 -21.67 -11.14
N ARG D 294 -5.02 -21.86 -9.87
CA ARG D 294 -3.64 -22.21 -9.49
C ARG D 294 -3.30 -23.56 -10.14
N GLU D 295 -2.02 -23.71 -10.50
CA GLU D 295 -1.54 -24.87 -11.25
C GLU D 295 -1.88 -26.15 -10.49
N SER D 296 -1.82 -26.10 -9.16
CA SER D 296 -2.07 -27.28 -8.35
C SER D 296 -3.51 -27.80 -8.54
N LEU D 297 -4.41 -27.02 -9.15
CA LEU D 297 -5.82 -27.43 -9.26
C LEU D 297 -6.18 -27.87 -10.67
N VAL D 298 -5.20 -27.83 -11.59
CA VAL D 298 -5.46 -27.91 -13.03
C VAL D 298 -6.12 -29.26 -13.40
N ARG D 299 -5.73 -30.32 -12.68
CA ARG D 299 -6.24 -31.66 -12.93
C ARG D 299 -7.75 -31.72 -12.73
N MET D 300 -8.32 -30.74 -12.00
CA MET D 300 -9.75 -30.70 -11.71
C MET D 300 -10.47 -29.65 -12.57
N MET D 301 -9.76 -29.07 -13.53
CA MET D 301 -10.33 -28.06 -14.40
C MET D 301 -11.56 -28.61 -15.13
N PRO D 302 -12.67 -27.84 -15.21
CA PRO D 302 -13.79 -28.20 -16.07
C PRO D 302 -13.56 -27.72 -17.51
N GLY D 303 -14.09 -28.49 -18.46
CA GLY D 303 -14.16 -28.15 -19.86
C GLY D 303 -12.84 -28.32 -20.58
N ARG D 304 -12.77 -27.75 -21.78
CA ARG D 304 -11.60 -27.92 -22.62
C ARG D 304 -10.49 -26.97 -22.19
N MET D 305 -9.26 -27.36 -22.53
CA MET D 305 -8.07 -26.53 -22.28
C MET D 305 -7.03 -26.81 -23.36
N VAL D 306 -6.57 -25.75 -24.05
CA VAL D 306 -5.57 -25.94 -25.07
C VAL D 306 -4.21 -26.03 -24.41
N GLY D 307 -3.39 -26.96 -24.91
CA GLY D 307 -2.04 -27.14 -24.47
C GLY D 307 -1.08 -27.21 -25.64
N VAL D 308 0.18 -26.90 -25.35
CA VAL D 308 1.25 -26.98 -26.32
C VAL D 308 1.84 -28.39 -26.27
N THR D 309 2.14 -28.94 -27.44
CA THR D 309 2.77 -30.24 -27.57
C THR D 309 3.72 -30.22 -28.77
N ARG D 310 4.06 -31.40 -29.25
CA ARG D 310 4.89 -31.51 -30.42
C ARG D 310 4.24 -32.45 -31.41
N ASP D 311 4.50 -32.21 -32.68
CA ASP D 311 4.01 -33.13 -33.69
C ASP D 311 5.09 -34.20 -33.98
N ALA D 312 4.81 -35.10 -34.90
CA ALA D 312 5.73 -36.18 -35.20
C ALA D 312 7.14 -35.73 -35.54
N THR D 313 7.28 -34.49 -35.98
CA THR D 313 8.61 -33.96 -36.39
C THR D 313 9.31 -33.18 -35.26
N GLY D 314 8.64 -32.99 -34.13
CA GLY D 314 9.19 -32.22 -33.01
C GLY D 314 8.82 -30.74 -33.06
N LYS D 315 7.96 -30.35 -34.01
CA LYS D 315 7.47 -28.98 -34.12
C LYS D 315 6.51 -28.70 -32.97
N GLU D 316 6.57 -27.47 -32.46
CA GLU D 316 5.70 -26.99 -31.41
C GLU D 316 4.31 -26.69 -31.99
N VAL D 317 3.27 -27.31 -31.40
CA VAL D 317 1.92 -27.28 -31.96
C VAL D 317 0.91 -27.32 -30.82
N TYR D 318 -0.38 -27.29 -31.15
CA TYR D 318 -1.44 -27.14 -30.18
C TYR D 318 -2.42 -28.32 -30.26
N ARG D 319 -2.96 -28.70 -29.10
CA ARG D 319 -4.00 -29.71 -28.98
C ARG D 319 -4.79 -29.44 -27.69
N LEU D 320 -6.02 -29.95 -27.65
CA LEU D 320 -6.78 -30.05 -26.41
C LEU D 320 -6.01 -30.97 -25.45
N ALA D 321 -5.86 -30.53 -24.19
CA ALA D 321 -4.99 -31.22 -23.23
C ALA D 321 -5.83 -31.83 -22.09
N LEU D 322 -5.26 -32.84 -21.43
CA LEU D 322 -5.84 -33.52 -20.27
C LEU D 322 -7.33 -33.83 -20.52
N GLN D 323 -7.59 -34.51 -21.63
CA GLN D 323 -8.95 -34.70 -22.10
C GLN D 323 -9.70 -35.73 -21.24
N THR D 324 -8.99 -36.46 -20.37
CA THR D 324 -9.64 -37.51 -19.61
C THR D 324 -10.49 -36.88 -18.51
N ARG D 325 -10.31 -35.59 -18.27
CA ARG D 325 -11.16 -34.84 -17.34
C ARG D 325 -12.61 -34.78 -17.85
N GLU D 326 -12.83 -34.91 -19.17
CA GLU D 326 -14.08 -34.45 -19.80
C GLU D 326 -15.11 -35.58 -19.83
N GLN D 327 -16.36 -35.18 -20.06
CA GLN D 327 -17.55 -36.04 -20.02
C GLN D 327 -17.40 -37.25 -20.97
N HIS D 328 -16.80 -37.06 -22.15
CA HIS D 328 -16.78 -38.09 -23.17
C HIS D 328 -15.82 -39.23 -22.79
N ILE D 329 -14.88 -38.97 -21.88
CA ILE D 329 -13.99 -40.03 -21.36
C ILE D 329 -14.51 -40.56 -20.01
N ARG D 330 -14.72 -39.68 -19.02
CA ARG D 330 -14.96 -40.13 -17.63
C ARG D 330 -16.45 -40.17 -17.27
N ARG D 331 -17.32 -39.74 -18.19
CA ARG D 331 -18.76 -39.81 -18.00
C ARG D 331 -19.11 -39.19 -16.64
N ASP D 332 -19.68 -39.98 -15.72
CA ASP D 332 -20.20 -39.44 -14.46
C ASP D 332 -19.05 -39.03 -13.54
N LYS D 333 -17.81 -39.47 -13.85
CA LYS D 333 -16.62 -39.12 -13.05
C LYS D 333 -15.86 -37.93 -13.64
N ALA D 334 -16.42 -37.28 -14.67
CA ALA D 334 -15.76 -36.14 -15.31
C ALA D 334 -15.71 -34.96 -14.34
N THR D 335 -14.92 -33.94 -14.67
CA THR D 335 -14.82 -32.74 -13.84
C THR D 335 -16.05 -31.83 -14.05
N SER D 336 -16.89 -32.14 -15.03
CA SER D 336 -18.11 -31.40 -15.34
C SER D 336 -18.89 -32.16 -16.42
N ASN D 337 -20.14 -31.74 -16.66
CA ASN D 337 -20.94 -32.28 -17.75
C ASN D 337 -20.64 -31.48 -19.04
N ILE D 338 -19.90 -30.38 -18.96
CA ILE D 338 -19.90 -29.43 -20.07
C ILE D 338 -19.29 -30.08 -21.31
N CYS D 339 -19.90 -29.81 -22.46
CA CYS D 339 -19.48 -30.32 -23.73
C CYS D 339 -19.33 -29.11 -24.67
N THR D 340 -20.40 -28.76 -25.38
CA THR D 340 -20.41 -27.48 -26.10
C THR D 340 -20.21 -26.36 -25.07
N ALA D 341 -19.29 -25.43 -25.34
CA ALA D 341 -19.04 -24.29 -24.45
C ALA D 341 -19.32 -22.97 -25.21
N GLN D 342 -18.35 -22.05 -25.25
CA GLN D 342 -18.55 -20.75 -25.88
C GLN D 342 -17.35 -20.39 -26.76
N ALA D 343 -16.81 -21.39 -27.47
CA ALA D 343 -15.50 -21.25 -28.13
C ALA D 343 -15.42 -19.99 -29.03
N LEU D 344 -16.39 -19.78 -29.92
CA LEU D 344 -16.35 -18.70 -30.87
C LEU D 344 -16.26 -17.37 -30.11
N LEU D 345 -16.97 -17.24 -28.99
CA LEU D 345 -17.01 -15.97 -28.25
C LEU D 345 -15.74 -15.75 -27.42
N ALA D 346 -15.10 -16.85 -27.01
CA ALA D 346 -13.78 -16.79 -26.38
C ALA D 346 -12.78 -16.24 -27.39
N ASN D 347 -12.91 -16.69 -28.64
CA ASN D 347 -12.03 -16.28 -29.72
C ASN D 347 -12.27 -14.80 -30.06
N MET D 348 -13.51 -14.34 -30.00
CA MET D 348 -13.83 -12.94 -30.22
C MET D 348 -13.18 -12.04 -29.16
N ALA D 349 -13.22 -12.48 -27.91
CA ALA D 349 -12.61 -11.77 -26.81
C ALA D 349 -11.07 -11.78 -26.92
N ALA D 350 -10.49 -12.88 -27.37
CA ALA D 350 -9.04 -12.96 -27.58
C ALA D 350 -8.62 -11.96 -28.64
N MET D 351 -9.34 -11.93 -29.76
CA MET D 351 -9.04 -11.01 -30.86
C MET D 351 -9.19 -9.55 -30.40
N PHE D 352 -10.15 -9.30 -29.48
CA PHE D 352 -10.29 -7.99 -28.86
C PHE D 352 -9.00 -7.59 -28.13
N ALA D 353 -8.51 -8.48 -27.27
CA ALA D 353 -7.33 -8.21 -26.47
C ALA D 353 -6.10 -8.05 -27.38
N ILE D 354 -6.03 -8.85 -28.46
CA ILE D 354 -4.94 -8.78 -29.41
C ILE D 354 -4.99 -7.42 -30.14
N TYR D 355 -6.13 -7.02 -30.62
CA TYR D 355 -6.27 -5.79 -31.35
C TYR D 355 -5.91 -4.56 -30.52
N HIS D 356 -6.27 -4.57 -29.26
CA HIS D 356 -6.03 -3.45 -28.40
C HIS D 356 -4.73 -3.49 -27.69
N GLY D 357 -4.31 -4.66 -27.26
CA GLY D 357 -3.12 -4.79 -26.47
C GLY D 357 -3.33 -4.36 -25.01
N SER D 358 -2.36 -4.55 -24.18
CA SER D 358 -2.47 -4.05 -22.80
C SER D 358 -2.62 -2.52 -22.80
N HIS D 359 -1.93 -1.84 -23.72
CA HIS D 359 -1.95 -0.39 -23.77
C HIS D 359 -3.35 0.09 -24.16
N GLY D 360 -3.98 -0.53 -25.16
CA GLY D 360 -5.34 -0.17 -25.57
C GLY D 360 -6.38 -0.52 -24.52
N LEU D 361 -6.19 -1.66 -23.84
CA LEU D 361 -7.13 -2.06 -22.81
C LEU D 361 -7.01 -1.13 -21.61
N GLU D 362 -5.79 -0.74 -21.26
CA GLU D 362 -5.54 0.21 -20.18
C GLU D 362 -6.26 1.53 -20.50
N HIS D 363 -6.11 1.98 -21.75
CA HIS D 363 -6.73 3.22 -22.25
C HIS D 363 -8.24 3.17 -22.04
N ILE D 364 -8.86 2.05 -22.46
CA ILE D 364 -10.31 1.87 -22.33
C ILE D 364 -10.68 1.89 -20.84
N ALA D 365 -9.93 1.14 -20.04
CA ALA D 365 -10.28 0.96 -18.64
C ALA D 365 -10.14 2.28 -17.89
N ARG D 366 -9.07 3.04 -18.18
CA ARG D 366 -8.79 4.33 -17.50
C ARG D 366 -9.89 5.32 -17.85
N ARG D 367 -10.34 5.25 -19.10
CA ARG D 367 -11.34 6.18 -19.61
C ARG D 367 -12.68 5.88 -18.92
N VAL D 368 -13.08 4.62 -18.88
CA VAL D 368 -14.30 4.21 -18.18
C VAL D 368 -14.24 4.67 -16.72
N HIS D 369 -13.12 4.42 -16.05
CA HIS D 369 -12.97 4.75 -14.62
C HIS D 369 -13.07 6.27 -14.42
N ASN D 370 -12.42 7.03 -15.31
CA ASN D 370 -12.41 8.48 -15.20
C ASN D 370 -13.81 9.04 -15.46
N ALA D 371 -14.52 8.45 -16.42
CA ALA D 371 -15.90 8.85 -16.68
C ALA D 371 -16.74 8.64 -15.43
N THR D 372 -16.47 7.54 -14.73
CA THR D 372 -17.21 7.16 -13.53
C THR D 372 -16.85 8.12 -12.40
N LEU D 373 -15.56 8.47 -12.28
CA LEU D 373 -15.09 9.43 -11.28
C LEU D 373 -15.77 10.79 -11.53
N ILE D 374 -15.86 11.20 -12.80
CA ILE D 374 -16.46 12.48 -13.16
C ILE D 374 -17.92 12.49 -12.74
N LEU D 375 -18.63 11.43 -13.07
CA LEU D 375 -20.02 11.30 -12.74
C LEU D 375 -20.25 11.36 -11.24
N SER D 376 -19.41 10.68 -10.50
CA SER D 376 -19.54 10.65 -9.09
C SER D 376 -19.33 12.03 -8.48
N GLU D 377 -18.35 12.78 -8.96
CA GLU D 377 -18.12 14.11 -8.46
C GLU D 377 -19.30 14.98 -8.77
N GLY D 378 -19.82 14.90 -9.95
CA GLY D 378 -21.02 15.67 -10.26
C GLY D 378 -22.16 15.33 -9.32
N LEU D 379 -22.40 14.03 -9.09
CA LEU D 379 -23.55 13.63 -8.27
C LEU D 379 -23.39 14.15 -6.85
N LYS D 380 -22.15 14.07 -6.32
CA LYS D 380 -21.91 14.49 -4.93
C LYS D 380 -22.19 15.99 -4.81
N ARG D 381 -21.72 16.75 -5.80
CA ARG D 381 -21.88 18.19 -5.79
C ARG D 381 -23.37 18.54 -5.90
N ALA D 382 -24.18 17.67 -6.50
CA ALA D 382 -25.61 17.93 -6.66
C ALA D 382 -26.40 17.47 -5.43
N GLY D 383 -25.73 16.97 -4.40
CA GLY D 383 -26.36 16.61 -3.14
C GLY D 383 -26.81 15.15 -3.07
N HIS D 384 -26.37 14.30 -4.02
CA HIS D 384 -26.62 12.84 -3.92
C HIS D 384 -25.50 12.19 -3.12
N GLN D 385 -25.78 11.06 -2.47
CA GLN D 385 -24.74 10.34 -1.71
C GLN D 385 -24.27 9.13 -2.52
N LEU D 386 -22.95 8.96 -2.61
CA LEU D 386 -22.36 7.74 -3.11
C LEU D 386 -22.10 6.83 -1.91
N GLN D 387 -22.44 5.55 -2.05
CA GLN D 387 -22.33 4.65 -0.93
C GLN D 387 -20.89 4.13 -0.87
N HIS D 388 -20.19 4.08 -2.02
CA HIS D 388 -18.82 3.57 -2.07
C HIS D 388 -17.87 4.60 -2.68
N ASP D 389 -16.73 4.75 -2.01
CA ASP D 389 -15.68 5.70 -2.32
C ASP D 389 -14.80 5.19 -3.46
N LEU D 390 -14.52 3.90 -3.44
CA LEU D 390 -13.58 3.32 -4.37
C LEU D 390 -14.31 2.27 -5.20
N PHE D 391 -14.25 2.46 -6.52
CA PHE D 391 -15.01 1.71 -7.50
C PHE D 391 -14.24 1.72 -8.82
N PHE D 392 -14.63 0.84 -9.73
CA PHE D 392 -14.12 0.87 -11.11
C PHE D 392 -15.11 1.69 -11.96
N ASP D 393 -16.25 1.11 -12.31
CA ASP D 393 -17.16 1.69 -13.28
C ASP D 393 -18.58 1.82 -12.71
N THR D 394 -18.78 1.50 -11.43
CA THR D 394 -20.10 1.25 -10.91
C THR D 394 -20.29 2.05 -9.60
N LEU D 395 -21.36 2.83 -9.56
CA LEU D 395 -21.74 3.64 -8.39
C LEU D 395 -23.01 3.06 -7.73
N LYS D 396 -23.16 3.31 -6.44
CA LYS D 396 -24.40 3.07 -5.74
C LYS D 396 -24.82 4.41 -5.12
N ILE D 397 -25.98 4.90 -5.52
CA ILE D 397 -26.40 6.27 -5.26
C ILE D 397 -27.68 6.31 -4.42
N GLN D 398 -27.62 7.02 -3.29
CA GLN D 398 -28.80 7.46 -2.57
C GLN D 398 -29.17 8.86 -3.10
N CYS D 399 -30.29 8.98 -3.81
CA CYS D 399 -30.67 10.23 -4.41
C CYS D 399 -31.01 11.26 -3.32
N GLY D 400 -30.49 12.47 -3.48
CA GLY D 400 -30.82 13.62 -2.64
C GLY D 400 -32.20 14.17 -2.96
N CYS D 401 -32.70 13.94 -4.18
CA CYS D 401 -34.08 14.30 -4.54
C CYS D 401 -34.91 13.02 -4.68
N SER D 402 -36.18 13.16 -5.09
CA SER D 402 -37.03 11.99 -5.39
C SER D 402 -36.36 11.11 -6.46
N VAL D 403 -36.28 9.81 -6.18
CA VAL D 403 -35.83 8.79 -7.13
C VAL D 403 -36.76 8.79 -8.35
N LYS D 404 -38.06 9.00 -8.10
CA LYS D 404 -39.07 9.00 -9.14
C LYS D 404 -38.76 10.08 -10.19
N GLU D 405 -38.35 11.26 -9.71
CA GLU D 405 -38.09 12.40 -10.55
C GLU D 405 -36.83 12.12 -11.39
N VAL D 406 -35.83 11.45 -10.80
CA VAL D 406 -34.59 11.05 -11.46
C VAL D 406 -34.92 10.05 -12.58
N LEU D 407 -35.67 8.99 -12.25
CA LEU D 407 -35.98 7.94 -13.20
C LEU D 407 -36.86 8.49 -14.32
N GLY D 408 -37.71 9.47 -14.01
CA GLY D 408 -38.53 10.13 -15.01
C GLY D 408 -37.70 10.85 -16.06
N ARG D 409 -36.66 11.56 -15.61
CA ARG D 409 -35.70 12.19 -16.56
C ARG D 409 -34.91 11.08 -17.27
N ALA D 410 -34.52 10.03 -16.56
CA ALA D 410 -33.76 8.95 -17.18
C ALA D 410 -34.57 8.37 -18.34
N ALA D 411 -35.87 8.12 -18.10
CA ALA D 411 -36.79 7.57 -19.11
C ALA D 411 -36.84 8.49 -20.35
N GLN D 412 -36.87 9.81 -20.12
CA GLN D 412 -36.90 10.81 -21.18
C GLN D 412 -35.65 10.76 -22.06
N ARG D 413 -34.50 10.32 -21.53
CA ARG D 413 -33.25 10.21 -22.33
C ARG D 413 -32.97 8.73 -22.68
N GLN D 414 -33.95 7.88 -22.39
CA GLN D 414 -33.92 6.42 -22.72
C GLN D 414 -32.65 5.79 -22.15
N ILE D 415 -32.51 5.94 -20.84
CA ILE D 415 -31.39 5.42 -20.08
C ILE D 415 -31.96 4.58 -18.93
N ASN D 416 -31.40 3.39 -18.75
CA ASN D 416 -31.76 2.48 -17.67
C ASN D 416 -30.63 2.48 -16.63
N PHE D 417 -31.04 2.50 -15.37
CA PHE D 417 -30.21 2.26 -14.23
C PHE D 417 -30.67 0.95 -13.59
N ARG D 418 -29.86 0.44 -12.67
CA ARG D 418 -30.26 -0.59 -11.79
C ARG D 418 -31.05 0.02 -10.64
N LEU D 419 -32.21 -0.55 -10.31
CA LEU D 419 -32.91 -0.05 -9.11
C LEU D 419 -32.84 -1.12 -8.02
N PHE D 420 -32.09 -0.80 -6.96
CA PHE D 420 -31.89 -1.68 -5.85
C PHE D 420 -33.16 -1.73 -5.00
N GLU D 421 -33.32 -2.84 -4.27
CA GLU D 421 -34.55 -3.04 -3.51
C GLU D 421 -34.65 -1.98 -2.42
N ASP D 422 -33.52 -1.47 -1.91
CA ASP D 422 -33.50 -0.48 -0.80
C ASP D 422 -33.81 0.93 -1.31
N GLY D 423 -34.11 1.09 -2.60
CA GLY D 423 -34.53 2.38 -3.17
C GLY D 423 -33.37 3.19 -3.74
N THR D 424 -32.15 2.65 -3.67
CA THR D 424 -30.97 3.29 -4.24
C THR D 424 -30.82 2.87 -5.71
N LEU D 425 -29.94 3.57 -6.42
CA LEU D 425 -29.67 3.35 -7.85
C LEU D 425 -28.24 2.85 -8.04
N GLY D 426 -28.11 1.89 -8.96
CA GLY D 426 -26.81 1.45 -9.46
C GLY D 426 -26.61 2.04 -10.84
N ILE D 427 -25.42 2.57 -11.09
CA ILE D 427 -25.02 3.02 -12.42
C ILE D 427 -23.67 2.40 -12.74
N SER D 428 -23.60 1.67 -13.86
CA SER D 428 -22.40 1.09 -14.36
C SER D 428 -22.09 1.73 -15.72
N LEU D 429 -21.01 2.50 -15.77
CA LEU D 429 -20.55 3.05 -17.04
C LEU D 429 -19.71 1.99 -17.75
N ASP D 430 -19.40 2.25 -19.01
CA ASP D 430 -18.79 1.28 -19.87
C ASP D 430 -18.00 1.98 -21.00
N GLU D 431 -17.40 1.17 -21.87
CA GLU D 431 -16.56 1.64 -22.94
C GLU D 431 -17.28 2.71 -23.77
N THR D 432 -18.61 2.59 -23.91
CA THR D 432 -19.37 3.40 -24.85
C THR D 432 -19.62 4.81 -24.30
N VAL D 433 -19.36 5.05 -23.00
CA VAL D 433 -19.75 6.29 -22.38
C VAL D 433 -18.83 7.44 -22.82
N ASN D 434 -19.44 8.51 -23.35
CA ASN D 434 -18.76 9.70 -23.81
C ASN D 434 -19.27 10.94 -23.08
N GLU D 435 -18.71 12.09 -23.45
CA GLU D 435 -19.02 13.35 -22.81
C GLU D 435 -20.53 13.56 -22.82
N LYS D 436 -21.11 13.38 -24.01
CA LYS D 436 -22.53 13.59 -24.26
C LYS D 436 -23.35 12.75 -23.26
N ASP D 437 -22.95 11.49 -23.05
CA ASP D 437 -23.70 10.62 -22.15
C ASP D 437 -23.56 11.12 -20.71
N LEU D 438 -22.36 11.55 -20.33
CA LEU D 438 -22.14 12.02 -19.00
C LEU D 438 -23.02 13.24 -18.75
N ASP D 439 -23.15 14.11 -19.76
CA ASP D 439 -23.97 15.33 -19.64
C ASP D 439 -25.45 14.95 -19.44
N ASP D 440 -25.92 13.94 -20.19
CA ASP D 440 -27.26 13.45 -20.03
C ASP D 440 -27.44 12.94 -18.58
N LEU D 441 -26.45 12.23 -18.06
CA LEU D 441 -26.54 11.61 -16.76
C LEU D 441 -26.56 12.69 -15.68
N LEU D 442 -25.70 13.70 -15.81
CA LEU D 442 -25.65 14.82 -14.87
C LEU D 442 -27.00 15.55 -14.83
N TRP D 443 -27.58 15.78 -16.02
CA TRP D 443 -28.91 16.38 -16.14
C TRP D 443 -29.97 15.48 -15.48
N ILE D 444 -29.90 14.17 -15.71
CA ILE D 444 -30.82 13.25 -15.06
C ILE D 444 -30.79 13.49 -13.54
N PHE D 445 -29.60 13.69 -12.97
CA PHE D 445 -29.48 13.86 -11.51
C PHE D 445 -29.62 15.33 -11.09
N GLY D 446 -29.99 16.20 -12.03
CA GLY D 446 -30.29 17.61 -11.73
C GLY D 446 -29.05 18.39 -11.31
N CYS D 447 -27.90 18.10 -11.92
CA CYS D 447 -26.61 18.65 -11.42
C CYS D 447 -26.38 20.13 -11.78
N GLU D 448 -26.95 20.63 -12.87
CA GLU D 448 -26.78 22.05 -13.28
C GLU D 448 -25.28 22.37 -13.49
N SER D 449 -24.54 21.34 -13.86
CA SER D 449 -23.19 21.40 -14.22
C SER D 449 -23.11 20.69 -15.57
N SER D 450 -21.89 20.58 -16.08
CA SER D 450 -21.56 19.76 -17.22
C SER D 450 -20.34 18.92 -16.87
N ALA D 451 -20.08 17.91 -17.68
CA ALA D 451 -18.93 17.07 -17.54
C ALA D 451 -17.67 17.94 -17.66
N GLU D 452 -17.65 18.86 -18.62
CA GLU D 452 -16.53 19.76 -18.79
C GLU D 452 -16.24 20.51 -17.47
N LEU D 453 -17.31 21.04 -16.88
CA LEU D 453 -17.18 21.82 -15.66
C LEU D 453 -16.71 20.93 -14.51
N VAL D 454 -17.28 19.72 -14.41
CA VAL D 454 -16.93 18.87 -13.32
C VAL D 454 -15.43 18.55 -13.42
N ALA D 455 -14.94 18.33 -14.64
CA ALA D 455 -13.55 17.94 -14.84
C ALA D 455 -12.61 19.06 -14.37
N GLU D 456 -13.01 20.28 -14.64
CA GLU D 456 -12.21 21.46 -14.26
C GLU D 456 -12.09 21.56 -12.73
N SER D 457 -13.15 21.20 -11.99
CA SER D 457 -13.14 21.26 -10.49
C SER D 457 -12.26 20.15 -9.90
N MET D 458 -12.09 19.06 -10.65
CA MET D 458 -11.37 17.88 -10.21
C MET D 458 -9.85 18.11 -10.35
N GLY D 459 -9.44 18.73 -11.46
CA GLY D 459 -8.03 18.86 -11.75
C GLY D 459 -7.48 17.54 -12.24
N GLU D 460 -6.15 17.38 -12.22
CA GLU D 460 -5.48 16.16 -12.71
C GLU D 460 -4.73 15.44 -11.57
N GLU D 461 -5.00 15.86 -10.31
CA GLU D 461 -4.81 15.00 -9.13
C GLU D 461 -5.27 13.58 -9.47
N CYS D 462 -4.40 12.57 -9.31
CA CYS D 462 -4.81 11.19 -9.56
C CYS D 462 -5.64 10.69 -8.37
N ARG D 463 -6.88 10.32 -8.71
CA ARG D 463 -7.97 9.94 -7.83
C ARG D 463 -8.34 8.49 -8.17
N GLY D 464 -9.29 7.94 -7.42
CA GLY D 464 -9.76 6.57 -7.61
C GLY D 464 -8.63 5.55 -7.59
N ILE D 465 -8.70 4.57 -8.48
CA ILE D 465 -7.90 3.36 -8.42
C ILE D 465 -6.42 3.71 -8.59
N PRO D 466 -6.03 4.51 -9.61
CA PRO D 466 -4.62 4.90 -9.76
C PRO D 466 -4.02 5.58 -8.53
N GLY D 467 -4.84 6.30 -7.76
CA GLY D 467 -4.38 6.99 -6.56
C GLY D 467 -4.45 6.12 -5.31
N SER D 468 -4.82 4.84 -5.47
CA SER D 468 -5.10 3.94 -4.32
C SER D 468 -4.04 2.84 -4.25
N VAL D 469 -4.09 2.08 -3.15
CA VAL D 469 -3.22 0.94 -2.93
C VAL D 469 -3.64 -0.23 -3.85
N PHE D 470 -4.78 -0.11 -4.54
CA PHE D 470 -5.29 -1.15 -5.43
C PHE D 470 -4.79 -0.98 -6.88
N LYS D 471 -3.98 0.06 -7.13
CA LYS D 471 -3.44 0.32 -8.46
C LYS D 471 -2.73 -0.91 -8.98
N ARG D 472 -3.02 -1.35 -10.21
CA ARG D 472 -2.30 -2.50 -10.78
C ARG D 472 -0.87 -2.05 -11.09
N THR D 473 0.11 -2.86 -10.69
CA THR D 473 1.54 -2.59 -10.95
C THR D 473 2.17 -3.68 -11.82
N SER D 474 1.45 -4.77 -12.11
CA SER D 474 2.00 -5.90 -12.78
C SER D 474 1.62 -5.86 -14.25
N PRO D 475 2.51 -6.35 -15.14
CA PRO D 475 2.27 -6.31 -16.58
C PRO D 475 1.30 -7.42 -16.98
N PHE D 476 0.79 -7.34 -18.21
CA PHE D 476 -0.10 -8.31 -18.80
C PHE D 476 -0.04 -8.20 -20.33
N LEU D 477 -0.27 -9.31 -21.02
CA LEU D 477 -0.27 -9.37 -22.48
C LEU D 477 1.07 -8.88 -23.03
N THR D 478 2.16 -9.44 -22.48
CA THR D 478 3.51 -9.13 -22.90
C THR D 478 3.92 -9.99 -24.11
N HIS D 479 3.19 -11.07 -24.39
CA HIS D 479 3.56 -11.92 -25.50
C HIS D 479 3.38 -11.16 -26.81
N GLN D 480 4.22 -11.49 -27.79
CA GLN D 480 4.26 -10.82 -29.09
C GLN D 480 2.86 -10.82 -29.74
N VAL D 481 2.05 -11.85 -29.47
CA VAL D 481 0.76 -12.00 -30.14
C VAL D 481 -0.13 -10.79 -29.80
N PHE D 482 0.05 -10.20 -28.61
CA PHE D 482 -0.80 -9.09 -28.18
C PHE D 482 -0.15 -7.75 -28.56
N ASN D 483 0.94 -7.79 -29.33
CA ASN D 483 1.72 -6.58 -29.57
C ASN D 483 2.04 -6.44 -31.05
N SER D 484 1.44 -7.25 -31.93
CA SER D 484 1.85 -7.36 -33.32
C SER D 484 0.73 -6.94 -34.30
N TYR D 485 -0.53 -6.98 -33.86
CA TYR D 485 -1.67 -6.91 -34.81
C TYR D 485 -2.60 -5.76 -34.41
N HIS D 486 -2.08 -4.52 -34.38
CA HIS D 486 -2.81 -3.32 -33.97
C HIS D 486 -3.33 -2.51 -35.16
N SER D 487 -2.77 -2.74 -36.36
CA SER D 487 -3.34 -2.16 -37.55
C SER D 487 -4.52 -3.02 -37.98
N GLU D 488 -5.50 -2.41 -38.64
CA GLU D 488 -6.63 -3.19 -39.09
C GLU D 488 -6.14 -4.18 -40.16
N THR D 489 -5.18 -3.76 -40.99
CA THR D 489 -4.65 -4.65 -42.01
C THR D 489 -4.08 -5.90 -41.32
N ASN D 490 -3.35 -5.71 -40.23
CA ASN D 490 -2.65 -6.80 -39.60
C ASN D 490 -3.63 -7.74 -38.89
N ILE D 491 -4.67 -7.23 -38.23
CA ILE D 491 -5.61 -8.12 -37.50
C ILE D 491 -6.38 -8.95 -38.53
N VAL D 492 -6.78 -8.35 -39.65
CA VAL D 492 -7.45 -9.07 -40.71
C VAL D 492 -6.53 -10.21 -41.21
N ARG D 493 -5.24 -9.94 -41.36
CA ARG D 493 -4.34 -10.96 -41.88
C ARG D 493 -4.15 -12.09 -40.87
N TYR D 494 -4.08 -11.75 -39.59
CA TYR D 494 -3.91 -12.74 -38.53
C TYR D 494 -5.15 -13.66 -38.46
N MET D 495 -6.34 -13.05 -38.48
CA MET D 495 -7.60 -13.76 -38.43
C MET D 495 -7.71 -14.73 -39.63
N LYS D 496 -7.29 -14.27 -40.80
CA LYS D 496 -7.34 -15.04 -42.00
C LYS D 496 -6.34 -16.21 -41.93
N LYS D 497 -5.16 -15.95 -41.37
CA LYS D 497 -4.14 -16.97 -41.24
C LYS D 497 -4.68 -18.14 -40.41
N LEU D 498 -5.29 -17.84 -39.26
CA LEU D 498 -5.82 -18.88 -38.38
C LEU D 498 -7.00 -19.59 -39.05
N GLU D 499 -7.89 -18.81 -39.66
CA GLU D 499 -9.05 -19.35 -40.36
C GLU D 499 -8.60 -20.43 -41.33
N ASN D 500 -7.56 -20.11 -42.12
CA ASN D 500 -7.17 -20.92 -43.27
C ASN D 500 -6.47 -22.22 -42.81
N LYS D 501 -6.04 -22.27 -41.55
CA LYS D 501 -5.47 -23.48 -40.98
C LYS D 501 -6.56 -24.49 -40.62
N ASP D 502 -7.83 -24.09 -40.64
CA ASP D 502 -8.90 -24.87 -40.05
C ASP D 502 -9.87 -25.35 -41.14
N ILE D 503 -10.02 -26.67 -41.27
CA ILE D 503 -11.01 -27.18 -42.20
C ILE D 503 -12.41 -26.93 -41.59
N SER D 504 -13.37 -26.54 -42.43
CA SER D 504 -14.68 -26.15 -41.98
C SER D 504 -15.69 -26.45 -43.10
N LEU D 505 -16.97 -26.10 -42.90
CA LEU D 505 -17.98 -26.47 -43.86
C LEU D 505 -17.88 -25.65 -45.15
N VAL D 506 -16.96 -24.71 -45.21
CA VAL D 506 -16.72 -23.98 -46.44
C VAL D 506 -15.81 -24.81 -47.39
N HIS D 507 -15.23 -25.89 -46.91
CA HIS D 507 -14.36 -26.77 -47.66
C HIS D 507 -15.03 -28.10 -48.10
N SER D 508 -15.50 -28.89 -47.14
CA SER D 508 -16.11 -30.18 -47.41
C SER D 508 -16.92 -30.68 -46.23
N MET D 509 -17.67 -31.75 -46.44
CA MET D 509 -18.52 -32.35 -45.42
C MET D 509 -17.65 -32.71 -44.20
N ILE D 510 -18.20 -32.46 -43.01
CA ILE D 510 -17.59 -32.85 -41.76
C ILE D 510 -18.55 -33.79 -41.07
N PRO D 511 -18.45 -35.11 -41.37
CA PRO D 511 -19.49 -36.06 -41.01
C PRO D 511 -19.37 -36.57 -39.56
N LEU D 512 -19.36 -35.65 -38.60
CA LEU D 512 -19.20 -36.01 -37.21
C LEU D 512 -20.52 -36.57 -36.66
N GLY D 513 -20.50 -37.87 -36.38
CA GLY D 513 -21.52 -38.52 -35.58
C GLY D 513 -21.77 -37.74 -34.29
N SER D 514 -23.05 -37.59 -33.94
CA SER D 514 -23.52 -36.92 -32.73
C SER D 514 -23.24 -35.40 -32.81
N CYS D 515 -23.05 -34.82 -34.03
CA CYS D 515 -22.80 -33.37 -34.10
C CYS D 515 -23.76 -32.62 -35.05
N THR D 516 -24.32 -33.33 -36.03
CA THR D 516 -25.27 -32.75 -37.00
C THR D 516 -24.68 -31.48 -37.64
N MET D 517 -23.61 -31.70 -38.41
CA MET D 517 -22.89 -30.62 -39.05
C MET D 517 -23.62 -30.19 -40.33
N LYS D 518 -24.82 -29.63 -40.15
CA LYS D 518 -25.68 -29.21 -41.27
C LYS D 518 -25.43 -27.74 -41.63
N LEU D 519 -26.20 -27.24 -42.60
CA LEU D 519 -26.04 -25.88 -43.13
C LEU D 519 -26.39 -24.85 -42.07
N ASN D 520 -25.47 -23.89 -41.90
CA ASN D 520 -25.70 -22.68 -41.14
C ASN D 520 -25.86 -21.53 -42.16
N SER D 521 -27.11 -21.21 -42.48
CA SER D 521 -27.43 -20.44 -43.66
C SER D 521 -27.23 -18.96 -43.36
N SER D 522 -26.87 -18.23 -44.40
CA SER D 522 -26.62 -16.79 -44.32
C SER D 522 -27.83 -16.04 -43.77
N SER D 523 -29.03 -16.43 -44.23
CA SER D 523 -30.27 -15.79 -43.84
C SER D 523 -30.56 -16.04 -42.36
N GLU D 524 -30.26 -17.26 -41.90
CA GLU D 524 -30.42 -17.58 -40.48
C GLU D 524 -29.47 -16.74 -39.62
N LEU D 525 -28.24 -16.54 -40.14
CA LEU D 525 -27.16 -15.95 -39.34
C LEU D 525 -27.28 -14.44 -39.27
N ALA D 526 -27.78 -13.81 -40.34
CA ALA D 526 -27.76 -12.37 -40.46
C ALA D 526 -28.28 -11.69 -39.18
N PRO D 527 -29.44 -12.09 -38.62
CA PRO D 527 -30.04 -11.29 -37.55
C PRO D 527 -29.25 -11.26 -36.25
N ILE D 528 -28.31 -12.18 -36.04
CA ILE D 528 -27.70 -12.26 -34.72
C ILE D 528 -26.81 -11.03 -34.46
N THR D 529 -26.40 -10.34 -35.54
CA THR D 529 -25.65 -9.10 -35.37
C THR D 529 -26.53 -7.89 -35.70
N TRP D 530 -27.85 -8.04 -35.77
CA TRP D 530 -28.72 -6.88 -35.77
C TRP D 530 -28.67 -6.23 -34.39
N LYS D 531 -28.63 -4.89 -34.37
CA LYS D 531 -28.51 -4.20 -33.11
C LYS D 531 -29.75 -4.46 -32.24
N GLU D 532 -30.93 -4.61 -32.84
CA GLU D 532 -32.16 -4.83 -32.08
C GLU D 532 -32.13 -6.19 -31.35
N PHE D 533 -31.26 -7.13 -31.77
CA PHE D 533 -31.05 -8.37 -31.03
C PHE D 533 -29.76 -8.33 -30.21
N ALA D 534 -28.69 -7.75 -30.76
CA ALA D 534 -27.36 -7.86 -30.14
C ALA D 534 -27.13 -6.83 -29.01
N ASN D 535 -27.84 -5.71 -29.03
CA ASN D 535 -27.44 -4.54 -28.23
C ASN D 535 -28.51 -4.23 -27.19
N ILE D 536 -29.16 -5.28 -26.66
CA ILE D 536 -30.08 -5.13 -25.57
C ILE D 536 -29.48 -5.79 -24.33
N HIS D 537 -29.41 -5.08 -23.22
CA HIS D 537 -29.00 -5.65 -21.92
C HIS D 537 -30.00 -6.71 -21.47
N PRO D 538 -29.57 -7.88 -20.96
CA PRO D 538 -30.52 -8.95 -20.61
C PRO D 538 -31.57 -8.55 -19.56
N PHE D 539 -31.27 -7.53 -18.77
CA PHE D 539 -32.11 -7.22 -17.61
C PHE D 539 -32.90 -5.91 -17.80
N VAL D 540 -33.06 -5.41 -19.04
CA VAL D 540 -33.91 -4.24 -19.28
C VAL D 540 -35.33 -4.53 -18.80
N PRO D 541 -36.13 -3.49 -18.47
CA PRO D 541 -37.58 -3.63 -18.38
C PRO D 541 -38.13 -4.33 -19.62
N LEU D 542 -39.13 -5.18 -19.44
CA LEU D 542 -39.57 -6.09 -20.50
C LEU D 542 -40.29 -5.29 -21.61
N ASP D 543 -40.77 -4.08 -21.30
CA ASP D 543 -41.43 -3.26 -22.32
C ASP D 543 -40.38 -2.73 -23.33
N GLN D 544 -39.08 -2.95 -23.08
CA GLN D 544 -38.01 -2.65 -24.06
C GLN D 544 -37.64 -3.90 -24.91
N ALA D 545 -38.21 -5.06 -24.59
CA ALA D 545 -37.78 -6.33 -25.20
C ALA D 545 -39.01 -7.15 -25.65
N GLN D 546 -40.03 -6.47 -26.18
CA GLN D 546 -41.28 -7.11 -26.59
C GLN D 546 -41.04 -7.91 -27.87
N GLY D 547 -40.05 -7.47 -28.66
CA GLY D 547 -39.61 -8.27 -29.81
C GLY D 547 -39.12 -9.64 -29.40
N TYR D 548 -38.22 -9.66 -28.41
CA TYR D 548 -37.72 -10.90 -27.89
C TYR D 548 -38.87 -11.76 -27.35
N GLN D 549 -39.85 -11.15 -26.69
CA GLN D 549 -40.94 -11.91 -26.12
C GLN D 549 -41.70 -12.62 -27.23
N GLN D 550 -41.92 -11.94 -28.36
CA GLN D 550 -42.63 -12.56 -29.49
C GLN D 550 -41.77 -13.70 -30.06
N LEU D 551 -40.48 -13.46 -30.21
CA LEU D 551 -39.57 -14.46 -30.66
C LEU D 551 -39.72 -15.73 -29.81
N PHE D 552 -39.61 -15.56 -28.49
CA PHE D 552 -39.66 -16.69 -27.58
C PHE D 552 -40.97 -17.45 -27.76
N ARG D 553 -42.11 -16.72 -27.72
CA ARG D 553 -43.42 -17.33 -27.85
C ARG D 553 -43.46 -18.15 -29.15
N GLU D 554 -42.99 -17.59 -30.26
CA GLU D 554 -43.15 -18.24 -31.55
C GLU D 554 -42.27 -19.51 -31.62
N LEU D 555 -41.03 -19.38 -31.15
CA LEU D 555 -40.10 -20.51 -31.24
C LEU D 555 -40.57 -21.59 -30.25
N GLU D 556 -41.06 -21.19 -29.09
CA GLU D 556 -41.59 -22.14 -28.12
C GLU D 556 -42.72 -22.95 -28.76
N LYS D 557 -43.67 -22.25 -29.38
CA LYS D 557 -44.84 -22.90 -29.90
C LYS D 557 -44.43 -23.91 -30.98
N ASP D 558 -43.48 -23.50 -31.84
CA ASP D 558 -42.96 -24.37 -32.88
C ASP D 558 -42.27 -25.59 -32.25
N LEU D 559 -41.42 -25.36 -31.26
CA LEU D 559 -40.67 -26.44 -30.67
C LEU D 559 -41.60 -27.44 -29.95
N CYS D 560 -42.68 -26.93 -29.35
CA CYS D 560 -43.67 -27.77 -28.65
C CYS D 560 -44.33 -28.74 -29.65
N GLU D 561 -44.70 -28.21 -30.81
CA GLU D 561 -45.32 -28.98 -31.89
C GLU D 561 -44.32 -30.02 -32.46
N LEU D 562 -43.03 -29.70 -32.53
CA LEU D 562 -42.01 -30.63 -33.09
C LEU D 562 -41.76 -31.78 -32.12
N THR D 563 -42.01 -31.57 -30.82
CA THR D 563 -41.55 -32.46 -29.79
C THR D 563 -42.70 -33.15 -29.06
N GLY D 564 -43.92 -32.61 -29.12
CA GLY D 564 -45.06 -33.11 -28.40
C GLY D 564 -45.02 -32.75 -26.93
N TYR D 565 -44.37 -31.63 -26.60
CA TYR D 565 -44.33 -31.14 -25.22
C TYR D 565 -45.24 -29.92 -25.08
N ASP D 566 -45.47 -29.50 -23.82
CA ASP D 566 -46.50 -28.51 -23.50
C ASP D 566 -45.89 -27.13 -23.28
N GLN D 567 -44.62 -27.07 -22.91
CA GLN D 567 -43.94 -25.84 -22.59
C GLN D 567 -42.44 -26.01 -22.84
N VAL D 568 -41.79 -24.93 -23.28
CA VAL D 568 -40.35 -24.93 -23.53
C VAL D 568 -39.71 -23.84 -22.67
N CYS D 569 -38.55 -24.18 -22.09
CA CYS D 569 -37.75 -23.27 -21.33
C CYS D 569 -36.41 -23.07 -22.05
N PHE D 570 -36.06 -21.80 -22.32
CA PHE D 570 -34.89 -21.44 -23.13
C PHE D 570 -33.64 -21.18 -22.28
N GLN D 571 -33.78 -21.18 -20.96
CA GLN D 571 -32.68 -20.80 -20.09
C GLN D 571 -31.45 -21.69 -20.33
N PRO D 572 -31.55 -23.03 -20.50
CA PRO D 572 -30.33 -23.85 -20.55
C PRO D 572 -29.53 -23.54 -21.83
N ASN D 573 -28.25 -23.19 -21.64
CA ASN D 573 -27.41 -22.58 -22.71
C ASN D 573 -26.38 -23.58 -23.24
N SER D 574 -26.71 -24.88 -23.11
CA SER D 574 -26.07 -25.99 -23.82
C SER D 574 -26.95 -27.23 -23.63
N GLY D 575 -26.72 -28.27 -24.44
CA GLY D 575 -27.39 -29.54 -24.27
C GLY D 575 -27.23 -30.12 -22.87
N ALA D 576 -25.98 -30.11 -22.39
CA ALA D 576 -25.64 -30.66 -21.08
C ALA D 576 -26.41 -29.86 -20.03
N GLN D 577 -26.48 -28.53 -20.21
CA GLN D 577 -27.25 -27.70 -19.30
C GLN D 577 -28.73 -28.10 -19.35
N GLY D 578 -29.22 -28.44 -20.56
CA GLY D 578 -30.60 -28.87 -20.73
C GLY D 578 -30.88 -30.15 -19.94
N GLU D 579 -29.93 -31.10 -20.01
CA GLU D 579 -30.03 -32.37 -19.30
C GLU D 579 -30.08 -32.09 -17.80
N TYR D 580 -29.14 -31.26 -17.33
CA TYR D 580 -29.06 -30.89 -15.94
C TYR D 580 -30.37 -30.24 -15.50
N ALA D 581 -30.85 -29.26 -16.27
CA ALA D 581 -32.10 -28.55 -15.91
C ALA D 581 -33.27 -29.54 -15.88
N GLY D 582 -33.32 -30.42 -16.88
CA GLY D 582 -34.39 -31.41 -17.01
C GLY D 582 -34.45 -32.35 -15.81
N LEU D 583 -33.30 -32.90 -15.42
CA LEU D 583 -33.20 -33.82 -14.29
C LEU D 583 -33.57 -33.07 -13.01
N ALA D 584 -33.08 -31.83 -12.86
CA ALA D 584 -33.38 -31.03 -11.67
C ALA D 584 -34.90 -30.82 -11.54
N THR D 585 -35.54 -30.47 -12.67
CA THR D 585 -37.00 -30.31 -12.73
C THR D 585 -37.71 -31.61 -12.31
N ILE D 586 -37.21 -32.75 -12.79
CA ILE D 586 -37.76 -34.05 -12.40
C ILE D 586 -37.67 -34.22 -10.88
N ARG D 587 -36.52 -33.90 -10.29
CA ARG D 587 -36.30 -34.06 -8.88
C ARG D 587 -37.22 -33.12 -8.10
N ALA D 588 -37.44 -31.90 -8.61
CA ALA D 588 -38.29 -30.94 -7.91
C ALA D 588 -39.74 -31.42 -7.95
N TYR D 589 -40.18 -31.91 -9.11
CA TYR D 589 -41.48 -32.57 -9.25
C TYR D 589 -41.64 -33.71 -8.24
N LEU D 590 -40.61 -34.56 -8.12
CA LEU D 590 -40.71 -35.73 -7.22
C LEU D 590 -40.73 -35.27 -5.76
N ASN D 591 -39.92 -34.26 -5.43
CA ASN D 591 -39.88 -33.68 -4.07
C ASN D 591 -41.26 -33.14 -3.72
N GLN D 592 -41.88 -32.41 -4.65
CA GLN D 592 -43.13 -31.74 -4.38
C GLN D 592 -44.23 -32.76 -4.05
N LYS D 593 -44.19 -33.93 -4.68
CA LYS D 593 -45.27 -34.88 -4.57
C LYS D 593 -44.94 -35.92 -3.48
N GLY D 594 -43.93 -35.64 -2.64
CA GLY D 594 -43.62 -36.48 -1.48
C GLY D 594 -42.74 -37.68 -1.82
N GLU D 595 -42.11 -37.64 -3.00
CA GLU D 595 -41.38 -38.80 -3.51
C GLU D 595 -39.88 -38.51 -3.59
N GLY D 596 -39.40 -37.60 -2.78
CA GLY D 596 -38.02 -37.19 -2.81
C GLY D 596 -37.04 -38.25 -2.49
N HIS D 597 -37.52 -39.41 -2.09
CA HIS D 597 -36.64 -40.51 -1.76
C HIS D 597 -36.00 -41.05 -3.04
N ARG D 598 -36.74 -41.02 -4.13
CA ARG D 598 -36.24 -41.48 -5.41
C ARG D 598 -35.15 -40.59 -6.04
N THR D 599 -33.94 -41.07 -6.07
CA THR D 599 -32.82 -40.36 -6.68
C THR D 599 -32.09 -41.22 -7.73
N VAL D 600 -32.53 -42.47 -7.96
CA VAL D 600 -31.82 -43.35 -8.88
C VAL D 600 -32.17 -42.99 -10.34
N CYS D 601 -31.13 -42.81 -11.15
CA CYS D 601 -31.27 -42.51 -12.57
C CYS D 601 -30.64 -43.65 -13.37
N LEU D 602 -31.46 -44.35 -14.17
CA LEU D 602 -30.98 -45.40 -15.08
C LEU D 602 -30.44 -44.76 -16.36
N ILE D 603 -29.21 -45.14 -16.73
CA ILE D 603 -28.57 -44.64 -17.92
C ILE D 603 -27.93 -45.77 -18.73
N PRO D 604 -28.51 -46.10 -19.89
CA PRO D 604 -27.84 -46.97 -20.85
C PRO D 604 -26.41 -46.48 -21.14
N LYS D 605 -25.48 -47.44 -21.26
CA LYS D 605 -24.08 -47.15 -21.54
C LYS D 605 -23.93 -46.54 -22.95
N SER D 606 -24.97 -46.67 -23.79
CA SER D 606 -24.95 -46.05 -25.08
C SER D 606 -25.12 -44.53 -24.95
N ALA D 607 -25.87 -44.07 -23.93
CA ALA D 607 -26.23 -42.63 -23.81
C ALA D 607 -24.97 -41.77 -23.82
N HIS D 608 -25.11 -40.58 -24.41
CA HIS D 608 -24.04 -39.58 -24.46
C HIS D 608 -23.43 -39.37 -23.08
N GLY D 609 -22.11 -39.13 -23.03
CA GLY D 609 -21.36 -38.97 -21.79
C GLY D 609 -21.86 -37.82 -20.92
N THR D 610 -22.46 -36.79 -21.54
CA THR D 610 -23.08 -35.69 -20.82
C THR D 610 -24.19 -36.21 -19.91
N ASN D 611 -24.92 -37.22 -20.35
CA ASN D 611 -25.99 -37.81 -19.56
C ASN D 611 -25.57 -38.09 -18.12
N PRO D 612 -24.71 -39.10 -17.94
CA PRO D 612 -24.23 -39.44 -16.60
C PRO D 612 -23.57 -38.28 -15.84
N ALA D 613 -22.77 -37.47 -16.54
CA ALA D 613 -22.16 -36.27 -15.90
C ALA D 613 -23.25 -35.33 -15.35
N SER D 614 -24.31 -35.12 -16.15
CA SER D 614 -25.40 -34.24 -15.77
C SER D 614 -26.18 -34.82 -14.60
N ALA D 615 -26.44 -36.14 -14.63
CA ALA D 615 -27.11 -36.80 -13.52
C ALA D 615 -26.29 -36.65 -12.23
N HIS D 616 -24.96 -36.81 -12.33
CA HIS D 616 -24.09 -36.64 -11.17
C HIS D 616 -24.21 -35.20 -10.67
N MET D 617 -24.15 -34.24 -11.59
CA MET D 617 -24.27 -32.83 -11.24
C MET D 617 -25.63 -32.51 -10.60
N ALA D 618 -26.68 -33.25 -10.97
CA ALA D 618 -28.04 -33.05 -10.41
C ALA D 618 -28.26 -33.89 -9.15
N GLY D 619 -27.19 -34.54 -8.65
CA GLY D 619 -27.21 -35.25 -7.36
C GLY D 619 -27.89 -36.63 -7.42
N MET D 620 -27.98 -37.21 -8.61
CA MET D 620 -28.65 -38.49 -8.77
C MET D 620 -27.65 -39.64 -8.65
N LYS D 621 -28.18 -40.78 -8.23
CA LYS D 621 -27.43 -42.01 -8.14
C LYS D 621 -27.57 -42.74 -9.47
N ILE D 622 -26.44 -42.99 -10.12
CA ILE D 622 -26.45 -43.48 -11.47
C ILE D 622 -26.40 -45.00 -11.46
N GLN D 623 -27.41 -45.63 -12.09
CA GLN D 623 -27.38 -47.04 -12.38
C GLN D 623 -27.22 -47.23 -13.88
N PRO D 624 -26.01 -47.63 -14.34
CA PRO D 624 -25.83 -48.00 -15.74
C PRO D 624 -26.74 -49.17 -16.12
N VAL D 625 -27.22 -49.16 -17.36
CA VAL D 625 -27.97 -50.25 -17.96
C VAL D 625 -27.18 -50.74 -19.16
N GLU D 626 -27.10 -52.06 -19.33
CA GLU D 626 -26.27 -52.61 -20.38
C GLU D 626 -26.96 -52.42 -21.74
N VAL D 627 -26.15 -52.56 -22.79
CA VAL D 627 -26.65 -52.65 -24.16
C VAL D 627 -26.34 -54.05 -24.67
N ASP D 628 -27.26 -54.62 -25.43
CA ASP D 628 -27.08 -55.95 -25.99
C ASP D 628 -26.03 -55.99 -27.09
N LYS D 629 -26.03 -57.08 -27.85
CA LYS D 629 -25.07 -57.25 -28.94
C LYS D 629 -25.56 -56.56 -30.21
N TYR D 630 -26.82 -56.17 -30.22
CA TYR D 630 -27.41 -55.50 -31.40
C TYR D 630 -27.38 -53.98 -31.24
N GLY D 631 -26.97 -53.50 -30.07
CA GLY D 631 -26.75 -52.07 -29.83
C GLY D 631 -27.91 -51.43 -29.08
N ASN D 632 -28.88 -52.24 -28.68
CA ASN D 632 -30.13 -51.79 -28.10
C ASN D 632 -30.00 -51.85 -26.58
N ILE D 633 -30.86 -51.10 -25.88
CA ILE D 633 -30.96 -51.26 -24.44
C ILE D 633 -31.23 -52.73 -24.16
N ASP D 634 -30.39 -53.33 -23.33
CA ASP D 634 -30.57 -54.71 -22.92
C ASP D 634 -31.85 -54.84 -22.08
N ALA D 635 -32.85 -55.55 -22.62
CA ALA D 635 -34.17 -55.65 -22.00
C ALA D 635 -34.06 -56.41 -20.67
N VAL D 636 -33.27 -57.50 -20.67
CA VAL D 636 -33.14 -58.34 -19.49
C VAL D 636 -32.52 -57.49 -18.36
N HIS D 637 -31.42 -56.79 -18.68
CA HIS D 637 -30.72 -56.00 -17.66
C HIS D 637 -31.58 -54.81 -17.21
N LEU D 638 -32.28 -54.18 -18.16
CA LEU D 638 -33.12 -53.05 -17.83
C LEU D 638 -34.19 -53.48 -16.81
N LYS D 639 -34.87 -54.60 -17.09
CA LYS D 639 -35.94 -55.05 -16.22
C LYS D 639 -35.39 -55.38 -14.83
N ALA D 640 -34.18 -55.96 -14.79
CA ALA D 640 -33.50 -56.27 -13.53
C ALA D 640 -33.15 -54.99 -12.77
N MET D 641 -32.70 -53.93 -13.47
CA MET D 641 -32.23 -52.74 -12.75
C MET D 641 -33.47 -51.95 -12.24
N VAL D 642 -34.57 -52.04 -13.03
CA VAL D 642 -35.84 -51.42 -12.65
C VAL D 642 -36.34 -52.12 -11.39
N ASP D 643 -36.30 -53.46 -11.41
CA ASP D 643 -36.77 -54.24 -10.29
C ASP D 643 -35.93 -53.90 -9.04
N LYS D 644 -34.61 -53.87 -9.21
CA LYS D 644 -33.69 -53.57 -8.13
C LYS D 644 -33.98 -52.19 -7.52
N HIS D 645 -34.24 -51.18 -8.36
CA HIS D 645 -34.27 -49.82 -7.87
C HIS D 645 -35.70 -49.26 -7.80
N LYS D 646 -36.71 -50.11 -7.99
CA LYS D 646 -38.11 -49.70 -8.18
C LYS D 646 -38.60 -48.77 -7.06
N GLU D 647 -38.16 -48.99 -5.82
CA GLU D 647 -38.56 -48.14 -4.71
C GLU D 647 -37.97 -46.74 -4.87
N ASN D 648 -36.78 -46.64 -5.47
CA ASN D 648 -36.00 -45.39 -5.42
C ASN D 648 -35.82 -44.77 -6.81
N LEU D 649 -36.61 -45.24 -7.79
CA LEU D 649 -36.42 -44.90 -9.20
C LEU D 649 -36.95 -43.49 -9.47
N ALA D 650 -36.06 -42.59 -9.92
CA ALA D 650 -36.41 -41.23 -10.26
C ALA D 650 -36.60 -41.06 -11.77
N ALA D 651 -35.72 -41.68 -12.57
CA ALA D 651 -35.74 -41.42 -13.99
C ALA D 651 -34.92 -42.47 -14.78
N ILE D 652 -35.20 -42.51 -16.08
CA ILE D 652 -34.26 -43.03 -17.07
C ILE D 652 -33.88 -41.88 -18.02
N MET D 653 -32.66 -41.97 -18.57
CA MET D 653 -32.19 -41.09 -19.65
C MET D 653 -31.90 -41.96 -20.88
N ILE D 654 -32.72 -41.78 -21.92
CA ILE D 654 -32.57 -42.52 -23.18
C ILE D 654 -32.18 -41.50 -24.26
N THR D 655 -31.23 -41.90 -25.10
CA THR D 655 -30.98 -41.17 -26.32
C THR D 655 -31.78 -41.91 -27.40
N TYR D 656 -32.58 -41.19 -28.20
CA TYR D 656 -33.41 -41.86 -29.19
C TYR D 656 -33.47 -41.04 -30.49
N PRO D 657 -33.12 -41.66 -31.62
CA PRO D 657 -32.39 -42.93 -31.67
C PRO D 657 -31.06 -42.81 -30.90
N SER D 658 -30.49 -43.93 -30.49
CA SER D 658 -29.36 -43.93 -29.58
C SER D 658 -28.10 -43.60 -30.34
N THR D 659 -27.02 -43.47 -29.58
CA THR D 659 -25.71 -43.08 -30.02
C THR D 659 -25.10 -44.20 -30.86
N ASN D 660 -25.71 -45.39 -30.83
CA ASN D 660 -25.30 -46.55 -31.64
C ASN D 660 -25.80 -46.36 -33.07
N GLY D 661 -26.55 -45.27 -33.33
CA GLY D 661 -27.14 -44.92 -34.64
C GLY D 661 -28.49 -45.58 -34.97
N VAL D 662 -29.10 -46.34 -34.02
CA VAL D 662 -30.27 -47.17 -34.36
C VAL D 662 -31.51 -46.77 -33.53
N PHE D 663 -32.67 -46.84 -34.18
CA PHE D 663 -33.97 -46.76 -33.54
C PHE D 663 -34.27 -48.10 -32.83
N GLU D 664 -34.48 -48.08 -31.52
CA GLU D 664 -34.96 -49.24 -30.73
C GLU D 664 -36.43 -49.51 -31.10
N GLU D 665 -36.78 -50.79 -31.21
CA GLU D 665 -38.08 -51.19 -31.70
C GLU D 665 -39.17 -50.92 -30.64
N ASN D 666 -38.82 -50.84 -29.36
CA ASN D 666 -39.86 -50.93 -28.36
C ASN D 666 -39.72 -49.82 -27.33
N ILE D 667 -39.52 -48.60 -27.81
CA ILE D 667 -39.11 -47.50 -26.94
C ILE D 667 -40.29 -47.11 -26.04
N SER D 668 -41.51 -47.21 -26.56
CA SER D 668 -42.73 -46.96 -25.77
C SER D 668 -42.78 -47.89 -24.57
N ASP D 669 -42.38 -49.16 -24.79
CA ASP D 669 -42.40 -50.16 -23.73
C ASP D 669 -41.42 -49.74 -22.62
N VAL D 670 -40.25 -49.21 -23.00
CA VAL D 670 -39.26 -48.77 -22.02
C VAL D 670 -39.84 -47.63 -21.18
N CYS D 671 -40.49 -46.68 -21.87
CA CYS D 671 -41.11 -45.53 -21.21
C CYS D 671 -42.20 -45.99 -20.24
N ASP D 672 -43.06 -46.90 -20.70
CA ASP D 672 -44.17 -47.47 -19.86
C ASP D 672 -43.61 -48.16 -18.62
N LEU D 673 -42.48 -48.86 -18.77
CA LEU D 673 -41.88 -49.64 -17.70
C LEU D 673 -41.44 -48.72 -16.57
N ILE D 674 -40.79 -47.63 -16.95
CA ILE D 674 -40.27 -46.66 -16.00
C ILE D 674 -41.43 -45.95 -15.30
N HIS D 675 -42.43 -45.53 -16.08
CA HIS D 675 -43.59 -44.86 -15.54
C HIS D 675 -44.30 -45.77 -14.53
N GLN D 676 -44.47 -47.04 -14.87
CA GLN D 676 -45.18 -47.99 -14.00
C GLN D 676 -44.45 -48.18 -12.66
N HIS D 677 -43.17 -47.79 -12.58
CA HIS D 677 -42.37 -48.00 -11.36
C HIS D 677 -42.01 -46.65 -10.69
N GLY D 678 -42.78 -45.60 -11.08
CA GLY D 678 -42.84 -44.33 -10.36
C GLY D 678 -41.81 -43.32 -10.83
N GLY D 679 -41.12 -43.62 -11.93
CA GLY D 679 -40.04 -42.77 -12.46
C GLY D 679 -40.50 -41.92 -13.62
N GLN D 680 -39.70 -40.91 -13.97
CA GLN D 680 -39.94 -40.04 -15.11
C GLN D 680 -38.97 -40.40 -16.24
N VAL D 681 -39.36 -40.06 -17.47
CA VAL D 681 -38.56 -40.36 -18.64
C VAL D 681 -37.94 -39.06 -19.18
N TYR D 682 -36.60 -39.00 -19.09
CA TYR D 682 -35.79 -37.98 -19.78
C TYR D 682 -35.28 -38.55 -21.11
N LEU D 683 -35.65 -37.87 -22.22
CA LEU D 683 -35.19 -38.28 -23.54
C LEU D 683 -34.29 -37.20 -24.12
N ASP D 684 -33.01 -37.54 -24.26
CA ASP D 684 -31.95 -36.72 -24.86
C ASP D 684 -32.36 -36.46 -26.30
N GLY D 685 -32.61 -35.21 -26.62
CA GLY D 685 -33.19 -34.82 -27.90
C GLY D 685 -32.15 -34.44 -28.93
N ALA D 686 -30.87 -34.65 -28.61
CA ALA D 686 -29.77 -34.22 -29.47
C ALA D 686 -29.81 -34.93 -30.83
N ASN D 687 -30.45 -36.11 -30.88
CA ASN D 687 -30.56 -36.85 -32.11
C ASN D 687 -31.93 -36.62 -32.76
N MET D 688 -32.55 -35.46 -32.50
CA MET D 688 -33.85 -35.14 -33.11
C MET D 688 -33.76 -34.96 -34.62
N ASN D 689 -32.57 -34.91 -35.21
CA ASN D 689 -32.48 -34.75 -36.69
C ASN D 689 -32.99 -35.99 -37.42
N ALA D 690 -33.15 -37.11 -36.68
CA ALA D 690 -33.78 -38.34 -37.22
C ALA D 690 -35.29 -38.41 -36.92
N GLN D 691 -35.85 -37.39 -36.23
CA GLN D 691 -37.23 -37.46 -35.73
C GLN D 691 -38.12 -36.37 -36.35
N VAL D 692 -37.57 -35.16 -36.55
CA VAL D 692 -38.42 -34.00 -36.77
C VAL D 692 -39.36 -34.25 -37.95
N GLY D 693 -40.66 -34.13 -37.72
CA GLY D 693 -41.68 -34.26 -38.74
C GLY D 693 -42.07 -35.72 -38.98
N ILE D 694 -41.50 -36.67 -38.25
CA ILE D 694 -41.80 -38.10 -38.46
C ILE D 694 -42.35 -38.71 -37.16
N CYS D 695 -41.66 -38.46 -36.04
CA CYS D 695 -42.16 -38.83 -34.68
C CYS D 695 -41.78 -37.74 -33.67
N ARG D 696 -42.35 -37.82 -32.47
CA ARG D 696 -42.18 -36.83 -31.43
C ARG D 696 -41.95 -37.50 -30.09
N PRO D 697 -40.85 -37.22 -29.37
CA PRO D 697 -40.55 -37.91 -28.11
C PRO D 697 -41.74 -37.85 -27.13
N GLY D 698 -42.43 -36.71 -27.09
CA GLY D 698 -43.57 -36.53 -26.19
C GLY D 698 -44.75 -37.42 -26.51
N ASP D 699 -44.85 -37.92 -27.73
CA ASP D 699 -45.94 -38.82 -28.11
C ASP D 699 -45.73 -40.25 -27.62
N PHE D 700 -44.48 -40.68 -27.40
CA PHE D 700 -44.26 -42.08 -27.19
C PHE D 700 -43.75 -42.32 -25.75
N GLY D 701 -43.93 -41.33 -24.88
CA GLY D 701 -43.90 -41.56 -23.43
C GLY D 701 -42.79 -40.82 -22.72
N SER D 702 -42.11 -39.89 -23.42
CA SER D 702 -41.11 -39.06 -22.77
C SER D 702 -41.77 -37.90 -22.00
N ASP D 703 -41.20 -37.53 -20.85
CA ASP D 703 -41.71 -36.45 -19.99
C ASP D 703 -40.98 -35.12 -20.24
N VAL D 704 -39.72 -35.19 -20.71
CA VAL D 704 -38.88 -34.01 -20.86
C VAL D 704 -37.72 -34.36 -21.80
N SER D 705 -37.37 -33.40 -22.68
CA SER D 705 -36.22 -33.47 -23.56
C SER D 705 -35.53 -32.09 -23.64
N HIS D 706 -34.19 -32.12 -23.69
CA HIS D 706 -33.47 -30.99 -24.23
C HIS D 706 -33.32 -31.19 -25.75
N LEU D 707 -33.25 -30.07 -26.46
CA LEU D 707 -32.83 -30.01 -27.85
C LEU D 707 -31.45 -29.36 -27.92
N ASN D 708 -30.65 -29.78 -28.90
CA ASN D 708 -29.43 -29.07 -29.29
C ASN D 708 -29.78 -28.23 -30.52
N LEU D 709 -30.02 -26.93 -30.30
CA LEU D 709 -30.35 -26.03 -31.43
C LEU D 709 -29.14 -25.91 -32.35
N HIS D 710 -27.94 -26.07 -31.77
CA HIS D 710 -26.66 -26.02 -32.46
C HIS D 710 -26.34 -27.35 -33.16
N LYS D 711 -27.23 -28.32 -33.09
CA LYS D 711 -27.14 -29.52 -33.94
C LYS D 711 -28.33 -29.48 -34.91
N THR D 712 -29.52 -29.80 -34.38
CA THR D 712 -30.71 -30.02 -35.20
C THR D 712 -31.21 -28.74 -35.89
N PHE D 713 -31.00 -27.55 -35.29
CA PHE D 713 -31.73 -26.32 -35.70
C PHE D 713 -30.76 -25.18 -36.06
N CYS D 714 -29.55 -25.57 -36.52
CA CYS D 714 -28.69 -24.79 -37.42
C CYS D 714 -27.86 -23.72 -36.69
N ILE D 715 -27.93 -23.61 -35.36
CA ILE D 715 -27.00 -22.67 -34.69
C ILE D 715 -25.60 -23.19 -34.99
N PRO D 716 -24.67 -22.32 -35.37
CA PRO D 716 -23.36 -22.76 -35.80
C PRO D 716 -22.52 -23.36 -34.74
N HIS D 717 -21.65 -24.27 -35.15
CA HIS D 717 -20.79 -24.96 -34.22
C HIS D 717 -19.74 -24.10 -33.55
N GLY D 718 -19.34 -23.03 -34.21
CA GLY D 718 -18.43 -22.05 -33.67
C GLY D 718 -17.11 -22.45 -33.15
N GLY D 719 -16.65 -23.61 -33.58
CA GLY D 719 -15.37 -24.11 -33.10
C GLY D 719 -15.46 -24.70 -31.69
N GLY D 720 -16.70 -24.92 -31.22
CA GLY D 720 -16.95 -25.57 -29.90
C GLY D 720 -17.88 -24.78 -29.01
N GLY D 721 -18.87 -24.11 -29.63
CA GLY D 721 -19.81 -23.21 -28.99
C GLY D 721 -19.96 -21.92 -29.79
N PRO D 722 -21.08 -21.17 -29.67
CA PRO D 722 -22.11 -21.43 -28.65
C PRO D 722 -23.19 -22.48 -29.01
N GLY D 723 -23.89 -22.96 -27.98
CA GLY D 723 -25.06 -23.70 -28.19
C GLY D 723 -26.21 -23.18 -27.36
N MET D 724 -27.39 -23.78 -27.61
CA MET D 724 -28.56 -23.60 -26.76
C MET D 724 -29.27 -24.96 -26.60
N GLY D 725 -29.69 -25.23 -25.35
CA GLY D 725 -30.20 -26.51 -24.96
C GLY D 725 -31.56 -26.37 -24.28
N PRO D 726 -32.56 -25.77 -24.98
CA PRO D 726 -33.89 -25.58 -24.41
C PRO D 726 -34.51 -26.94 -24.07
N ILE D 727 -35.29 -26.96 -22.99
CA ILE D 727 -36.00 -28.18 -22.60
C ILE D 727 -37.50 -27.98 -22.86
N GLY D 728 -38.09 -29.00 -23.51
CA GLY D 728 -39.53 -29.15 -23.57
C GLY D 728 -40.00 -30.13 -22.53
N VAL D 729 -41.12 -29.82 -21.88
CA VAL D 729 -41.64 -30.69 -20.81
C VAL D 729 -43.13 -30.90 -21.02
N LYS D 730 -43.63 -32.02 -20.49
CA LYS D 730 -45.05 -32.23 -20.30
C LYS D 730 -45.52 -31.28 -19.20
N LYS D 731 -46.83 -30.99 -19.20
CA LYS D 731 -47.45 -29.96 -18.37
C LYS D 731 -47.20 -30.24 -16.88
N HIS D 732 -47.15 -31.51 -16.51
CA HIS D 732 -46.98 -31.89 -15.10
C HIS D 732 -45.61 -31.43 -14.59
N LEU D 733 -44.62 -31.28 -15.48
CA LEU D 733 -43.29 -30.82 -15.06
C LEU D 733 -43.18 -29.28 -15.10
N ALA D 734 -44.13 -28.61 -15.78
CA ALA D 734 -44.00 -27.17 -16.17
C ALA D 734 -43.84 -26.27 -14.95
N PRO D 735 -44.62 -26.46 -13.87
CA PRO D 735 -44.51 -25.60 -12.70
C PRO D 735 -43.10 -25.57 -12.06
N PHE D 736 -42.26 -26.55 -12.38
CA PHE D 736 -40.98 -26.70 -11.70
C PHE D 736 -39.82 -26.22 -12.58
N LEU D 737 -40.14 -25.63 -13.74
CA LEU D 737 -39.12 -25.15 -14.68
C LEU D 737 -38.30 -24.03 -14.03
N PRO D 738 -37.04 -23.83 -14.48
CA PRO D 738 -36.20 -22.75 -13.95
C PRO D 738 -36.88 -21.37 -14.00
N ASN D 739 -36.66 -20.53 -12.99
CA ASN D 739 -36.90 -19.09 -13.17
C ASN D 739 -35.56 -18.36 -13.01
N HIS D 740 -35.63 -17.08 -12.65
CA HIS D 740 -34.48 -16.19 -12.65
C HIS D 740 -34.76 -15.09 -11.63
N PRO D 741 -33.77 -14.71 -10.80
CA PRO D 741 -34.01 -13.76 -9.73
C PRO D 741 -34.16 -12.30 -10.18
N VAL D 742 -33.78 -11.97 -11.42
CA VAL D 742 -33.87 -10.57 -11.90
C VAL D 742 -35.10 -10.39 -12.79
N ILE D 743 -35.32 -11.32 -13.73
CA ILE D 743 -36.46 -11.28 -14.66
C ILE D 743 -37.32 -12.53 -14.46
N SER D 744 -38.57 -12.35 -13.98
CA SER D 744 -39.43 -13.50 -13.57
C SER D 744 -40.00 -14.25 -14.77
N LEU D 745 -39.81 -15.58 -14.74
CA LEU D 745 -40.24 -16.59 -15.74
C LEU D 745 -41.45 -17.42 -15.25
N LYS D 746 -42.05 -17.06 -14.11
CA LYS D 746 -43.27 -17.75 -13.60
C LYS D 746 -44.50 -17.43 -14.47
N ARG D 747 -45.22 -18.49 -14.87
CA ARG D 747 -46.45 -18.42 -15.68
C ARG D 747 -47.67 -18.44 -14.76
N ASN D 748 -47.59 -19.21 -13.66
CA ASN D 748 -48.69 -19.49 -12.70
C ASN D 748 -48.36 -18.98 -11.29
N GLU D 749 -49.38 -19.01 -10.43
CA GLU D 749 -49.22 -18.87 -8.97
C GLU D 749 -48.76 -20.23 -8.40
N ASP D 750 -49.04 -21.30 -9.16
CA ASP D 750 -48.71 -22.65 -8.74
C ASP D 750 -47.23 -22.98 -9.05
N ALA D 751 -46.45 -21.98 -9.50
CA ALA D 751 -45.03 -22.16 -9.87
C ALA D 751 -44.23 -22.62 -8.64
N CYS D 752 -43.31 -23.55 -8.88
CA CYS D 752 -42.47 -24.11 -7.85
C CYS D 752 -41.09 -24.36 -8.46
N PRO D 753 -40.38 -23.29 -8.86
CA PRO D 753 -39.21 -23.42 -9.73
C PRO D 753 -38.11 -24.26 -9.07
N VAL D 754 -37.47 -25.10 -9.87
CA VAL D 754 -36.30 -25.86 -9.46
C VAL D 754 -35.21 -24.92 -8.91
N GLY D 755 -35.08 -23.74 -9.53
CA GLY D 755 -34.02 -22.78 -9.26
C GLY D 755 -33.64 -22.06 -10.54
N THR D 756 -32.36 -21.67 -10.64
CA THR D 756 -31.81 -20.96 -11.80
C THR D 756 -30.57 -21.71 -12.29
N VAL D 757 -30.54 -22.06 -13.59
CA VAL D 757 -29.44 -22.85 -14.15
C VAL D 757 -28.50 -21.95 -14.98
N SER D 758 -29.00 -20.81 -15.50
CA SER D 758 -28.15 -19.92 -16.30
C SER D 758 -28.16 -18.47 -15.76
N ALA D 759 -27.11 -17.71 -16.09
CA ALA D 759 -26.95 -16.35 -15.60
C ALA D 759 -28.03 -15.42 -16.17
N ALA D 760 -28.48 -15.67 -17.40
CA ALA D 760 -29.51 -14.83 -18.05
C ALA D 760 -30.78 -15.65 -18.21
N PRO D 761 -31.98 -15.04 -18.10
CA PRO D 761 -33.24 -15.78 -17.99
C PRO D 761 -33.57 -16.69 -19.19
N TRP D 762 -33.24 -16.25 -20.41
CA TRP D 762 -33.38 -17.02 -21.64
C TRP D 762 -32.01 -17.40 -22.24
N GLY D 763 -30.97 -17.48 -21.40
CA GLY D 763 -29.65 -17.83 -21.84
C GLY D 763 -29.18 -16.93 -22.96
N SER D 764 -28.59 -17.53 -24.01
CA SER D 764 -28.03 -16.74 -25.12
C SER D 764 -29.12 -16.34 -26.11
N SER D 765 -29.89 -15.32 -25.74
CA SER D 765 -31.12 -14.98 -26.48
C SER D 765 -30.82 -14.65 -27.94
N SER D 766 -29.70 -13.95 -28.18
CA SER D 766 -29.44 -13.34 -29.47
C SER D 766 -29.21 -14.41 -30.56
N ILE D 767 -29.01 -15.68 -30.21
CA ILE D 767 -28.76 -16.70 -31.31
C ILE D 767 -30.03 -17.55 -31.54
N LEU D 768 -31.07 -17.36 -30.72
CA LEU D 768 -32.34 -18.03 -30.96
C LEU D 768 -32.92 -17.66 -32.33
N PRO D 769 -32.72 -16.46 -32.89
CA PRO D 769 -33.29 -16.14 -34.20
C PRO D 769 -32.88 -17.12 -35.31
N ILE D 770 -31.71 -17.74 -35.17
CA ILE D 770 -31.19 -18.68 -36.16
C ILE D 770 -32.18 -19.84 -36.33
N SER D 771 -32.56 -20.45 -35.21
CA SER D 771 -33.40 -21.61 -35.19
C SER D 771 -34.85 -21.21 -35.56
N TRP D 772 -35.27 -20.03 -35.09
CA TRP D 772 -36.59 -19.49 -35.45
C TRP D 772 -36.67 -19.40 -36.97
N ALA D 773 -35.61 -18.85 -37.60
CA ALA D 773 -35.57 -18.61 -39.06
C ALA D 773 -35.59 -19.94 -39.83
N TYR D 774 -34.76 -20.90 -39.41
CA TYR D 774 -34.75 -22.22 -40.04
C TYR D 774 -36.15 -22.83 -39.98
N ILE D 775 -36.76 -22.80 -38.79
CA ILE D 775 -38.07 -23.42 -38.63
C ILE D 775 -39.11 -22.69 -39.52
N LYS D 776 -39.11 -21.36 -39.49
CA LYS D 776 -40.14 -20.62 -40.22
C LYS D 776 -39.95 -20.76 -41.74
N MET D 777 -38.71 -20.93 -42.23
CA MET D 777 -38.48 -21.06 -43.68
C MET D 777 -38.79 -22.50 -44.14
N MET D 778 -38.52 -23.48 -43.29
CA MET D 778 -38.65 -24.89 -43.70
C MET D 778 -40.12 -25.30 -43.67
N GLY D 779 -40.83 -24.83 -42.63
CA GLY D 779 -42.21 -25.20 -42.37
C GLY D 779 -42.33 -26.68 -42.10
N GLY D 780 -43.58 -27.18 -42.10
CA GLY D 780 -43.83 -28.57 -41.75
C GLY D 780 -43.25 -29.54 -42.76
N LYS D 781 -43.49 -29.26 -44.06
CA LYS D 781 -43.05 -30.14 -45.14
C LYS D 781 -41.52 -30.14 -45.23
N GLY D 782 -40.91 -28.95 -45.14
CA GLY D 782 -39.47 -28.83 -45.25
C GLY D 782 -38.73 -29.58 -44.14
N LEU D 783 -39.17 -29.38 -42.90
CA LEU D 783 -38.52 -29.97 -41.75
C LEU D 783 -38.57 -31.50 -41.90
N LYS D 784 -39.73 -32.03 -42.31
CA LYS D 784 -39.90 -33.47 -42.55
C LYS D 784 -38.91 -33.95 -43.62
N GLN D 785 -38.80 -33.22 -44.74
CA GLN D 785 -37.93 -33.60 -45.84
C GLN D 785 -36.48 -33.64 -45.36
N ALA D 786 -36.14 -32.71 -44.45
CA ALA D 786 -34.80 -32.61 -43.92
C ALA D 786 -34.45 -33.89 -43.17
N THR D 787 -35.33 -34.29 -42.25
CA THR D 787 -35.18 -35.53 -41.49
C THR D 787 -35.09 -36.74 -42.43
N GLU D 788 -36.02 -36.82 -43.38
CA GLU D 788 -36.08 -37.92 -44.34
C GLU D 788 -34.74 -38.03 -45.06
N THR D 789 -34.19 -36.87 -45.48
CA THR D 789 -32.98 -36.86 -46.27
C THR D 789 -31.78 -37.13 -45.36
N ALA D 790 -31.80 -36.70 -44.09
CA ALA D 790 -30.72 -37.04 -43.16
C ALA D 790 -30.61 -38.57 -43.07
N ILE D 791 -31.77 -39.24 -43.02
CA ILE D 791 -31.83 -40.68 -42.85
C ILE D 791 -31.40 -41.34 -44.15
N LEU D 792 -31.86 -40.82 -45.28
CA LEU D 792 -31.52 -41.37 -46.61
C LEU D 792 -30.00 -41.28 -46.80
N ASN D 793 -29.43 -40.11 -46.50
CA ASN D 793 -27.99 -39.85 -46.72
C ASN D 793 -27.15 -40.82 -45.87
N ALA D 794 -27.54 -41.02 -44.62
CA ALA D 794 -26.79 -41.92 -43.76
C ALA D 794 -26.90 -43.36 -44.29
N ASN D 795 -28.10 -43.76 -44.71
CA ASN D 795 -28.32 -45.14 -45.12
C ASN D 795 -27.63 -45.39 -46.47
N TYR D 796 -27.63 -44.38 -47.34
CA TYR D 796 -26.94 -44.48 -48.63
C TYR D 796 -25.45 -44.76 -48.39
N MET D 797 -24.85 -43.98 -47.49
CA MET D 797 -23.43 -44.12 -47.17
C MET D 797 -23.17 -45.53 -46.57
N ALA D 798 -24.00 -45.93 -45.60
CA ALA D 798 -23.86 -47.22 -44.98
C ALA D 798 -23.90 -48.34 -46.06
N LYS D 799 -24.85 -48.24 -46.99
CA LYS D 799 -24.99 -49.25 -48.02
C LYS D 799 -23.71 -49.30 -48.86
N ARG D 800 -23.16 -48.13 -49.21
CA ARG D 800 -22.00 -48.09 -50.08
C ARG D 800 -20.78 -48.71 -49.39
N LEU D 801 -20.71 -48.60 -48.05
CA LEU D 801 -19.50 -48.93 -47.30
C LEU D 801 -19.56 -50.35 -46.72
N GLU D 802 -20.71 -51.00 -46.76
CA GLU D 802 -21.01 -52.17 -45.93
C GLU D 802 -20.16 -53.39 -46.32
N THR D 803 -19.65 -53.44 -47.56
CA THR D 803 -18.84 -54.56 -48.04
C THR D 803 -17.36 -54.27 -47.82
N HIS D 804 -17.03 -53.05 -47.37
CA HIS D 804 -15.64 -52.67 -47.13
C HIS D 804 -15.35 -52.57 -45.63
N TYR D 805 -16.36 -52.12 -44.88
CA TYR D 805 -16.30 -51.96 -43.44
C TYR D 805 -17.56 -52.61 -42.84
N ARG D 806 -17.45 -53.17 -41.64
CA ARG D 806 -18.62 -53.66 -40.98
C ARG D 806 -19.37 -52.45 -40.41
N ILE D 807 -20.66 -52.37 -40.75
CA ILE D 807 -21.60 -51.51 -40.07
C ILE D 807 -21.95 -52.15 -38.72
N LEU D 808 -21.58 -51.50 -37.62
CA LEU D 808 -21.56 -52.19 -36.33
C LEU D 808 -22.99 -52.50 -35.86
N PHE D 809 -23.89 -51.51 -35.95
CA PHE D 809 -25.26 -51.71 -35.52
C PHE D 809 -26.26 -51.25 -36.57
N ARG D 810 -27.35 -52.00 -36.70
CA ARG D 810 -28.44 -51.74 -37.62
C ARG D 810 -29.76 -51.95 -36.90
N GLY D 811 -30.82 -51.38 -37.45
CA GLY D 811 -32.13 -51.55 -36.90
C GLY D 811 -32.71 -52.91 -37.24
N ALA D 812 -33.94 -53.14 -36.80
CA ALA D 812 -34.65 -54.40 -36.99
C ALA D 812 -34.60 -54.88 -38.41
N ARG D 813 -34.94 -54.01 -39.35
CA ARG D 813 -34.92 -54.37 -40.74
C ARG D 813 -33.62 -54.03 -41.43
N GLY D 814 -32.56 -53.82 -40.69
CA GLY D 814 -31.27 -53.55 -41.27
C GLY D 814 -30.95 -52.11 -41.65
N TYR D 815 -31.75 -51.15 -41.22
CA TYR D 815 -31.53 -49.72 -41.56
C TYR D 815 -31.00 -48.94 -40.34
N VAL D 816 -30.20 -47.89 -40.61
CA VAL D 816 -29.77 -46.97 -39.54
C VAL D 816 -30.65 -45.71 -39.60
N GLY D 817 -30.49 -44.86 -38.60
CA GLY D 817 -31.11 -43.53 -38.57
C GLY D 817 -30.31 -42.52 -39.37
N HIS D 818 -29.91 -41.44 -38.71
CA HIS D 818 -29.19 -40.34 -39.35
C HIS D 818 -27.67 -40.51 -39.26
N GLU D 819 -27.22 -41.52 -38.52
CA GLU D 819 -25.79 -41.76 -38.30
C GLU D 819 -25.57 -43.28 -38.14
N PHE D 820 -24.32 -43.71 -38.31
CA PHE D 820 -23.98 -45.15 -38.17
C PHE D 820 -22.51 -45.30 -37.78
N ILE D 821 -22.13 -46.50 -37.35
CA ILE D 821 -20.79 -46.79 -36.89
C ILE D 821 -20.12 -47.76 -37.86
N LEU D 822 -18.88 -47.41 -38.22
CA LEU D 822 -17.98 -48.27 -38.98
C LEU D 822 -17.01 -48.91 -37.99
N ASP D 823 -17.02 -50.24 -37.96
CA ASP D 823 -16.19 -50.95 -37.03
C ASP D 823 -14.82 -51.17 -37.68
N THR D 824 -13.86 -50.34 -37.28
CA THR D 824 -12.49 -50.37 -37.79
C THR D 824 -11.61 -51.30 -36.93
N ARG D 825 -12.18 -51.89 -35.88
CA ARG D 825 -11.39 -52.66 -34.89
C ARG D 825 -10.67 -53.85 -35.51
N PRO D 826 -11.26 -54.63 -36.44
CA PRO D 826 -10.56 -55.82 -36.95
C PRO D 826 -9.21 -55.49 -37.63
N PHE D 827 -9.03 -54.24 -38.06
CA PHE D 827 -7.84 -53.84 -38.81
C PHE D 827 -6.63 -53.72 -37.88
N LYS D 828 -6.88 -53.67 -36.57
CA LYS D 828 -5.81 -53.70 -35.59
C LYS D 828 -5.08 -55.04 -35.70
N LYS D 829 -5.82 -56.14 -35.70
CA LYS D 829 -5.22 -57.45 -35.78
C LYS D 829 -4.65 -57.68 -37.18
N SER D 830 -5.39 -57.28 -38.24
CA SER D 830 -4.99 -57.66 -39.60
C SER D 830 -3.84 -56.78 -40.11
N ALA D 831 -3.74 -55.52 -39.66
CA ALA D 831 -2.84 -54.56 -40.33
C ALA D 831 -2.13 -53.60 -39.37
N ASN D 832 -2.33 -53.77 -38.06
CA ASN D 832 -1.87 -52.84 -37.04
C ASN D 832 -2.36 -51.42 -37.38
N ILE D 833 -3.59 -51.33 -37.89
CA ILE D 833 -4.25 -50.07 -38.20
C ILE D 833 -5.32 -49.80 -37.14
N GLU D 834 -5.35 -48.57 -36.65
CA GLU D 834 -6.29 -48.13 -35.64
C GLU D 834 -7.19 -47.04 -36.24
N ALA D 835 -8.29 -46.79 -35.54
CA ALA D 835 -9.23 -45.77 -35.88
C ALA D 835 -8.52 -44.43 -36.19
N VAL D 836 -7.54 -44.06 -35.34
CA VAL D 836 -6.80 -42.80 -35.45
C VAL D 836 -6.09 -42.75 -36.82
N ASP D 837 -5.56 -43.88 -37.30
CA ASP D 837 -4.84 -43.87 -38.58
C ASP D 837 -5.81 -43.51 -39.72
N VAL D 838 -7.03 -44.07 -39.66
CA VAL D 838 -8.04 -43.79 -40.67
C VAL D 838 -8.46 -42.30 -40.56
N ALA D 839 -8.60 -41.82 -39.33
CA ALA D 839 -9.00 -40.43 -39.10
C ALA D 839 -7.99 -39.45 -39.70
N LYS D 840 -6.70 -39.69 -39.47
CA LYS D 840 -5.63 -38.81 -39.96
C LYS D 840 -5.48 -38.95 -41.48
N ARG D 841 -5.66 -40.18 -42.00
CA ARG D 841 -5.49 -40.39 -43.41
C ARG D 841 -6.61 -39.67 -44.18
N LEU D 842 -7.82 -39.62 -43.61
CA LEU D 842 -8.92 -38.87 -44.25
C LEU D 842 -8.53 -37.40 -44.53
N GLN D 843 -7.67 -36.82 -43.68
CA GLN D 843 -7.21 -35.45 -43.85
C GLN D 843 -6.52 -35.29 -45.21
N ASP D 844 -5.76 -36.32 -45.64
CA ASP D 844 -5.02 -36.26 -46.88
C ASP D 844 -5.99 -36.27 -48.07
N TYR D 845 -7.18 -36.85 -47.85
CA TYR D 845 -8.23 -36.93 -48.85
C TYR D 845 -9.17 -35.72 -48.76
N GLY D 846 -8.86 -34.73 -47.93
CA GLY D 846 -9.62 -33.49 -47.88
C GLY D 846 -10.81 -33.52 -46.92
N PHE D 847 -10.80 -34.41 -45.92
CA PHE D 847 -11.93 -34.60 -45.01
C PHE D 847 -11.47 -34.58 -43.56
N HIS D 848 -12.17 -33.76 -42.75
CA HIS D 848 -12.23 -33.92 -41.30
C HIS D 848 -12.76 -35.32 -41.01
N ALA D 849 -12.14 -36.02 -40.07
CA ALA D 849 -12.61 -37.36 -39.69
C ALA D 849 -14.05 -37.31 -39.17
N PRO D 850 -14.80 -38.45 -39.22
CA PRO D 850 -16.02 -38.58 -38.43
C PRO D 850 -15.65 -38.66 -36.94
N THR D 851 -16.67 -38.84 -36.10
CA THR D 851 -16.47 -38.95 -34.67
C THR D 851 -15.62 -40.20 -34.39
N MET D 852 -14.53 -40.01 -33.66
CA MET D 852 -13.40 -40.92 -33.56
C MET D 852 -13.47 -41.58 -32.17
N SER D 853 -13.72 -42.90 -32.14
CA SER D 853 -13.54 -43.76 -30.94
C SER D 853 -14.64 -43.54 -29.90
N TRP D 854 -15.80 -43.08 -30.36
CA TRP D 854 -16.97 -42.85 -29.52
C TRP D 854 -18.19 -43.09 -30.42
N PRO D 855 -19.30 -43.69 -29.92
CA PRO D 855 -19.37 -44.20 -28.55
C PRO D 855 -18.70 -45.56 -28.30
N VAL D 856 -18.14 -46.16 -29.35
CA VAL D 856 -17.40 -47.43 -29.24
C VAL D 856 -15.92 -47.19 -29.56
N ALA D 857 -15.06 -47.52 -28.60
CA ALA D 857 -13.61 -47.46 -28.76
C ALA D 857 -13.20 -48.17 -30.07
N GLY D 858 -12.37 -47.48 -30.87
CA GLY D 858 -11.71 -48.06 -32.04
C GLY D 858 -12.59 -48.03 -33.27
N THR D 859 -13.70 -47.29 -33.22
CA THR D 859 -14.62 -47.19 -34.33
C THR D 859 -14.74 -45.73 -34.78
N LEU D 860 -15.48 -45.52 -35.88
CA LEU D 860 -15.79 -44.21 -36.42
C LEU D 860 -17.31 -44.06 -36.55
N MET D 861 -17.84 -42.90 -36.13
CA MET D 861 -19.28 -42.67 -36.23
C MET D 861 -19.57 -41.52 -37.19
N VAL D 862 -20.39 -41.83 -38.19
CA VAL D 862 -20.51 -41.08 -39.40
C VAL D 862 -21.93 -40.51 -39.47
N GLU D 863 -22.03 -39.19 -39.58
CA GLU D 863 -23.34 -38.50 -39.72
C GLU D 863 -23.20 -37.41 -40.79
N PRO D 864 -23.73 -37.63 -42.01
CA PRO D 864 -23.63 -36.67 -43.09
C PRO D 864 -24.53 -35.42 -42.99
N THR D 865 -25.73 -35.58 -42.47
CA THR D 865 -26.82 -34.59 -42.44
C THR D 865 -27.47 -34.52 -43.82
N GLU D 866 -28.65 -33.91 -43.86
CA GLU D 866 -29.39 -33.66 -45.09
C GLU D 866 -28.74 -32.58 -45.99
N SER D 867 -27.77 -31.80 -45.48
CA SER D 867 -27.28 -30.62 -46.17
C SER D 867 -26.24 -30.96 -47.24
N GLU D 868 -25.74 -32.21 -47.26
CA GLU D 868 -24.69 -32.61 -48.17
C GLU D 868 -25.31 -33.40 -49.34
N ASP D 869 -24.81 -33.16 -50.55
CA ASP D 869 -25.42 -33.81 -51.71
C ASP D 869 -24.71 -35.14 -52.03
N LYS D 870 -25.22 -35.82 -53.04
CA LYS D 870 -24.78 -37.20 -53.36
C LYS D 870 -23.30 -37.21 -53.73
N ALA D 871 -22.87 -36.23 -54.55
CA ALA D 871 -21.51 -36.17 -55.03
C ALA D 871 -20.56 -36.06 -53.83
N GLU D 872 -20.96 -35.32 -52.80
CA GLU D 872 -20.11 -35.12 -51.63
C GLU D 872 -20.07 -36.40 -50.81
N LEU D 873 -21.22 -37.07 -50.63
CA LEU D 873 -21.26 -38.36 -49.93
C LEU D 873 -20.34 -39.36 -50.63
N ASP D 874 -20.39 -39.36 -51.97
CA ASP D 874 -19.66 -40.30 -52.79
C ASP D 874 -18.16 -40.04 -52.69
N ARG D 875 -17.76 -38.76 -52.67
CA ARG D 875 -16.36 -38.42 -52.46
C ARG D 875 -15.90 -39.04 -51.13
N PHE D 876 -16.71 -38.90 -50.07
CA PHE D 876 -16.33 -39.41 -48.77
C PHE D 876 -16.28 -40.95 -48.78
N CYS D 877 -17.26 -41.60 -49.40
CA CYS D 877 -17.28 -43.07 -49.45
C CYS D 877 -16.13 -43.60 -50.30
N ASP D 878 -15.86 -42.92 -51.41
CA ASP D 878 -14.74 -43.25 -52.28
C ASP D 878 -13.41 -43.15 -51.51
N ALA D 879 -13.25 -42.11 -50.68
CA ALA D 879 -12.05 -41.95 -49.83
C ALA D 879 -11.96 -43.14 -48.87
N MET D 880 -13.07 -43.53 -48.26
CA MET D 880 -13.04 -44.64 -47.32
C MET D 880 -12.73 -45.97 -48.04
N ILE D 881 -13.25 -46.15 -49.25
CA ILE D 881 -13.00 -47.37 -50.03
C ILE D 881 -11.53 -47.41 -50.49
N SER D 882 -10.99 -46.26 -50.91
CA SER D 882 -9.58 -46.14 -51.24
C SER D 882 -8.70 -46.48 -50.01
N ILE D 883 -9.10 -45.98 -48.83
CA ILE D 883 -8.38 -46.22 -47.59
C ILE D 883 -8.45 -47.72 -47.24
N ARG D 884 -9.60 -48.35 -47.51
CA ARG D 884 -9.77 -49.78 -47.25
C ARG D 884 -8.76 -50.58 -48.06
N GLN D 885 -8.54 -50.14 -49.29
CA GLN D 885 -7.61 -50.77 -50.17
C GLN D 885 -6.18 -50.55 -49.67
N GLU D 886 -5.92 -49.41 -49.01
CA GLU D 886 -4.60 -49.12 -48.41
C GLU D 886 -4.36 -50.10 -47.24
N ILE D 887 -5.43 -50.37 -46.49
CA ILE D 887 -5.40 -51.33 -45.40
C ILE D 887 -5.10 -52.71 -45.98
N ALA D 888 -5.78 -53.06 -47.07
CA ALA D 888 -5.59 -54.36 -47.75
C ALA D 888 -4.14 -54.49 -48.23
N ASP D 889 -3.51 -53.37 -48.62
CA ASP D 889 -2.12 -53.44 -49.09
C ASP D 889 -1.22 -53.81 -47.90
N ILE D 890 -1.54 -53.27 -46.72
CA ILE D 890 -0.77 -53.60 -45.54
C ILE D 890 -1.04 -55.07 -45.18
N GLU D 891 -2.32 -55.46 -45.12
CA GLU D 891 -2.77 -56.84 -44.74
C GLU D 891 -1.99 -57.86 -45.55
N GLU D 892 -1.83 -57.60 -46.85
CA GLU D 892 -1.35 -58.57 -47.81
C GLU D 892 0.13 -58.35 -48.14
N GLY D 893 0.82 -57.53 -47.34
CA GLY D 893 2.28 -57.40 -47.38
C GLY D 893 2.78 -56.73 -48.65
N ARG D 894 1.97 -55.87 -49.28
CA ARG D 894 2.35 -55.21 -50.53
C ARG D 894 3.04 -53.87 -50.24
N ILE D 895 2.96 -53.38 -49.00
CA ILE D 895 3.68 -52.18 -48.56
C ILE D 895 4.20 -52.41 -47.13
N ASP D 896 5.29 -51.75 -46.79
CA ASP D 896 5.85 -51.72 -45.43
C ASP D 896 4.73 -51.47 -44.42
N PRO D 897 4.61 -52.30 -43.36
CA PRO D 897 3.54 -52.13 -42.37
C PRO D 897 3.78 -51.02 -41.34
N ARG D 898 5.00 -50.48 -41.29
CA ARG D 898 5.35 -49.39 -40.36
C ARG D 898 5.31 -48.03 -41.09
N VAL D 899 5.80 -48.00 -42.33
CA VAL D 899 5.91 -46.78 -43.12
C VAL D 899 5.01 -46.92 -44.34
N ASN D 900 3.79 -46.41 -44.21
CA ASN D 900 2.79 -46.39 -45.25
C ASN D 900 1.92 -45.14 -45.04
N PRO D 901 1.12 -44.74 -46.05
CA PRO D 901 0.36 -43.50 -45.95
C PRO D 901 -0.49 -43.41 -44.67
N LEU D 902 -1.12 -44.52 -44.29
CA LEU D 902 -1.97 -44.59 -43.12
C LEU D 902 -1.21 -44.26 -41.83
N LYS D 903 -0.04 -44.87 -41.63
CA LYS D 903 0.70 -44.65 -40.39
C LYS D 903 1.37 -43.27 -40.39
N MET D 904 1.73 -42.78 -41.58
CA MET D 904 2.48 -41.54 -41.71
C MET D 904 1.53 -40.31 -41.78
N SER D 905 0.21 -40.55 -41.87
CA SER D 905 -0.75 -39.48 -42.01
C SER D 905 -0.83 -38.69 -40.70
N PRO D 906 -1.17 -37.38 -40.75
CA PRO D 906 -1.41 -36.70 -42.01
C PRO D 906 -0.13 -36.21 -42.69
N HIS D 907 -0.21 -35.90 -43.98
CA HIS D 907 0.92 -35.43 -44.77
C HIS D 907 0.85 -33.89 -44.89
N SER D 908 1.76 -33.23 -44.18
CA SER D 908 1.84 -31.75 -44.14
C SER D 908 2.49 -31.27 -45.44
N LEU D 909 2.32 -29.98 -45.73
CA LEU D 909 2.96 -29.34 -46.86
C LEU D 909 4.48 -29.48 -46.72
N THR D 910 4.99 -29.35 -45.50
CA THR D 910 6.43 -29.40 -45.27
C THR D 910 6.93 -30.78 -45.66
N CYS D 911 6.19 -31.80 -45.23
CA CYS D 911 6.52 -33.19 -45.49
C CYS D 911 6.59 -33.44 -47.01
N VAL D 912 5.56 -33.00 -47.74
CA VAL D 912 5.38 -33.40 -49.12
C VAL D 912 6.23 -32.56 -50.08
N THR D 913 6.70 -31.36 -49.65
CA THR D 913 7.49 -30.47 -50.48
C THR D 913 8.98 -30.52 -50.11
N SER D 914 9.33 -31.34 -49.12
CA SER D 914 10.71 -31.47 -48.66
C SER D 914 11.60 -32.06 -49.78
N SER D 915 12.88 -31.66 -49.77
CA SER D 915 13.90 -32.22 -50.63
C SER D 915 14.07 -33.72 -50.31
N HIS D 916 14.03 -34.04 -49.01
CA HIS D 916 14.17 -35.38 -48.45
C HIS D 916 12.81 -36.09 -48.60
N TRP D 917 12.78 -37.22 -49.31
CA TRP D 917 11.63 -38.10 -49.35
C TRP D 917 12.06 -39.56 -49.33
N ASP D 918 11.89 -40.24 -48.18
CA ASP D 918 12.27 -41.65 -48.12
C ASP D 918 11.10 -42.51 -47.63
N ARG D 919 9.95 -42.35 -48.28
CA ARG D 919 8.79 -43.21 -48.09
C ARG D 919 8.70 -44.17 -49.27
N PRO D 920 8.20 -45.41 -49.08
CA PRO D 920 8.03 -46.36 -50.17
C PRO D 920 6.70 -46.17 -50.91
N TYR D 921 6.13 -44.97 -50.85
CA TYR D 921 4.96 -44.57 -51.64
C TYR D 921 5.23 -43.15 -52.16
N SER D 922 4.47 -42.72 -53.17
CA SER D 922 4.79 -41.45 -53.85
C SER D 922 4.23 -40.25 -53.05
N ARG D 923 4.77 -39.07 -53.37
CA ARG D 923 4.25 -37.80 -52.86
C ARG D 923 2.80 -37.61 -53.33
N GLU D 924 2.48 -38.14 -54.52
CA GLU D 924 1.13 -38.00 -55.10
C GLU D 924 0.13 -38.87 -54.32
N VAL D 925 0.54 -40.08 -53.95
CA VAL D 925 -0.29 -40.95 -53.13
C VAL D 925 -0.48 -40.30 -51.75
N ALA D 926 0.57 -39.64 -51.24
CA ALA D 926 0.53 -39.00 -49.94
C ALA D 926 -0.56 -37.91 -49.91
N ALA D 927 -0.54 -37.03 -50.91
CA ALA D 927 -1.21 -35.70 -50.80
C ALA D 927 -2.44 -35.61 -51.72
N PHE D 928 -2.43 -36.35 -52.82
CA PHE D 928 -3.51 -36.30 -53.82
C PHE D 928 -3.91 -37.73 -54.14
N PRO D 929 -4.40 -38.50 -53.16
CA PRO D 929 -4.63 -39.95 -53.38
C PRO D 929 -5.73 -40.29 -54.39
N LEU D 930 -6.71 -39.40 -54.57
CA LEU D 930 -7.73 -39.64 -55.57
C LEU D 930 -7.87 -38.40 -56.45
N PRO D 931 -8.36 -38.56 -57.68
CA PRO D 931 -8.45 -37.44 -58.60
C PRO D 931 -9.28 -36.23 -58.13
N PHE D 932 -10.25 -36.42 -57.22
CA PHE D 932 -11.01 -35.27 -56.74
C PHE D 932 -10.18 -34.42 -55.77
N VAL D 933 -9.04 -34.93 -55.29
CA VAL D 933 -8.18 -34.15 -54.42
C VAL D 933 -7.17 -33.41 -55.30
N LYS D 934 -7.53 -32.19 -55.70
CA LYS D 934 -6.82 -31.45 -56.73
C LYS D 934 -5.94 -30.36 -56.11
N PRO D 935 -4.78 -30.14 -56.70
CA PRO D 935 -3.89 -29.11 -56.20
C PRO D 935 -4.56 -27.75 -56.08
N GLU D 936 -5.59 -27.47 -56.86
CA GLU D 936 -6.32 -26.20 -56.82
C GLU D 936 -7.46 -26.13 -55.80
N ASN D 937 -7.54 -27.13 -54.97
CA ASN D 937 -8.52 -27.21 -53.92
C ASN D 937 -7.95 -27.91 -52.72
N LYS D 938 -6.64 -28.11 -52.67
CA LYS D 938 -6.06 -28.89 -51.65
C LYS D 938 -5.95 -28.19 -50.32
N PHE D 939 -6.61 -28.80 -49.35
CA PHE D 939 -6.52 -28.33 -48.01
C PHE D 939 -5.39 -29.07 -47.30
N TRP D 940 -4.40 -28.32 -46.80
CA TRP D 940 -3.24 -28.89 -46.16
C TRP D 940 -3.44 -29.00 -44.65
N PRO D 941 -3.26 -30.19 -44.06
CA PRO D 941 -2.98 -30.31 -42.64
C PRO D 941 -1.72 -29.47 -42.41
N THR D 942 -1.70 -28.62 -41.37
CA THR D 942 -0.63 -27.65 -41.25
C THR D 942 0.53 -28.24 -40.46
N ILE D 943 0.32 -29.42 -39.86
CA ILE D 943 1.31 -30.06 -39.00
C ILE D 943 1.23 -31.57 -39.23
N ALA D 944 2.30 -32.26 -38.84
CA ALA D 944 2.29 -33.75 -38.84
C ALA D 944 1.48 -34.24 -37.63
N ARG D 945 1.36 -35.56 -37.52
CA ARG D 945 0.48 -36.17 -36.55
C ARG D 945 0.86 -35.69 -35.15
N ILE D 946 -0.20 -35.39 -34.41
CA ILE D 946 -0.08 -34.87 -33.08
C ILE D 946 0.40 -35.98 -32.15
N ASP D 947 1.25 -35.59 -31.20
CA ASP D 947 1.70 -36.44 -30.12
C ASP D 947 0.86 -36.11 -28.88
N ASP D 948 -0.08 -37.00 -28.55
CA ASP D 948 -1.08 -36.77 -27.49
C ASP D 948 -0.42 -36.96 -26.11
N ILE D 949 0.47 -37.94 -25.98
CA ILE D 949 1.08 -38.25 -24.69
C ILE D 949 2.01 -37.10 -24.28
N TYR D 950 2.83 -36.61 -25.22
CA TYR D 950 3.88 -35.62 -24.89
C TYR D 950 3.27 -34.38 -24.23
N GLY D 951 2.14 -33.89 -24.76
CA GLY D 951 1.47 -32.66 -24.31
C GLY D 951 1.03 -32.72 -22.85
N ASP D 952 0.48 -33.86 -22.45
CA ASP D 952 -0.01 -34.04 -21.09
C ASP D 952 1.19 -34.21 -20.14
N GLN D 953 2.30 -34.77 -20.62
CA GLN D 953 3.50 -34.98 -19.79
C GLN D 953 4.33 -33.68 -19.68
N HIS D 954 4.12 -32.72 -20.59
CA HIS D 954 4.76 -31.40 -20.50
C HIS D 954 3.70 -30.30 -20.63
N LEU D 955 3.03 -29.99 -19.52
CA LEU D 955 1.80 -29.23 -19.59
C LEU D 955 2.16 -27.74 -19.73
N VAL D 956 1.81 -27.19 -20.88
CA VAL D 956 1.98 -25.79 -21.17
C VAL D 956 0.68 -25.32 -21.82
N CYS D 957 -0.01 -24.40 -21.14
CA CYS D 957 -1.38 -24.00 -21.50
C CYS D 957 -1.50 -22.47 -21.66
N THR D 958 -0.36 -21.78 -21.85
CA THR D 958 -0.32 -20.38 -22.32
C THR D 958 0.65 -20.27 -23.50
N CYS D 959 0.61 -19.14 -24.22
CA CYS D 959 1.40 -18.97 -25.41
C CYS D 959 2.87 -19.10 -25.08
N PRO D 960 3.60 -20.01 -25.76
CA PRO D 960 5.02 -20.16 -25.53
C PRO D 960 5.82 -19.08 -26.24
N PRO D 961 7.03 -18.74 -25.74
CA PRO D 961 7.96 -17.86 -26.46
C PRO D 961 8.16 -18.23 -27.94
N1 PLG E . 4.68 -7.13 64.16
C2 PLG E . 3.97 -6.89 63.07
C2A PLG E . 2.49 -6.90 63.10
C3 PLG E . 4.63 -6.60 61.78
O3 PLG E . 3.81 -6.37 60.73
C4 PLG E . 6.09 -6.63 61.76
C4A PLG E . 6.95 -6.35 60.55
C5 PLG E . 6.75 -6.89 63.03
C6 PLG E . 5.99 -7.15 64.17
C5A PLG E . 8.23 -6.94 63.17
OP4 PLG E . 8.91 -5.72 62.78
P PLG E . 10.45 -5.87 62.29
OP1 PLG E . 11.38 -6.67 63.12
OP2 PLG E . 10.88 -4.41 62.41
OP3 PLG E . 10.09 -6.28 60.87
C PLG E . 6.81 -8.21 57.66
O PLG E . 6.04 -8.95 58.32
OXT PLG E . 7.41 -8.59 56.61
CA PLG E . 7.04 -6.76 58.12
N PLG E . 6.27 -6.35 59.29
C1 EDO F . 9.76 -0.56 33.54
O1 EDO F . 8.75 0.38 34.01
C2 EDO F . 11.20 -0.04 33.53
O2 EDO F . 11.91 -0.33 34.76
C1 GOL G . 5.75 -12.77 55.32
O1 GOL G . 6.96 -12.92 54.57
C2 GOL G . 5.83 -11.59 56.30
O2 GOL G . 5.85 -10.39 55.51
C3 GOL G . 7.08 -11.75 57.16
O3 GOL G . 6.80 -11.86 58.57
C1 GOL H . 3.93 20.83 48.86
O1 GOL H . 2.62 20.98 49.38
C2 GOL H . 4.66 22.10 48.47
O2 GOL H . 3.84 23.23 48.56
C3 GOL H . 5.81 22.19 49.43
O3 GOL H . 6.33 23.48 49.56
C BCT I . 34.84 7.16 75.62
O1 BCT I . 34.69 6.08 76.39
O2 BCT I . 35.87 7.81 75.64
O3 BCT I . 33.91 7.46 74.87
C1 EDO J . -5.03 20.68 45.04
O1 EDO J . -5.78 21.06 43.88
C2 EDO J . -3.93 21.71 45.26
O2 EDO J . -2.84 21.10 45.98
C1 PEG K . 13.35 1.15 31.29
O1 PEG K . 13.36 2.60 31.33
C2 PEG K . 14.27 0.67 30.15
O2 PEG K . 15.11 -0.44 30.52
C3 PEG K . 16.47 -0.17 30.90
C4 PEG K . 16.81 -0.96 32.17
O4 PEG K . 18.12 -0.65 32.65
N1 PLG L . 29.85 25.71 19.12
C2 PLG L . 29.93 24.36 19.06
C2A PLG L . 31.09 23.69 18.36
C3 PLG L . 28.87 23.51 19.68
O3 PLG L . 28.98 22.16 19.60
C4 PLG L . 27.75 24.19 20.36
C4A PLG L . 26.60 23.45 21.03
C5 PLG L . 27.79 25.69 20.35
C6 PLG L . 28.84 26.36 19.72
C5A PLG L . 26.70 26.53 20.98
OP4 PLG L . 26.62 26.37 22.39
P PLG L . 25.17 26.53 23.09
OP1 PLG L . 24.49 27.77 22.55
OP2 PLG L . 24.38 25.32 22.65
OP3 PLG L . 25.66 26.60 24.51
C PLG L . 24.72 21.07 19.44
O PLG L . 23.50 20.83 19.32
OXT PLG L . 25.45 21.17 18.43
CA PLG L . 25.33 21.25 20.81
N PLG L . 26.60 21.99 20.85
C1 GOL M . 35.06 8.74 47.03
O1 GOL M . 35.88 9.25 48.11
C2 GOL M . 35.84 7.75 46.20
O2 GOL M . 37.17 7.58 46.70
C3 GOL M . 35.90 8.22 44.75
O3 GOL M . 37.05 7.62 44.12
N1 PLG N . -5.08 8.12 -63.50
C2 PLG N . -4.28 7.45 -62.72
C2A PLG N . -2.98 7.96 -62.24
C3 PLG N . -4.65 6.12 -62.30
O3 PLG N . -3.81 5.48 -61.54
C4 PLG N . -5.88 5.56 -62.77
C4A PLG N . -6.36 4.20 -62.38
C5 PLG N . -6.71 6.42 -63.60
C6 PLG N . -6.23 7.67 -63.92
C5A PLG N . -8.01 5.94 -64.13
OP4 PLG N . -8.93 5.50 -63.13
P PLG N . -10.06 4.45 -63.37
OP1 PLG N . -10.76 4.72 -64.56
OP2 PLG N . -9.23 3.27 -63.24
OP3 PLG N . -10.95 4.65 -62.28
C PLG N . -4.73 1.22 -63.00
O PLG N . -4.87 0.01 -63.12
OXT PLG N . -3.97 1.85 -63.70
CA PLG N . -5.55 1.94 -61.94
N PLG N . -5.34 3.36 -61.85
C1 EDO O . -3.40 -0.28 -29.85
O1 EDO O . -4.52 0.57 -30.14
C2 EDO O . -2.49 0.40 -28.82
O2 EDO O . -1.25 -0.31 -28.72
C1 GOL P . -1.60 -1.35 -66.26
O1 GOL P . -2.13 -2.68 -66.30
C2 GOL P . -2.53 -0.52 -65.38
O2 GOL P . -2.12 -0.68 -63.99
C3 GOL P . -2.47 0.95 -65.88
O3 GOL P . -3.71 1.35 -66.51
C1 PEG Q . -39.84 9.04 -62.17
O1 PEG Q . -41.26 9.15 -62.27
C2 PEG Q . -39.22 9.87 -63.31
O2 PEG Q . -40.17 10.02 -64.38
C3 PEG Q . -39.65 10.32 -65.69
C4 PEG Q . -40.14 9.26 -66.69
O4 PEG Q . -40.23 9.67 -68.07
C1 GOL R . -11.08 0.42 -33.07
O1 GOL R . -9.91 1.25 -32.93
C2 GOL R . -11.97 0.59 -31.81
O2 GOL R . -11.19 0.29 -30.65
C3 GOL R . -13.18 -0.28 -31.84
O3 GOL R . -14.37 0.52 -32.02
C1 PEG S . -4.57 -20.55 -48.98
O1 PEG S . -5.23 -21.45 -48.09
C2 PEG S . -3.18 -20.23 -48.43
O2 PEG S . -3.08 -18.85 -47.98
C3 PEG S . -2.18 -18.62 -46.89
C4 PEG S . -2.92 -18.58 -45.53
O4 PEG S . -3.14 -17.21 -45.08
N1 PLG T . -26.26 -35.63 -26.28
C2 PLG T . -25.94 -35.96 -27.53
C2A PLG T . -26.45 -37.20 -28.17
C3 PLG T . -25.04 -35.09 -28.31
O3 PLG T . -24.70 -35.39 -29.56
C4 PLG T . -24.55 -33.88 -27.66
C4A PLG T . -23.66 -32.98 -28.43
C5 PLG T . -24.98 -33.61 -26.26
C6 PLG T . -25.82 -34.54 -25.66
C5A PLG T . -24.54 -32.42 -25.45
OP4 PLG T . -24.88 -31.18 -26.02
P PLG T . -23.95 -29.97 -25.70
OP1 PLG T . -24.83 -28.94 -26.17
OP2 PLG T . -23.68 -30.00 -24.28
OP3 PLG T . -22.72 -30.26 -26.41
C PLG T . -20.22 -34.25 -28.95
O PLG T . -20.49 -35.44 -28.96
OXT PLG T . -19.07 -33.87 -28.77
CA PLG T . -21.31 -33.23 -29.17
N PLG T . -22.60 -33.77 -28.91
C1 EDO U . -32.96 -16.29 -53.04
O1 EDO U . -33.88 -16.89 -53.95
C2 EDO U . -32.38 -17.52 -52.38
O2 EDO U . -33.12 -18.68 -52.80
C1 PEG V . -6.80 -24.33 -49.34
O1 PEG V . -8.09 -24.95 -49.47
C2 PEG V . -6.50 -23.99 -47.89
O2 PEG V . -5.16 -24.36 -47.52
C3 PEG V . -5.15 -25.08 -46.28
C4 PEG V . -3.96 -24.82 -45.38
O4 PEG V . -4.23 -25.43 -44.11
#